data_7N5H
#
_entry.id   7N5H
#
_cell.length_a   1.00
_cell.length_b   1.00
_cell.length_c   1.00
_cell.angle_alpha   90.00
_cell.angle_beta   90.00
_cell.angle_gamma   90.00
#
_symmetry.space_group_name_H-M   'P 1'
#
loop_
_entity.id
_entity.type
_entity.pdbx_description
1 polymer 'Spike glycoprotein'
2 polymer '2-36 Fab heavy chain'
3 polymer '2-36 Fab light chain'
4 branched 2-acetamido-2-deoxy-beta-D-glucopyranose-(1-4)-2-acetamido-2-deoxy-beta-D-glucopyranose
5 non-polymer 2-acetamido-2-deoxy-beta-D-glucopyranose
#
loop_
_entity_poly.entity_id
_entity_poly.type
_entity_poly.pdbx_seq_one_letter_code
_entity_poly.pdbx_strand_id
1 'polypeptide(L)'
;MFVFLVLLPLVSSQCVNLTTRTQLPPAYTNSFTRGVYYPDKVFRSSVLHSTQDLFLPFFSNVTWFHAIHVSGTNGTKRFD
NPVLPFNDGVYFASTEKSNIIRGWIFGTTLDSKTQSLLIVNNATNVVIKVCEFQFCNDPFLGVYYHKNNKSWMESEFRVY
SSANNCTFEYVSQPFLMDLEGKQGNFKNLREFVFKNIDGYFKIYSKHTPINLVRDLPQGFSALEPLVDLPIGINITRFQT
LLALHRSYLTPGDSSSGWTAGAAAYYVGYLQPRTFLLKYNENGTITDAVDCALDPLSETKCTLKSFTVEKGIYQTSNFRV
QPTESIVRFPNITNLCPFGEVFNATRFASVYAWNRKRISNCVADYSVLYNSASFSTFKCYGVSPTKLNDLCFTNVYADSF
VIRGDEVRQIAPGQTGKIADYNYKLPDDFTGCVIAWNSNNLDSKVGGNYNYLYRLFRKSNLKPFERDISTEIYQAGSTPC
NGVEGFNCYFPLQSYGFQPTNGVGYQPYRVVVLSFELLHAPATVCGPKKSTNLVKNKCVNFNFNGLTGTGVLTESNKKFL
PFQQFGRDIADTTDAVRDPQTLEILDITPCSFGGVSVITPGTNTSNQVAVLYQDVNCTEVPVAIHADQLTPTWRVYSTGS
NVFQTRAGCLIGAEHVNNSYECDIPIGAGICASYQTQTNSPGSASSVASQSIIAYTMSLGAENSVAYSNNSIAIPTNFTI
SVTTEILPVSMTKTSVDCTMYICGDSTECSNLLLQYGSFCTQLNRALTGIAVEQDKNTQEVFAQVKQIYKTPPIKDFGGF
NFSQILPDPSKPSKRSFIEDLLFNKVTLADAGFIKQYGDCLGDIAARDLICAQKFNGLTVLPPLLTDEMIAQYTSALLAG
TITSGWTFGAGAALQIPFAMQMAYRFNGIGVTQNVLYENQKLIANQFNSAIGKIQDSLSSTASALGKLQDVVNQNAQALN
TLVKQLSSNFGAISSVLNDILSRLDPPEAEVQIDRLITGRLQSLQTYVTQQLIRAAEIRASANLAATKMSECVLGQSKRV
DFCGKGYHLMSFPQSAPHGVVFLHVTYVPAQEKNFTTAPAICHDGKAHFPREGVFVSNGTHWFVTQRNFYEPQIITTDNT
FVSGNCDVVIGIVNNTVYDPLQPELDSFKEELDKYFKNHTSPDVDLGDISGINASVVNIQKEIDRLNEVAKNLNESLIDL
QELGKYEQGSGYIPEAPRDGQAYVRKDGEWVLLSTFLGRSLEVLFQGPGHHHHHHHHSAWSHPQFEKGGGSGGGGSGGSA
WSHPQFEK
;
A,B,C
2 'polypeptide(L)'
;QVQLQESGPGLVKPSETLSLTCTVSGGSVSSSNYYWSWIRQPPGKGLEWIGYMYYSGSTKYNPSLKSRVTISVDTSKNQF
SLKLSSVTAADTAVYYCAREVYYYDRSGYYASDGFDIWGQGTMVTVSS
;
H,E,J
3 'polypeptide(L)'
;EIVLTQSPGTLSLSPGERATLSCRASQSVSSSYLAWYQQKPGQAPRLLIYGASSRATGIPDRFSGSGSGTDFTLTISRLE
PEDFAVYYCQQYGSSPQTFGQGTKVEIK
;
L,F,K
#
# COMPACT_ATOMS: atom_id res chain seq x y z
N LEU A 24 49.23 -19.34 -37.11
CA LEU A 24 47.98 -19.72 -37.78
C LEU A 24 46.77 -19.23 -36.99
N PRO A 25 45.80 -18.63 -37.69
CA PRO A 25 44.61 -18.14 -37.00
C PRO A 25 43.72 -19.30 -36.58
N PRO A 26 42.94 -19.13 -35.50
CA PRO A 26 42.07 -20.23 -35.06
C PRO A 26 40.85 -20.36 -35.96
N ALA A 27 40.53 -21.60 -36.33
CA ALA A 27 39.39 -21.88 -37.18
C ALA A 27 38.09 -21.76 -36.38
N TYR A 28 37.04 -21.32 -37.07
CA TYR A 28 35.73 -21.16 -36.46
C TYR A 28 34.77 -22.19 -37.02
N THR A 29 34.09 -22.92 -36.14
CA THR A 29 33.13 -23.94 -36.54
C THR A 29 31.80 -23.67 -35.88
N ASN A 30 30.74 -24.16 -36.53
CA ASN A 30 29.39 -23.97 -36.03
C ASN A 30 29.04 -24.99 -34.97
N SER A 31 28.27 -24.56 -33.97
CA SER A 31 27.82 -25.41 -32.87
C SER A 31 26.34 -25.70 -33.07
N PHE A 32 26.00 -26.96 -33.33
CA PHE A 32 24.62 -27.37 -33.57
C PHE A 32 24.04 -28.00 -32.31
N THR A 33 23.27 -27.20 -31.56
CA THR A 33 22.56 -27.57 -30.33
C THR A 33 23.47 -28.21 -29.28
N ARG A 34 24.45 -27.43 -28.82
CA ARG A 34 25.40 -27.88 -27.82
C ARG A 34 25.42 -26.89 -26.67
N GLY A 35 25.89 -27.36 -25.52
CA GLY A 35 25.99 -26.54 -24.33
C GLY A 35 24.78 -26.51 -23.44
N VAL A 36 23.72 -27.25 -23.75
CA VAL A 36 22.52 -27.26 -22.92
C VAL A 36 22.75 -28.18 -21.73
N TYR A 37 22.59 -27.64 -20.52
CA TYR A 37 22.76 -28.39 -19.28
C TYR A 37 21.51 -28.24 -18.44
N TYR A 38 21.55 -28.83 -17.24
CA TYR A 38 20.43 -28.76 -16.32
C TYR A 38 20.64 -27.56 -15.40
N PRO A 39 19.76 -26.54 -15.45
CA PRO A 39 19.94 -25.38 -14.57
C PRO A 39 19.68 -25.67 -13.11
N ASP A 40 18.62 -26.40 -12.79
CA ASP A 40 18.27 -26.72 -11.42
C ASP A 40 18.12 -28.23 -11.24
N LYS A 41 18.15 -28.64 -9.98
CA LYS A 41 18.06 -30.05 -9.59
C LYS A 41 16.63 -30.57 -9.52
N VAL A 42 15.62 -29.78 -9.87
CA VAL A 42 14.24 -30.21 -9.80
C VAL A 42 13.93 -31.20 -10.92
N PHE A 43 12.80 -31.91 -10.80
CA PHE A 43 12.38 -32.90 -11.77
C PHE A 43 11.09 -32.43 -12.43
N ARG A 44 11.10 -32.40 -13.76
CA ARG A 44 9.93 -31.99 -14.55
C ARG A 44 9.65 -33.09 -15.57
N SER A 45 8.38 -33.44 -15.73
CA SER A 45 7.99 -34.49 -16.66
C SER A 45 6.84 -34.02 -17.56
N SER A 46 7.04 -34.19 -18.88
CA SER A 46 6.08 -33.85 -19.94
C SER A 46 5.62 -32.39 -19.89
N VAL A 47 6.52 -31.50 -19.49
CA VAL A 47 6.22 -30.07 -19.40
C VAL A 47 7.40 -29.28 -19.95
N LEU A 48 7.12 -28.14 -20.55
CA LEU A 48 8.14 -27.27 -21.12
C LEU A 48 8.33 -26.10 -20.17
N HIS A 49 9.55 -25.93 -19.67
CA HIS A 49 9.87 -24.87 -18.71
C HIS A 49 10.88 -23.91 -19.32
N SER A 50 10.64 -22.62 -19.14
CA SER A 50 11.49 -21.56 -19.66
C SER A 50 12.34 -21.01 -18.52
N THR A 51 13.65 -20.97 -18.71
CA THR A 51 14.58 -20.47 -17.71
C THR A 51 15.49 -19.43 -18.32
N GLN A 52 15.98 -18.52 -17.48
CA GLN A 52 16.88 -17.45 -17.89
C GLN A 52 18.19 -17.64 -17.12
N ASP A 53 19.13 -18.37 -17.73
CA ASP A 53 20.42 -18.64 -17.14
C ASP A 53 21.47 -18.54 -18.23
N LEU A 54 22.73 -18.73 -17.86
CA LEU A 54 23.83 -18.67 -18.82
C LEU A 54 23.79 -19.90 -19.72
N PHE A 55 23.75 -19.68 -21.03
CA PHE A 55 23.69 -20.77 -21.98
C PHE A 55 24.41 -20.39 -23.25
N LEU A 56 24.79 -21.40 -24.03
CA LEU A 56 25.45 -21.20 -25.30
C LEU A 56 24.39 -21.02 -26.39
N PRO A 57 24.43 -19.93 -27.16
CA PRO A 57 23.42 -19.72 -28.21
C PRO A 57 23.54 -20.74 -29.34
N PHE A 58 22.39 -21.06 -29.94
CA PHE A 58 22.36 -22.00 -31.04
C PHE A 58 22.97 -21.39 -32.28
N PHE A 59 23.67 -22.23 -33.07
CA PHE A 59 24.34 -21.87 -34.32
C PHE A 59 25.33 -20.73 -34.13
N SER A 60 26.12 -20.81 -33.07
CA SER A 60 27.12 -19.82 -32.73
C SER A 60 28.51 -20.35 -33.04
N ASN A 61 29.35 -19.50 -33.63
CA ASN A 61 30.70 -19.89 -33.98
C ASN A 61 31.57 -20.00 -32.72
N VAL A 62 32.31 -21.09 -32.61
CA VAL A 62 33.18 -21.33 -31.47
C VAL A 62 34.62 -21.48 -31.96
N THR A 63 35.55 -21.20 -31.06
CA THR A 63 36.97 -21.28 -31.37
C THR A 63 37.42 -22.74 -31.38
N TRP A 64 38.13 -23.13 -32.44
CA TRP A 64 38.62 -24.49 -32.60
C TRP A 64 40.14 -24.48 -32.67
N PHE A 65 40.76 -25.32 -31.84
CA PHE A 65 42.20 -25.47 -31.79
C PHE A 65 42.57 -26.87 -32.24
N HIS A 66 43.46 -26.99 -33.21
CA HIS A 66 43.89 -28.28 -33.74
C HIS A 66 45.39 -28.44 -33.57
N ALA A 67 45.80 -29.57 -33.02
CA ALA A 67 47.22 -29.84 -32.79
C ALA A 67 47.74 -30.87 -33.80
N PHE A 79 51.40 -28.24 -31.67
CA PHE A 79 50.70 -28.09 -30.39
C PHE A 79 50.18 -26.67 -30.21
N ASP A 80 49.02 -26.55 -29.57
CA ASP A 80 48.42 -25.23 -29.34
C ASP A 80 47.61 -25.27 -28.05
N ASN A 81 47.99 -24.41 -27.11
CA ASN A 81 47.30 -24.32 -25.82
C ASN A 81 47.48 -22.93 -25.20
N PRO A 82 46.81 -21.92 -25.74
CA PRO A 82 46.94 -20.57 -25.21
C PRO A 82 45.95 -20.27 -24.09
N VAL A 83 46.19 -19.17 -23.41
CA VAL A 83 45.33 -18.74 -22.31
C VAL A 83 44.09 -18.08 -22.90
N LEU A 84 42.92 -18.38 -22.32
CA LEU A 84 41.67 -17.82 -22.80
C LEU A 84 40.89 -17.20 -21.65
N PRO A 85 40.10 -16.16 -21.92
CA PRO A 85 39.33 -15.53 -20.84
C PRO A 85 38.16 -16.39 -20.36
N PHE A 86 37.73 -16.09 -19.15
CA PHE A 86 36.63 -16.76 -18.44
C PHE A 86 35.72 -15.69 -17.84
N ASN A 87 35.37 -14.71 -18.69
CA ASN A 87 34.54 -13.58 -18.27
C ASN A 87 33.12 -14.00 -17.90
N ASP A 88 32.48 -14.83 -18.72
CA ASP A 88 31.11 -15.25 -18.45
C ASP A 88 30.93 -16.75 -18.66
N GLY A 89 31.89 -17.55 -18.20
CA GLY A 89 31.79 -18.99 -18.36
C GLY A 89 32.23 -19.48 -19.72
N VAL A 90 32.80 -20.68 -19.77
CA VAL A 90 33.26 -21.26 -21.03
C VAL A 90 32.66 -22.65 -21.22
N TYR A 91 32.60 -23.07 -22.47
CA TYR A 91 32.08 -24.37 -22.86
C TYR A 91 33.24 -25.12 -23.51
N PHE A 92 33.69 -26.18 -22.87
CA PHE A 92 34.81 -26.98 -23.36
C PHE A 92 34.29 -28.25 -24.02
N ALA A 93 34.59 -28.41 -25.30
CA ALA A 93 34.21 -29.58 -26.07
C ALA A 93 35.46 -30.13 -26.71
N SER A 94 35.75 -31.41 -26.48
CA SER A 94 36.95 -32.01 -27.05
C SER A 94 36.66 -33.40 -27.60
N THR A 95 37.18 -33.67 -28.79
CA THR A 95 37.02 -34.95 -29.46
C THR A 95 38.35 -35.67 -29.36
N GLU A 96 38.40 -36.73 -28.53
CA GLU A 96 39.60 -37.50 -28.33
C GLU A 96 39.31 -38.98 -28.50
N LYS A 97 40.36 -39.73 -28.85
CA LYS A 97 40.27 -41.17 -29.04
C LYS A 97 41.15 -41.98 -28.09
N SER A 98 42.31 -41.44 -27.70
CA SER A 98 43.22 -42.13 -26.79
C SER A 98 43.46 -41.35 -25.51
N ASN A 99 42.53 -40.47 -25.14
CA ASN A 99 42.57 -39.63 -23.93
C ASN A 99 43.82 -38.73 -23.91
N ILE A 100 43.96 -37.93 -24.96
CA ILE A 100 45.10 -37.03 -25.10
C ILE A 100 45.02 -35.89 -24.07
N ILE A 101 43.83 -35.30 -23.91
CA ILE A 101 43.66 -34.22 -22.95
C ILE A 101 43.72 -34.76 -21.52
N ARG A 102 44.25 -33.95 -20.61
CA ARG A 102 44.38 -34.35 -19.22
C ARG A 102 43.55 -33.52 -18.27
N GLY A 103 43.65 -32.21 -18.30
CA GLY A 103 42.89 -31.39 -17.39
C GLY A 103 42.81 -29.94 -17.79
N TRP A 104 42.43 -29.10 -16.82
CA TRP A 104 42.28 -27.67 -17.01
C TRP A 104 42.82 -26.92 -15.80
N ILE A 105 43.50 -25.80 -16.05
CA ILE A 105 44.05 -24.95 -15.00
C ILE A 105 43.32 -23.62 -15.07
N PHE A 106 42.74 -23.21 -13.95
CA PHE A 106 42.00 -21.96 -13.85
C PHE A 106 42.74 -21.03 -12.90
N GLY A 107 43.03 -19.81 -13.37
CA GLY A 107 43.75 -18.86 -12.54
C GLY A 107 43.64 -17.42 -12.98
N THR A 108 43.39 -16.52 -12.03
CA THR A 108 43.28 -15.10 -12.35
C THR A 108 44.64 -14.49 -12.69
N THR A 109 45.65 -14.78 -11.87
CA THR A 109 46.99 -14.25 -12.08
C THR A 109 47.95 -15.25 -12.71
N LEU A 110 47.77 -16.55 -12.42
CA LEU A 110 48.54 -17.68 -12.95
C LEU A 110 50.04 -17.61 -12.66
N ASP A 111 50.49 -16.88 -11.64
CA ASP A 111 51.91 -16.83 -11.33
C ASP A 111 52.15 -16.99 -9.83
N SER A 112 51.34 -17.84 -9.20
CA SER A 112 51.34 -18.20 -7.78
C SER A 112 51.06 -17.02 -6.84
N LYS A 113 50.60 -15.88 -7.36
CA LYS A 113 50.31 -14.73 -6.50
C LYS A 113 49.01 -14.92 -5.73
N THR A 114 47.99 -15.48 -6.39
CA THR A 114 46.69 -15.75 -5.81
C THR A 114 46.37 -17.23 -5.93
N GLN A 115 45.23 -17.63 -5.36
CA GLN A 115 44.80 -19.02 -5.42
C GLN A 115 44.31 -19.35 -6.82
N SER A 116 44.71 -20.53 -7.33
CA SER A 116 44.32 -20.95 -8.69
C SER A 116 43.85 -22.41 -8.68
N LEU A 117 42.66 -22.67 -9.27
CA LEU A 117 42.11 -24.04 -9.33
C LEU A 117 42.97 -24.91 -10.26
N LEU A 118 43.12 -26.20 -9.93
CA LEU A 118 43.89 -27.13 -10.81
C LEU A 118 43.17 -28.48 -10.86
N ILE A 119 42.58 -28.83 -12.00
CA ILE A 119 41.92 -30.12 -12.17
C ILE A 119 42.76 -30.96 -13.10
N VAL A 120 43.12 -32.17 -12.65
CA VAL A 120 43.91 -33.09 -13.47
C VAL A 120 43.27 -34.46 -13.40
N ASN A 121 43.11 -35.10 -14.56
CA ASN A 121 42.50 -36.43 -14.68
C ASN A 121 43.60 -37.39 -15.13
N ASN A 122 44.31 -37.96 -14.17
CA ASN A 122 45.38 -38.90 -14.50
C ASN A 122 44.80 -40.29 -14.75
N ALA A 123 45.68 -41.26 -15.00
CA ALA A 123 45.25 -42.63 -15.27
C ALA A 123 44.69 -43.32 -14.04
N THR A 124 45.13 -42.93 -12.84
CA THR A 124 44.62 -43.57 -11.63
C THR A 124 43.22 -43.10 -11.28
N ASN A 125 43.04 -41.81 -11.04
CA ASN A 125 41.75 -41.23 -10.69
C ASN A 125 41.76 -39.74 -11.00
N VAL A 126 40.73 -39.04 -10.54
CA VAL A 126 40.58 -37.60 -10.75
C VAL A 126 41.04 -36.88 -9.49
N VAL A 127 42.04 -36.02 -9.62
CA VAL A 127 42.60 -35.26 -8.50
C VAL A 127 42.32 -33.78 -8.75
N ILE A 128 41.64 -33.14 -7.80
CA ILE A 128 41.30 -31.72 -7.88
C ILE A 128 41.94 -31.01 -6.69
N LYS A 129 42.92 -30.15 -6.97
CA LYS A 129 43.61 -29.41 -5.93
C LYS A 129 43.52 -27.92 -6.22
N VAL A 130 43.16 -27.14 -5.21
CA VAL A 130 43.05 -25.68 -5.34
C VAL A 130 44.03 -25.02 -4.35
N CYS A 131 45.17 -24.62 -4.88
CA CYS A 131 46.24 -23.99 -4.10
C CYS A 131 46.92 -22.93 -4.96
N GLU A 132 47.96 -22.33 -4.42
CA GLU A 132 48.75 -21.31 -5.13
C GLU A 132 49.93 -22.06 -5.71
N PHE A 133 49.73 -22.60 -6.91
CA PHE A 133 50.75 -23.39 -7.59
C PHE A 133 51.69 -22.49 -8.40
N GLN A 134 52.97 -22.87 -8.42
CA GLN A 134 53.99 -22.13 -9.15
C GLN A 134 53.92 -22.58 -10.61
N PHE A 135 53.18 -21.83 -11.42
CA PHE A 135 53.04 -22.17 -12.84
C PHE A 135 54.24 -21.72 -13.65
N CYS A 136 54.63 -22.55 -14.60
CA CYS A 136 55.75 -22.26 -15.49
C CYS A 136 55.23 -21.55 -16.73
N ASN A 137 56.08 -21.40 -17.74
CA ASN A 137 55.68 -20.73 -18.97
C ASN A 137 54.70 -21.59 -19.78
N ASP A 138 54.99 -22.87 -19.93
CA ASP A 138 54.13 -23.79 -20.67
C ASP A 138 54.06 -25.12 -19.93
N PRO A 139 53.04 -25.32 -19.10
CA PRO A 139 52.93 -26.59 -18.37
C PRO A 139 52.35 -27.69 -19.25
N PHE A 140 52.84 -28.90 -19.06
CA PHE A 140 52.38 -30.06 -19.83
C PHE A 140 52.53 -31.31 -18.98
N LEU A 141 51.97 -32.40 -19.48
CA LEU A 141 52.01 -33.70 -18.82
C LEU A 141 52.95 -34.63 -19.59
N GLY A 142 53.86 -35.26 -18.86
CA GLY A 142 54.82 -36.17 -19.47
C GLY A 142 54.35 -37.62 -19.48
N VAL A 143 54.21 -38.19 -20.67
CA VAL A 143 53.78 -39.57 -20.79
C VAL A 143 54.95 -40.45 -21.23
N PHE A 157 56.39 -35.37 -15.18
CA PHE A 157 55.50 -34.40 -14.55
C PHE A 157 56.17 -33.04 -14.43
N ARG A 158 55.86 -32.15 -15.38
CA ARG A 158 56.41 -30.80 -15.42
C ARG A 158 55.28 -29.77 -15.47
N VAL A 159 54.28 -29.97 -14.62
CA VAL A 159 53.13 -29.06 -14.58
C VAL A 159 53.43 -27.86 -13.70
N TYR A 160 53.91 -28.10 -12.48
CA TYR A 160 54.20 -27.05 -11.53
C TYR A 160 55.59 -27.21 -10.93
N SER A 161 56.06 -26.12 -10.33
CA SER A 161 57.36 -26.07 -9.67
C SER A 161 57.24 -26.28 -8.16
N SER A 162 56.36 -25.52 -7.49
CA SER A 162 56.17 -25.62 -6.05
C SER A 162 54.77 -25.09 -5.71
N ALA A 163 54.43 -25.18 -4.42
CA ALA A 163 53.16 -24.71 -3.90
C ALA A 163 53.41 -23.73 -2.75
N ASN A 164 52.46 -22.82 -2.54
CA ASN A 164 52.59 -21.82 -1.48
C ASN A 164 51.58 -22.02 -0.35
N ASN A 165 50.29 -22.07 -0.66
CA ASN A 165 49.27 -22.25 0.37
C ASN A 165 48.12 -23.06 -0.20
N CYS A 166 47.72 -24.11 0.50
CA CYS A 166 46.65 -24.99 0.09
C CYS A 166 45.44 -24.83 1.01
N THR A 167 44.26 -24.66 0.41
CA THR A 167 43.02 -24.49 1.15
C THR A 167 42.17 -25.75 1.16
N PHE A 168 41.98 -26.38 0.00
CA PHE A 168 41.17 -27.59 -0.09
C PHE A 168 41.72 -28.49 -1.19
N GLU A 169 41.66 -29.80 -0.94
CA GLU A 169 42.13 -30.81 -1.88
C GLU A 169 41.07 -31.90 -1.99
N TYR A 170 40.66 -32.22 -3.20
CA TYR A 170 39.64 -33.24 -3.44
C TYR A 170 40.23 -34.33 -4.33
N VAL A 171 40.08 -35.58 -3.90
CA VAL A 171 40.59 -36.74 -4.62
C VAL A 171 39.42 -37.65 -4.91
N SER A 172 39.21 -37.99 -6.18
CA SER A 172 38.12 -38.86 -6.58
C SER A 172 38.64 -40.26 -6.91
N PHE A 186 38.69 -39.87 -33.63
CA PHE A 186 38.04 -39.56 -32.35
C PHE A 186 36.64 -40.17 -32.29
N LYS A 187 36.51 -41.27 -31.56
CA LYS A 187 35.24 -41.96 -31.42
C LYS A 187 34.47 -41.54 -30.17
N ASN A 188 35.05 -40.70 -29.32
CA ASN A 188 34.40 -40.25 -28.09
C ASN A 188 34.45 -38.74 -28.01
N LEU A 189 33.33 -38.12 -27.69
CA LEU A 189 33.21 -36.68 -27.57
C LEU A 189 32.90 -36.32 -26.12
N ARG A 190 33.73 -35.45 -25.54
CA ARG A 190 33.57 -35.01 -24.16
C ARG A 190 33.26 -33.52 -24.15
N GLU A 191 32.16 -33.16 -23.50
CA GLU A 191 31.70 -31.77 -23.39
C GLU A 191 31.72 -31.35 -21.93
N PHE A 192 32.28 -30.17 -21.67
CA PHE A 192 32.38 -29.64 -20.32
C PHE A 192 31.92 -28.18 -20.30
N VAL A 193 31.28 -27.80 -19.20
CA VAL A 193 30.80 -26.43 -19.00
C VAL A 193 31.25 -25.98 -17.61
N PHE A 194 31.98 -24.88 -17.56
CA PHE A 194 32.50 -24.33 -16.32
C PHE A 194 31.82 -23.00 -16.03
N LYS A 195 31.29 -22.85 -14.81
CA LYS A 195 30.60 -21.63 -14.42
C LYS A 195 31.06 -21.19 -13.03
N ASN A 196 31.11 -19.88 -12.84
CA ASN A 196 31.52 -19.27 -11.57
C ASN A 196 30.42 -18.28 -11.16
N ILE A 197 29.43 -18.76 -10.44
CA ILE A 197 28.31 -17.95 -9.96
C ILE A 197 28.30 -18.05 -8.44
N ASP A 198 28.34 -16.89 -7.77
CA ASP A 198 28.36 -16.65 -6.32
C ASP A 198 29.32 -17.56 -5.56
N GLY A 199 30.49 -17.84 -6.13
CA GLY A 199 31.47 -18.69 -5.50
C GLY A 199 31.22 -20.18 -5.64
N TYR A 200 30.36 -20.59 -6.57
CA TYR A 200 30.05 -21.99 -6.81
C TYR A 200 30.57 -22.39 -8.17
N PHE A 201 31.39 -23.44 -8.21
CA PHE A 201 31.97 -23.96 -9.44
C PHE A 201 31.19 -25.21 -9.83
N LYS A 202 30.46 -25.13 -10.94
CA LYS A 202 29.64 -26.24 -11.42
C LYS A 202 30.22 -26.78 -12.72
N ILE A 203 30.42 -28.11 -12.77
CA ILE A 203 30.96 -28.79 -13.93
C ILE A 203 29.89 -29.72 -14.48
N TYR A 204 29.59 -29.57 -15.76
CA TYR A 204 28.58 -30.39 -16.44
C TYR A 204 29.30 -31.22 -17.51
N SER A 205 29.34 -32.53 -17.31
CA SER A 205 30.02 -33.43 -18.23
C SER A 205 29.07 -34.48 -18.81
N LYS A 206 29.33 -34.86 -20.05
CA LYS A 206 28.55 -35.87 -20.76
C LYS A 206 29.43 -36.45 -21.86
N HIS A 207 29.38 -37.78 -22.01
CA HIS A 207 30.16 -38.48 -23.02
C HIS A 207 29.22 -39.07 -24.05
N THR A 208 29.47 -38.77 -25.33
CA THR A 208 28.65 -39.25 -26.42
C THR A 208 29.54 -39.82 -27.52
N PRO A 209 29.29 -41.06 -27.97
CA PRO A 209 30.11 -41.63 -29.04
C PRO A 209 29.77 -40.99 -30.39
N ILE A 210 30.80 -40.51 -31.08
CA ILE A 210 30.63 -39.85 -32.37
C ILE A 210 31.43 -40.59 -33.43
N ASN A 211 30.99 -40.44 -34.68
CA ASN A 211 31.64 -41.06 -35.83
C ASN A 211 32.43 -40.06 -36.66
N LEU A 212 31.81 -38.98 -37.09
CA LEU A 212 32.50 -37.96 -37.88
C LEU A 212 33.40 -37.12 -36.99
N VAL A 213 34.59 -36.79 -37.51
CA VAL A 213 35.56 -36.02 -36.77
C VAL A 213 35.80 -34.62 -37.36
N ARG A 214 35.75 -34.46 -38.68
CA ARG A 214 36.00 -33.17 -39.32
C ARG A 214 34.92 -32.13 -38.98
N ASP A 215 33.66 -32.53 -38.96
CA ASP A 215 32.57 -31.63 -38.68
C ASP A 215 31.94 -32.00 -37.35
N LEU A 216 31.36 -31.00 -36.69
CA LEU A 216 30.70 -31.21 -35.40
C LEU A 216 29.40 -32.00 -35.62
N PRO A 217 29.13 -33.01 -34.81
CA PRO A 217 27.91 -33.80 -34.97
C PRO A 217 26.65 -33.01 -34.62
N GLN A 218 25.60 -33.23 -35.39
CA GLN A 218 24.32 -32.56 -35.19
C GLN A 218 23.45 -33.45 -34.30
N GLY A 219 23.02 -32.91 -33.18
CA GLY A 219 22.19 -33.65 -32.26
C GLY A 219 22.10 -32.93 -30.93
N PHE A 220 21.28 -33.48 -30.05
CA PHE A 220 21.07 -32.90 -28.73
C PHE A 220 21.67 -33.78 -27.65
N SER A 221 22.40 -33.16 -26.74
CA SER A 221 23.04 -33.86 -25.63
C SER A 221 22.74 -33.10 -24.34
N ALA A 222 22.32 -33.83 -23.32
CA ALA A 222 21.98 -33.24 -22.02
C ALA A 222 23.20 -33.35 -21.11
N LEU A 223 23.73 -32.21 -20.69
CA LEU A 223 24.90 -32.15 -19.82
C LEU A 223 24.45 -32.27 -18.37
N GLU A 224 24.94 -33.30 -17.68
CA GLU A 224 24.61 -33.57 -16.29
C GLU A 224 25.70 -33.06 -15.36
N PRO A 225 25.34 -32.52 -14.17
CA PRO A 225 26.36 -32.01 -13.24
C PRO A 225 27.25 -33.10 -12.65
N LEU A 226 28.53 -33.07 -13.00
CA LEU A 226 29.47 -34.07 -12.51
C LEU A 226 29.99 -33.73 -11.11
N VAL A 227 30.67 -32.60 -10.97
CA VAL A 227 31.26 -32.17 -9.70
C VAL A 227 30.86 -30.72 -9.44
N ASP A 228 30.40 -30.44 -8.22
CA ASP A 228 30.00 -29.09 -7.82
C ASP A 228 30.55 -28.84 -6.43
N LEU A 229 31.56 -27.97 -6.33
CA LEU A 229 32.16 -27.66 -5.04
C LEU A 229 32.37 -26.16 -4.89
N PRO A 230 32.04 -25.59 -3.69
CA PRO A 230 32.18 -24.14 -3.43
C PRO A 230 33.56 -23.63 -3.03
N ILE A 231 34.41 -23.35 -4.02
CA ILE A 231 35.75 -22.82 -3.73
C ILE A 231 35.65 -21.38 -3.24
N GLY A 232 34.84 -20.57 -3.92
CA GLY A 232 34.65 -19.19 -3.52
C GLY A 232 35.73 -18.22 -3.96
N ILE A 233 36.27 -18.40 -5.17
CA ILE A 233 37.32 -17.53 -5.69
C ILE A 233 36.86 -16.97 -7.03
N ASN A 234 37.54 -15.90 -7.45
CA ASN A 234 37.25 -15.24 -8.71
C ASN A 234 38.28 -15.68 -9.74
N ILE A 235 37.80 -16.16 -10.89
CA ILE A 235 38.65 -16.63 -11.97
C ILE A 235 38.38 -15.78 -13.20
N THR A 236 39.45 -15.25 -13.80
CA THR A 236 39.37 -14.42 -14.99
C THR A 236 39.81 -15.13 -16.25
N ARG A 237 40.86 -15.95 -16.18
CA ARG A 237 41.37 -16.68 -17.33
C ARG A 237 41.61 -18.13 -16.97
N PHE A 238 41.64 -18.99 -17.99
CA PHE A 238 41.87 -20.41 -17.81
C PHE A 238 42.72 -20.94 -18.95
N GLN A 239 43.40 -22.06 -18.69
CA GLN A 239 44.26 -22.71 -19.66
C GLN A 239 44.08 -24.22 -19.59
N THR A 240 43.99 -24.85 -20.76
CA THR A 240 43.82 -26.30 -20.83
C THR A 240 45.18 -27.01 -20.74
N LEU A 241 45.12 -28.31 -20.50
CA LEU A 241 46.32 -29.14 -20.38
C LEU A 241 46.31 -30.23 -21.44
N LEU A 242 47.45 -30.41 -22.10
CA LEU A 242 47.63 -31.42 -23.13
C LEU A 242 48.81 -32.30 -22.77
N ALA A 243 48.64 -33.61 -22.89
CA ALA A 243 49.70 -34.55 -22.57
C ALA A 243 50.59 -34.77 -23.78
N LEU A 244 51.88 -34.96 -23.54
CA LEU A 244 52.88 -35.17 -24.58
C LEU A 244 53.39 -36.60 -24.52
N HIS A 245 53.29 -37.31 -25.64
CA HIS A 245 53.75 -38.69 -25.72
C HIS A 245 55.27 -38.77 -25.77
N ALA A 262 47.10 -36.63 -32.28
CA ALA A 262 46.07 -35.73 -32.78
C ALA A 262 45.19 -35.23 -31.64
N ALA A 263 45.17 -33.92 -31.45
CA ALA A 263 44.37 -33.30 -30.40
C ALA A 263 43.57 -32.15 -31.00
N ALA A 264 42.26 -32.15 -30.78
CA ALA A 264 41.38 -31.11 -31.29
C ALA A 264 40.30 -30.84 -30.26
N TYR A 265 40.24 -29.60 -29.76
CA TYR A 265 39.26 -29.20 -28.78
C TYR A 265 38.61 -27.88 -29.17
N TYR A 266 37.34 -27.74 -28.82
CA TYR A 266 36.53 -26.56 -29.10
C TYR A 266 36.29 -25.79 -27.82
N VAL A 267 36.24 -24.47 -27.92
CA VAL A 267 36.01 -23.59 -26.77
C VAL A 267 34.88 -22.63 -27.13
N GLY A 268 33.83 -22.61 -26.31
CA GLY A 268 32.70 -21.74 -26.52
C GLY A 268 32.56 -20.76 -25.37
N TYR A 269 31.64 -19.81 -25.53
CA TYR A 269 31.40 -18.80 -24.50
C TYR A 269 29.91 -18.69 -24.22
N LEU A 270 29.55 -18.70 -22.94
CA LEU A 270 28.17 -18.62 -22.52
C LEU A 270 27.73 -17.16 -22.37
N GLN A 271 26.47 -16.91 -22.69
CA GLN A 271 25.86 -15.59 -22.61
C GLN A 271 24.53 -15.70 -21.87
N PRO A 272 24.15 -14.67 -21.10
CA PRO A 272 22.87 -14.74 -20.39
C PRO A 272 21.68 -14.57 -21.34
N ARG A 273 20.96 -15.66 -21.59
CA ARG A 273 19.80 -15.64 -22.48
C ARG A 273 18.69 -16.46 -21.86
N THR A 274 17.52 -16.39 -22.48
CA THR A 274 16.34 -17.13 -22.04
C THR A 274 16.22 -18.37 -22.90
N PHE A 275 16.16 -19.53 -22.25
CA PHE A 275 16.08 -20.81 -22.95
C PHE A 275 14.84 -21.59 -22.51
N LEU A 276 14.15 -22.17 -23.47
CA LEU A 276 12.98 -22.99 -23.22
C LEU A 276 13.44 -24.44 -23.29
N LEU A 277 13.25 -25.17 -22.19
CA LEU A 277 13.68 -26.56 -22.11
C LEU A 277 12.49 -27.50 -22.16
N LYS A 278 12.59 -28.54 -22.98
CA LYS A 278 11.55 -29.53 -23.15
C LYS A 278 11.92 -30.77 -22.33
N TYR A 279 11.02 -31.19 -21.45
CA TYR A 279 11.24 -32.35 -20.59
C TYR A 279 10.33 -33.49 -21.04
N ASN A 280 10.90 -34.69 -21.17
CA ASN A 280 10.13 -35.86 -21.58
C ASN A 280 9.49 -36.51 -20.36
N GLU A 281 8.92 -37.69 -20.53
CA GLU A 281 8.27 -38.39 -19.42
C GLU A 281 9.28 -38.93 -18.42
N ASN A 282 10.52 -39.15 -18.82
CA ASN A 282 11.55 -39.66 -17.92
C ASN A 282 12.30 -38.54 -17.19
N GLY A 283 12.15 -37.30 -17.63
CA GLY A 283 12.82 -36.17 -17.00
C GLY A 283 14.02 -35.63 -17.74
N THR A 284 14.42 -36.25 -18.85
CA THR A 284 15.56 -35.79 -19.62
C THR A 284 15.18 -34.65 -20.55
N ILE A 285 16.16 -33.80 -20.86
CA ILE A 285 15.96 -32.67 -21.76
C ILE A 285 16.18 -33.16 -23.18
N THR A 286 15.09 -33.34 -23.94
CA THR A 286 15.19 -33.82 -25.30
C THR A 286 15.43 -32.72 -26.32
N ASP A 287 14.97 -31.50 -26.07
CA ASP A 287 15.18 -30.40 -27.02
C ASP A 287 15.14 -29.07 -26.29
N ALA A 288 15.72 -28.06 -26.93
CA ALA A 288 15.76 -26.71 -26.40
C ALA A 288 15.55 -25.71 -27.52
N VAL A 289 14.93 -24.57 -27.18
CA VAL A 289 14.64 -23.51 -28.13
C VAL A 289 15.05 -22.18 -27.52
N ASP A 290 15.87 -21.42 -28.25
CA ASP A 290 16.32 -20.11 -27.79
C ASP A 290 15.23 -19.09 -28.04
N CYS A 291 14.94 -18.27 -27.03
CA CYS A 291 13.88 -17.28 -27.17
C CYS A 291 14.26 -16.08 -28.03
N ALA A 292 15.52 -15.63 -28.01
CA ALA A 292 15.92 -14.46 -28.76
C ALA A 292 16.89 -14.74 -29.91
N LEU A 293 16.88 -15.93 -30.48
CA LEU A 293 17.79 -16.22 -31.58
C LEU A 293 17.19 -15.99 -32.96
N ASP A 294 16.08 -16.66 -33.25
CA ASP A 294 15.37 -16.65 -34.51
C ASP A 294 13.93 -16.20 -34.28
N PRO A 295 13.36 -15.37 -35.18
CA PRO A 295 11.95 -14.97 -35.02
C PRO A 295 10.96 -16.13 -35.05
N LEU A 296 11.32 -17.24 -35.70
CA LEU A 296 10.45 -18.42 -35.70
C LEU A 296 10.43 -19.02 -34.30
N SER A 297 11.58 -19.00 -33.63
CA SER A 297 11.71 -19.50 -32.27
C SER A 297 11.15 -18.55 -31.23
N GLU A 298 10.90 -17.29 -31.61
CA GLU A 298 10.34 -16.31 -30.68
C GLU A 298 8.89 -16.66 -30.32
N THR A 299 8.15 -17.20 -31.29
CA THR A 299 6.76 -17.59 -31.04
C THR A 299 6.68 -18.80 -30.14
N LYS A 300 7.67 -19.70 -30.20
CA LYS A 300 7.68 -20.88 -29.36
C LYS A 300 7.94 -20.52 -27.90
N CYS A 301 8.74 -19.49 -27.64
CA CYS A 301 9.03 -19.08 -26.28
C CYS A 301 7.85 -18.33 -25.66
N THR A 302 7.15 -17.52 -26.47
CA THR A 302 6.01 -16.77 -25.97
C THR A 302 4.82 -17.67 -25.70
N LEU A 303 4.51 -18.57 -26.63
CA LEU A 303 3.38 -19.48 -26.48
C LEU A 303 3.69 -20.66 -25.57
N LYS A 304 4.97 -20.88 -25.24
CA LYS A 304 5.45 -21.98 -24.39
C LYS A 304 5.09 -23.34 -24.97
N SER A 305 5.07 -23.44 -26.30
CA SER A 305 4.74 -24.68 -27.00
C SER A 305 5.62 -24.80 -28.24
N PHE A 306 5.93 -26.03 -28.60
CA PHE A 306 6.77 -26.28 -29.77
C PHE A 306 6.00 -26.16 -31.08
N THR A 307 4.73 -26.56 -31.09
CA THR A 307 3.92 -26.50 -32.30
C THR A 307 3.22 -25.15 -32.42
N VAL A 308 3.41 -24.50 -33.56
CA VAL A 308 2.82 -23.20 -33.86
C VAL A 308 2.18 -23.31 -35.25
N GLU A 309 0.88 -23.03 -35.34
CA GLU A 309 0.23 -23.13 -36.64
C GLU A 309 -0.81 -22.03 -36.87
N LYS A 310 -0.67 -21.38 -38.03
CA LYS A 310 -1.52 -20.32 -38.58
C LYS A 310 -1.97 -19.27 -37.57
N GLY A 311 -1.00 -18.63 -36.92
CA GLY A 311 -1.30 -17.63 -35.92
C GLY A 311 -0.29 -16.50 -35.90
N ILE A 312 -0.79 -15.32 -35.56
CA ILE A 312 0.02 -14.11 -35.44
C ILE A 312 0.18 -13.85 -33.96
N TYR A 313 1.41 -13.79 -33.49
CA TYR A 313 1.68 -13.59 -32.07
C TYR A 313 2.67 -12.45 -31.88
N GLN A 314 2.34 -11.55 -30.96
CA GLN A 314 3.21 -10.42 -30.64
C GLN A 314 4.25 -10.93 -29.66
N THR A 315 5.34 -11.47 -30.21
CA THR A 315 6.41 -12.04 -29.37
C THR A 315 7.13 -10.96 -28.56
N SER A 316 7.40 -9.82 -29.20
CA SER A 316 8.10 -8.71 -28.52
C SER A 316 7.63 -7.41 -29.18
N ASN A 317 8.19 -6.27 -28.79
CA ASN A 317 7.90 -4.97 -29.44
C ASN A 317 9.22 -4.23 -29.58
N PHE A 318 9.41 -3.47 -30.66
CA PHE A 318 10.72 -2.79 -30.89
C PHE A 318 10.70 -1.36 -30.35
N ARG A 319 11.86 -0.83 -29.94
CA ARG A 319 11.93 0.55 -29.48
C ARG A 319 13.13 1.22 -30.14
N VAL A 320 12.90 2.33 -30.82
CA VAL A 320 13.99 3.07 -31.46
C VAL A 320 14.84 3.73 -30.38
N GLN A 321 16.15 3.60 -30.49
CA GLN A 321 17.03 4.18 -29.49
C GLN A 321 17.56 5.53 -29.96
N PRO A 322 17.72 6.50 -29.06
CA PRO A 322 18.25 7.81 -29.47
C PRO A 322 19.71 7.73 -29.86
N THR A 323 20.01 8.10 -31.10
CA THR A 323 21.37 8.04 -31.62
C THR A 323 22.25 9.12 -31.00
N GLU A 324 21.72 10.33 -30.82
CA GLU A 324 22.49 11.43 -30.29
C GLU A 324 21.66 12.19 -29.27
N SER A 325 22.33 13.06 -28.51
CA SER A 325 21.71 13.91 -27.50
C SER A 325 22.19 15.33 -27.77
N ILE A 326 21.23 16.22 -28.10
CA ILE A 326 21.55 17.64 -28.45
C ILE A 326 20.91 18.56 -27.39
N VAL A 327 21.57 19.68 -27.08
CA VAL A 327 21.04 20.64 -26.07
C VAL A 327 20.99 22.03 -26.70
N ARG A 328 19.88 22.75 -26.53
CA ARG A 328 19.77 24.12 -27.10
C ARG A 328 19.53 25.13 -25.99
N PHE A 329 20.34 26.18 -25.93
CA PHE A 329 20.21 27.22 -24.88
C PHE A 329 20.24 28.60 -25.54
N PRO A 330 19.72 29.67 -24.89
CA PRO A 330 19.65 31.00 -25.49
C PRO A 330 21.00 31.66 -25.78
N ASN A 331 21.00 32.71 -26.61
CA ASN A 331 22.28 33.35 -27.02
C ASN A 331 23.06 33.93 -25.85
N ILE A 332 24.39 33.96 -25.97
CA ILE A 332 25.28 34.47 -24.89
C ILE A 332 25.65 35.90 -25.25
N THR A 333 24.80 36.60 -26.00
CA THR A 333 25.06 38.00 -26.42
C THR A 333 25.30 38.89 -25.19
N ASN A 334 24.68 38.55 -24.05
CA ASN A 334 24.90 39.33 -22.81
C ASN A 334 25.95 38.59 -21.97
N LEU A 335 27.07 39.26 -21.67
CA LEU A 335 28.18 38.65 -20.88
C LEU A 335 28.57 39.59 -19.74
N CYS A 336 28.92 39.03 -18.58
CA CYS A 336 29.35 39.85 -17.42
C CYS A 336 30.70 40.52 -17.72
N PRO A 337 30.93 41.79 -17.30
CA PRO A 337 32.16 42.50 -17.64
C PRO A 337 33.34 42.25 -16.70
N PHE A 338 33.74 40.98 -16.52
CA PHE A 338 34.92 40.66 -15.67
C PHE A 338 36.16 41.27 -16.35
N GLY A 339 36.10 41.42 -17.67
CA GLY A 339 37.25 41.96 -18.42
C GLY A 339 37.59 43.36 -17.98
N GLU A 340 36.56 44.19 -17.73
CA GLU A 340 36.78 45.59 -17.28
C GLU A 340 37.64 45.60 -16.01
N VAL A 341 37.19 44.93 -14.94
CA VAL A 341 37.95 44.99 -13.65
C VAL A 341 39.38 44.51 -13.87
N PHE A 342 39.57 43.43 -14.63
CA PHE A 342 40.92 42.84 -14.83
C PHE A 342 41.86 43.79 -15.58
N ASN A 343 41.37 44.47 -16.62
CA ASN A 343 42.26 45.29 -17.48
C ASN A 343 42.04 46.79 -17.24
N ALA A 344 41.51 47.19 -16.08
CA ALA A 344 41.18 48.61 -15.84
C ALA A 344 42.43 49.46 -16.00
N THR A 345 42.29 50.66 -16.59
CA THR A 345 43.47 51.52 -16.85
C THR A 345 44.15 51.83 -15.52
N ARG A 346 43.34 52.06 -14.47
CA ARG A 346 43.90 52.36 -13.12
C ARG A 346 43.08 51.63 -12.06
N PHE A 347 43.73 51.02 -11.08
CA PHE A 347 43.04 50.26 -10.00
C PHE A 347 42.98 51.19 -8.78
N ALA A 348 42.39 50.73 -7.68
CA ALA A 348 42.43 51.58 -6.47
C ALA A 348 43.40 51.02 -5.43
N SER A 349 43.87 51.87 -4.52
CA SER A 349 44.74 51.40 -3.42
C SER A 349 43.89 50.55 -2.47
N VAL A 350 44.52 49.67 -1.70
CA VAL A 350 43.77 48.74 -0.80
C VAL A 350 42.99 49.53 0.27
N TYR A 351 43.55 50.64 0.76
CA TYR A 351 42.89 51.38 1.87
C TYR A 351 41.45 51.69 1.45
N ALA A 352 41.21 51.80 0.15
CA ALA A 352 39.83 52.02 -0.35
C ALA A 352 39.59 51.00 -1.48
N TRP A 353 39.49 49.72 -1.13
CA TRP A 353 39.34 48.67 -2.17
C TRP A 353 38.03 48.87 -2.94
N ASN A 354 38.07 48.74 -4.27
CA ASN A 354 36.86 48.95 -5.11
C ASN A 354 35.86 47.82 -4.88
N ARG A 355 34.56 48.14 -4.86
CA ARG A 355 33.53 47.08 -4.74
C ARG A 355 32.74 47.08 -6.05
N LYS A 356 32.61 45.92 -6.69
CA LYS A 356 31.94 45.87 -8.02
C LYS A 356 30.83 44.81 -7.99
N ARG A 357 29.67 45.13 -8.57
CA ARG A 357 28.52 44.18 -8.56
C ARG A 357 28.14 43.84 -10.00
N ILE A 358 28.31 42.58 -10.38
CA ILE A 358 28.01 42.16 -11.79
C ILE A 358 26.77 41.26 -11.81
N SER A 359 25.92 41.34 -10.80
CA SER A 359 24.66 40.55 -10.80
C SER A 359 23.82 40.81 -12.06
N ASN A 360 22.97 39.87 -12.47
CA ASN A 360 22.05 40.02 -13.63
C ASN A 360 22.77 39.87 -14.98
N CYS A 361 23.70 38.92 -15.10
CA CYS A 361 24.36 38.66 -16.42
C CYS A 361 24.93 37.24 -16.47
N VAL A 362 25.31 36.75 -17.66
CA VAL A 362 25.96 35.41 -17.80
C VAL A 362 27.46 35.60 -17.62
N ALA A 363 28.09 34.85 -16.72
CA ALA A 363 29.53 35.10 -16.41
C ALA A 363 30.42 34.04 -17.05
N ASP A 364 31.42 34.46 -17.83
CA ASP A 364 32.39 33.50 -18.42
C ASP A 364 33.55 33.30 -17.45
N TYR A 365 33.36 32.44 -16.44
CA TYR A 365 34.43 32.13 -15.45
C TYR A 365 35.59 31.44 -16.18
N SER A 366 35.29 30.73 -17.27
CA SER A 366 36.33 29.95 -17.98
C SER A 366 37.48 30.82 -18.45
N VAL A 367 37.20 32.04 -18.92
CA VAL A 367 38.29 32.88 -19.51
C VAL A 367 39.37 33.11 -18.45
N LEU A 368 38.96 33.41 -17.22
CA LEU A 368 39.97 33.74 -16.18
C LEU A 368 40.85 32.50 -15.89
N TYR A 369 40.22 31.33 -15.71
CA TYR A 369 41.00 30.10 -15.39
C TYR A 369 41.85 29.62 -16.57
N ASN A 370 41.35 29.77 -17.81
CA ASN A 370 42.08 29.21 -18.98
C ASN A 370 43.48 29.85 -19.11
N SER A 371 43.58 31.16 -18.90
CA SER A 371 44.89 31.86 -19.08
C SER A 371 45.86 31.44 -17.96
N ALA A 372 47.15 31.25 -18.28
CA ALA A 372 48.10 30.94 -17.19
C ALA A 372 48.86 32.21 -16.82
N SER A 373 48.45 33.35 -17.37
CA SER A 373 49.18 34.62 -17.12
C SER A 373 49.17 35.00 -15.64
N PHE A 374 48.05 34.77 -14.95
CA PHE A 374 47.94 35.23 -13.54
C PHE A 374 48.98 34.56 -12.66
N SER A 375 49.67 35.35 -11.83
CA SER A 375 50.71 34.80 -10.92
C SER A 375 50.08 33.88 -9.87
N THR A 376 48.95 34.27 -9.30
CA THR A 376 48.34 33.44 -8.23
C THR A 376 46.87 33.19 -8.53
N PHE A 377 46.48 31.93 -8.68
CA PHE A 377 45.04 31.59 -8.88
C PHE A 377 44.64 30.68 -7.74
N LYS A 378 44.04 31.25 -6.70
CA LYS A 378 43.68 30.49 -5.52
C LYS A 378 42.18 30.64 -5.33
N CYS A 379 41.47 29.52 -5.29
CA CYS A 379 40.02 29.56 -5.11
C CYS A 379 39.69 28.79 -3.85
N TYR A 380 38.91 29.43 -2.95
CA TYR A 380 38.62 28.80 -1.63
C TYR A 380 37.19 28.27 -1.58
N GLY A 381 37.03 26.96 -1.38
CA GLY A 381 35.67 26.39 -1.21
C GLY A 381 35.02 26.04 -2.54
N VAL A 382 35.26 26.86 -3.57
CA VAL A 382 34.61 26.62 -4.90
C VAL A 382 35.69 26.22 -5.90
N SER A 383 35.51 25.09 -6.58
CA SER A 383 36.49 24.64 -7.61
C SER A 383 36.39 25.53 -8.84
N PRO A 384 37.52 25.96 -9.45
CA PRO A 384 37.46 26.74 -10.70
C PRO A 384 36.83 25.86 -11.78
N THR A 385 37.18 24.57 -11.81
CA THR A 385 36.53 23.65 -12.78
C THR A 385 35.06 23.54 -12.41
N LYS A 386 34.16 23.59 -13.40
CA LYS A 386 32.69 23.45 -13.16
C LYS A 386 32.15 24.69 -12.44
N LEU A 387 32.91 25.79 -12.42
CA LEU A 387 32.41 27.05 -11.80
C LEU A 387 31.20 27.52 -12.60
N ASN A 388 31.24 27.38 -13.93
CA ASN A 388 30.09 27.76 -14.79
C ASN A 388 28.82 27.05 -14.29
N ASP A 389 28.92 25.77 -13.94
CA ASP A 389 27.74 25.00 -13.48
C ASP A 389 27.26 25.59 -12.15
N LEU A 390 28.20 26.06 -11.32
CA LEU A 390 27.80 26.56 -9.99
C LEU A 390 27.23 27.95 -10.24
N CYS A 391 25.90 28.04 -10.16
CA CYS A 391 25.25 29.29 -10.59
C CYS A 391 24.93 30.03 -9.30
N PHE A 392 25.41 31.27 -9.16
CA PHE A 392 25.26 32.02 -7.88
C PHE A 392 24.37 33.25 -8.05
N THR A 393 23.59 33.57 -7.02
CA THR A 393 22.67 34.74 -7.06
C THR A 393 23.43 36.06 -7.16
N ASN A 394 24.48 36.23 -6.35
CA ASN A 394 25.20 37.54 -6.31
C ASN A 394 26.70 37.31 -6.50
N VAL A 395 27.34 38.10 -7.36
CA VAL A 395 28.82 37.99 -7.53
C VAL A 395 29.44 39.34 -7.16
N TYR A 396 30.44 39.34 -6.26
CA TYR A 396 31.11 40.60 -5.87
C TYR A 396 32.57 40.55 -6.32
N ALA A 397 33.05 41.59 -7.00
CA ALA A 397 34.46 41.63 -7.41
C ALA A 397 35.17 42.76 -6.65
N ASP A 398 36.25 42.44 -5.93
CA ASP A 398 36.98 43.47 -5.14
C ASP A 398 38.38 43.61 -5.74
N SER A 399 38.78 44.83 -6.08
CA SER A 399 40.10 45.02 -6.73
C SER A 399 40.96 46.00 -5.94
N PHE A 400 42.22 45.65 -5.70
CA PHE A 400 43.14 46.56 -4.97
C PHE A 400 44.58 46.30 -5.42
N VAL A 401 45.45 47.29 -5.25
CA VAL A 401 46.90 47.08 -5.60
C VAL A 401 47.66 46.89 -4.30
N ILE A 402 48.34 45.74 -4.14
CA ILE A 402 49.17 45.51 -2.93
C ILE A 402 50.58 45.13 -3.39
N ARG A 403 51.52 45.04 -2.46
CA ARG A 403 52.87 44.63 -2.79
C ARG A 403 53.00 43.11 -2.72
N GLY A 404 53.94 42.57 -3.51
CA GLY A 404 54.06 41.11 -3.68
C GLY A 404 54.28 40.31 -2.41
N ASP A 405 54.99 40.87 -1.44
CA ASP A 405 55.29 40.10 -0.21
C ASP A 405 53.96 39.74 0.44
N GLU A 406 52.93 40.53 0.17
CA GLU A 406 51.69 40.34 0.93
C GLU A 406 50.60 39.77 0.06
N VAL A 407 50.95 39.23 -1.07
CA VAL A 407 49.78 38.73 -1.83
C VAL A 407 49.15 37.65 -0.95
N ARG A 408 49.95 36.80 -0.34
CA ARG A 408 49.41 35.64 0.44
C ARG A 408 48.51 36.11 1.58
N GLN A 409 48.66 37.36 2.05
CA GLN A 409 47.86 37.80 3.22
C GLN A 409 46.37 37.72 2.88
N ILE A 410 45.98 38.02 1.64
CA ILE A 410 44.54 38.02 1.24
C ILE A 410 43.91 36.66 1.59
N ALA A 411 44.69 35.59 1.72
CA ALA A 411 44.13 34.28 2.14
C ALA A 411 43.25 34.51 3.38
N PRO A 412 42.12 33.79 3.53
CA PRO A 412 41.25 33.94 4.70
C PRO A 412 41.96 33.55 6.01
N GLY A 413 41.66 34.27 7.09
CA GLY A 413 42.25 33.97 8.41
C GLY A 413 43.77 34.05 8.43
N GLN A 414 44.34 35.05 7.76
CA GLN A 414 45.82 35.24 7.80
C GLN A 414 46.13 36.51 8.60
N THR A 415 47.12 36.44 9.48
CA THR A 415 47.57 37.66 10.22
C THR A 415 48.36 38.55 9.25
N GLY A 416 48.23 39.87 9.37
CA GLY A 416 49.04 40.77 8.51
C GLY A 416 48.61 42.22 8.60
N LYS A 417 49.48 43.15 8.18
CA LYS A 417 49.17 44.59 8.24
C LYS A 417 48.21 44.92 7.10
N ILE A 418 48.19 44.08 6.05
CA ILE A 418 47.21 44.32 4.98
C ILE A 418 46.05 43.40 5.29
N ALA A 419 46.37 42.28 5.93
CA ALA A 419 45.29 41.29 6.13
C ALA A 419 44.25 41.74 7.17
N ASP A 420 44.68 42.30 8.30
CA ASP A 420 43.68 42.61 9.36
C ASP A 420 43.35 44.11 9.39
N TYR A 421 44.37 44.97 9.41
CA TYR A 421 44.16 46.43 9.51
C TYR A 421 43.45 46.95 8.25
N ASN A 422 43.82 46.43 7.07
CA ASN A 422 43.26 47.01 5.81
C ASN A 422 42.13 46.15 5.22
N TYR A 423 42.45 45.04 4.57
CA TYR A 423 41.40 44.26 3.85
C TYR A 423 41.26 42.85 4.44
N LYS A 424 40.08 42.45 4.90
CA LYS A 424 39.98 41.14 5.60
C LYS A 424 38.88 40.25 5.02
N LEU A 425 39.22 39.10 4.43
CA LEU A 425 38.19 38.14 3.94
C LEU A 425 37.64 37.35 5.12
N PRO A 426 36.43 36.77 5.03
CA PRO A 426 35.82 36.05 6.14
C PRO A 426 36.30 34.61 6.35
N ASP A 427 36.05 33.99 7.49
CA ASP A 427 36.40 32.56 7.65
C ASP A 427 35.64 31.77 6.60
N ASP A 428 34.37 32.08 6.40
CA ASP A 428 33.61 31.43 5.30
C ASP A 428 33.74 32.28 4.05
N PHE A 429 34.73 32.02 3.20
CA PHE A 429 34.92 32.81 1.97
C PHE A 429 34.74 31.90 0.77
N THR A 430 33.58 31.98 0.13
CA THR A 430 33.36 31.18 -1.09
C THR A 430 33.87 31.98 -2.28
N GLY A 431 35.18 32.14 -2.45
CA GLY A 431 35.62 33.00 -3.56
C GLY A 431 36.93 32.60 -4.17
N CYS A 432 37.50 33.46 -5.01
CA CYS A 432 38.77 33.21 -5.66
C CYS A 432 39.67 34.44 -5.55
N VAL A 433 40.97 34.19 -5.48
CA VAL A 433 41.96 35.26 -5.33
C VAL A 433 42.92 35.18 -6.51
N ILE A 434 42.97 36.25 -7.29
CA ILE A 434 43.74 36.30 -8.53
C ILE A 434 44.70 37.49 -8.47
N ALA A 435 45.96 37.26 -8.86
CA ALA A 435 46.97 38.34 -8.78
C ALA A 435 47.97 38.22 -9.92
N TRP A 436 48.53 39.33 -10.39
CA TRP A 436 49.58 39.29 -11.45
C TRP A 436 50.63 40.37 -11.16
N ASN A 437 51.87 40.16 -11.59
CA ASN A 437 52.91 41.20 -11.42
C ASN A 437 52.72 42.25 -12.52
N SER A 438 52.70 43.53 -12.16
CA SER A 438 52.48 44.61 -13.15
C SER A 438 53.50 45.73 -12.90
N ASN A 439 54.78 45.39 -12.80
CA ASN A 439 55.82 46.39 -12.46
C ASN A 439 55.90 47.48 -13.53
N ASN A 440 55.81 47.12 -14.81
CA ASN A 440 56.00 48.12 -15.89
C ASN A 440 54.73 48.97 -16.04
N LEU A 441 53.62 48.57 -15.43
CA LEU A 441 52.32 49.29 -15.58
C LEU A 441 52.09 50.31 -14.45
N ASP A 442 52.33 49.95 -13.19
CA ASP A 442 52.01 50.87 -12.07
C ASP A 442 53.23 51.72 -11.69
N SER A 443 54.42 51.11 -11.65
CA SER A 443 55.64 51.85 -11.18
C SER A 443 56.03 52.95 -12.18
N LYS A 444 56.59 54.05 -11.66
CA LYS A 444 57.06 55.17 -12.52
C LYS A 444 58.47 55.54 -12.05
N VAL A 445 59.26 56.22 -12.88
CA VAL A 445 60.60 56.70 -12.41
C VAL A 445 60.38 57.72 -11.30
N GLY A 446 61.29 57.77 -10.32
CA GLY A 446 61.14 58.71 -9.18
C GLY A 446 60.19 58.13 -8.13
N GLY A 447 59.92 56.82 -8.17
CA GLY A 447 59.07 56.18 -7.14
C GLY A 447 57.59 56.38 -7.41
N ASN A 448 56.75 55.53 -6.82
CA ASN A 448 55.28 55.68 -6.98
C ASN A 448 54.64 55.95 -5.62
N TYR A 449 54.04 57.13 -5.42
CA TYR A 449 53.33 57.42 -4.15
C TYR A 449 51.82 57.30 -4.42
N ASN A 450 51.46 56.87 -5.64
CA ASN A 450 50.04 56.82 -6.03
C ASN A 450 49.27 55.85 -5.15
N TYR A 451 49.86 54.69 -4.81
CA TYR A 451 49.10 53.68 -4.02
C TYR A 451 49.46 53.80 -2.54
N LEU A 452 48.45 53.80 -1.67
CA LEU A 452 48.69 54.02 -0.21
C LEU A 452 48.00 52.94 0.61
N TYR A 453 48.49 52.70 1.84
CA TYR A 453 47.88 51.69 2.73
C TYR A 453 48.01 52.17 4.18
N ARG A 454 46.96 52.03 4.98
CA ARG A 454 47.08 52.38 6.42
C ARG A 454 48.03 51.38 7.07
N LEU A 455 48.96 51.87 7.89
CA LEU A 455 49.90 50.98 8.60
C LEU A 455 49.47 50.91 10.07
N PHE A 456 48.91 52.01 10.58
CA PHE A 456 48.47 52.06 12.00
C PHE A 456 46.95 52.20 12.11
N ARG A 457 46.31 51.28 12.85
CA ARG A 457 44.85 51.37 13.12
C ARG A 457 44.66 51.03 14.60
N LYS A 458 43.68 51.63 15.27
CA LYS A 458 43.52 51.42 16.74
C LYS A 458 43.23 49.94 17.02
N SER A 459 42.35 49.33 16.23
CA SER A 459 42.03 47.89 16.40
C SER A 459 41.78 47.29 15.01
N ASN A 460 41.68 45.95 14.91
CA ASN A 460 41.53 45.33 13.57
C ASN A 460 40.13 45.63 13.01
N LEU A 461 39.96 45.51 11.69
CA LEU A 461 38.65 45.75 11.05
C LEU A 461 37.93 44.42 10.80
N LYS A 462 36.60 44.42 10.85
CA LYS A 462 35.80 43.19 10.63
C LYS A 462 35.85 42.80 9.15
N PRO A 463 35.64 41.53 8.77
CA PRO A 463 35.61 41.12 7.36
C PRO A 463 34.84 42.04 6.41
N PHE A 464 35.41 42.34 5.25
CA PHE A 464 34.77 43.18 4.21
C PHE A 464 34.44 44.58 4.74
N GLU A 465 35.34 45.16 5.55
CA GLU A 465 35.10 46.54 6.06
C GLU A 465 36.26 47.46 5.64
N ARG A 466 35.96 48.52 4.89
CA ARG A 466 37.01 49.50 4.54
C ARG A 466 36.70 50.82 5.28
N ASP A 467 37.67 51.34 6.03
CA ASP A 467 37.43 52.57 6.81
C ASP A 467 38.49 53.61 6.41
N ILE A 468 38.05 54.66 5.70
CA ILE A 468 39.00 55.71 5.24
C ILE A 468 39.17 56.71 6.39
N SER A 469 40.21 56.52 7.22
CA SER A 469 40.47 57.50 8.30
C SER A 469 41.81 58.19 8.06
N THR A 470 41.79 59.49 7.74
CA THR A 470 43.05 60.26 7.56
C THR A 470 43.41 61.15 8.74
N GLU A 471 42.57 61.14 9.78
CA GLU A 471 42.92 61.92 11.01
C GLU A 471 44.18 61.28 11.60
N ILE A 472 44.99 62.06 12.31
CA ILE A 472 46.30 61.55 12.83
C ILE A 472 46.06 60.40 13.81
N TYR A 473 46.89 59.35 13.73
CA TYR A 473 46.71 58.15 14.59
C TYR A 473 47.07 58.46 16.04
N GLN A 474 46.55 57.66 16.99
CA GLN A 474 46.79 57.92 18.44
C GLN A 474 47.56 56.72 19.04
N ALA A 475 48.90 56.77 18.98
CA ALA A 475 49.74 55.69 19.57
C ALA A 475 49.58 55.61 21.09
N GLY A 476 49.53 56.75 21.78
CA GLY A 476 49.49 56.73 23.26
C GLY A 476 48.21 57.29 23.85
N SER A 477 48.32 58.03 24.96
CA SER A 477 47.11 58.53 25.66
C SER A 477 46.79 59.96 25.25
N THR A 478 47.76 60.87 25.28
CA THR A 478 47.51 62.31 24.98
C THR A 478 47.25 62.51 23.48
N PRO A 479 46.33 63.43 23.06
CA PRO A 479 46.05 63.71 21.64
C PRO A 479 46.63 65.01 21.06
N CYS A 480 47.18 64.96 19.84
CA CYS A 480 47.79 66.16 19.19
C CYS A 480 46.82 66.86 18.23
N ASN A 481 45.59 66.36 18.12
CA ASN A 481 44.52 67.04 17.34
C ASN A 481 44.88 67.26 15.88
N GLY A 482 45.20 66.19 15.14
CA GLY A 482 45.40 66.35 13.68
C GLY A 482 46.70 67.01 13.25
N VAL A 483 47.66 67.20 14.16
CA VAL A 483 48.99 67.74 13.72
C VAL A 483 49.98 66.57 13.83
N GLU A 484 50.60 66.16 12.74
CA GLU A 484 51.50 64.98 12.78
C GLU A 484 52.70 65.28 13.69
N GLY A 485 53.15 64.31 14.50
CA GLY A 485 54.24 64.56 15.47
C GLY A 485 54.71 63.29 16.15
N PHE A 486 55.48 63.41 17.23
CA PHE A 486 55.91 62.20 18.00
C PHE A 486 54.66 61.51 18.54
N ASN A 487 54.57 60.19 18.40
CA ASN A 487 53.37 59.43 18.86
C ASN A 487 52.11 59.99 18.20
N CYS A 488 52.21 60.41 16.92
CA CYS A 488 51.07 61.00 16.17
C CYS A 488 51.45 60.90 14.69
N TYR A 489 51.08 59.81 14.00
CA TYR A 489 51.56 59.61 12.62
C TYR A 489 50.38 59.58 11.65
N PHE A 490 50.57 60.13 10.43
CA PHE A 490 49.48 60.06 9.42
C PHE A 490 49.24 58.59 9.08
N PRO A 491 47.97 58.12 9.00
CA PRO A 491 47.69 56.70 8.77
C PRO A 491 48.22 56.16 7.45
N LEU A 492 48.01 56.87 6.35
CA LEU A 492 48.42 56.36 5.02
C LEU A 492 49.95 56.26 4.90
N GLN A 493 50.46 55.16 4.35
CA GLN A 493 51.93 54.97 4.15
C GLN A 493 52.19 54.73 2.65
N SER A 494 53.19 55.42 2.07
CA SER A 494 53.43 55.31 0.61
C SER A 494 54.00 53.94 0.21
N TYR A 495 53.46 53.34 -0.86
CA TYR A 495 53.98 52.04 -1.38
C TYR A 495 55.38 52.20 -2.01
N GLY A 496 55.64 53.31 -2.70
CA GLY A 496 56.96 53.55 -3.32
C GLY A 496 57.41 52.48 -4.30
N PHE A 497 56.55 52.08 -5.24
CA PHE A 497 56.88 51.03 -6.25
C PHE A 497 58.00 51.47 -7.20
N GLN A 498 58.92 50.56 -7.52
CA GLN A 498 60.08 50.90 -8.40
C GLN A 498 60.46 49.65 -9.21
N PRO A 499 60.92 49.78 -10.48
CA PRO A 499 61.35 48.62 -11.24
C PRO A 499 62.58 47.92 -10.63
N THR A 500 63.53 48.69 -10.10
CA THR A 500 64.79 48.09 -9.57
C THR A 500 64.56 47.38 -8.23
N ASN A 501 63.35 47.47 -7.68
CA ASN A 501 63.07 46.87 -6.34
C ASN A 501 62.97 45.34 -6.39
N GLY A 502 62.96 44.69 -5.22
CA GLY A 502 62.80 43.23 -5.18
C GLY A 502 61.40 42.83 -5.61
N VAL A 503 61.22 41.55 -5.97
CA VAL A 503 59.90 41.06 -6.46
C VAL A 503 58.85 41.34 -5.38
N GLY A 504 59.25 41.26 -4.11
CA GLY A 504 58.32 41.48 -2.99
C GLY A 504 57.75 42.88 -2.98
N TYR A 505 58.57 43.88 -3.31
CA TYR A 505 58.12 45.29 -3.19
C TYR A 505 57.73 45.82 -4.58
N GLN A 506 56.86 45.09 -5.27
CA GLN A 506 56.45 45.50 -6.64
C GLN A 506 54.92 45.53 -6.70
N PRO A 507 54.29 46.39 -7.53
CA PRO A 507 52.84 46.50 -7.56
C PRO A 507 52.17 45.23 -8.10
N TYR A 508 51.39 44.54 -7.26
CA TYR A 508 50.66 43.33 -7.71
C TYR A 508 49.16 43.63 -7.65
N ARG A 509 48.55 43.96 -8.79
CA ARG A 509 47.08 44.20 -8.80
C ARG A 509 46.41 42.89 -8.41
N VAL A 510 45.42 42.95 -7.50
CA VAL A 510 44.81 41.69 -6.99
C VAL A 510 43.28 41.75 -7.13
N VAL A 511 42.71 40.93 -8.00
CA VAL A 511 41.27 40.85 -8.13
C VAL A 511 40.80 39.73 -7.20
N VAL A 512 39.85 40.03 -6.33
CA VAL A 512 39.24 39.04 -5.46
C VAL A 512 37.80 38.86 -5.88
N LEU A 513 37.46 37.65 -6.30
CA LEU A 513 36.08 37.33 -6.61
C LEU A 513 35.39 36.81 -5.37
N SER A 514 34.12 37.13 -5.25
CA SER A 514 33.29 36.52 -4.22
C SER A 514 32.01 36.03 -4.87
N PHE A 515 31.50 34.92 -4.37
CA PHE A 515 30.26 34.34 -4.83
C PHE A 515 29.35 34.21 -3.63
N GLU A 516 28.11 34.67 -3.77
CA GLU A 516 27.22 34.73 -2.63
C GLU A 516 25.88 34.11 -3.00
N LEU A 517 25.38 33.27 -2.11
CA LEU A 517 24.07 32.65 -2.25
C LEU A 517 23.17 33.18 -1.15
N LEU A 518 21.97 33.64 -1.54
CA LEU A 518 20.98 34.13 -0.55
C LEU A 518 19.61 33.58 -0.91
N HIS A 519 18.56 34.02 -0.22
CA HIS A 519 17.18 33.57 -0.52
C HIS A 519 16.79 34.04 -1.92
N ALA A 520 17.24 35.24 -2.33
CA ALA A 520 16.84 35.80 -3.64
C ALA A 520 17.27 34.89 -4.78
N PRO A 521 16.45 34.73 -5.84
CA PRO A 521 16.77 33.86 -6.97
C PRO A 521 18.12 34.15 -7.64
N ALA A 522 18.69 33.16 -8.36
CA ALA A 522 20.03 33.32 -8.95
C ALA A 522 20.04 34.22 -10.19
N THR A 523 20.94 35.21 -10.23
CA THR A 523 21.05 36.09 -11.43
C THR A 523 22.40 35.87 -12.14
N VAL A 524 23.39 35.26 -11.47
CA VAL A 524 24.73 35.12 -12.11
C VAL A 524 25.05 33.64 -12.36
N CYS A 525 24.76 33.15 -13.57
CA CYS A 525 24.96 31.73 -13.98
C CYS A 525 26.17 31.63 -14.92
N GLY A 526 26.72 30.43 -15.11
CA GLY A 526 27.84 30.22 -16.03
C GLY A 526 27.40 30.12 -17.49
N PRO A 527 28.32 30.11 -18.48
CA PRO A 527 27.92 30.15 -19.91
C PRO A 527 27.12 28.92 -20.33
N LYS A 528 26.16 29.12 -21.23
CA LYS A 528 25.30 28.00 -21.69
C LYS A 528 25.82 27.49 -23.03
N LYS A 529 26.01 26.17 -23.15
CA LYS A 529 26.61 25.61 -24.40
C LYS A 529 25.52 25.11 -25.35
N SER A 530 25.86 24.93 -26.63
CA SER A 530 24.88 24.49 -27.62
C SER A 530 25.50 23.50 -28.58
N THR A 531 24.77 22.43 -28.85
CA THR A 531 25.17 21.37 -29.76
C THR A 531 24.42 21.61 -31.07
N ASN A 532 25.03 21.18 -32.19
CA ASN A 532 24.43 21.34 -33.51
C ASN A 532 23.11 20.59 -33.61
N LEU A 533 22.10 21.27 -34.14
CA LEU A 533 20.77 20.69 -34.26
C LEU A 533 20.68 19.71 -35.41
N VAL A 534 20.13 18.52 -35.14
CA VAL A 534 19.92 17.48 -36.12
C VAL A 534 18.42 17.19 -36.13
N LYS A 535 17.92 16.73 -37.27
CA LYS A 535 16.49 16.47 -37.40
C LYS A 535 16.27 15.15 -38.12
N ASN A 536 14.99 14.81 -38.30
CA ASN A 536 14.50 13.61 -38.99
C ASN A 536 15.01 12.30 -38.37
N LYS A 537 15.29 12.29 -37.06
CA LYS A 537 15.76 11.09 -36.40
C LYS A 537 15.45 11.18 -34.91
N CYS A 538 15.45 10.02 -34.26
CA CYS A 538 15.20 9.93 -32.82
C CYS A 538 16.42 10.50 -32.11
N VAL A 539 16.28 11.71 -31.58
CA VAL A 539 17.38 12.40 -30.91
C VAL A 539 16.90 12.99 -29.58
N ASN A 540 17.74 12.85 -28.54
CA ASN A 540 17.41 13.41 -27.24
C ASN A 540 17.55 14.92 -27.29
N PHE A 541 16.55 15.63 -26.81
CA PHE A 541 16.58 17.09 -26.84
C PHE A 541 16.33 17.68 -25.46
N ASN A 542 17.09 18.73 -25.15
CA ASN A 542 16.99 19.45 -23.89
C ASN A 542 16.91 20.93 -24.21
N PHE A 543 15.76 21.55 -23.95
CA PHE A 543 15.53 22.97 -24.23
C PHE A 543 15.16 23.69 -22.95
N ASN A 544 16.12 24.40 -22.37
CA ASN A 544 15.97 25.20 -21.14
C ASN A 544 15.40 24.39 -19.98
N GLY A 545 15.99 23.23 -19.75
CA GLY A 545 15.55 22.35 -18.69
C GLY A 545 14.40 21.43 -19.02
N LEU A 546 13.91 21.45 -20.27
CA LEU A 546 12.83 20.57 -20.69
C LEU A 546 13.47 19.45 -21.52
N THR A 547 13.46 18.24 -20.98
CA THR A 547 14.08 17.10 -21.63
C THR A 547 13.01 16.12 -22.10
N GLY A 548 13.09 15.74 -23.37
CA GLY A 548 12.17 14.80 -23.96
C GLY A 548 12.87 13.99 -25.02
N THR A 549 12.22 12.91 -25.45
CA THR A 549 12.76 12.02 -26.47
C THR A 549 11.79 12.00 -27.64
N GLY A 550 12.26 12.38 -28.82
CA GLY A 550 11.39 12.40 -29.99
C GLY A 550 12.13 12.89 -31.20
N VAL A 551 11.49 12.69 -32.35
CA VAL A 551 12.03 13.09 -33.64
C VAL A 551 11.66 14.56 -33.88
N LEU A 552 12.67 15.38 -34.18
CA LEU A 552 12.46 16.80 -34.44
C LEU A 552 12.20 17.02 -35.91
N THR A 553 11.10 17.71 -36.22
CA THR A 553 10.70 18.00 -37.58
C THR A 553 10.19 19.43 -37.64
N GLU A 554 10.52 20.14 -38.72
CA GLU A 554 10.09 21.53 -38.89
C GLU A 554 8.58 21.56 -39.12
N SER A 555 7.90 22.45 -38.39
CA SER A 555 6.45 22.58 -38.47
C SER A 555 6.04 23.92 -39.07
N ASN A 556 4.90 23.91 -39.75
CA ASN A 556 4.37 25.11 -40.39
C ASN A 556 3.55 26.00 -39.46
N LYS A 557 3.28 25.55 -38.24
CA LYS A 557 2.49 26.38 -37.32
C LYS A 557 3.32 27.54 -36.81
N LYS A 558 2.65 28.66 -36.56
CA LYS A 558 3.31 29.88 -36.09
C LYS A 558 3.14 30.02 -34.58
N PHE A 559 4.19 30.51 -33.92
CA PHE A 559 4.20 30.71 -32.48
C PHE A 559 4.18 32.20 -32.17
N LEU A 560 3.64 32.53 -30.99
CA LEU A 560 3.60 33.92 -30.55
C LEU A 560 5.01 34.32 -30.12
N PRO A 561 5.36 35.62 -30.19
CA PRO A 561 6.71 36.05 -29.80
C PRO A 561 7.08 35.77 -28.34
N PHE A 562 6.12 35.86 -27.42
CA PHE A 562 6.43 35.57 -26.03
C PHE A 562 6.40 34.08 -25.74
N GLN A 563 5.60 33.32 -26.49
CA GLN A 563 5.48 31.89 -26.30
C GLN A 563 6.71 31.15 -26.79
N GLN A 564 7.19 30.19 -25.99
CA GLN A 564 8.35 29.39 -26.34
C GLN A 564 8.14 27.89 -26.26
N PHE A 565 7.04 27.41 -25.68
CA PHE A 565 6.73 25.98 -25.57
C PHE A 565 5.49 25.67 -26.38
N GLY A 566 5.05 24.40 -26.29
CA GLY A 566 3.88 23.95 -27.00
C GLY A 566 3.24 22.74 -26.34
N ARG A 567 1.91 22.73 -26.25
CA ARG A 567 1.19 21.62 -25.63
C ARG A 567 0.16 21.07 -26.61
N ASP A 568 -0.58 20.06 -26.15
CA ASP A 568 -1.60 19.41 -26.95
C ASP A 568 -2.83 19.17 -26.10
N ILE A 569 -3.77 18.39 -26.63
CA ILE A 569 -5.01 18.07 -25.93
C ILE A 569 -4.73 17.20 -24.71
N ALA A 570 -3.78 16.28 -24.83
CA ALA A 570 -3.40 15.38 -23.75
C ALA A 570 -2.25 15.91 -22.90
N ASP A 571 -1.98 17.22 -22.98
CA ASP A 571 -0.91 17.92 -22.25
C ASP A 571 0.46 17.34 -22.58
N THR A 572 0.68 17.04 -23.85
CA THR A 572 1.94 16.49 -24.34
C THR A 572 2.67 17.57 -25.12
N THR A 573 4.00 17.58 -24.98
CA THR A 573 4.82 18.59 -25.66
C THR A 573 4.97 18.27 -27.13
N ASP A 574 4.06 18.81 -27.96
CA ASP A 574 4.12 18.55 -29.39
C ASP A 574 5.16 19.38 -30.12
N ALA A 575 5.39 20.63 -29.71
CA ALA A 575 6.37 21.47 -30.38
C ALA A 575 7.14 22.30 -29.36
N VAL A 576 8.37 22.66 -29.74
CA VAL A 576 9.28 23.45 -28.90
C VAL A 576 9.98 24.46 -29.79
N ARG A 577 9.97 25.74 -29.37
CA ARG A 577 10.63 26.79 -30.13
C ARG A 577 12.12 26.81 -29.78
N ASP A 578 12.96 26.84 -30.81
CA ASP A 578 14.40 26.85 -30.62
C ASP A 578 14.85 28.21 -30.07
N PRO A 579 15.85 28.24 -29.18
CA PRO A 579 16.31 29.54 -28.66
C PRO A 579 17.10 30.37 -29.66
N GLN A 580 18.02 29.75 -30.43
CA GLN A 580 18.84 30.50 -31.37
C GLN A 580 18.05 30.95 -32.60
N THR A 581 17.27 30.05 -33.20
CA THR A 581 16.48 30.36 -34.39
C THR A 581 15.01 30.36 -34.03
N LEU A 582 14.25 31.27 -34.65
CA LEU A 582 12.82 31.41 -34.37
C LEU A 582 11.95 30.34 -35.04
N GLU A 583 12.55 29.29 -35.62
CA GLU A 583 11.76 28.25 -36.24
C GLU A 583 11.14 27.35 -35.18
N ILE A 584 9.95 26.82 -35.48
CA ILE A 584 9.22 25.95 -34.56
C ILE A 584 9.45 24.51 -35.02
N LEU A 585 9.98 23.68 -34.13
CA LEU A 585 10.28 22.29 -34.41
C LEU A 585 9.25 21.37 -33.75
N ASP A 586 8.49 20.66 -34.57
CA ASP A 586 7.50 19.72 -34.06
C ASP A 586 8.24 18.51 -33.51
N ILE A 587 7.63 17.87 -32.51
CA ILE A 587 8.21 16.69 -31.88
C ILE A 587 7.32 15.49 -32.15
N THR A 588 7.91 14.46 -32.75
CA THR A 588 7.22 13.21 -33.07
C THR A 588 7.89 12.14 -32.24
N PRO A 589 7.17 11.40 -31.40
CA PRO A 589 7.81 10.36 -30.57
C PRO A 589 8.32 9.20 -31.40
N CYS A 590 9.42 8.61 -30.92
CA CYS A 590 10.04 7.47 -31.57
C CYS A 590 9.12 6.26 -31.47
N SER A 591 9.12 5.44 -32.52
CA SER A 591 8.26 4.27 -32.62
C SER A 591 8.50 3.23 -31.51
N PHE A 592 7.41 2.76 -30.92
CA PHE A 592 7.42 1.75 -29.86
C PHE A 592 6.38 0.66 -30.14
N GLY A 593 6.04 0.47 -31.41
CA GLY A 593 5.05 -0.54 -31.77
C GLY A 593 5.54 -1.96 -31.58
N GLY A 594 4.58 -2.87 -31.43
CA GLY A 594 4.91 -4.27 -31.25
C GLY A 594 5.33 -4.95 -32.53
N VAL A 595 6.05 -6.05 -32.37
CA VAL A 595 6.54 -6.86 -33.49
C VAL A 595 5.76 -8.16 -33.52
N SER A 596 5.19 -8.48 -34.67
CA SER A 596 4.40 -9.68 -34.86
C SER A 596 5.09 -10.56 -35.89
N VAL A 597 5.02 -11.87 -35.69
CA VAL A 597 5.64 -12.85 -36.57
C VAL A 597 4.54 -13.53 -37.39
N ILE A 598 4.62 -13.39 -38.71
CA ILE A 598 3.66 -13.99 -39.62
C ILE A 598 4.16 -15.40 -39.88
N THR A 599 3.47 -16.40 -39.32
CA THR A 599 3.95 -17.75 -39.55
C THR A 599 2.92 -18.81 -39.89
N PRO A 600 3.25 -19.70 -40.84
CA PRO A 600 2.35 -20.79 -41.20
C PRO A 600 2.57 -21.96 -40.25
N GLY A 601 1.92 -23.09 -40.50
CA GLY A 601 2.11 -24.26 -39.65
C GLY A 601 3.51 -24.80 -39.74
N THR A 602 4.07 -25.16 -38.57
CA THR A 602 5.43 -25.69 -38.50
C THR A 602 5.57 -27.04 -39.20
N ASN A 603 4.49 -27.83 -39.26
CA ASN A 603 4.54 -29.11 -39.96
C ASN A 603 4.63 -28.90 -41.48
N THR A 604 4.09 -27.79 -41.97
CA THR A 604 4.14 -27.50 -43.40
C THR A 604 5.48 -26.90 -43.81
N SER A 605 5.89 -25.81 -43.15
CA SER A 605 7.15 -25.16 -43.46
C SER A 605 7.64 -24.39 -42.23
N ASN A 606 8.91 -23.97 -42.29
CA ASN A 606 9.53 -23.23 -41.20
C ASN A 606 9.85 -21.79 -41.56
N GLN A 607 9.54 -21.35 -42.78
CA GLN A 607 9.82 -19.98 -43.17
C GLN A 607 8.85 -19.04 -42.48
N VAL A 608 9.36 -17.90 -42.00
CA VAL A 608 8.54 -16.92 -41.29
C VAL A 608 8.74 -15.54 -41.88
N ALA A 609 7.78 -14.66 -41.58
CA ALA A 609 7.79 -13.28 -42.02
C ALA A 609 7.61 -12.41 -40.79
N VAL A 610 8.45 -11.40 -40.65
CA VAL A 610 8.43 -10.50 -39.51
C VAL A 610 7.67 -9.24 -39.89
N LEU A 611 6.70 -8.86 -39.07
CA LEU A 611 5.89 -7.67 -39.33
C LEU A 611 6.04 -6.69 -38.17
N TYR A 612 6.36 -5.44 -38.51
CA TYR A 612 6.51 -4.37 -37.54
C TYR A 612 5.29 -3.48 -37.65
N GLN A 613 4.61 -3.22 -36.52
CA GLN A 613 3.33 -2.46 -36.58
C GLN A 613 3.56 -0.95 -36.58
N ASP A 614 2.76 -0.20 -37.36
CA ASP A 614 2.80 1.30 -37.35
C ASP A 614 4.22 1.85 -37.47
N VAL A 615 4.99 1.42 -38.47
CA VAL A 615 6.34 2.04 -38.64
C VAL A 615 6.70 2.17 -40.13
N ASN A 616 7.48 3.18 -40.48
CA ASN A 616 7.98 3.28 -41.85
C ASN A 616 9.13 2.30 -42.03
N CYS A 617 9.36 1.89 -43.28
CA CYS A 617 10.43 0.94 -43.55
C CYS A 617 11.77 1.62 -43.77
N THR A 618 12.18 2.45 -42.82
CA THR A 618 13.46 3.15 -42.87
C THR A 618 14.31 2.91 -41.63
N GLU A 619 13.68 2.82 -40.45
CA GLU A 619 14.43 2.59 -39.22
C GLU A 619 14.97 1.18 -39.14
N VAL A 620 14.16 0.18 -39.51
CA VAL A 620 14.59 -1.21 -39.47
C VAL A 620 15.54 -1.52 -40.62
N ASN A 641 13.93 -8.17 -49.20
CA ASN A 641 12.50 -8.27 -49.35
C ASN A 641 11.77 -7.45 -48.29
N VAL A 642 11.63 -6.15 -48.54
CA VAL A 642 10.98 -5.23 -47.62
C VAL A 642 9.77 -4.64 -48.34
N PHE A 643 8.58 -4.82 -47.75
CA PHE A 643 7.34 -4.31 -48.33
C PHE A 643 6.63 -3.43 -47.30
N GLN A 644 6.28 -2.22 -47.70
CA GLN A 644 5.60 -1.28 -46.83
C GLN A 644 4.09 -1.42 -47.05
N THR A 645 3.36 -1.72 -45.97
CA THR A 645 1.92 -1.88 -46.00
C THR A 645 1.26 -0.80 -45.15
N ARG A 646 -0.07 -0.81 -45.16
CA ARG A 646 -0.84 0.16 -44.39
C ARG A 646 -0.71 -0.10 -42.89
N ALA A 647 -0.65 -1.37 -42.48
CA ALA A 647 -0.53 -1.71 -41.07
C ALA A 647 0.88 -1.60 -40.54
N GLY A 648 1.87 -1.40 -41.39
CA GLY A 648 3.24 -1.28 -40.94
C GLY A 648 4.20 -1.81 -41.99
N CYS A 649 5.40 -2.15 -41.52
CA CYS A 649 6.45 -2.68 -42.38
C CYS A 649 6.42 -4.20 -42.35
N LEU A 650 6.27 -4.80 -43.52
CA LEU A 650 6.21 -6.25 -43.67
C LEU A 650 7.46 -6.72 -44.41
N ILE A 651 8.31 -7.49 -43.72
CA ILE A 651 9.53 -8.00 -44.32
C ILE A 651 9.49 -9.52 -44.30
N GLY A 652 10.17 -10.13 -45.27
CA GLY A 652 10.26 -11.56 -45.38
C GLY A 652 9.22 -12.22 -46.26
N ALA A 653 8.15 -11.51 -46.63
CA ALA A 653 7.10 -12.08 -47.47
C ALA A 653 6.94 -11.26 -48.74
N GLU A 654 6.72 -11.96 -49.85
CA GLU A 654 6.53 -11.37 -51.17
C GLU A 654 5.13 -10.76 -51.28
N HIS A 655 4.97 -9.80 -52.19
CA HIS A 655 3.71 -9.14 -52.43
C HIS A 655 3.14 -9.58 -53.77
N VAL A 656 1.86 -9.92 -53.79
CA VAL A 656 1.15 -10.37 -54.98
C VAL A 656 0.03 -9.40 -55.28
N ASN A 657 0.00 -8.90 -56.53
CA ASN A 657 -1.05 -7.96 -56.95
C ASN A 657 -2.42 -8.61 -56.98
N ASN A 658 -2.49 -9.86 -57.43
CA ASN A 658 -3.77 -10.57 -57.51
C ASN A 658 -4.33 -10.87 -56.12
N SER A 659 -5.63 -10.66 -55.97
CA SER A 659 -6.31 -10.87 -54.70
C SER A 659 -6.82 -12.30 -54.61
N TYR A 660 -6.71 -12.88 -53.42
CA TYR A 660 -7.15 -14.24 -53.14
C TYR A 660 -7.92 -14.24 -51.82
N GLU A 661 -8.40 -15.41 -51.44
CA GLU A 661 -9.15 -15.54 -50.19
C GLU A 661 -8.20 -15.43 -49.01
N CYS A 662 -8.67 -14.77 -47.95
CA CYS A 662 -7.85 -14.59 -46.76
C CYS A 662 -7.65 -15.89 -45.99
N ASP A 663 -6.40 -16.12 -45.59
CA ASP A 663 -6.03 -17.30 -44.83
C ASP A 663 -5.66 -16.94 -43.40
N ILE A 664 -4.73 -16.00 -43.23
CA ILE A 664 -4.33 -15.53 -41.90
C ILE A 664 -4.55 -14.02 -41.92
N PRO A 665 -5.51 -13.51 -41.13
CA PRO A 665 -5.79 -12.07 -41.13
C PRO A 665 -4.80 -11.25 -40.32
N ILE A 666 -4.21 -10.24 -40.97
CA ILE A 666 -3.24 -9.36 -40.31
C ILE A 666 -3.94 -8.09 -39.86
N GLY A 667 -4.53 -7.37 -40.79
CA GLY A 667 -5.22 -6.13 -40.49
C GLY A 667 -5.07 -5.14 -41.62
N ALA A 668 -5.97 -4.13 -41.60
CA ALA A 668 -6.04 -3.04 -42.58
C ALA A 668 -6.22 -3.56 -44.01
N GLY A 669 -6.99 -4.64 -44.15
CA GLY A 669 -7.24 -5.22 -45.45
C GLY A 669 -6.09 -6.00 -46.06
N ILE A 670 -5.14 -6.46 -45.24
CA ILE A 670 -4.00 -7.23 -45.73
C ILE A 670 -4.08 -8.63 -45.16
N CYS A 671 -4.02 -9.63 -46.04
CA CYS A 671 -4.05 -11.03 -45.65
C CYS A 671 -2.91 -11.77 -46.35
N ALA A 672 -2.38 -12.78 -45.67
CA ALA A 672 -1.27 -13.56 -46.19
C ALA A 672 -1.69 -15.02 -46.34
N SER A 673 -0.85 -15.77 -47.06
CA SER A 673 -1.06 -17.19 -47.31
C SER A 673 0.26 -17.81 -47.71
N TYR A 674 0.30 -19.14 -47.68
CA TYR A 674 1.48 -19.90 -48.05
C TYR A 674 1.28 -20.46 -49.45
N GLN A 675 2.12 -20.04 -50.39
CA GLN A 675 2.04 -20.47 -51.77
C GLN A 675 3.34 -21.17 -52.16
N THR A 676 3.20 -22.31 -52.83
CA THR A 676 4.37 -23.08 -53.26
C THR A 676 4.59 -22.92 -54.77
N GLN A 690 7.25 -21.21 -52.89
CA GLN A 690 7.56 -21.84 -51.61
C GLN A 690 7.83 -20.78 -50.54
N SER A 691 7.19 -19.62 -50.69
CA SER A 691 7.35 -18.53 -49.74
C SER A 691 5.99 -17.94 -49.41
N ILE A 692 5.95 -17.21 -48.29
CA ILE A 692 4.72 -16.57 -47.84
C ILE A 692 4.45 -15.37 -48.73
N ILE A 693 3.22 -15.27 -49.23
CA ILE A 693 2.84 -14.17 -50.11
C ILE A 693 1.82 -13.29 -49.40
N ALA A 694 1.88 -11.99 -49.69
CA ALA A 694 0.98 -11.00 -49.13
C ALA A 694 0.11 -10.43 -50.24
N TYR A 695 -1.18 -10.28 -49.97
CA TYR A 695 -2.10 -9.76 -50.98
C TYR A 695 -3.25 -9.02 -50.32
N THR A 696 -3.96 -8.25 -51.14
CA THR A 696 -5.13 -7.51 -50.67
C THR A 696 -6.27 -8.49 -50.44
N MET A 697 -7.02 -8.29 -49.36
CA MET A 697 -8.13 -9.16 -49.01
C MET A 697 -9.26 -9.10 -50.02
N SER A 698 -9.73 -10.28 -50.43
CA SER A 698 -10.85 -10.44 -51.35
C SER A 698 -12.01 -10.98 -50.54
N LEU A 699 -13.17 -10.34 -50.68
CA LEU A 699 -14.35 -10.76 -49.93
C LEU A 699 -14.89 -12.10 -50.43
N GLY A 700 -15.03 -12.25 -51.74
CA GLY A 700 -15.54 -13.49 -52.28
C GLY A 700 -15.68 -13.39 -53.77
N ALA A 701 -16.17 -14.47 -54.36
CA ALA A 701 -16.37 -14.53 -55.80
C ALA A 701 -17.58 -13.68 -56.19
N GLU A 702 -17.45 -12.96 -57.29
CA GLU A 702 -18.55 -12.12 -57.76
C GLU A 702 -19.64 -12.99 -58.36
N ASN A 703 -20.88 -12.73 -57.98
CA ASN A 703 -22.03 -13.50 -58.47
C ASN A 703 -23.15 -12.53 -58.80
N SER A 704 -23.26 -12.17 -60.07
CA SER A 704 -24.32 -11.26 -60.49
C SER A 704 -25.64 -12.02 -60.55
N VAL A 705 -26.73 -11.27 -60.44
CA VAL A 705 -28.08 -11.84 -60.47
C VAL A 705 -28.77 -11.31 -61.72
N ALA A 706 -29.35 -12.22 -62.51
CA ALA A 706 -30.06 -11.86 -63.74
C ALA A 706 -31.46 -11.36 -63.37
N TYR A 707 -31.49 -10.15 -62.84
CA TYR A 707 -32.72 -9.52 -62.40
C TYR A 707 -33.42 -8.80 -63.55
N SER A 708 -34.73 -8.96 -63.62
CA SER A 708 -35.57 -8.32 -64.61
C SER A 708 -36.97 -8.27 -64.05
N ASN A 709 -37.88 -7.65 -64.81
CA ASN A 709 -39.26 -7.52 -64.35
C ASN A 709 -40.13 -8.75 -64.64
N ASN A 710 -39.68 -9.69 -65.46
CA ASN A 710 -40.45 -10.88 -65.77
C ASN A 710 -39.60 -12.14 -65.70
N SER A 711 -38.79 -12.28 -64.66
CA SER A 711 -37.95 -13.47 -64.51
C SER A 711 -37.89 -13.89 -63.05
N ILE A 712 -38.13 -15.18 -62.80
CA ILE A 712 -38.09 -15.72 -61.45
C ILE A 712 -37.29 -17.03 -61.47
N ALA A 713 -36.64 -17.32 -60.36
CA ALA A 713 -35.84 -18.53 -60.19
C ALA A 713 -36.47 -19.34 -59.08
N ILE A 714 -36.91 -20.56 -59.39
CA ILE A 714 -37.58 -21.44 -58.45
C ILE A 714 -36.81 -22.74 -58.38
N PRO A 715 -36.44 -23.22 -57.19
CA PRO A 715 -35.71 -24.49 -57.09
C PRO A 715 -36.55 -25.70 -57.45
N THR A 716 -35.89 -26.69 -58.03
CA THR A 716 -36.52 -27.94 -58.41
C THR A 716 -36.04 -29.11 -57.55
N ASN A 717 -34.88 -28.97 -56.93
CA ASN A 717 -34.31 -29.98 -56.06
C ASN A 717 -33.82 -29.30 -54.79
N PHE A 718 -33.67 -30.08 -53.73
CA PHE A 718 -33.22 -29.55 -52.46
C PHE A 718 -32.19 -30.47 -51.84
N THR A 719 -31.60 -30.00 -50.74
CA THR A 719 -30.60 -30.75 -49.99
C THR A 719 -30.88 -30.55 -48.51
N ILE A 720 -30.64 -31.60 -47.72
CA ILE A 720 -30.84 -31.55 -46.28
C ILE A 720 -29.45 -31.47 -45.66
N SER A 721 -29.18 -30.37 -44.97
CA SER A 721 -27.87 -30.17 -44.36
C SER A 721 -27.99 -30.14 -42.84
N VAL A 722 -26.96 -30.64 -42.18
CA VAL A 722 -26.88 -30.68 -40.72
C VAL A 722 -25.65 -29.88 -40.31
N THR A 723 -25.87 -28.82 -39.56
CA THR A 723 -24.79 -27.96 -39.08
C THR A 723 -24.56 -28.20 -37.61
N THR A 724 -23.33 -27.94 -37.18
CA THR A 724 -22.93 -28.14 -35.78
C THR A 724 -22.63 -26.78 -35.18
N GLU A 725 -23.31 -26.46 -34.08
CA GLU A 725 -23.12 -25.21 -33.36
C GLU A 725 -22.67 -25.52 -31.95
N ILE A 726 -21.59 -24.89 -31.53
CA ILE A 726 -21.01 -25.09 -30.21
C ILE A 726 -21.23 -23.82 -29.39
N LEU A 727 -21.86 -23.96 -28.22
CA LEU A 727 -22.13 -22.85 -27.33
C LEU A 727 -21.78 -23.23 -25.90
N PRO A 728 -20.98 -22.42 -25.20
CA PRO A 728 -20.64 -22.74 -23.81
C PRO A 728 -21.84 -22.52 -22.91
N VAL A 729 -21.93 -23.35 -21.87
CA VAL A 729 -23.07 -23.24 -20.95
C VAL A 729 -22.60 -22.88 -19.55
N SER A 730 -21.68 -23.67 -18.99
CA SER A 730 -21.21 -23.43 -17.64
C SER A 730 -19.70 -23.45 -17.56
N MET A 731 -19.18 -22.80 -16.52
CA MET A 731 -17.77 -22.70 -16.22
C MET A 731 -17.46 -23.59 -15.01
N THR A 732 -16.17 -23.81 -14.76
CA THR A 732 -15.77 -24.64 -13.64
C THR A 732 -16.04 -23.92 -12.32
N LYS A 733 -16.69 -24.61 -11.39
CA LYS A 733 -17.03 -24.05 -10.08
C LYS A 733 -15.78 -24.05 -9.21
N THR A 734 -15.20 -22.86 -9.01
CA THR A 734 -14.00 -22.71 -8.20
C THR A 734 -14.27 -21.79 -7.01
N SER A 735 -13.47 -21.98 -5.96
CA SER A 735 -13.56 -21.18 -4.75
C SER A 735 -12.17 -21.05 -4.17
N VAL A 736 -11.85 -19.86 -3.65
CA VAL A 736 -10.53 -19.60 -3.09
C VAL A 736 -10.68 -19.02 -1.69
N ASP A 737 -10.05 -19.67 -0.72
CA ASP A 737 -10.06 -19.19 0.66
C ASP A 737 -9.06 -18.05 0.75
N CYS A 738 -9.50 -16.92 1.31
CA CYS A 738 -8.62 -15.76 1.39
C CYS A 738 -7.54 -15.94 2.46
N THR A 739 -7.84 -16.71 3.50
CA THR A 739 -6.86 -16.91 4.57
C THR A 739 -5.70 -17.79 4.11
N MET A 740 -6.01 -18.89 3.42
CA MET A 740 -4.97 -19.82 2.95
C MET A 740 -4.12 -19.21 1.84
N TYR A 741 -4.74 -18.46 0.92
CA TYR A 741 -3.99 -17.89 -0.19
C TYR A 741 -3.06 -16.76 0.23
N ILE A 742 -3.46 -15.94 1.20
CA ILE A 742 -2.62 -14.82 1.61
C ILE A 742 -1.65 -15.22 2.72
N CYS A 743 -2.13 -15.83 3.81
CA CYS A 743 -1.27 -16.22 4.93
C CYS A 743 -1.51 -17.70 5.26
N GLY A 744 -0.78 -18.57 4.59
CA GLY A 744 -0.95 -20.00 4.80
C GLY A 744 -0.31 -20.47 6.10
N ASP A 745 -1.15 -20.87 7.07
CA ASP A 745 -0.77 -21.39 8.38
C ASP A 745 0.18 -20.47 9.16
N SER A 746 -0.12 -19.17 9.17
CA SER A 746 0.70 -18.19 9.87
C SER A 746 -0.21 -17.38 10.78
N THR A 747 0.00 -17.52 12.10
CA THR A 747 -0.81 -16.80 13.08
C THR A 747 -0.56 -15.29 13.03
N GLU A 748 0.70 -14.89 12.91
CA GLU A 748 1.05 -13.46 12.86
C GLU A 748 0.50 -12.79 11.60
N CYS A 749 0.57 -13.49 10.46
CA CYS A 749 0.07 -12.94 9.20
C CYS A 749 -1.45 -12.83 9.20
N SER A 750 -2.13 -13.75 9.88
CA SER A 750 -3.59 -13.73 9.94
C SER A 750 -4.10 -12.53 10.73
N ASN A 751 -3.39 -12.14 11.79
CA ASN A 751 -3.79 -10.99 12.60
C ASN A 751 -3.67 -9.69 11.82
N LEU A 752 -2.63 -9.58 10.97
CA LEU A 752 -2.45 -8.37 10.17
C LEU A 752 -3.50 -8.25 9.07
N LEU A 753 -4.05 -9.38 8.63
CA LEU A 753 -5.08 -9.33 7.59
C LEU A 753 -6.42 -8.86 8.16
N LEU A 754 -6.67 -9.16 9.43
CA LEU A 754 -7.92 -8.78 10.09
C LEU A 754 -8.09 -7.27 10.26
N GLN A 755 -7.00 -6.50 10.27
CA GLN A 755 -7.15 -5.06 10.44
C GLN A 755 -7.62 -4.35 9.18
N TYR A 756 -7.55 -5.00 8.01
CA TYR A 756 -7.99 -4.36 6.79
C TYR A 756 -9.51 -4.30 6.69
N GLY A 757 -10.23 -5.14 7.42
CA GLY A 757 -11.68 -5.14 7.39
C GLY A 757 -12.23 -6.40 6.73
N SER A 758 -13.14 -6.22 5.78
CA SER A 758 -13.80 -7.33 5.09
C SER A 758 -13.52 -7.37 3.59
N PHE A 759 -12.27 -7.14 3.17
CA PHE A 759 -11.96 -7.20 1.74
C PHE A 759 -12.05 -8.62 1.21
N CYS A 760 -11.46 -9.59 1.91
CA CYS A 760 -11.55 -10.94 1.36
C CYS A 760 -12.84 -11.63 1.77
N THR A 761 -13.57 -11.08 2.75
CA THR A 761 -14.83 -11.68 3.16
C THR A 761 -15.87 -11.54 2.04
N GLN A 762 -15.84 -10.38 1.35
CA GLN A 762 -16.74 -10.17 0.23
C GLN A 762 -16.24 -10.89 -1.01
N LEU A 763 -14.94 -11.26 -1.04
CA LEU A 763 -14.41 -11.98 -2.19
C LEU A 763 -14.90 -13.42 -2.19
N ASN A 764 -15.01 -14.03 -1.00
CA ASN A 764 -15.50 -15.39 -0.89
C ASN A 764 -16.99 -15.44 -1.23
N ARG A 765 -17.73 -14.38 -0.88
CA ARG A 765 -19.15 -14.31 -1.21
C ARG A 765 -19.34 -14.08 -2.70
N ALA A 766 -18.43 -13.31 -3.31
CA ALA A 766 -18.53 -13.06 -4.75
C ALA A 766 -18.12 -14.30 -5.54
N LEU A 767 -17.12 -15.04 -5.05
CA LEU A 767 -16.67 -16.24 -5.73
C LEU A 767 -17.69 -17.36 -5.62
N THR A 768 -18.36 -17.47 -4.47
CA THR A 768 -19.35 -18.53 -4.32
C THR A 768 -20.64 -18.20 -5.08
N GLY A 769 -20.85 -16.93 -5.44
CA GLY A 769 -22.04 -16.57 -6.20
C GLY A 769 -21.94 -17.03 -7.63
N ILE A 770 -20.71 -17.10 -8.16
CA ILE A 770 -20.50 -17.57 -9.53
C ILE A 770 -20.73 -19.08 -9.59
N ALA A 771 -20.31 -19.81 -8.55
CA ALA A 771 -20.48 -21.26 -8.49
C ALA A 771 -21.95 -21.65 -8.47
N VAL A 772 -22.78 -20.88 -7.76
CA VAL A 772 -24.21 -21.15 -7.73
C VAL A 772 -24.81 -20.82 -9.10
N GLU A 773 -24.29 -19.79 -9.75
CA GLU A 773 -24.75 -19.39 -11.08
C GLU A 773 -24.42 -20.43 -12.14
N GLN A 774 -23.33 -21.20 -11.94
CA GLN A 774 -22.97 -22.24 -12.91
C GLN A 774 -23.99 -23.37 -12.89
N ASP A 775 -24.52 -23.71 -11.72
CA ASP A 775 -25.52 -24.75 -11.63
C ASP A 775 -26.86 -24.26 -12.17
N LYS A 776 -27.14 -22.97 -11.99
CA LYS A 776 -28.38 -22.39 -12.50
C LYS A 776 -28.35 -22.32 -14.01
N ASN A 777 -27.18 -22.02 -14.59
CA ASN A 777 -27.03 -21.94 -16.04
C ASN A 777 -27.22 -23.31 -16.69
N THR A 778 -26.69 -24.36 -16.05
CA THR A 778 -26.83 -25.70 -16.59
C THR A 778 -28.27 -26.19 -16.50
N GLN A 779 -28.95 -25.88 -15.40
CA GLN A 779 -30.34 -26.29 -15.22
C GLN A 779 -31.28 -25.53 -16.15
N GLU A 780 -30.95 -24.29 -16.50
CA GLU A 780 -31.81 -23.52 -17.39
C GLU A 780 -31.71 -23.99 -18.84
N VAL A 781 -30.66 -24.72 -19.20
CA VAL A 781 -30.46 -25.21 -20.55
C VAL A 781 -30.88 -26.68 -20.70
N PHE A 782 -30.32 -27.56 -19.86
CA PHE A 782 -30.63 -28.97 -19.98
C PHE A 782 -31.90 -29.38 -19.24
N ALA A 783 -32.05 -28.93 -17.99
CA ALA A 783 -33.22 -29.30 -17.18
C ALA A 783 -34.42 -28.41 -17.55
N GLN A 784 -34.98 -28.70 -18.73
CA GLN A 784 -36.14 -27.99 -19.24
C GLN A 784 -37.38 -28.86 -19.30
N VAL A 785 -37.26 -30.13 -18.93
CA VAL A 785 -38.37 -31.07 -18.94
C VAL A 785 -38.34 -31.85 -17.63
N LYS A 786 -39.51 -32.18 -17.09
CA LYS A 786 -39.61 -32.91 -15.84
C LYS A 786 -39.99 -34.37 -16.06
N GLN A 787 -39.97 -34.83 -17.31
CA GLN A 787 -40.29 -36.20 -17.65
C GLN A 787 -39.15 -36.76 -18.49
N ILE A 788 -38.79 -38.02 -18.22
CA ILE A 788 -37.70 -38.68 -18.92
C ILE A 788 -38.34 -39.66 -19.90
N TYR A 789 -38.32 -39.30 -21.18
CA TYR A 789 -38.86 -40.13 -22.23
C TYR A 789 -37.79 -41.07 -22.75
N LYS A 790 -38.21 -42.25 -23.19
CA LYS A 790 -37.28 -43.25 -23.72
C LYS A 790 -37.74 -43.70 -25.10
N THR A 791 -36.77 -44.01 -25.93
CA THR A 791 -37.05 -44.46 -27.29
C THR A 791 -37.55 -45.90 -27.28
N PRO A 792 -38.44 -46.27 -28.19
CA PRO A 792 -38.95 -47.64 -28.25
C PRO A 792 -37.87 -48.59 -28.76
N PRO A 793 -37.99 -49.89 -28.48
CA PRO A 793 -36.96 -50.84 -28.95
C PRO A 793 -36.90 -51.00 -30.46
N ILE A 794 -37.94 -50.62 -31.20
CA ILE A 794 -37.94 -50.71 -32.66
C ILE A 794 -37.63 -49.32 -33.23
N LYS A 795 -36.66 -49.28 -34.15
CA LYS A 795 -36.25 -48.02 -34.77
C LYS A 795 -36.99 -47.80 -36.09
N ASP A 796 -38.31 -47.72 -35.99
CA ASP A 796 -39.16 -47.51 -37.17
C ASP A 796 -39.45 -46.02 -37.33
N PHE A 797 -38.40 -45.28 -37.72
CA PHE A 797 -38.49 -43.84 -37.93
C PHE A 797 -38.63 -43.49 -39.41
N GLY A 798 -39.13 -44.41 -40.22
CA GLY A 798 -39.29 -44.14 -41.64
C GLY A 798 -38.00 -44.07 -42.42
N GLY A 799 -36.95 -44.72 -41.95
CA GLY A 799 -35.66 -44.71 -42.61
C GLY A 799 -34.64 -43.76 -42.03
N PHE A 800 -35.06 -42.88 -41.12
CA PHE A 800 -34.15 -41.91 -40.50
C PHE A 800 -33.30 -42.62 -39.44
N ASN A 801 -32.02 -42.83 -39.75
CA ASN A 801 -31.12 -43.49 -38.82
C ASN A 801 -30.79 -42.54 -37.67
N PHE A 802 -30.98 -43.02 -36.44
CA PHE A 802 -30.72 -42.21 -35.24
C PHE A 802 -29.76 -42.88 -34.28
N SER A 803 -28.99 -43.88 -34.74
CA SER A 803 -28.06 -44.57 -33.86
C SER A 803 -26.88 -43.71 -33.42
N GLN A 804 -26.53 -42.68 -34.19
CA GLN A 804 -25.41 -41.83 -33.81
C GLN A 804 -25.72 -40.90 -32.65
N ILE A 805 -26.92 -40.30 -32.63
CA ILE A 805 -27.28 -39.38 -31.56
C ILE A 805 -27.93 -40.06 -30.36
N LEU A 806 -28.50 -41.26 -30.52
CA LEU A 806 -29.11 -41.92 -29.39
C LEU A 806 -28.04 -42.61 -28.54
N PRO A 807 -28.26 -42.73 -27.22
CA PRO A 807 -27.26 -43.39 -26.37
C PRO A 807 -27.14 -44.88 -26.65
N ASP A 808 -25.94 -45.40 -26.38
CA ASP A 808 -25.64 -46.81 -26.60
C ASP A 808 -25.71 -47.57 -25.28
N PRO A 809 -26.60 -48.56 -25.13
CA PRO A 809 -26.67 -49.30 -23.86
C PRO A 809 -25.48 -50.20 -23.59
N SER A 810 -24.69 -50.54 -24.62
CA SER A 810 -23.52 -51.41 -24.43
C SER A 810 -22.43 -50.71 -23.61
N LYS A 811 -22.27 -49.40 -23.81
CA LYS A 811 -21.29 -48.64 -23.08
C LYS A 811 -21.72 -48.49 -21.62
N PRO A 812 -20.77 -48.50 -20.67
CA PRO A 812 -21.14 -48.33 -19.24
C PRO A 812 -21.79 -46.98 -18.94
N SER A 813 -21.39 -45.92 -19.63
CA SER A 813 -21.99 -44.60 -19.46
C SER A 813 -23.01 -44.43 -20.57
N LYS A 814 -24.20 -43.96 -20.20
CA LYS A 814 -25.28 -43.77 -21.18
C LYS A 814 -25.02 -42.50 -21.99
N ARG A 815 -24.14 -42.63 -22.98
CA ARG A 815 -23.76 -41.54 -23.86
C ARG A 815 -23.78 -42.04 -25.30
N SER A 816 -24.05 -41.13 -26.22
CA SER A 816 -24.10 -41.46 -27.63
C SER A 816 -22.70 -41.50 -28.22
N PHE A 817 -22.63 -41.93 -29.49
CA PHE A 817 -21.35 -42.00 -30.20
C PHE A 817 -20.79 -40.62 -30.46
N ILE A 818 -21.64 -39.66 -30.84
CA ILE A 818 -21.19 -38.30 -31.09
C ILE A 818 -20.80 -37.63 -29.78
N GLU A 819 -21.53 -37.91 -28.70
CA GLU A 819 -21.20 -37.33 -27.39
C GLU A 819 -19.88 -37.86 -26.85
N ASP A 820 -19.53 -39.10 -27.20
CA ASP A 820 -18.27 -39.68 -26.77
C ASP A 820 -17.10 -39.01 -27.48
N LEU A 821 -17.32 -38.60 -28.74
CA LEU A 821 -16.27 -37.92 -29.51
C LEU A 821 -16.00 -36.53 -28.95
N LEU A 822 -17.05 -35.87 -28.44
CA LEU A 822 -16.92 -34.53 -27.87
C LEU A 822 -16.15 -34.57 -26.55
N PHE A 823 -16.32 -35.64 -25.77
CA PHE A 823 -15.62 -35.74 -24.49
C PHE A 823 -14.13 -35.98 -24.68
N ASN A 824 -13.73 -36.63 -25.77
CA ASN A 824 -12.34 -36.94 -26.05
C ASN A 824 -11.59 -35.80 -26.72
N LYS A 825 -12.25 -34.70 -27.06
CA LYS A 825 -11.60 -33.57 -27.72
C LYS A 825 -11.45 -32.37 -26.80
N VAL A 826 -11.74 -32.51 -25.51
CA VAL A 826 -11.62 -31.43 -24.55
C VAL A 826 -10.66 -31.89 -23.45
N THR A 827 -9.58 -31.13 -23.24
CA THR A 827 -8.60 -31.47 -22.23
C THR A 827 -8.74 -30.58 -21.00
N PHE A 855 -4.63 -26.51 -4.10
CA PHE A 855 -3.59 -27.22 -3.36
C PHE A 855 -2.94 -26.31 -2.31
N ASN A 856 -3.00 -25.01 -2.57
CA ASN A 856 -2.42 -24.00 -1.68
C ASN A 856 -3.39 -22.85 -1.44
N GLY A 857 -4.68 -23.16 -1.34
CA GLY A 857 -5.72 -22.16 -1.12
C GLY A 857 -6.78 -22.13 -2.19
N LEU A 858 -6.65 -22.94 -3.24
CA LEU A 858 -7.63 -22.99 -4.31
C LEU A 858 -8.45 -24.26 -4.17
N THR A 859 -9.77 -24.13 -4.34
CA THR A 859 -10.67 -25.27 -4.23
C THR A 859 -11.53 -25.32 -5.48
N VAL A 860 -11.59 -26.49 -6.11
CA VAL A 860 -12.38 -26.71 -7.31
C VAL A 860 -13.61 -27.50 -6.88
N LEU A 861 -14.74 -26.82 -6.79
CA LEU A 861 -15.96 -27.49 -6.38
C LEU A 861 -16.53 -28.31 -7.53
N PRO A 862 -17.02 -29.51 -7.26
CA PRO A 862 -17.59 -30.33 -8.33
C PRO A 862 -18.95 -29.78 -8.74
N PRO A 863 -19.36 -29.98 -9.99
CA PRO A 863 -20.67 -29.47 -10.43
C PRO A 863 -21.80 -30.25 -9.81
N LEU A 864 -22.97 -29.63 -9.79
CA LEU A 864 -24.18 -30.25 -9.22
C LEU A 864 -24.60 -31.47 -10.06
N LEU A 865 -24.50 -31.37 -11.36
CA LEU A 865 -24.87 -32.45 -12.26
C LEU A 865 -23.60 -33.10 -12.80
N THR A 866 -23.52 -34.42 -12.70
CA THR A 866 -22.37 -35.17 -13.15
C THR A 866 -22.33 -35.28 -14.68
N ASP A 867 -21.34 -36.01 -15.19
CA ASP A 867 -21.19 -36.21 -16.62
C ASP A 867 -22.32 -37.06 -17.18
N GLU A 868 -22.72 -38.11 -16.46
CA GLU A 868 -23.83 -38.94 -16.91
C GLU A 868 -25.17 -38.28 -16.67
N MET A 869 -25.21 -37.27 -15.80
CA MET A 869 -26.46 -36.57 -15.52
C MET A 869 -26.86 -35.69 -16.70
N ILE A 870 -25.88 -35.07 -17.36
CA ILE A 870 -26.13 -34.22 -18.51
C ILE A 870 -26.56 -35.05 -19.71
N ALA A 871 -25.93 -36.22 -19.89
CA ALA A 871 -26.27 -37.10 -21.01
C ALA A 871 -27.66 -37.69 -20.87
N GLN A 872 -28.16 -37.86 -19.65
CA GLN A 872 -29.51 -38.39 -19.48
C GLN A 872 -30.55 -37.32 -19.79
N TYR A 873 -30.23 -36.05 -19.52
CA TYR A 873 -31.16 -34.97 -19.82
C TYR A 873 -31.27 -34.77 -21.33
N THR A 874 -30.15 -34.89 -22.05
CA THR A 874 -30.18 -34.73 -23.50
C THR A 874 -30.86 -35.93 -24.15
N SER A 875 -30.79 -37.10 -23.52
CA SER A 875 -31.45 -38.29 -24.04
C SER A 875 -32.96 -38.16 -23.93
N ALA A 876 -33.44 -37.51 -22.87
CA ALA A 876 -34.87 -37.30 -22.69
C ALA A 876 -35.41 -36.31 -23.72
N LEU A 877 -34.62 -35.27 -24.03
CA LEU A 877 -35.03 -34.29 -25.03
C LEU A 877 -34.97 -34.90 -26.43
N LEU A 878 -34.02 -35.81 -26.66
CA LEU A 878 -33.90 -36.45 -27.96
C LEU A 878 -35.06 -37.40 -28.22
N ALA A 879 -35.51 -38.12 -27.19
CA ALA A 879 -36.64 -39.02 -27.35
C ALA A 879 -37.94 -38.24 -27.51
N GLY A 880 -38.05 -37.10 -26.82
CA GLY A 880 -39.24 -36.28 -26.95
C GLY A 880 -39.36 -35.61 -28.31
N THR A 881 -38.23 -35.16 -28.86
CA THR A 881 -38.24 -34.50 -30.16
C THR A 881 -38.56 -35.49 -31.29
N ILE A 882 -38.07 -36.72 -31.17
CA ILE A 882 -38.30 -37.72 -32.22
C ILE A 882 -39.70 -38.33 -32.10
N THR A 883 -40.09 -38.77 -30.92
CA THR A 883 -41.39 -39.41 -30.76
C THR A 883 -42.56 -38.45 -30.59
N SER A 884 -42.33 -37.17 -30.28
CA SER A 884 -43.45 -36.26 -30.10
C SER A 884 -43.31 -34.91 -30.80
N GLY A 885 -42.15 -34.56 -31.33
CA GLY A 885 -42.00 -33.28 -32.01
C GLY A 885 -41.93 -32.15 -31.01
N TRP A 886 -42.75 -31.12 -31.21
CA TRP A 886 -42.78 -29.97 -30.32
C TRP A 886 -43.93 -30.04 -29.32
N THR A 887 -44.70 -31.13 -29.32
CA THR A 887 -45.82 -31.24 -28.39
C THR A 887 -45.36 -31.53 -26.97
N PHE A 888 -44.19 -32.14 -26.79
CA PHE A 888 -43.72 -32.44 -25.44
C PHE A 888 -43.23 -31.19 -24.72
N GLY A 889 -42.83 -30.16 -25.45
CA GLY A 889 -42.37 -28.94 -24.82
C GLY A 889 -43.52 -28.10 -24.30
N ALA A 890 -44.58 -28.00 -25.09
CA ALA A 890 -45.75 -27.22 -24.70
C ALA A 890 -46.53 -27.91 -23.59
N GLY A 891 -46.83 -29.20 -23.76
CA GLY A 891 -47.58 -29.93 -22.76
C GLY A 891 -47.13 -31.36 -22.62
N ALA A 892 -48.09 -32.29 -22.61
CA ALA A 892 -47.78 -33.70 -22.48
C ALA A 892 -47.20 -34.24 -23.79
N ALA A 893 -46.59 -35.42 -23.71
CA ALA A 893 -46.01 -36.05 -24.89
C ALA A 893 -47.09 -36.65 -25.77
N LEU A 894 -47.25 -36.09 -26.97
CA LEU A 894 -48.24 -36.56 -27.93
C LEU A 894 -47.48 -37.38 -28.98
N GLN A 895 -47.74 -38.69 -29.02
CA GLN A 895 -47.07 -39.56 -29.98
C GLN A 895 -47.49 -39.23 -31.40
N ILE A 896 -46.52 -39.27 -32.31
CA ILE A 896 -46.73 -38.96 -33.73
C ILE A 896 -45.62 -39.65 -34.50
N PRO A 897 -45.90 -40.25 -35.67
CA PRO A 897 -44.85 -40.91 -36.45
C PRO A 897 -43.81 -39.90 -36.96
N PHE A 898 -42.55 -40.34 -37.02
CA PHE A 898 -41.50 -39.45 -37.50
C PHE A 898 -41.62 -39.21 -39.00
N ALA A 899 -42.19 -40.17 -39.73
CA ALA A 899 -42.41 -40.00 -41.17
C ALA A 899 -43.48 -38.97 -41.45
N MET A 900 -44.32 -38.68 -40.45
CA MET A 900 -45.40 -37.71 -40.55
C MET A 900 -45.05 -36.41 -39.83
N GLN A 901 -44.09 -36.47 -38.89
CA GLN A 901 -43.67 -35.26 -38.17
C GLN A 901 -42.94 -34.31 -39.10
N MET A 902 -42.16 -34.85 -40.05
CA MET A 902 -41.41 -34.03 -41.00
C MET A 902 -42.32 -33.27 -41.94
N ALA A 903 -43.56 -33.74 -42.16
CA ALA A 903 -44.48 -33.01 -43.02
C ALA A 903 -44.96 -31.75 -42.33
N TYR A 904 -45.00 -31.78 -41.00
CA TYR A 904 -45.38 -30.61 -40.21
C TYR A 904 -44.30 -29.54 -40.29
N ARG A 905 -43.04 -29.97 -40.33
CA ARG A 905 -41.92 -29.03 -40.41
C ARG A 905 -41.84 -28.41 -41.79
N PHE A 906 -42.16 -29.17 -42.85
CA PHE A 906 -42.14 -28.61 -44.19
C PHE A 906 -43.30 -27.64 -44.39
N ASN A 907 -44.43 -27.89 -43.74
CA ASN A 907 -45.59 -27.02 -43.86
C ASN A 907 -45.35 -25.66 -43.21
N GLY A 908 -44.45 -25.58 -42.24
CA GLY A 908 -44.13 -24.32 -41.59
C GLY A 908 -43.20 -23.42 -42.37
N ILE A 909 -42.52 -23.95 -43.39
CA ILE A 909 -41.60 -23.16 -44.20
C ILE A 909 -42.15 -22.92 -45.60
N GLY A 910 -43.43 -23.18 -45.83
CA GLY A 910 -44.03 -22.96 -47.13
C GLY A 910 -43.94 -24.07 -48.13
N VAL A 911 -43.65 -25.30 -47.70
CA VAL A 911 -43.54 -26.46 -48.57
C VAL A 911 -44.70 -27.39 -48.25
N THR A 912 -45.43 -27.82 -49.28
CA THR A 912 -46.55 -28.72 -49.07
C THR A 912 -46.07 -30.10 -48.64
N GLN A 913 -46.97 -30.86 -48.00
CA GLN A 913 -46.66 -32.18 -47.49
C GLN A 913 -46.43 -33.23 -48.58
N ASN A 914 -46.84 -32.97 -49.82
CA ASN A 914 -46.64 -33.95 -50.89
C ASN A 914 -45.17 -34.12 -51.27
N VAL A 915 -44.34 -33.12 -50.99
CA VAL A 915 -42.91 -33.20 -51.34
C VAL A 915 -42.20 -34.21 -50.46
N LEU A 916 -42.57 -34.28 -49.18
CA LEU A 916 -41.93 -35.22 -48.25
C LEU A 916 -42.25 -36.67 -48.58
N TYR A 917 -43.52 -37.00 -48.74
CA TYR A 917 -43.92 -38.38 -49.01
C TYR A 917 -43.47 -38.86 -50.39
N GLU A 918 -43.38 -37.98 -51.38
CA GLU A 918 -42.93 -38.40 -52.70
C GLU A 918 -41.43 -38.59 -52.75
N ASN A 919 -40.69 -38.01 -51.81
CA ASN A 919 -39.24 -38.10 -51.74
C ASN A 919 -38.79 -38.53 -50.36
N GLN A 920 -39.50 -39.49 -49.75
CA GLN A 920 -39.15 -39.97 -48.42
C GLN A 920 -37.82 -40.71 -48.40
N LYS A 921 -37.54 -41.51 -49.44
CA LYS A 921 -36.29 -42.25 -49.49
C LYS A 921 -35.11 -41.33 -49.76
N LEU A 922 -35.32 -40.26 -50.55
CA LEU A 922 -34.23 -39.33 -50.85
C LEU A 922 -33.91 -38.47 -49.63
N ILE A 923 -34.92 -38.08 -48.87
CA ILE A 923 -34.71 -37.25 -47.69
C ILE A 923 -34.03 -38.07 -46.58
N ALA A 924 -34.45 -39.32 -46.40
CA ALA A 924 -33.86 -40.20 -45.40
C ALA A 924 -32.40 -40.51 -45.71
N ASN A 925 -32.09 -40.71 -46.99
CA ASN A 925 -30.71 -40.99 -47.38
C ASN A 925 -29.84 -39.75 -47.25
N GLN A 926 -30.41 -38.57 -47.50
CA GLN A 926 -29.65 -37.32 -47.37
C GLN A 926 -29.38 -37.01 -45.91
N PHE A 927 -30.33 -37.32 -45.03
CA PHE A 927 -30.13 -37.04 -43.61
C PHE A 927 -29.11 -37.98 -42.99
N ASN A 928 -29.11 -39.26 -43.38
CA ASN A 928 -28.15 -40.23 -42.84
C ASN A 928 -26.73 -39.90 -43.28
N SER A 929 -26.57 -39.38 -44.50
CA SER A 929 -25.25 -39.01 -44.98
C SER A 929 -24.75 -37.76 -44.28
N ALA A 930 -25.67 -36.85 -43.91
CA ALA A 930 -25.28 -35.62 -43.24
C ALA A 930 -24.84 -35.88 -41.80
N ILE A 931 -25.46 -36.85 -41.12
CA ILE A 931 -25.08 -37.17 -39.74
C ILE A 931 -23.70 -37.84 -39.73
N GLY A 932 -23.43 -38.69 -40.72
CA GLY A 932 -22.15 -39.37 -40.83
C GLY A 932 -21.00 -38.44 -41.14
N LYS A 933 -21.27 -37.30 -41.77
CA LYS A 933 -20.21 -36.34 -42.09
C LYS A 933 -19.71 -35.60 -40.84
N ILE A 934 -20.51 -35.55 -39.77
CA ILE A 934 -20.11 -34.88 -38.55
C ILE A 934 -18.99 -35.66 -37.86
N GLN A 935 -18.99 -37.00 -38.00
CA GLN A 935 -17.96 -37.83 -37.40
C GLN A 935 -16.60 -37.57 -38.02
N ASP A 936 -16.55 -37.43 -39.35
CA ASP A 936 -15.30 -37.16 -40.03
C ASP A 936 -14.85 -35.72 -39.89
N SER A 937 -15.81 -34.78 -39.80
CA SER A 937 -15.46 -33.37 -39.68
C SER A 937 -14.90 -33.05 -38.30
N LEU A 938 -15.44 -33.67 -37.25
CA LEU A 938 -14.95 -33.40 -35.90
C LEU A 938 -13.61 -34.09 -35.63
N SER A 939 -13.43 -35.31 -36.13
CA SER A 939 -12.19 -36.05 -35.90
C SER A 939 -11.02 -35.47 -36.68
N SER A 940 -11.20 -35.13 -37.96
CA SER A 940 -10.10 -34.60 -38.75
C SER A 940 -9.79 -33.15 -38.39
N THR A 941 -10.82 -32.31 -38.26
CA THR A 941 -10.63 -30.90 -37.92
C THR A 941 -10.84 -30.72 -36.43
N ALA A 942 -9.72 -30.61 -35.69
CA ALA A 942 -9.78 -30.42 -34.24
C ALA A 942 -10.07 -28.98 -33.84
N SER A 943 -10.04 -28.04 -34.79
CA SER A 943 -10.30 -26.64 -34.51
C SER A 943 -11.79 -26.30 -34.47
N ALA A 944 -12.67 -27.27 -34.69
CA ALA A 944 -14.11 -27.03 -34.66
C ALA A 944 -14.62 -26.73 -33.26
N LEU A 945 -13.90 -27.17 -32.23
CA LEU A 945 -14.27 -26.94 -30.83
C LEU A 945 -13.47 -25.80 -30.21
N GLY A 946 -13.15 -24.78 -31.01
CA GLY A 946 -12.38 -23.64 -30.52
C GLY A 946 -13.11 -22.83 -29.48
N LYS A 947 -14.44 -22.80 -29.52
CA LYS A 947 -15.21 -22.04 -28.54
C LYS A 947 -15.15 -22.70 -27.16
N LEU A 948 -15.31 -24.03 -27.11
CA LEU A 948 -15.25 -24.72 -25.83
C LEU A 948 -13.84 -24.90 -25.31
N GLN A 949 -12.85 -24.97 -26.22
CA GLN A 949 -11.46 -25.13 -25.79
C GLN A 949 -10.94 -23.87 -25.12
N ASP A 950 -11.39 -22.69 -25.56
CA ASP A 950 -10.93 -21.45 -24.95
C ASP A 950 -11.50 -21.26 -23.55
N VAL A 951 -12.68 -21.84 -23.28
CA VAL A 951 -13.29 -21.73 -21.95
C VAL A 951 -12.44 -22.48 -20.92
N VAL A 952 -12.01 -23.69 -21.26
CA VAL A 952 -11.20 -24.48 -20.35
C VAL A 952 -9.79 -23.91 -20.27
N ASN A 953 -9.26 -23.41 -21.39
CA ASN A 953 -7.90 -22.85 -21.42
C ASN A 953 -7.79 -21.57 -20.61
N GLN A 954 -8.79 -20.69 -20.69
CA GLN A 954 -8.74 -19.44 -19.93
C GLN A 954 -8.88 -19.70 -18.43
N ASN A 955 -9.70 -20.68 -18.05
CA ASN A 955 -9.85 -20.97 -16.63
C ASN A 955 -8.64 -21.71 -16.07
N ALA A 956 -7.93 -22.46 -16.92
CA ALA A 956 -6.75 -23.17 -16.47
C ALA A 956 -5.59 -22.21 -16.27
N GLN A 957 -5.43 -21.24 -17.18
CA GLN A 957 -4.36 -20.27 -17.05
C GLN A 957 -4.65 -19.24 -15.97
N ALA A 958 -5.92 -19.03 -15.61
CA ALA A 958 -6.26 -18.06 -14.57
C ALA A 958 -5.81 -18.55 -13.20
N LEU A 959 -6.03 -19.84 -12.92
CA LEU A 959 -5.59 -20.39 -11.64
C LEU A 959 -4.08 -20.58 -11.63
N ASN A 960 -3.47 -20.80 -12.80
CA ASN A 960 -2.03 -20.95 -12.90
C ASN A 960 -1.36 -19.61 -12.67
N THR A 961 -2.00 -18.52 -13.09
CA THR A 961 -1.47 -17.17 -12.89
C THR A 961 -1.55 -16.76 -11.42
N LEU A 962 -2.63 -17.18 -10.75
CA LEU A 962 -2.84 -16.84 -9.34
C LEU A 962 -1.78 -17.46 -8.44
N VAL A 963 -1.40 -18.72 -8.72
CA VAL A 963 -0.37 -19.34 -7.89
C VAL A 963 1.03 -18.92 -8.31
N LYS A 964 1.20 -18.42 -9.54
CA LYS A 964 2.52 -17.98 -9.99
C LYS A 964 2.91 -16.67 -9.33
N GLN A 965 1.94 -15.85 -8.94
CA GLN A 965 2.22 -14.58 -8.29
C GLN A 965 2.66 -14.75 -6.84
N LEU A 966 2.48 -15.94 -6.25
CA LEU A 966 2.88 -16.18 -4.87
C LEU A 966 4.39 -16.22 -4.71
N SER A 967 5.13 -16.54 -5.78
CA SER A 967 6.58 -16.59 -5.73
C SER A 967 7.23 -15.23 -5.86
N SER A 968 6.47 -14.19 -6.18
CA SER A 968 7.04 -12.85 -6.31
C SER A 968 7.25 -12.23 -4.94
N ASN A 969 8.36 -11.49 -4.81
CA ASN A 969 8.69 -10.85 -3.54
C ASN A 969 7.87 -9.60 -3.26
N PHE A 970 7.33 -8.96 -4.30
CA PHE A 970 6.53 -7.73 -4.22
C PHE A 970 7.29 -6.59 -3.56
N GLY A 971 8.60 -6.51 -3.81
CA GLY A 971 9.43 -5.49 -3.24
C GLY A 971 10.04 -5.84 -1.90
N ALA A 972 9.59 -6.91 -1.26
CA ALA A 972 10.12 -7.33 0.03
C ALA A 972 11.42 -8.11 -0.17
N ILE A 973 11.99 -8.56 0.95
CA ILE A 973 13.24 -9.32 0.91
C ILE A 973 13.01 -10.71 0.32
N SER A 974 11.93 -11.38 0.73
CA SER A 974 11.64 -12.72 0.23
C SER A 974 10.14 -12.92 0.13
N SER A 975 9.75 -13.88 -0.69
CA SER A 975 8.34 -14.20 -0.90
C SER A 975 7.79 -15.20 0.11
N VAL A 976 8.65 -15.80 0.93
CA VAL A 976 8.22 -16.77 1.93
C VAL A 976 7.87 -16.03 3.21
N LEU A 977 6.65 -16.26 3.72
CA LEU A 977 6.20 -15.62 4.94
C LEU A 977 6.99 -16.09 6.15
N ASN A 978 7.34 -17.38 6.19
CA ASN A 978 8.08 -17.93 7.32
C ASN A 978 9.54 -17.49 7.33
N ASP A 979 10.09 -17.14 6.17
CA ASP A 979 11.49 -16.71 6.10
C ASP A 979 11.68 -15.32 6.70
N ILE A 980 10.69 -14.43 6.50
CA ILE A 980 10.79 -13.06 7.02
C ILE A 980 10.64 -13.06 8.55
N LEU A 981 9.71 -13.85 9.07
CA LEU A 981 9.49 -13.91 10.52
C LEU A 981 10.66 -14.55 11.26
N SER A 982 11.28 -15.57 10.66
CA SER A 982 12.39 -16.24 11.33
C SER A 982 13.68 -15.44 11.26
N ARG A 983 13.90 -14.67 10.19
CA ARG A 983 15.13 -13.89 10.06
C ARG A 983 15.03 -12.50 10.68
N LEU A 984 13.88 -11.84 10.55
CA LEU A 984 13.70 -10.50 11.09
C LEU A 984 12.78 -10.52 12.30
N ASP A 985 13.01 -9.57 13.20
CA ASP A 985 12.21 -9.45 14.41
C ASP A 985 10.80 -8.95 14.08
N PRO A 986 9.79 -9.32 14.88
CA PRO A 986 8.39 -8.90 14.62
C PRO A 986 8.13 -7.39 14.59
N PRO A 987 8.80 -6.51 15.39
CA PRO A 987 8.47 -5.07 15.22
C PRO A 987 8.95 -4.45 13.93
N GLU A 988 9.91 -5.05 13.23
CA GLU A 988 10.42 -4.52 11.98
C GLU A 988 9.96 -5.31 10.76
N ALA A 989 9.73 -6.62 10.89
CA ALA A 989 9.30 -7.44 9.76
C ALA A 989 7.86 -7.16 9.35
N GLU A 990 7.06 -6.52 10.23
CA GLU A 990 5.67 -6.22 9.91
C GLU A 990 5.54 -5.19 8.78
N VAL A 991 6.57 -4.36 8.56
CA VAL A 991 6.52 -3.38 7.48
C VAL A 991 6.63 -4.10 6.14
N GLN A 992 7.54 -5.07 6.04
CA GLN A 992 7.72 -5.84 4.81
C GLN A 992 6.54 -6.78 4.57
N ILE A 993 5.94 -7.31 5.63
CA ILE A 993 4.80 -8.21 5.49
C ILE A 993 3.57 -7.46 4.99
N ASP A 994 3.32 -6.25 5.54
CA ASP A 994 2.18 -5.43 5.15
C ASP A 994 2.23 -5.01 3.69
N ARG A 995 3.43 -4.86 3.13
CA ARG A 995 3.55 -4.52 1.72
C ARG A 995 3.19 -5.71 0.85
N LEU A 996 3.39 -6.93 1.38
CA LEU A 996 3.05 -8.14 0.65
C LEU A 996 1.57 -8.47 0.80
N ILE A 997 0.91 -7.96 1.85
CA ILE A 997 -0.52 -8.21 2.05
C ILE A 997 -1.34 -7.49 0.99
N THR A 998 -1.05 -6.20 0.75
CA THR A 998 -1.78 -5.45 -0.25
C THR A 998 -1.45 -5.92 -1.66
N GLY A 999 -0.25 -6.49 -1.86
CA GLY A 999 0.10 -7.00 -3.17
C GLY A 999 -0.62 -8.30 -3.49
N ARG A 1000 -0.77 -9.17 -2.48
CA ARG A 1000 -1.42 -10.48 -2.71
C ARG A 1000 -2.94 -10.30 -2.77
N LEU A 1001 -3.48 -9.43 -1.91
CA LEU A 1001 -4.95 -9.18 -1.89
C LEU A 1001 -5.36 -8.58 -3.25
N GLN A 1002 -4.56 -7.66 -3.79
CA GLN A 1002 -4.87 -7.03 -5.09
C GLN A 1002 -4.89 -8.12 -6.16
N SER A 1003 -3.90 -9.04 -6.11
CA SER A 1003 -3.84 -10.11 -7.09
C SER A 1003 -5.08 -10.98 -7.00
N LEU A 1004 -5.58 -11.20 -5.78
CA LEU A 1004 -6.80 -11.98 -5.60
C LEU A 1004 -8.02 -11.18 -6.06
N GLN A 1005 -7.99 -9.86 -5.86
CA GLN A 1005 -9.08 -9.00 -6.29
C GLN A 1005 -9.15 -8.95 -7.82
N THR A 1006 -7.98 -8.99 -8.48
CA THR A 1006 -7.93 -8.96 -9.93
C THR A 1006 -8.48 -10.26 -10.51
N TYR A 1007 -8.21 -11.39 -9.84
CA TYR A 1007 -8.70 -12.68 -10.30
C TYR A 1007 -10.21 -12.78 -10.20
N VAL A 1008 -10.79 -12.27 -9.11
CA VAL A 1008 -12.23 -12.30 -8.93
C VAL A 1008 -12.92 -11.36 -9.92
N THR A 1009 -12.30 -10.20 -10.16
CA THR A 1009 -12.86 -9.22 -11.10
C THR A 1009 -12.87 -9.76 -12.53
N GLN A 1010 -11.77 -10.41 -12.96
CA GLN A 1010 -11.73 -10.98 -14.30
C GLN A 1010 -12.67 -12.17 -14.42
N GLN A 1011 -12.85 -12.93 -13.34
CA GLN A 1011 -13.77 -14.07 -13.37
C GLN A 1011 -15.22 -13.60 -13.43
N LEU A 1012 -15.53 -12.47 -12.77
CA LEU A 1012 -16.89 -11.94 -12.78
C LEU A 1012 -17.26 -11.44 -14.17
N ILE A 1013 -16.31 -10.81 -14.87
CA ILE A 1013 -16.55 -10.34 -16.23
C ILE A 1013 -16.69 -11.53 -17.17
N ARG A 1014 -15.84 -12.55 -16.97
CA ARG A 1014 -15.90 -13.76 -17.77
C ARG A 1014 -17.18 -14.55 -17.50
N ALA A 1015 -17.72 -14.43 -16.28
CA ALA A 1015 -18.97 -15.12 -15.95
C ALA A 1015 -20.14 -14.54 -16.71
N ALA A 1016 -20.10 -13.22 -16.98
CA ALA A 1016 -21.17 -12.57 -17.73
C ALA A 1016 -21.18 -13.06 -19.18
N GLU A 1017 -20.01 -13.36 -19.74
CA GLU A 1017 -19.91 -13.87 -21.10
C GLU A 1017 -20.49 -15.28 -21.17
N ILE A 1018 -20.21 -16.08 -20.14
CA ILE A 1018 -20.74 -17.45 -20.08
C ILE A 1018 -22.25 -17.40 -19.84
N ARG A 1019 -22.71 -16.47 -19.00
CA ARG A 1019 -24.14 -16.31 -18.72
C ARG A 1019 -24.89 -15.87 -19.97
N ALA A 1020 -24.26 -15.02 -20.79
CA ALA A 1020 -24.88 -14.58 -22.03
C ALA A 1020 -24.99 -15.75 -23.00
N SER A 1021 -23.96 -16.61 -23.02
CA SER A 1021 -23.99 -17.79 -23.88
C SER A 1021 -24.97 -18.83 -23.33
N ALA A 1022 -25.08 -18.92 -22.00
CA ALA A 1022 -26.00 -19.86 -21.38
C ALA A 1022 -27.44 -19.44 -21.63
N ASN A 1023 -27.71 -18.13 -21.58
CA ASN A 1023 -29.04 -17.62 -21.85
C ASN A 1023 -29.40 -17.81 -23.31
N LEU A 1024 -28.41 -17.69 -24.20
CA LEU A 1024 -28.64 -17.91 -25.62
C LEU A 1024 -28.86 -19.39 -25.88
N ALA A 1025 -28.15 -20.26 -25.16
CA ALA A 1025 -28.32 -21.70 -25.30
C ALA A 1025 -29.67 -22.13 -24.76
N ALA A 1026 -30.12 -21.51 -23.66
CA ALA A 1026 -31.42 -21.83 -23.08
C ALA A 1026 -32.54 -21.36 -24.00
N THR A 1027 -32.33 -20.23 -24.68
CA THR A 1027 -33.32 -19.73 -25.62
C THR A 1027 -33.36 -20.61 -26.86
N LYS A 1028 -32.19 -21.11 -27.28
CA LYS A 1028 -32.11 -21.98 -28.44
C LYS A 1028 -32.69 -23.35 -28.12
N MET A 1029 -32.49 -23.84 -26.89
CA MET A 1029 -33.04 -25.14 -26.52
C MET A 1029 -34.56 -25.06 -26.43
N SER A 1030 -35.08 -23.93 -25.95
CA SER A 1030 -36.52 -23.78 -25.82
C SER A 1030 -37.21 -23.50 -27.16
N GLU A 1031 -36.52 -22.88 -28.12
CA GLU A 1031 -37.13 -22.55 -29.40
C GLU A 1031 -36.69 -23.45 -30.55
N CYS A 1032 -35.38 -23.59 -30.76
CA CYS A 1032 -34.89 -24.40 -31.88
C CYS A 1032 -35.03 -25.90 -31.63
N VAL A 1033 -34.78 -26.36 -30.40
CA VAL A 1033 -34.85 -27.79 -30.09
C VAL A 1033 -36.28 -28.22 -29.76
N LEU A 1034 -36.88 -27.58 -28.76
CA LEU A 1034 -38.24 -27.92 -28.34
C LEU A 1034 -39.32 -27.46 -29.31
N GLY A 1035 -38.98 -26.73 -30.36
CA GLY A 1035 -39.96 -26.28 -31.33
C GLY A 1035 -39.36 -26.10 -32.71
N GLN A 1036 -40.00 -25.27 -33.54
CA GLN A 1036 -39.52 -24.99 -34.89
C GLN A 1036 -39.49 -23.47 -35.04
N SER A 1037 -38.32 -22.88 -34.84
CA SER A 1037 -38.18 -21.43 -34.95
C SER A 1037 -38.23 -20.99 -36.39
N LYS A 1038 -38.97 -19.91 -36.65
CA LYS A 1038 -39.12 -19.35 -37.98
C LYS A 1038 -38.17 -18.18 -38.22
N ARG A 1039 -37.26 -17.91 -37.28
CA ARG A 1039 -36.31 -16.83 -37.43
C ARG A 1039 -35.23 -17.24 -38.42
N VAL A 1040 -34.92 -16.34 -39.36
CA VAL A 1040 -33.93 -16.62 -40.39
C VAL A 1040 -32.52 -16.56 -39.80
N ASP A 1041 -31.73 -17.60 -40.07
CA ASP A 1041 -30.33 -17.83 -39.69
C ASP A 1041 -30.18 -17.95 -38.17
N PHE A 1042 -31.26 -18.22 -37.45
CA PHE A 1042 -31.13 -18.40 -36.00
C PHE A 1042 -30.72 -19.82 -35.67
N CYS A 1043 -31.05 -20.76 -36.55
CA CYS A 1043 -30.72 -22.16 -36.38
C CYS A 1043 -29.86 -22.64 -37.55
N GLY A 1044 -28.87 -21.84 -37.91
CA GLY A 1044 -28.00 -22.17 -39.01
C GLY A 1044 -28.53 -21.67 -40.33
N LYS A 1045 -27.71 -21.85 -41.36
CA LYS A 1045 -28.06 -21.43 -42.70
C LYS A 1045 -29.15 -22.32 -43.29
N GLY A 1046 -30.13 -21.68 -43.93
CA GLY A 1046 -31.23 -22.40 -44.56
C GLY A 1046 -32.50 -22.34 -43.74
N TYR A 1047 -33.54 -22.97 -44.30
CA TYR A 1047 -34.85 -23.03 -43.67
C TYR A 1047 -34.79 -24.08 -42.56
N HIS A 1048 -34.95 -23.63 -41.32
CA HIS A 1048 -34.89 -24.53 -40.18
C HIS A 1048 -36.07 -25.50 -40.12
N LEU A 1049 -35.79 -26.76 -39.82
CA LEU A 1049 -36.81 -27.79 -39.72
C LEU A 1049 -36.95 -28.33 -38.30
N MET A 1050 -35.85 -28.83 -37.73
CA MET A 1050 -35.80 -29.40 -36.38
C MET A 1050 -34.32 -29.52 -36.02
N SER A 1051 -34.04 -29.72 -34.73
CA SER A 1051 -32.66 -29.82 -34.28
C SER A 1051 -32.55 -30.83 -33.16
N PHE A 1052 -31.31 -31.24 -32.88
CA PHE A 1052 -31.00 -32.20 -31.84
C PHE A 1052 -29.96 -31.67 -30.87
N PRO A 1053 -30.17 -31.84 -29.56
CA PRO A 1053 -29.18 -31.38 -28.59
C PRO A 1053 -28.19 -32.48 -28.25
N GLN A 1054 -26.94 -32.09 -28.02
CA GLN A 1054 -25.89 -33.03 -27.68
C GLN A 1054 -25.08 -32.52 -26.51
N SER A 1055 -24.67 -33.43 -25.63
CA SER A 1055 -23.88 -33.05 -24.48
C SER A 1055 -22.44 -32.72 -24.89
N ALA A 1056 -21.79 -31.90 -24.08
CA ALA A 1056 -20.42 -31.48 -24.35
C ALA A 1056 -19.80 -31.06 -23.03
N PRO A 1057 -18.47 -31.12 -22.89
CA PRO A 1057 -17.83 -30.70 -21.64
C PRO A 1057 -17.90 -29.18 -21.51
N HIS A 1058 -18.53 -28.72 -20.42
CA HIS A 1058 -18.73 -27.30 -20.08
C HIS A 1058 -19.50 -26.53 -21.16
N GLY A 1059 -20.37 -27.22 -21.89
CA GLY A 1059 -21.14 -26.55 -22.92
C GLY A 1059 -22.14 -27.50 -23.56
N VAL A 1060 -22.75 -27.03 -24.64
CA VAL A 1060 -23.74 -27.81 -25.38
C VAL A 1060 -23.42 -27.72 -26.87
N VAL A 1061 -23.80 -28.76 -27.60
CA VAL A 1061 -23.58 -28.84 -29.05
C VAL A 1061 -24.94 -29.11 -29.70
N PHE A 1062 -25.30 -28.27 -30.67
CA PHE A 1062 -26.57 -28.40 -31.38
C PHE A 1062 -26.34 -28.92 -32.79
N LEU A 1063 -27.24 -29.78 -33.24
CA LEU A 1063 -27.19 -30.36 -34.58
C LEU A 1063 -28.43 -29.84 -35.29
N HIS A 1064 -28.31 -28.67 -35.92
CA HIS A 1064 -29.42 -28.04 -36.62
C HIS A 1064 -29.62 -28.67 -38.00
N VAL A 1065 -30.82 -29.21 -38.23
CA VAL A 1065 -31.16 -29.82 -39.51
C VAL A 1065 -31.94 -28.77 -40.29
N THR A 1066 -31.41 -28.33 -41.42
CA THR A 1066 -32.03 -27.29 -42.21
C THR A 1066 -32.31 -27.74 -43.63
N TYR A 1067 -33.28 -27.05 -44.25
CA TYR A 1067 -33.71 -27.29 -45.62
C TYR A 1067 -33.03 -26.23 -46.48
N VAL A 1068 -32.12 -26.66 -47.35
CA VAL A 1068 -31.38 -25.76 -48.22
C VAL A 1068 -31.57 -26.19 -49.68
N PRO A 1069 -32.13 -25.34 -50.54
CA PRO A 1069 -32.29 -25.71 -51.94
C PRO A 1069 -30.95 -25.67 -52.67
N ALA A 1070 -30.82 -26.51 -53.70
CA ALA A 1070 -29.57 -26.57 -54.44
C ALA A 1070 -29.69 -26.14 -55.89
N GLN A 1071 -30.63 -26.69 -56.65
CA GLN A 1071 -30.79 -26.33 -58.04
C GLN A 1071 -31.76 -25.17 -58.20
N GLU A 1072 -31.82 -24.62 -59.41
CA GLU A 1072 -32.70 -23.51 -59.72
C GLU A 1072 -32.90 -23.47 -61.23
N LYS A 1073 -34.00 -22.86 -61.65
CA LYS A 1073 -34.33 -22.72 -63.06
C LYS A 1073 -35.02 -21.38 -63.30
N ASN A 1074 -34.62 -20.71 -64.37
CA ASN A 1074 -35.21 -19.41 -64.71
C ASN A 1074 -36.57 -19.61 -65.34
N PHE A 1075 -37.57 -18.87 -64.86
CA PHE A 1075 -38.92 -18.95 -65.38
C PHE A 1075 -39.50 -17.56 -65.57
N THR A 1076 -40.25 -17.39 -66.67
CA THR A 1076 -40.90 -16.12 -66.94
C THR A 1076 -42.15 -16.04 -66.08
N THR A 1077 -42.23 -15.03 -65.23
CA THR A 1077 -43.35 -14.89 -64.31
C THR A 1077 -44.19 -13.67 -64.65
N ALA A 1078 -45.29 -13.53 -63.90
CA ALA A 1078 -46.26 -12.46 -64.04
C ALA A 1078 -47.01 -12.34 -62.71
N PRO A 1079 -47.35 -11.13 -62.27
CA PRO A 1079 -48.06 -11.01 -60.98
C PRO A 1079 -49.51 -11.48 -61.02
N ALA A 1080 -50.19 -11.37 -62.15
CA ALA A 1080 -51.59 -11.79 -62.24
C ALA A 1080 -51.92 -12.12 -63.69
N ILE A 1081 -53.09 -12.73 -63.89
CA ILE A 1081 -53.56 -13.10 -65.21
C ILE A 1081 -54.99 -12.59 -65.39
N CYS A 1082 -55.38 -12.44 -66.66
CA CYS A 1082 -56.72 -11.98 -67.02
C CYS A 1082 -57.48 -13.15 -67.62
N HIS A 1083 -58.64 -13.47 -67.04
CA HIS A 1083 -59.46 -14.56 -67.55
C HIS A 1083 -60.61 -14.03 -68.40
N ASP A 1084 -61.42 -13.15 -67.82
CA ASP A 1084 -62.55 -12.52 -68.50
C ASP A 1084 -62.60 -11.04 -68.18
N GLY A 1085 -61.43 -10.42 -67.99
CA GLY A 1085 -61.33 -9.02 -67.65
C GLY A 1085 -61.01 -8.78 -66.18
N LYS A 1086 -61.10 -9.83 -65.37
CA LYS A 1086 -60.83 -9.75 -63.94
C LYS A 1086 -59.40 -10.22 -63.66
N ALA A 1087 -58.82 -9.69 -62.59
CA ALA A 1087 -57.46 -10.02 -62.20
C ALA A 1087 -57.47 -11.20 -61.23
N HIS A 1088 -56.72 -12.24 -61.57
CA HIS A 1088 -56.62 -13.45 -60.75
C HIS A 1088 -55.27 -13.45 -60.04
N PHE A 1089 -55.30 -13.56 -58.72
CA PHE A 1089 -54.07 -13.58 -57.95
C PHE A 1089 -53.93 -14.93 -57.25
N PRO A 1090 -52.70 -15.45 -57.14
CA PRO A 1090 -52.50 -16.76 -56.50
C PRO A 1090 -52.73 -16.73 -55.00
N ARG A 1091 -53.38 -17.78 -54.49
CA ARG A 1091 -53.60 -17.88 -53.05
C ARG A 1091 -52.29 -18.19 -52.34
N GLU A 1092 -51.50 -19.10 -52.91
CA GLU A 1092 -50.21 -19.49 -52.40
C GLU A 1092 -49.33 -19.84 -53.60
N GLY A 1093 -48.13 -19.28 -53.64
CA GLY A 1093 -47.23 -19.54 -54.75
C GLY A 1093 -47.29 -18.44 -55.80
N VAL A 1094 -46.53 -18.66 -56.88
CA VAL A 1094 -46.45 -17.70 -57.97
C VAL A 1094 -46.87 -18.37 -59.27
N PHE A 1095 -46.95 -17.55 -60.31
CA PHE A 1095 -47.25 -17.98 -61.67
C PHE A 1095 -45.94 -18.08 -62.41
N VAL A 1096 -45.71 -19.21 -63.08
CA VAL A 1096 -44.50 -19.45 -63.86
C VAL A 1096 -44.90 -19.92 -65.24
N SER A 1097 -43.94 -19.91 -66.15
CA SER A 1097 -44.19 -20.34 -67.51
C SER A 1097 -42.90 -20.85 -68.13
N ASN A 1098 -42.96 -22.03 -68.72
CA ASN A 1098 -41.79 -22.62 -69.37
C ASN A 1098 -41.58 -22.09 -70.78
N GLY A 1099 -42.50 -21.30 -71.30
CA GLY A 1099 -42.38 -20.74 -72.63
C GLY A 1099 -43.65 -20.81 -73.46
N THR A 1100 -44.46 -21.84 -73.23
CA THR A 1100 -45.71 -22.02 -73.98
C THR A 1100 -46.96 -21.87 -73.13
N HIS A 1101 -46.99 -22.46 -71.93
CA HIS A 1101 -48.15 -22.38 -71.06
C HIS A 1101 -47.74 -21.82 -69.70
N TRP A 1102 -48.74 -21.34 -68.96
CA TRP A 1102 -48.53 -20.76 -67.64
C TRP A 1102 -49.06 -21.72 -66.58
N PHE A 1103 -48.29 -21.87 -65.50
CA PHE A 1103 -48.66 -22.75 -64.41
C PHE A 1103 -48.40 -22.05 -63.08
N VAL A 1104 -49.01 -22.59 -62.03
CA VAL A 1104 -48.86 -22.08 -60.67
C VAL A 1104 -48.07 -23.11 -59.87
N THR A 1105 -47.10 -22.63 -59.09
CA THR A 1105 -46.27 -23.53 -58.30
C THR A 1105 -45.83 -22.85 -57.02
N GLN A 1106 -45.34 -23.67 -56.08
CA GLN A 1106 -44.86 -23.20 -54.80
C GLN A 1106 -43.58 -22.40 -54.94
N ARG A 1107 -43.31 -21.56 -53.94
CA ARG A 1107 -42.11 -20.73 -53.96
C ARG A 1107 -40.84 -21.53 -53.70
N ASN A 1108 -40.87 -22.44 -52.73
CA ASN A 1108 -39.69 -23.20 -52.37
C ASN A 1108 -39.50 -24.49 -53.17
N PHE A 1109 -40.51 -24.93 -53.92
CA PHE A 1109 -40.36 -26.16 -54.69
C PHE A 1109 -41.12 -26.03 -55.99
N TYR A 1110 -40.52 -26.54 -57.07
CA TYR A 1110 -41.15 -26.48 -58.38
C TYR A 1110 -42.14 -27.62 -58.53
N GLU A 1111 -43.42 -27.27 -58.66
CA GLU A 1111 -44.50 -28.25 -58.82
C GLU A 1111 -45.58 -27.56 -59.64
N PRO A 1112 -45.46 -27.58 -60.97
CA PRO A 1112 -46.44 -26.90 -61.82
C PRO A 1112 -47.82 -27.53 -61.77
N GLN A 1113 -48.83 -26.70 -61.57
CA GLN A 1113 -50.21 -27.11 -61.50
C GLN A 1113 -51.04 -26.21 -62.41
N ILE A 1114 -52.16 -26.74 -62.90
CA ILE A 1114 -53.04 -25.98 -63.79
C ILE A 1114 -53.75 -24.90 -62.98
N ILE A 1115 -53.72 -23.66 -63.49
CA ILE A 1115 -54.35 -22.54 -62.81
C ILE A 1115 -55.86 -22.68 -62.94
N THR A 1116 -56.53 -22.88 -61.81
CA THR A 1116 -57.97 -23.05 -61.76
C THR A 1116 -58.59 -22.03 -60.80
N THR A 1117 -59.93 -22.02 -60.78
CA THR A 1117 -60.66 -21.09 -59.93
C THR A 1117 -60.58 -21.42 -58.44
N ASP A 1118 -60.24 -22.65 -58.08
CA ASP A 1118 -60.14 -23.00 -56.67
C ASP A 1118 -58.76 -22.72 -56.08
N ASN A 1119 -57.82 -22.26 -56.91
CA ASN A 1119 -56.47 -21.95 -56.48
C ASN A 1119 -56.17 -20.46 -56.50
N THR A 1120 -56.94 -19.68 -57.26
CA THR A 1120 -56.75 -18.24 -57.36
C THR A 1120 -58.04 -17.53 -56.95
N PHE A 1121 -57.93 -16.22 -56.67
CA PHE A 1121 -59.07 -15.42 -56.29
C PHE A 1121 -59.17 -14.21 -57.21
N VAL A 1122 -60.41 -13.73 -57.37
CA VAL A 1122 -60.70 -12.59 -58.24
C VAL A 1122 -60.72 -11.32 -57.41
N SER A 1123 -60.00 -10.29 -57.87
CA SER A 1123 -59.95 -9.01 -57.18
C SER A 1123 -59.63 -7.91 -58.17
N GLY A 1124 -60.52 -6.92 -58.28
CA GLY A 1124 -60.31 -5.81 -59.18
C GLY A 1124 -60.50 -6.17 -60.64
N ASN A 1125 -59.77 -5.44 -61.49
CA ASN A 1125 -59.82 -5.62 -62.94
C ASN A 1125 -58.40 -5.58 -63.50
N CYS A 1126 -58.28 -5.78 -64.81
CA CYS A 1126 -56.99 -5.80 -65.48
C CYS A 1126 -56.43 -4.41 -65.79
N ASP A 1127 -57.21 -3.35 -65.60
CA ASP A 1127 -56.72 -2.01 -65.91
C ASP A 1127 -55.92 -1.37 -64.77
N VAL A 1128 -55.80 -2.04 -63.63
CA VAL A 1128 -55.05 -1.48 -62.50
C VAL A 1128 -53.75 -2.25 -62.21
N VAL A 1129 -53.72 -3.57 -62.40
CA VAL A 1129 -52.53 -4.36 -62.13
C VAL A 1129 -51.49 -4.11 -63.21
N ILE A 1130 -50.26 -3.80 -62.78
CA ILE A 1130 -49.16 -3.54 -63.69
C ILE A 1130 -48.45 -4.85 -63.99
N GLY A 1131 -48.26 -5.14 -65.27
CA GLY A 1131 -47.60 -6.36 -65.68
C GLY A 1131 -48.51 -7.57 -65.80
N ILE A 1132 -49.81 -7.36 -65.92
CA ILE A 1132 -50.76 -8.46 -66.04
C ILE A 1132 -50.69 -9.00 -67.47
N VAL A 1133 -51.07 -10.26 -67.64
CA VAL A 1133 -51.03 -10.91 -68.95
C VAL A 1133 -52.35 -11.62 -69.22
N ASN A 1134 -52.68 -11.75 -70.51
CA ASN A 1134 -53.89 -12.45 -70.91
C ASN A 1134 -53.66 -13.94 -70.89
N ASN A 1135 -54.62 -14.69 -70.35
CA ASN A 1135 -54.51 -16.14 -70.26
C ASN A 1135 -55.93 -16.70 -70.15
N THR A 1136 -56.03 -17.99 -69.83
CA THR A 1136 -57.30 -18.68 -69.65
C THR A 1136 -57.23 -19.45 -68.34
N VAL A 1137 -58.36 -19.54 -67.63
CA VAL A 1137 -58.44 -20.23 -66.36
C VAL A 1137 -59.37 -21.42 -66.52
N TYR A 1138 -58.87 -22.61 -66.19
CA TYR A 1138 -59.67 -23.82 -66.30
C TYR A 1138 -60.70 -23.85 -65.16
N ASP A 1139 -61.94 -24.18 -65.49
CA ASP A 1139 -63.02 -24.23 -64.52
C ASP A 1139 -63.37 -25.68 -64.22
N PRO A 1140 -63.16 -26.16 -62.99
CA PRO A 1140 -63.51 -27.55 -62.67
C PRO A 1140 -65.01 -27.83 -62.65
N LEU A 1141 -65.84 -26.80 -62.47
CA LEU A 1141 -67.28 -26.99 -62.46
C LEU A 1141 -67.86 -27.18 -63.84
N GLN A 1142 -67.16 -26.75 -64.90
CA GLN A 1142 -67.66 -26.89 -66.27
C GLN A 1142 -67.80 -28.34 -66.76
N PRO A 1143 -66.84 -29.27 -66.59
CA PRO A 1143 -67.09 -30.63 -67.09
C PRO A 1143 -68.07 -31.43 -66.25
N GLU A 1144 -68.34 -31.01 -65.03
CA GLU A 1144 -69.28 -31.74 -64.19
C GLU A 1144 -70.73 -31.47 -64.60
N LEU A 1145 -71.03 -30.23 -65.00
CA LEU A 1145 -72.38 -29.90 -65.42
C LEU A 1145 -72.68 -30.42 -66.82
N ASP A 1146 -71.67 -30.49 -67.68
CA ASP A 1146 -71.86 -30.98 -69.04
C ASP A 1146 -72.12 -32.49 -69.05
N SER A 1147 -71.36 -33.24 -68.27
CA SER A 1147 -71.51 -34.69 -68.21
C SER A 1147 -72.53 -35.09 -67.14
N LEU B 24 -12.78 63.05 -0.43
CA LEU B 24 -13.84 62.42 -1.21
C LEU B 24 -13.56 60.93 -1.39
N PRO B 25 -14.58 60.09 -1.21
CA PRO B 25 -14.38 58.65 -1.37
C PRO B 25 -14.18 58.29 -2.84
N PRO B 26 -13.34 57.30 -3.13
CA PRO B 26 -13.11 56.92 -4.53
C PRO B 26 -14.30 56.17 -5.11
N ALA B 27 -14.62 56.49 -6.37
CA ALA B 27 -15.73 55.86 -7.05
C ALA B 27 -15.38 54.41 -7.41
N TYR B 28 -16.41 53.59 -7.57
CA TYR B 28 -16.26 52.19 -7.92
C TYR B 28 -16.98 51.90 -9.22
N THR B 29 -16.32 51.16 -10.11
CA THR B 29 -16.87 50.78 -11.39
C THR B 29 -16.68 49.29 -11.61
N ASN B 30 -17.50 48.73 -12.50
CA ASN B 30 -17.45 47.31 -12.81
C ASN B 30 -16.50 47.04 -13.97
N SER B 31 -15.89 45.85 -13.95
CA SER B 31 -14.96 45.40 -14.98
C SER B 31 -15.67 44.32 -15.79
N PHE B 32 -15.74 44.52 -17.09
CA PHE B 32 -16.42 43.59 -17.99
C PHE B 32 -15.39 42.78 -18.76
N THR B 33 -15.11 41.57 -18.26
CA THR B 33 -14.16 40.60 -18.81
C THR B 33 -12.76 41.19 -19.03
N ARG B 34 -12.15 41.62 -17.93
CA ARG B 34 -10.83 42.22 -17.96
C ARG B 34 -9.90 41.48 -17.01
N GLY B 35 -8.60 41.70 -17.21
CA GLY B 35 -7.58 41.07 -16.39
C GLY B 35 -7.13 39.71 -16.86
N VAL B 36 -7.66 39.21 -17.98
CA VAL B 36 -7.26 37.91 -18.50
C VAL B 36 -5.90 38.04 -19.17
N TYR B 37 -4.93 37.25 -18.70
CA TYR B 37 -3.57 37.25 -19.23
C TYR B 37 -3.16 35.83 -19.55
N TYR B 38 -1.94 35.68 -20.06
CA TYR B 38 -1.41 34.37 -20.40
C TYR B 38 -0.71 33.81 -19.19
N PRO B 39 -1.21 32.74 -18.57
CA PRO B 39 -0.54 32.20 -17.38
C PRO B 39 0.77 31.48 -17.69
N ASP B 40 0.81 30.70 -18.76
CA ASP B 40 1.99 29.95 -19.14
C ASP B 40 2.43 30.33 -20.55
N LYS B 41 3.71 30.09 -20.82
CA LYS B 41 4.32 30.40 -22.11
C LYS B 41 4.10 29.32 -23.17
N VAL B 42 3.30 28.29 -22.87
CA VAL B 42 3.06 27.22 -23.83
C VAL B 42 2.13 27.69 -24.94
N PHE B 43 2.05 26.92 -26.02
CA PHE B 43 1.21 27.23 -27.17
C PHE B 43 0.05 26.25 -27.22
N ARG B 44 -1.17 26.79 -27.25
CA ARG B 44 -2.39 25.99 -27.33
C ARG B 44 -3.21 26.51 -28.50
N SER B 45 -3.66 25.61 -29.36
CA SER B 45 -4.45 26.00 -30.53
C SER B 45 -5.72 25.19 -30.62
N SER B 46 -6.84 25.92 -30.78
CA SER B 46 -8.21 25.38 -30.92
C SER B 46 -8.64 24.47 -29.76
N VAL B 47 -8.07 24.69 -28.56
CA VAL B 47 -8.41 23.90 -27.39
C VAL B 47 -8.77 24.82 -26.24
N LEU B 48 -9.49 24.26 -25.27
CA LEU B 48 -9.91 24.99 -24.07
C LEU B 48 -9.17 24.39 -22.89
N HIS B 49 -8.40 25.21 -22.19
CA HIS B 49 -7.60 24.77 -21.06
C HIS B 49 -7.98 25.55 -19.80
N SER B 50 -8.17 24.84 -18.70
CA SER B 50 -8.51 25.44 -17.42
C SER B 50 -7.24 25.47 -16.56
N THR B 51 -6.98 26.62 -15.94
CA THR B 51 -5.79 26.78 -15.11
C THR B 51 -6.17 27.30 -13.74
N GLN B 52 -5.29 27.03 -12.78
CA GLN B 52 -5.43 27.43 -11.39
C GLN B 52 -4.34 28.48 -11.14
N ASP B 53 -4.68 29.75 -11.34
CA ASP B 53 -3.73 30.83 -11.14
C ASP B 53 -4.51 32.04 -10.64
N LEU B 54 -3.78 33.08 -10.26
CA LEU B 54 -4.40 34.31 -9.76
C LEU B 54 -4.96 35.10 -10.92
N PHE B 55 -6.25 35.42 -10.87
CA PHE B 55 -6.92 36.17 -11.92
C PHE B 55 -7.89 37.16 -11.32
N LEU B 56 -8.17 38.21 -12.07
CA LEU B 56 -9.12 39.22 -11.62
C LEU B 56 -10.53 38.65 -11.78
N PRO B 57 -11.37 38.70 -10.75
CA PRO B 57 -12.73 38.15 -10.86
C PRO B 57 -13.60 38.94 -11.82
N PHE B 58 -14.41 38.21 -12.57
CA PHE B 58 -15.31 38.83 -13.55
C PHE B 58 -16.43 39.57 -12.84
N PHE B 59 -16.81 40.73 -13.40
CA PHE B 59 -17.87 41.61 -12.91
C PHE B 59 -17.63 42.02 -11.44
N SER B 60 -16.38 42.36 -11.13
CA SER B 60 -15.98 42.76 -9.80
C SER B 60 -15.72 44.26 -9.77
N ASN B 61 -16.16 44.90 -8.69
CA ASN B 61 -15.97 46.34 -8.55
C ASN B 61 -14.50 46.65 -8.30
N VAL B 62 -13.98 47.61 -9.06
CA VAL B 62 -12.58 48.02 -8.95
C VAL B 62 -12.54 49.48 -8.52
N THR B 63 -11.51 49.82 -7.75
CA THR B 63 -11.34 51.18 -7.26
C THR B 63 -10.96 52.11 -8.41
N TRP B 64 -11.65 53.24 -8.51
CA TRP B 64 -11.41 54.21 -9.57
C TRP B 64 -11.01 55.54 -8.96
N PHE B 65 -9.90 56.10 -9.43
CA PHE B 65 -9.37 57.37 -8.98
C PHE B 65 -9.47 58.36 -10.14
N HIS B 66 -10.07 59.51 -9.89
CA HIS B 66 -10.23 60.54 -10.91
C HIS B 66 -9.36 61.73 -10.56
N ALA B 67 -8.49 62.12 -11.49
CA ALA B 67 -7.58 63.25 -11.33
C ALA B 67 -7.82 64.23 -12.46
N ILE B 68 -8.34 65.41 -12.13
CA ILE B 68 -8.60 66.43 -13.13
C ILE B 68 -7.51 67.48 -13.11
N LYS B 77 -7.63 71.18 -8.40
CA LYS B 77 -6.66 70.33 -9.07
C LYS B 77 -7.06 68.86 -9.01
N ARG B 78 -7.50 68.44 -7.81
CA ARG B 78 -7.94 67.07 -7.51
C ARG B 78 -6.83 66.05 -7.78
N PHE B 79 -5.71 66.25 -7.09
CA PHE B 79 -4.54 65.38 -7.20
C PHE B 79 -4.44 64.58 -5.91
N ASP B 80 -4.61 63.26 -6.01
CA ASP B 80 -4.54 62.40 -4.84
C ASP B 80 -4.21 60.98 -5.28
N ASN B 81 -3.21 60.38 -4.63
CA ASN B 81 -2.79 59.01 -4.92
C ASN B 81 -2.35 58.27 -3.65
N PRO B 82 -3.29 57.66 -2.93
CA PRO B 82 -2.95 56.95 -1.70
C PRO B 82 -2.19 55.66 -1.96
N VAL B 83 -1.72 55.07 -0.87
CA VAL B 83 -0.96 53.82 -0.90
C VAL B 83 -1.94 52.66 -0.83
N LEU B 84 -1.79 51.70 -1.75
CA LEU B 84 -2.68 50.55 -1.79
C LEU B 84 -1.91 49.26 -1.52
N PRO B 85 -2.53 48.28 -0.87
CA PRO B 85 -1.83 47.01 -0.60
C PRO B 85 -1.61 46.18 -1.85
N PHE B 86 -0.63 45.27 -1.74
CA PHE B 86 -0.20 44.34 -2.78
C PHE B 86 -0.21 42.92 -2.24
N ASN B 87 -1.32 42.55 -1.59
CA ASN B 87 -1.45 41.22 -0.98
C ASN B 87 -1.45 40.10 -2.03
N ASP B 88 -2.15 40.29 -3.14
CA ASP B 88 -2.19 39.25 -4.17
C ASP B 88 -2.06 39.82 -5.58
N GLY B 89 -1.34 40.92 -5.73
CA GLY B 89 -1.20 41.50 -7.05
C GLY B 89 -2.22 42.60 -7.29
N VAL B 90 -1.86 43.54 -8.16
CA VAL B 90 -2.72 44.66 -8.48
C VAL B 90 -2.87 44.76 -9.99
N TYR B 91 -4.12 44.77 -10.46
CA TYR B 91 -4.44 44.91 -11.86
C TYR B 91 -4.62 46.39 -12.13
N PHE B 92 -3.74 46.96 -12.93
CA PHE B 92 -3.77 48.39 -13.25
C PHE B 92 -4.31 48.64 -14.65
N ALA B 93 -5.34 49.48 -14.73
CA ALA B 93 -5.96 49.86 -15.99
C ALA B 93 -6.08 51.37 -16.01
N SER B 94 -5.56 52.01 -17.06
CA SER B 94 -5.62 53.45 -17.15
C SER B 94 -5.89 53.92 -18.57
N THR B 95 -6.71 54.96 -18.68
CA THR B 95 -7.07 55.58 -19.96
C THR B 95 -6.46 56.97 -19.95
N GLU B 96 -5.51 57.22 -20.85
CA GLU B 96 -4.85 58.52 -20.91
C GLU B 96 -4.82 59.03 -22.34
N LYS B 97 -4.68 60.36 -22.45
CA LYS B 97 -4.62 61.05 -23.72
C LYS B 97 -3.30 61.77 -23.92
N SER B 98 -2.73 62.37 -22.87
CA SER B 98 -1.47 63.10 -22.95
C SER B 98 -0.36 62.42 -22.16
N ASN B 99 -0.57 61.18 -21.73
CA ASN B 99 0.40 60.36 -20.96
C ASN B 99 0.83 61.05 -19.66
N ILE B 100 -0.16 61.33 -18.82
CA ILE B 100 0.10 61.99 -17.54
C ILE B 100 0.80 61.04 -16.58
N ILE B 101 0.32 59.80 -16.49
CA ILE B 101 0.91 58.82 -15.59
C ILE B 101 2.23 58.32 -16.17
N ARG B 102 3.24 58.16 -15.31
CA ARG B 102 4.54 57.70 -15.74
C ARG B 102 4.90 56.31 -15.21
N GLY B 103 4.84 56.09 -13.91
CA GLY B 103 5.20 54.78 -13.42
C GLY B 103 4.57 54.45 -12.08
N TRP B 104 5.03 53.32 -11.52
CA TRP B 104 4.56 52.82 -10.24
C TRP B 104 5.75 52.47 -9.37
N ILE B 105 5.61 52.69 -8.06
CA ILE B 105 6.65 52.39 -7.09
C ILE B 105 6.12 51.32 -6.14
N PHE B 106 6.85 50.21 -6.05
CA PHE B 106 6.48 49.08 -5.20
C PHE B 106 7.47 49.00 -4.05
N GLY B 107 6.95 49.04 -2.82
CA GLY B 107 7.81 48.96 -1.65
C GLY B 107 7.04 48.44 -0.46
N THR B 108 7.75 47.72 0.41
CA THR B 108 7.12 47.15 1.59
C THR B 108 6.93 48.21 2.68
N THR B 109 7.98 48.97 2.99
CA THR B 109 7.92 50.01 4.01
C THR B 109 8.01 51.42 3.45
N LEU B 110 8.67 51.59 2.30
CA LEU B 110 8.85 52.87 1.58
C LEU B 110 9.54 53.97 2.40
N ASP B 111 10.45 53.60 3.30
CA ASP B 111 11.15 54.62 4.09
C ASP B 111 12.65 54.36 4.13
N SER B 112 13.20 53.79 3.05
CA SER B 112 14.60 53.43 2.80
C SER B 112 15.12 52.31 3.70
N LYS B 113 14.29 51.73 4.56
CA LYS B 113 14.75 50.65 5.43
C LYS B 113 14.87 49.34 4.66
N THR B 114 13.97 49.11 3.71
CA THR B 114 13.95 47.92 2.88
C THR B 114 14.04 48.30 1.41
N GLN B 115 14.26 47.29 0.57
CA GLN B 115 14.37 47.49 -0.86
C GLN B 115 13.01 47.86 -1.45
N SER B 116 12.98 48.91 -2.26
CA SER B 116 11.75 49.38 -2.89
C SER B 116 11.96 49.48 -4.40
N LEU B 117 11.09 48.81 -5.16
CA LEU B 117 11.18 48.82 -6.61
C LEU B 117 10.64 50.14 -7.15
N LEU B 118 11.38 50.75 -8.08
CA LEU B 118 11.00 52.02 -8.69
C LEU B 118 10.93 51.82 -10.20
N ILE B 119 9.77 52.11 -10.78
CA ILE B 119 9.55 51.99 -12.22
C ILE B 119 9.15 53.36 -12.73
N VAL B 120 9.89 53.89 -13.70
CA VAL B 120 9.61 55.19 -14.29
C VAL B 120 9.70 55.04 -15.80
N ASN B 121 8.60 55.32 -16.50
CA ASN B 121 8.56 55.24 -17.96
C ASN B 121 8.77 56.64 -18.51
N ASN B 122 10.02 57.08 -18.48
CA ASN B 122 10.37 58.40 -18.99
C ASN B 122 10.34 58.40 -20.53
N ALA B 123 10.31 59.61 -21.09
CA ALA B 123 10.28 59.77 -22.54
C ALA B 123 11.59 59.31 -23.19
N THR B 124 12.72 59.56 -22.52
CA THR B 124 14.01 59.16 -23.09
C THR B 124 14.19 57.64 -23.03
N ASN B 125 13.99 57.04 -21.85
CA ASN B 125 14.15 55.61 -21.66
C ASN B 125 13.38 55.16 -20.44
N VAL B 126 13.22 53.85 -20.30
CA VAL B 126 12.53 53.25 -19.18
C VAL B 126 13.56 52.96 -18.09
N VAL B 127 13.36 53.54 -16.92
CA VAL B 127 14.29 53.38 -15.79
C VAL B 127 13.61 52.51 -14.74
N ILE B 128 14.21 51.34 -14.48
CA ILE B 128 13.71 50.39 -13.48
C ILE B 128 14.85 50.12 -12.52
N LYS B 129 14.70 50.56 -11.27
CA LYS B 129 15.72 50.37 -10.25
C LYS B 129 15.10 49.85 -8.97
N VAL B 130 15.80 48.93 -8.31
CA VAL B 130 15.35 48.35 -7.04
C VAL B 130 16.42 48.73 -6.01
N CYS B 131 16.21 49.84 -5.31
CA CYS B 131 17.14 50.33 -4.31
C CYS B 131 16.35 50.93 -3.15
N GLU B 132 17.04 51.12 -2.03
CA GLU B 132 16.41 51.71 -0.85
C GLU B 132 16.42 53.22 -1.01
N PHE B 133 15.25 53.82 -1.22
CA PHE B 133 15.14 55.26 -1.41
C PHE B 133 14.35 55.88 -0.27
N GLN B 134 14.76 57.09 0.14
CA GLN B 134 14.09 57.82 1.22
C GLN B 134 12.98 58.65 0.58
N PHE B 135 11.86 57.99 0.32
CA PHE B 135 10.71 58.62 -0.30
C PHE B 135 10.07 59.66 0.61
N CYS B 136 9.57 60.73 0.00
CA CYS B 136 8.92 61.82 0.72
C CYS B 136 7.46 61.47 0.98
N ASN B 137 6.69 62.46 1.46
CA ASN B 137 5.27 62.24 1.74
C ASN B 137 4.46 62.10 0.45
N ASP B 138 4.73 62.94 -0.55
CA ASP B 138 4.01 62.91 -1.81
C ASP B 138 5.03 62.90 -2.96
N PRO B 139 5.48 61.71 -3.38
CA PRO B 139 6.45 61.65 -4.48
C PRO B 139 5.76 61.83 -5.83
N PHE B 140 6.35 62.68 -6.68
CA PHE B 140 5.81 62.96 -8.00
C PHE B 140 6.96 63.33 -8.92
N LEU B 141 6.64 63.55 -10.19
CA LEU B 141 7.61 63.91 -11.21
C LEU B 141 7.30 65.32 -11.73
N GLY B 142 8.31 66.17 -11.78
CA GLY B 142 8.16 67.53 -12.24
C GLY B 142 8.54 67.68 -13.69
N VAL B 143 7.56 68.06 -14.51
CA VAL B 143 7.79 68.24 -15.94
C VAL B 143 7.65 69.72 -16.30
N PHE B 157 11.67 66.84 -10.15
CA PHE B 157 12.18 65.51 -9.89
C PHE B 157 12.56 65.35 -8.43
N ARG B 158 11.56 65.31 -7.56
CA ARG B 158 11.75 65.17 -6.12
C ARG B 158 11.06 63.90 -5.62
N VAL B 159 11.22 62.81 -6.36
CA VAL B 159 10.59 61.55 -5.98
C VAL B 159 11.44 60.81 -4.93
N TYR B 160 12.75 60.92 -5.01
CA TYR B 160 13.63 60.25 -4.05
C TYR B 160 14.66 61.22 -3.51
N SER B 161 15.08 60.97 -2.27
CA SER B 161 16.08 61.81 -1.60
C SER B 161 17.49 61.27 -1.79
N SER B 162 17.72 60.02 -1.41
CA SER B 162 19.04 59.40 -1.54
C SER B 162 18.87 57.89 -1.65
N ALA B 163 19.97 57.22 -1.96
CA ALA B 163 20.01 55.77 -2.10
C ALA B 163 21.14 55.22 -1.22
N ASN B 164 20.91 54.03 -0.68
CA ASN B 164 21.89 53.37 0.19
C ASN B 164 22.46 52.11 -0.44
N ASN B 165 21.62 51.18 -0.86
CA ASN B 165 22.06 49.93 -1.47
C ASN B 165 21.24 49.66 -2.71
N CYS B 166 21.90 49.37 -3.83
CA CYS B 166 21.24 49.09 -5.09
C CYS B 166 21.52 47.64 -5.47
N THR B 167 20.45 46.89 -5.74
CA THR B 167 20.54 45.48 -6.09
C THR B 167 20.25 45.20 -7.56
N PHE B 168 19.13 45.69 -8.08
CA PHE B 168 18.73 45.45 -9.45
C PHE B 168 18.69 46.75 -10.23
N GLU B 169 19.31 46.73 -11.41
CA GLU B 169 19.37 47.89 -12.30
C GLU B 169 18.97 47.45 -13.70
N TYR B 170 18.03 48.16 -14.31
CA TYR B 170 17.57 47.84 -15.65
C TYR B 170 17.17 49.11 -16.38
N VAL B 171 17.68 49.29 -17.60
CA VAL B 171 17.38 50.44 -18.44
C VAL B 171 16.90 49.92 -19.78
N SER B 172 15.73 50.39 -20.22
CA SER B 172 15.17 49.97 -21.49
C SER B 172 14.99 51.16 -22.43
N LYS B 187 -7.19 58.73 -25.68
CA LYS B 187 -7.92 57.79 -26.53
C LYS B 187 -7.20 56.44 -26.58
N ASN B 188 -6.41 56.16 -25.55
CA ASN B 188 -5.66 54.92 -25.45
C ASN B 188 -5.88 54.29 -24.09
N LEU B 189 -6.08 52.98 -24.06
CA LEU B 189 -6.30 52.24 -22.83
C LEU B 189 -5.11 51.32 -22.59
N ARG B 190 -4.51 51.44 -21.41
CA ARG B 190 -3.35 50.65 -21.03
C ARG B 190 -3.72 49.79 -19.83
N GLU B 191 -3.58 48.48 -19.96
CA GLU B 191 -3.90 47.54 -18.90
C GLU B 191 -2.61 46.85 -18.45
N PHE B 192 -2.37 46.84 -17.15
CA PHE B 192 -1.17 46.25 -16.57
C PHE B 192 -1.54 45.32 -15.42
N VAL B 193 -0.81 44.21 -15.31
CA VAL B 193 -1.01 43.23 -14.25
C VAL B 193 0.36 42.98 -13.62
N PHE B 194 0.46 43.19 -12.32
CA PHE B 194 1.71 43.00 -11.58
C PHE B 194 1.56 41.84 -10.62
N LYS B 195 2.49 40.88 -10.71
CA LYS B 195 2.49 39.71 -9.85
C LYS B 195 3.89 39.47 -9.30
N ASN B 196 3.97 39.15 -8.01
CA ASN B 196 5.24 38.88 -7.35
C ASN B 196 5.11 37.52 -6.66
N ILE B 197 5.53 36.46 -7.34
CA ILE B 197 5.48 35.10 -6.82
C ILE B 197 6.83 34.43 -7.03
N ASP B 198 7.28 33.71 -5.99
CA ASP B 198 8.56 32.96 -5.95
C ASP B 198 9.77 33.86 -6.22
N GLY B 199 9.70 35.11 -5.77
CA GLY B 199 10.80 36.04 -5.97
C GLY B 199 10.93 36.58 -7.37
N TYR B 200 9.93 36.36 -8.23
CA TYR B 200 9.94 36.84 -9.60
C TYR B 200 8.83 37.84 -9.81
N PHE B 201 9.16 39.01 -10.34
CA PHE B 201 8.19 40.06 -10.61
C PHE B 201 7.84 39.99 -12.08
N LYS B 202 6.59 39.62 -12.37
CA LYS B 202 6.10 39.49 -13.73
C LYS B 202 5.11 40.59 -14.05
N ILE B 203 5.33 41.29 -15.16
CA ILE B 203 4.48 42.39 -15.60
C ILE B 203 3.85 42.00 -16.93
N TYR B 204 2.53 42.04 -16.98
CA TYR B 204 1.75 41.72 -18.18
C TYR B 204 1.10 43.00 -18.67
N SER B 205 1.32 43.36 -19.92
CA SER B 205 0.76 44.59 -20.47
C SER B 205 0.04 44.35 -21.78
N LYS B 206 -0.88 45.28 -22.07
CA LYS B 206 -1.67 45.24 -23.30
C LYS B 206 -2.20 46.64 -23.56
N HIS B 207 -2.03 47.13 -24.79
CA HIS B 207 -2.49 48.45 -25.19
C HIS B 207 -3.57 48.32 -26.24
N THR B 208 -4.70 48.99 -26.02
CA THR B 208 -5.82 48.95 -26.96
C THR B 208 -6.40 50.35 -27.15
N PRO B 209 -6.56 50.82 -28.39
CA PRO B 209 -7.14 52.15 -28.61
C PRO B 209 -8.64 52.13 -28.35
N ILE B 210 -9.10 53.08 -27.52
CA ILE B 210 -10.50 53.17 -27.15
C ILE B 210 -11.03 54.56 -27.45
N ASN B 211 -12.35 54.65 -27.61
CA ASN B 211 -13.03 55.91 -27.90
C ASN B 211 -13.77 56.46 -26.68
N LEU B 212 -14.52 55.61 -25.98
CA LEU B 212 -15.26 56.04 -24.80
C LEU B 212 -14.29 56.26 -23.64
N VAL B 213 -14.45 57.37 -22.92
CA VAL B 213 -13.60 57.71 -21.79
C VAL B 213 -14.37 57.93 -20.50
N ARG B 214 -15.70 57.80 -20.53
CA ARG B 214 -16.49 58.01 -19.31
C ARG B 214 -16.30 56.86 -18.33
N ASP B 215 -16.39 55.63 -18.80
CA ASP B 215 -16.22 54.46 -17.94
C ASP B 215 -15.28 53.45 -18.59
N LEU B 216 -15.13 52.28 -17.96
CA LEU B 216 -14.26 51.25 -18.52
C LEU B 216 -14.94 50.63 -19.74
N PRO B 217 -14.21 50.43 -20.84
CA PRO B 217 -14.82 49.87 -22.05
C PRO B 217 -15.11 48.37 -21.92
N GLN B 218 -16.28 47.98 -22.39
CA GLN B 218 -16.69 46.58 -22.36
C GLN B 218 -16.07 45.84 -23.53
N GLY B 219 -15.43 44.72 -23.24
CA GLY B 219 -14.79 43.94 -24.28
C GLY B 219 -13.80 42.95 -23.67
N PHE B 220 -13.09 42.27 -24.54
CA PHE B 220 -12.10 41.27 -24.14
C PHE B 220 -10.73 41.65 -24.67
N SER B 221 -9.72 41.58 -23.79
CA SER B 221 -8.34 41.88 -24.14
C SER B 221 -7.44 40.92 -23.38
N ALA B 222 -6.51 40.29 -24.10
CA ALA B 222 -5.58 39.34 -23.52
C ALA B 222 -4.25 40.05 -23.26
N LEU B 223 -3.84 40.09 -21.99
CA LEU B 223 -2.60 40.75 -21.62
C LEU B 223 -1.42 39.80 -21.84
N GLU B 224 -0.42 40.27 -22.58
CA GLU B 224 0.78 39.54 -22.91
C GLU B 224 1.91 39.90 -21.96
N PRO B 225 2.78 38.94 -21.62
CA PRO B 225 3.90 39.24 -20.72
C PRO B 225 4.92 40.15 -21.37
N LEU B 226 5.32 41.19 -20.65
CA LEU B 226 6.28 42.15 -21.18
C LEU B 226 7.71 41.79 -20.78
N VAL B 227 7.98 41.70 -19.48
CA VAL B 227 9.31 41.38 -18.99
C VAL B 227 9.18 40.77 -17.60
N ASP B 228 10.17 39.96 -17.22
CA ASP B 228 10.23 39.29 -15.93
C ASP B 228 11.40 39.86 -15.13
N LEU B 229 11.15 40.13 -13.85
CA LEU B 229 12.18 40.71 -12.99
C LEU B 229 12.52 39.79 -11.83
N PRO B 230 13.77 39.32 -11.70
CA PRO B 230 14.16 38.46 -10.57
C PRO B 230 14.62 39.31 -9.37
N ILE B 231 13.72 40.15 -8.87
CA ILE B 231 14.04 41.05 -7.77
C ILE B 231 14.18 40.29 -6.44
N GLY B 232 13.36 39.27 -6.20
CA GLY B 232 13.44 38.46 -4.99
C GLY B 232 13.20 39.16 -3.68
N ILE B 233 12.38 40.22 -3.67
CA ILE B 233 12.09 40.94 -2.45
C ILE B 233 10.59 40.90 -2.19
N ASN B 234 10.21 41.17 -0.94
CA ASN B 234 8.81 41.17 -0.55
C ASN B 234 8.17 42.51 -0.90
N ILE B 235 6.97 42.46 -1.45
CA ILE B 235 6.21 43.64 -1.83
C ILE B 235 4.86 43.56 -1.15
N THR B 236 4.59 44.54 -0.28
CA THR B 236 3.34 44.61 0.48
C THR B 236 2.47 45.80 0.09
N ARG B 237 3.08 46.96 -0.16
CA ARG B 237 2.34 48.16 -0.54
C ARG B 237 2.69 48.58 -1.95
N PHE B 238 1.72 49.23 -2.60
CA PHE B 238 1.83 49.71 -3.97
C PHE B 238 1.37 51.15 -4.04
N GLN B 239 2.11 51.98 -4.78
CA GLN B 239 1.78 53.39 -4.93
C GLN B 239 2.04 53.82 -6.37
N THR B 240 1.06 54.50 -6.97
CA THR B 240 1.18 54.98 -8.33
C THR B 240 1.70 56.41 -8.35
N LEU B 241 2.25 56.81 -9.49
CA LEU B 241 2.82 58.15 -9.68
C LEU B 241 2.29 58.80 -10.95
N LEU B 242 2.05 60.10 -10.86
CA LEU B 242 1.55 60.91 -11.98
C LEU B 242 2.45 62.12 -12.13
N ALA B 243 2.70 62.51 -13.37
CA ALA B 243 3.53 63.67 -13.66
C ALA B 243 2.69 64.93 -13.71
N LEU B 244 3.30 66.05 -13.33
CA LEU B 244 2.63 67.34 -13.31
C LEU B 244 3.05 68.17 -14.51
N HIS B 245 2.07 68.63 -15.28
CA HIS B 245 2.31 69.44 -16.47
C HIS B 245 2.66 70.87 -16.09
N ALA B 262 -7.32 65.09 -18.74
CA ALA B 262 -7.61 64.53 -17.43
C ALA B 262 -6.86 63.23 -17.21
N ALA B 263 -6.95 62.69 -15.99
CA ALA B 263 -6.28 61.44 -15.64
C ALA B 263 -7.25 60.55 -14.88
N ALA B 264 -7.37 59.30 -15.31
CA ALA B 264 -8.27 58.35 -14.67
C ALA B 264 -7.67 56.96 -14.77
N TYR B 265 -7.44 56.32 -13.64
CA TYR B 265 -6.88 54.98 -13.60
C TYR B 265 -7.66 54.09 -12.65
N TYR B 266 -7.78 52.81 -13.01
CA TYR B 266 -8.49 51.83 -12.22
C TYR B 266 -7.50 50.87 -11.59
N VAL B 267 -7.84 50.38 -10.40
CA VAL B 267 -7.00 49.44 -9.66
C VAL B 267 -7.84 48.22 -9.32
N GLY B 268 -7.37 47.04 -9.74
CA GLY B 268 -8.08 45.80 -9.48
C GLY B 268 -7.24 44.87 -8.64
N TYR B 269 -7.86 43.93 -7.93
CA TYR B 269 -7.14 43.00 -7.08
C TYR B 269 -7.35 41.58 -7.58
N LEU B 270 -6.27 40.85 -7.77
CA LEU B 270 -6.33 39.47 -8.24
C LEU B 270 -6.66 38.53 -7.09
N GLN B 271 -7.42 37.49 -7.39
CA GLN B 271 -7.84 36.47 -6.44
C GLN B 271 -7.61 35.09 -7.03
N PRO B 272 -7.31 34.08 -6.21
CA PRO B 272 -7.10 32.73 -6.75
C PRO B 272 -8.41 32.10 -7.19
N ARG B 273 -8.61 32.01 -8.51
CA ARG B 273 -9.83 31.46 -9.08
C ARG B 273 -9.47 30.55 -10.24
N THR B 274 -10.48 29.84 -10.74
CA THR B 274 -10.34 28.93 -11.87
C THR B 274 -10.90 29.62 -13.10
N PHE B 275 -10.09 29.68 -14.16
CA PHE B 275 -10.50 30.33 -15.40
C PHE B 275 -10.36 29.38 -16.57
N LEU B 276 -11.42 29.29 -17.38
CA LEU B 276 -11.42 28.44 -18.57
C LEU B 276 -11.05 29.36 -19.73
N LEU B 277 -9.87 29.15 -20.29
CA LEU B 277 -9.36 29.97 -21.38
C LEU B 277 -9.62 29.31 -22.73
N LYS B 278 -10.15 30.08 -23.67
CA LYS B 278 -10.45 29.60 -25.02
C LYS B 278 -9.35 30.07 -25.95
N TYR B 279 -8.70 29.13 -26.64
CA TYR B 279 -7.62 29.43 -27.57
C TYR B 279 -8.11 29.23 -28.99
N ASN B 280 -7.78 30.17 -29.87
CA ASN B 280 -8.17 30.09 -31.28
C ASN B 280 -7.09 29.30 -32.04
N GLU B 281 -7.18 29.29 -33.37
CA GLU B 281 -6.21 28.56 -34.17
C GLU B 281 -4.84 29.24 -34.15
N ASN B 282 -4.80 30.57 -34.02
CA ASN B 282 -3.53 31.28 -33.99
C ASN B 282 -2.83 31.14 -32.65
N GLY B 283 -3.57 30.91 -31.57
CA GLY B 283 -3.02 30.76 -30.24
C GLY B 283 -3.36 31.87 -29.28
N THR B 284 -4.20 32.82 -29.68
CA THR B 284 -4.61 33.92 -28.82
C THR B 284 -5.83 33.54 -27.99
N ILE B 285 -5.98 34.21 -26.85
CA ILE B 285 -7.10 33.96 -25.95
C ILE B 285 -8.25 34.83 -26.42
N THR B 286 -9.23 34.21 -27.09
CA THR B 286 -10.38 34.97 -27.60
C THR B 286 -11.41 35.23 -26.51
N ASP B 287 -11.66 34.26 -25.63
CA ASP B 287 -12.63 34.43 -24.57
C ASP B 287 -12.20 33.65 -23.33
N ALA B 288 -12.75 34.06 -22.18
CA ALA B 288 -12.48 33.42 -20.91
C ALA B 288 -13.78 33.33 -20.13
N VAL B 289 -13.88 32.32 -19.26
CA VAL B 289 -15.07 32.10 -18.46
C VAL B 289 -14.65 31.90 -17.01
N ASP B 290 -15.23 32.68 -16.10
CA ASP B 290 -14.96 32.56 -14.68
C ASP B 290 -15.85 31.44 -14.15
N CYS B 291 -15.21 30.34 -13.71
CA CYS B 291 -15.94 29.16 -13.23
C CYS B 291 -16.78 29.44 -11.99
N ALA B 292 -16.25 30.20 -11.03
CA ALA B 292 -16.97 30.48 -9.79
C ALA B 292 -17.79 31.77 -9.83
N LEU B 293 -18.07 32.32 -11.01
CA LEU B 293 -18.83 33.56 -11.07
C LEU B 293 -20.34 33.32 -10.97
N ASP B 294 -20.90 32.57 -11.91
CA ASP B 294 -22.32 32.29 -11.99
C ASP B 294 -22.56 30.80 -12.19
N PRO B 295 -23.76 30.29 -11.87
CA PRO B 295 -24.06 28.87 -12.09
C PRO B 295 -24.02 28.47 -13.56
N LEU B 296 -24.39 29.38 -14.48
CA LEU B 296 -24.32 29.08 -15.90
C LEU B 296 -22.87 28.91 -16.34
N SER B 297 -21.99 29.78 -15.84
CA SER B 297 -20.58 29.70 -16.18
C SER B 297 -19.93 28.50 -15.49
N GLU B 298 -20.50 28.05 -14.38
CA GLU B 298 -19.98 26.89 -13.67
C GLU B 298 -20.21 25.61 -14.47
N THR B 299 -21.30 25.56 -15.23
CA THR B 299 -21.59 24.41 -16.08
C THR B 299 -20.60 24.32 -17.23
N LYS B 300 -20.20 25.47 -17.77
CA LYS B 300 -19.24 25.52 -18.86
C LYS B 300 -17.86 25.06 -18.40
N CYS B 301 -17.52 25.35 -17.15
CA CYS B 301 -16.22 24.95 -16.61
C CYS B 301 -16.18 23.44 -16.36
N THR B 302 -17.28 22.87 -15.91
CA THR B 302 -17.33 21.43 -15.65
C THR B 302 -17.33 20.62 -16.94
N LEU B 303 -18.13 21.02 -17.91
CA LEU B 303 -18.21 20.31 -19.18
C LEU B 303 -17.07 20.65 -20.15
N LYS B 304 -16.29 21.69 -19.84
CA LYS B 304 -15.17 22.18 -20.67
C LYS B 304 -15.61 22.53 -22.09
N SER B 305 -16.79 23.14 -22.19
CA SER B 305 -17.35 23.53 -23.48
C SER B 305 -18.12 24.83 -23.31
N PHE B 306 -17.97 25.73 -24.28
CA PHE B 306 -18.65 27.02 -24.23
C PHE B 306 -20.12 26.95 -24.63
N THR B 307 -20.60 25.82 -25.15
CA THR B 307 -21.99 25.68 -25.56
C THR B 307 -22.64 24.49 -24.89
N VAL B 308 -23.76 24.74 -24.21
CA VAL B 308 -24.54 23.72 -23.53
C VAL B 308 -25.99 23.88 -23.96
N GLU B 309 -26.69 22.76 -24.18
CA GLU B 309 -28.09 22.85 -24.63
C GLU B 309 -28.95 21.75 -24.03
N LYS B 310 -30.03 22.20 -23.36
CA LYS B 310 -31.09 21.39 -22.71
C LYS B 310 -30.57 20.20 -21.92
N GLY B 311 -29.61 20.46 -21.03
CA GLY B 311 -29.02 19.40 -20.23
C GLY B 311 -28.99 19.74 -18.75
N ILE B 312 -29.05 18.68 -17.95
CA ILE B 312 -28.98 18.77 -16.50
C ILE B 312 -27.60 18.26 -16.10
N TYR B 313 -26.85 19.08 -15.35
CA TYR B 313 -25.50 18.71 -14.97
C TYR B 313 -25.22 19.00 -13.51
N GLN B 314 -24.47 18.08 -12.88
CA GLN B 314 -24.07 18.19 -11.48
C GLN B 314 -22.73 18.92 -11.46
N THR B 315 -22.78 20.22 -11.21
CA THR B 315 -21.55 21.04 -11.20
C THR B 315 -20.65 20.73 -10.02
N SER B 316 -21.18 20.75 -8.80
CA SER B 316 -20.36 20.51 -7.61
C SER B 316 -21.23 19.99 -6.48
N ASN B 317 -20.60 19.80 -5.33
CA ASN B 317 -21.23 19.32 -4.12
C ASN B 317 -21.21 20.40 -3.05
N PHE B 318 -22.35 20.63 -2.40
CA PHE B 318 -22.47 21.63 -1.35
C PHE B 318 -22.57 20.92 0.00
N ARG B 319 -21.94 21.48 1.02
CA ARG B 319 -21.95 20.92 2.36
C ARG B 319 -22.19 22.04 3.36
N VAL B 320 -23.18 21.86 4.23
CA VAL B 320 -23.48 22.87 5.24
C VAL B 320 -22.41 22.81 6.32
N GLN B 321 -21.83 23.97 6.63
CA GLN B 321 -20.77 24.01 7.64
C GLN B 321 -21.36 24.24 9.02
N PRO B 322 -21.00 23.42 10.00
CA PRO B 322 -21.54 23.62 11.36
C PRO B 322 -20.95 24.85 12.01
N THR B 323 -21.69 25.42 12.97
CA THR B 323 -21.22 26.61 13.71
C THR B 323 -21.62 26.45 15.18
N GLU B 324 -21.24 27.39 16.06
CA GLU B 324 -21.65 27.37 17.50
C GLU B 324 -21.37 26.02 18.18
N SER B 325 -20.18 25.46 17.99
CA SER B 325 -19.81 24.17 18.64
C SER B 325 -20.08 24.21 20.15
N ILE B 326 -20.86 23.26 20.66
CA ILE B 326 -21.17 23.16 22.09
C ILE B 326 -20.66 21.85 22.65
N VAL B 327 -20.34 21.85 23.94
CA VAL B 327 -19.87 20.68 24.66
C VAL B 327 -20.84 20.43 25.82
N ARG B 328 -21.24 19.17 26.00
CA ARG B 328 -22.18 18.80 27.05
C ARG B 328 -21.59 17.69 27.90
N PHE B 329 -21.68 17.87 29.22
CA PHE B 329 -21.17 16.95 30.22
C PHE B 329 -22.20 16.83 31.33
N PRO B 330 -22.15 15.77 32.15
CA PRO B 330 -23.15 15.61 33.23
C PRO B 330 -23.04 16.67 34.32
N ASN B 331 -24.04 16.65 35.22
CA ASN B 331 -24.09 17.57 36.35
C ASN B 331 -22.91 17.41 37.29
N ILE B 332 -22.43 18.54 37.81
CA ILE B 332 -21.29 18.53 38.76
C ILE B 332 -21.87 18.14 40.13
N THR B 333 -22.19 16.86 40.30
CA THR B 333 -22.74 16.37 41.59
C THR B 333 -21.60 15.71 42.36
N ASN B 334 -21.80 15.43 43.65
CA ASN B 334 -20.74 14.82 44.50
C ASN B 334 -19.48 15.69 44.59
N LEU B 335 -19.62 16.95 45.02
CA LEU B 335 -18.43 17.82 45.23
C LEU B 335 -17.56 17.26 46.35
N CYS B 336 -16.23 17.34 46.22
CA CYS B 336 -15.32 16.92 47.27
C CYS B 336 -15.45 17.78 48.50
N PRO B 337 -15.27 17.24 49.76
CA PRO B 337 -15.49 18.07 50.95
C PRO B 337 -14.26 18.87 51.36
N PHE B 338 -13.69 19.67 50.45
CA PHE B 338 -12.53 20.53 50.81
C PHE B 338 -12.94 21.46 51.96
N GLY B 339 -14.20 21.90 51.95
CA GLY B 339 -14.69 22.82 53.01
C GLY B 339 -14.51 22.22 54.39
N GLU B 340 -14.69 20.89 54.50
CA GLU B 340 -14.59 20.22 55.82
C GLU B 340 -13.20 20.49 56.39
N VAL B 341 -12.15 20.17 55.64
CA VAL B 341 -10.76 20.33 56.20
C VAL B 341 -10.47 21.82 56.48
N PHE B 342 -10.84 22.72 55.57
CA PHE B 342 -10.50 24.15 55.72
C PHE B 342 -11.20 24.79 56.93
N ASN B 343 -12.47 24.46 57.17
CA ASN B 343 -13.24 25.17 58.23
C ASN B 343 -13.46 24.28 59.45
N ALA B 344 -12.63 23.25 59.66
CA ALA B 344 -12.89 22.31 60.77
C ALA B 344 -12.94 23.01 62.14
N THR B 345 -13.98 22.70 62.92
CA THR B 345 -14.15 23.35 64.25
C THR B 345 -12.81 23.32 64.99
N ARG B 346 -12.22 22.14 65.13
CA ARG B 346 -10.89 22.04 65.78
C ARG B 346 -9.90 21.42 64.78
N PHE B 347 -8.78 22.08 64.53
CA PHE B 347 -7.72 21.49 63.66
C PHE B 347 -6.82 20.64 64.57
N ALA B 348 -5.80 20.01 64.00
CA ALA B 348 -4.87 19.28 64.88
C ALA B 348 -3.53 20.01 64.98
N SER B 349 -2.77 19.76 66.03
CA SER B 349 -1.42 20.34 66.18
C SER B 349 -0.51 19.70 65.12
N VAL B 350 0.58 20.37 64.74
CA VAL B 350 1.48 19.86 63.67
C VAL B 350 2.11 18.52 64.09
N TYR B 351 2.31 18.28 65.38
CA TYR B 351 3.04 17.06 65.81
C TYR B 351 2.31 15.86 65.22
N ALA B 352 0.98 15.89 65.20
CA ALA B 352 0.22 14.81 64.53
C ALA B 352 -0.75 15.50 63.59
N TRP B 353 -0.23 16.06 62.49
CA TRP B 353 -1.10 16.84 61.57
C TRP B 353 -2.20 15.94 61.03
N ASN B 354 -3.41 16.47 60.92
CA ASN B 354 -4.53 15.66 60.37
C ASN B 354 -4.20 15.29 58.92
N ARG B 355 -4.52 14.06 58.51
CA ARG B 355 -4.31 13.63 57.11
C ARG B 355 -5.67 13.30 56.51
N LYS B 356 -5.92 13.75 55.29
CA LYS B 356 -7.24 13.49 54.65
C LYS B 356 -7.03 12.91 53.26
N ARG B 357 -7.88 11.99 52.84
CA ARG B 357 -7.80 11.46 51.45
C ARG B 357 -9.08 11.84 50.72
N ILE B 358 -8.96 12.40 49.52
CA ILE B 358 -10.15 12.86 48.74
C ILE B 358 -10.29 11.92 47.53
N SER B 359 -11.46 11.30 47.32
CA SER B 359 -11.59 10.28 46.25
C SER B 359 -12.99 10.25 45.64
N ASN B 360 -13.13 9.64 44.45
CA ASN B 360 -14.46 9.46 43.79
C ASN B 360 -15.33 10.71 43.94
N CYS B 361 -14.76 11.88 43.69
CA CYS B 361 -15.56 13.10 43.71
C CYS B 361 -14.93 14.10 42.75
N VAL B 362 -15.64 15.20 42.53
CA VAL B 362 -15.18 16.29 41.70
C VAL B 362 -14.82 17.45 42.62
N ALA B 363 -13.68 18.06 42.37
CA ALA B 363 -13.17 19.14 43.20
C ALA B 363 -13.39 20.46 42.48
N ASP B 364 -13.99 21.41 43.19
CA ASP B 364 -14.11 22.78 42.63
C ASP B 364 -12.96 23.54 43.27
N TYR B 365 -11.75 23.41 42.72
CA TYR B 365 -10.56 24.06 43.33
C TYR B 365 -10.84 25.56 43.36
N SER B 366 -11.52 26.05 42.33
CA SER B 366 -11.89 27.49 42.26
C SER B 366 -12.33 28.04 43.62
N VAL B 367 -13.16 27.34 44.39
CA VAL B 367 -13.69 27.97 45.63
C VAL B 367 -12.50 28.38 46.48
N LEU B 368 -11.50 27.51 46.57
CA LEU B 368 -10.31 27.83 47.41
C LEU B 368 -9.56 29.04 46.87
N TYR B 369 -9.38 29.12 45.53
CA TYR B 369 -8.52 30.19 44.93
C TYR B 369 -9.31 31.41 44.45
N ASN B 370 -10.64 31.32 44.44
CA ASN B 370 -11.43 32.51 44.07
C ASN B 370 -11.35 33.54 45.19
N SER B 371 -11.45 33.10 46.44
CA SER B 371 -11.45 34.04 47.59
C SER B 371 -10.06 34.62 47.81
N ALA B 372 -9.96 35.85 48.30
CA ALA B 372 -8.65 36.45 48.61
C ALA B 372 -8.44 36.41 50.13
N SER B 373 -9.33 35.75 50.86
CA SER B 373 -9.24 35.74 52.34
C SER B 373 -7.94 35.08 52.82
N PHE B 374 -7.49 34.03 52.15
CA PHE B 374 -6.30 33.28 52.65
C PHE B 374 -5.06 34.17 52.66
N SER B 375 -4.31 34.16 53.77
CA SER B 375 -3.09 34.98 53.91
C SER B 375 -2.02 34.52 52.92
N THR B 376 -1.83 33.21 52.77
CA THR B 376 -0.76 32.72 51.87
C THR B 376 -1.32 31.69 50.88
N PHE B 377 -1.23 31.96 49.58
CA PHE B 377 -1.67 30.96 48.58
C PHE B 377 -0.46 30.65 47.70
N LYS B 378 0.24 29.57 48.01
CA LYS B 378 1.46 29.22 47.32
C LYS B 378 1.25 27.85 46.73
N CYS B 379 1.41 27.71 45.42
CA CYS B 379 1.24 26.43 44.77
C CYS B 379 2.54 26.08 44.08
N TYR B 380 3.06 24.87 44.33
CA TYR B 380 4.39 24.48 43.80
C TYR B 380 4.24 23.49 42.65
N GLY B 381 4.71 23.86 41.45
CA GLY B 381 4.70 22.91 40.32
C GLY B 381 3.39 22.92 39.56
N VAL B 382 2.27 23.11 40.27
CA VAL B 382 0.93 23.07 39.60
C VAL B 382 0.32 24.48 39.68
N SER B 383 -0.07 25.04 38.54
CA SER B 383 -0.71 26.38 38.51
C SER B 383 -2.12 26.30 39.11
N PRO B 384 -2.55 27.24 39.97
CA PRO B 384 -3.92 27.26 40.47
C PRO B 384 -4.88 27.45 39.30
N THR B 385 -4.51 28.32 38.34
CA THR B 385 -5.34 28.48 37.13
C THR B 385 -5.31 27.16 36.35
N LYS B 386 -6.46 26.70 35.85
CA LYS B 386 -6.53 25.45 35.04
C LYS B 386 -6.27 24.22 35.93
N LEU B 387 -6.35 24.38 37.26
CA LEU B 387 -6.18 23.21 38.16
C LEU B 387 -7.34 22.24 37.89
N ASN B 388 -8.54 22.76 37.65
CA ASN B 388 -9.70 21.89 37.33
C ASN B 388 -9.34 20.97 36.16
N ASP B 389 -8.68 21.51 35.13
CA ASP B 389 -8.33 20.70 33.93
C ASP B 389 -7.33 19.62 34.35
N LEU B 390 -6.45 19.95 35.30
CA LEU B 390 -5.40 18.96 35.69
C LEU B 390 -6.11 17.96 36.58
N CYS B 391 -6.36 16.78 36.03
CA CYS B 391 -7.21 15.82 36.74
C CYS B 391 -6.25 14.82 37.36
N PHE B 392 -6.31 14.65 38.69
CA PHE B 392 -5.31 13.79 39.39
C PHE B 392 -5.98 12.55 40.01
N THR B 393 -5.26 11.42 40.02
CA THR B 393 -5.81 10.15 40.57
C THR B 393 -6.04 10.26 42.09
N ASN B 394 -5.08 10.81 42.83
CA ASN B 394 -5.21 10.83 44.32
C ASN B 394 -4.98 12.26 44.84
N VAL B 395 -5.85 12.72 45.74
CA VAL B 395 -5.64 14.07 46.35
C VAL B 395 -5.47 13.88 47.87
N TYR B 396 -4.41 14.44 48.45
CA TYR B 396 -4.19 14.34 49.91
C TYR B 396 -4.27 15.73 50.53
N ALA B 397 -5.05 15.89 51.58
CA ALA B 397 -5.13 17.20 52.28
C ALA B 397 -4.53 17.05 53.67
N ASP B 398 -3.54 17.88 54.00
CA ASP B 398 -2.87 17.80 55.33
C ASP B 398 -3.15 19.12 56.07
N SER B 399 -3.68 19.02 57.29
CA SER B 399 -4.05 20.26 58.03
C SER B 399 -3.34 20.30 59.38
N PHE B 400 -2.74 21.44 59.72
CA PHE B 400 -2.06 21.59 61.03
C PHE B 400 -2.09 23.07 61.46
N VAL B 401 -1.98 23.33 62.77
CA VAL B 401 -1.93 24.73 63.25
C VAL B 401 -0.47 25.05 63.59
N ILE B 402 0.10 26.07 62.95
CA ILE B 402 1.49 26.50 63.29
C ILE B 402 1.46 27.99 63.59
N ARG B 403 2.58 28.53 64.07
CA ARG B 403 2.67 29.95 64.34
C ARG B 403 3.13 30.69 63.09
N GLY B 404 2.73 31.97 63.00
CA GLY B 404 2.96 32.77 61.78
C GLY B 404 4.40 32.90 61.33
N ASP B 405 5.35 32.95 62.27
CA ASP B 405 6.76 33.16 61.87
C ASP B 405 7.15 31.98 60.98
N GLU B 406 6.47 30.85 61.14
CA GLU B 406 6.96 29.65 60.45
C GLU B 406 6.02 29.25 59.33
N VAL B 407 5.16 30.14 58.91
CA VAL B 407 4.32 29.62 57.82
C VAL B 407 5.26 29.28 56.67
N ARG B 408 6.28 30.21 56.49
CA ARG B 408 7.24 30.07 55.36
C ARG B 408 7.89 28.68 55.37
N GLN B 409 8.07 28.06 56.51
CA GLN B 409 8.89 26.82 56.66
C GLN B 409 8.27 25.70 55.82
N ILE B 410 6.94 25.64 55.75
CA ILE B 410 6.23 24.55 55.00
C ILE B 410 6.74 24.48 53.55
N ALA B 411 7.27 25.58 53.00
CA ALA B 411 7.86 25.53 51.65
C ALA B 411 8.78 24.31 51.53
N PRO B 412 8.83 23.61 50.37
CA PRO B 412 9.70 22.46 50.20
C PRO B 412 11.19 22.81 50.35
N GLY B 413 11.97 21.90 50.95
CA GLY B 413 13.42 22.12 51.12
C GLY B 413 13.76 23.35 51.93
N GLN B 414 13.02 23.61 53.00
CA GLN B 414 13.35 24.75 53.89
C GLN B 414 13.86 24.22 55.23
N THR B 415 14.94 24.80 55.75
CA THR B 415 15.43 24.42 57.10
C THR B 415 14.48 25.00 58.15
N GLY B 416 14.24 24.28 59.26
CA GLY B 416 13.40 24.84 60.34
C GLY B 416 13.04 23.81 61.39
N LYS B 417 12.60 24.28 62.56
CA LYS B 417 12.24 23.36 63.68
C LYS B 417 10.86 22.78 63.37
N ILE B 418 10.08 23.45 62.53
CA ILE B 418 8.78 22.86 62.14
C ILE B 418 9.05 22.19 60.81
N ALA B 419 9.99 22.74 60.07
CA ALA B 419 10.18 22.20 58.70
C ALA B 419 10.82 20.80 58.69
N ASP B 420 11.84 20.56 59.50
CA ASP B 420 12.53 19.24 59.41
C ASP B 420 12.12 18.32 60.54
N TYR B 421 12.17 18.80 61.79
CA TYR B 421 11.85 17.94 62.96
C TYR B 421 10.37 17.51 62.94
N ASN B 422 9.47 18.42 62.54
CA ASN B 422 8.01 18.10 62.63
C ASN B 422 7.41 17.71 61.27
N TYR B 423 7.14 18.67 60.39
CA TYR B 423 6.42 18.35 59.13
C TYR B 423 7.28 18.66 57.90
N LYS B 424 7.55 17.70 57.03
CA LYS B 424 8.50 17.96 55.92
C LYS B 424 7.93 17.60 54.55
N LEU B 425 7.72 18.58 53.65
CA LEU B 425 7.27 18.28 52.27
C LEU B 425 8.45 17.79 51.44
N PRO B 426 8.23 17.05 50.34
CA PRO B 426 9.32 16.50 49.54
C PRO B 426 9.96 17.47 48.54
N ASP B 427 11.14 17.16 48.00
CA ASP B 427 11.72 18.03 46.96
C ASP B 427 10.75 18.08 45.79
N ASP B 428 10.19 16.93 45.42
CA ASP B 428 9.14 16.92 44.37
C ASP B 428 7.78 17.05 45.04
N PHE B 429 7.28 18.27 45.20
CA PHE B 429 5.97 18.48 45.85
C PHE B 429 5.02 19.09 44.84
N THR B 430 4.13 18.28 44.27
CA THR B 430 3.13 18.84 43.35
C THR B 430 1.92 19.29 44.16
N GLY B 431 2.02 20.38 44.92
CA GLY B 431 0.87 20.72 45.77
C GLY B 431 0.68 22.20 45.99
N CYS B 432 -0.19 22.57 46.92
CA CYS B 432 -0.46 23.95 47.27
C CYS B 432 -0.44 24.14 48.77
N VAL B 433 -0.02 25.32 49.21
CA VAL B 433 0.09 25.65 50.62
C VAL B 433 -0.79 26.85 50.91
N ILE B 434 -1.78 26.68 51.77
CA ILE B 434 -2.78 27.70 52.05
C ILE B 434 -2.80 27.97 53.55
N ALA B 435 -2.82 29.26 53.94
CA ALA B 435 -2.78 29.60 55.38
C ALA B 435 -3.60 30.87 55.64
N TRP B 436 -4.19 31.00 56.82
CA TRP B 436 -4.93 32.24 57.19
C TRP B 436 -4.68 32.56 58.66
N ASN B 437 -4.77 33.84 59.04
CA ASN B 437 -4.62 34.20 60.47
C ASN B 437 -5.96 33.94 61.17
N SER B 438 -5.93 33.25 62.31
CA SER B 438 -7.19 32.91 63.04
C SER B 438 -6.98 33.19 64.52
N ASN B 439 -6.52 34.38 64.87
CA ASN B 439 -6.20 34.72 66.28
C ASN B 439 -7.46 34.65 67.14
N ASN B 440 -8.60 35.15 66.66
CA ASN B 440 -9.82 35.20 67.49
C ASN B 440 -10.46 33.81 67.60
N LEU B 441 -10.03 32.85 66.77
CA LEU B 441 -10.64 31.49 66.75
C LEU B 441 -9.89 30.50 67.64
N ASP B 442 -8.55 30.47 67.58
CA ASP B 442 -7.80 29.43 68.34
C ASP B 442 -7.37 29.97 69.70
N SER B 443 -6.91 31.23 69.78
CA SER B 443 -6.38 31.78 71.06
C SER B 443 -7.49 31.96 72.10
N LYS B 444 -7.15 31.78 73.37
CA LYS B 444 -8.12 31.96 74.49
C LYS B 444 -7.45 32.83 75.54
N VAL B 445 -8.21 33.48 76.43
CA VAL B 445 -7.59 34.25 77.54
C VAL B 445 -6.84 33.27 78.45
N GLY B 446 -5.72 33.70 79.03
CA GLY B 446 -4.91 32.80 79.89
C GLY B 446 -4.00 31.92 79.04
N GLY B 447 -3.78 32.27 77.77
CA GLY B 447 -2.84 31.51 76.92
C GLY B 447 -3.47 30.27 76.32
N ASN B 448 -2.90 29.74 75.24
CA ASN B 448 -3.43 28.49 74.65
C ASN B 448 -2.35 27.40 74.71
N TYR B 449 -2.58 26.32 75.46
CA TYR B 449 -1.62 25.18 75.50
C TYR B 449 -2.20 24.06 74.64
N ASN B 450 -3.32 24.33 73.96
CA ASN B 450 -4.00 23.27 73.17
C ASN B 450 -3.10 22.77 72.04
N TYR B 451 -2.37 23.66 71.37
CA TYR B 451 -1.56 23.23 70.21
C TYR B 451 -0.10 23.00 70.64
N LEU B 452 0.49 21.86 70.25
CA LEU B 452 1.86 21.52 70.71
C LEU B 452 2.75 21.15 69.52
N TYR B 453 4.07 21.28 69.68
CA TYR B 453 5.02 20.94 68.58
C TYR B 453 6.30 20.37 69.20
N ARG B 454 6.82 19.28 68.63
CA ARG B 454 8.11 18.74 69.12
C ARG B 454 9.20 19.76 68.80
N LEU B 455 10.07 20.06 69.77
CA LEU B 455 11.16 21.04 69.56
C LEU B 455 12.47 20.26 69.45
N PHE B 456 12.58 19.18 70.23
CA PHE B 456 13.81 18.33 70.21
C PHE B 456 13.53 16.95 69.59
N ARG B 457 14.30 16.59 68.57
CA ARG B 457 14.21 15.23 67.96
C ARG B 457 15.64 14.75 67.73
N LYS B 458 15.90 13.44 67.84
CA LYS B 458 17.31 12.94 67.74
C LYS B 458 17.87 13.25 66.35
N SER B 459 17.07 13.03 65.31
CA SER B 459 17.51 13.33 63.92
C SER B 459 16.30 13.83 63.13
N ASN B 460 16.51 14.35 61.92
CA ASN B 460 15.36 14.92 61.15
C ASN B 460 14.43 13.80 60.67
N LEU B 461 13.18 14.12 60.35
CA LEU B 461 12.21 13.11 59.85
C LEU B 461 12.14 13.16 58.32
N LYS B 462 11.89 12.02 57.67
CA LYS B 462 11.80 11.95 56.18
C LYS B 462 10.51 12.63 55.72
N PRO B 463 10.42 13.13 54.47
CA PRO B 463 9.19 13.73 53.95
C PRO B 463 7.88 12.98 54.27
N PHE B 464 6.84 13.70 54.70
CA PHE B 464 5.51 13.12 55.00
C PHE B 464 5.60 12.07 56.12
N GLU B 465 6.43 12.30 57.13
CA GLU B 465 6.52 11.34 58.27
C GLU B 465 6.17 12.04 59.58
N ARG B 466 5.13 11.57 60.27
CA ARG B 466 4.81 12.14 61.61
C ARG B 466 5.10 11.08 62.67
N ASP B 467 5.90 11.43 63.68
CA ASP B 467 6.29 10.45 64.72
C ASP B 467 5.90 11.00 66.09
N ILE B 468 4.87 10.41 66.70
CA ILE B 468 4.40 10.90 68.03
C ILE B 468 5.27 10.24 69.10
N SER B 469 6.33 10.94 69.53
CA SER B 469 7.18 10.39 70.62
C SER B 469 7.09 11.29 71.85
N THR B 470 6.47 10.81 72.94
CA THR B 470 6.39 11.59 74.19
C THR B 470 7.36 11.13 75.28
N GLU B 471 8.16 10.11 74.96
CA GLU B 471 9.21 9.67 75.92
C GLU B 471 10.20 10.83 76.06
N ILE B 472 10.88 10.94 77.21
CA ILE B 472 11.78 12.10 77.46
C ILE B 472 12.93 12.10 76.45
N TYR B 473 13.30 13.28 75.93
CA TYR B 473 14.37 13.38 74.90
C TYR B 473 15.74 13.09 75.51
N GLN B 474 16.71 12.71 74.66
CA GLN B 474 18.07 12.34 75.14
C GLN B 474 19.09 13.32 74.56
N ALA B 475 19.35 14.43 75.24
CA ALA B 475 20.34 15.43 74.78
C ALA B 475 21.76 14.85 74.79
N GLY B 476 22.12 14.09 75.83
CA GLY B 476 23.51 13.61 75.95
C GLY B 476 23.65 12.10 75.88
N SER B 477 24.53 11.51 76.68
CA SER B 477 24.80 10.05 76.60
C SER B 477 23.99 9.29 77.65
N THR B 478 24.03 9.71 78.91
CA THR B 478 23.32 8.96 80.00
C THR B 478 21.80 9.12 79.89
N PRO B 479 20.98 8.08 80.18
CA PRO B 479 19.50 8.18 80.15
C PRO B 479 18.77 8.27 81.49
N CYS B 480 17.76 9.14 81.58
CA CYS B 480 16.99 9.35 82.86
C CYS B 480 15.70 8.52 82.88
N ASN B 481 15.44 7.74 81.84
CA ASN B 481 14.29 6.79 81.82
C ASN B 481 12.93 7.46 82.03
N GLY B 482 12.57 8.44 81.19
CA GLY B 482 11.21 8.99 81.27
C GLY B 482 10.94 9.92 82.44
N VAL B 483 11.97 10.37 83.16
CA VAL B 483 11.73 11.39 84.22
C VAL B 483 12.35 12.70 83.71
N GLU B 484 11.55 13.76 83.54
CA GLU B 484 12.08 15.01 82.96
C GLU B 484 13.13 15.60 83.91
N GLY B 485 14.23 16.14 83.38
CA GLY B 485 15.34 16.65 84.22
C GLY B 485 16.40 17.38 83.42
N PHE B 486 17.57 17.65 84.02
CA PHE B 486 18.67 18.29 83.27
C PHE B 486 19.08 17.37 82.12
N ASN B 487 19.25 17.92 80.91
CA ASN B 487 19.59 17.08 79.71
C ASN B 487 18.54 15.99 79.51
N CYS B 488 17.27 16.29 79.79
CA CYS B 488 16.15 15.31 79.66
C CYS B 488 14.87 16.14 79.61
N TYR B 489 14.40 16.51 78.41
CA TYR B 489 13.25 17.46 78.32
C TYR B 489 12.07 16.78 77.62
N PHE B 490 10.84 17.07 78.05
CA PHE B 490 9.65 16.51 77.36
C PHE B 490 9.64 17.06 75.93
N PRO B 491 9.38 16.22 74.89
CA PRO B 491 9.46 16.67 73.50
C PRO B 491 8.47 17.78 73.15
N LEU B 492 7.20 17.63 73.55
CA LEU B 492 6.16 18.63 73.16
C LEU B 492 6.42 19.99 73.82
N GLN B 493 6.29 21.08 73.04
CA GLN B 493 6.48 22.46 73.58
C GLN B 493 5.19 23.26 73.35
N SER B 494 4.70 23.98 74.36
CA SER B 494 3.40 24.70 74.23
C SER B 494 3.48 25.89 73.27
N TYR B 495 2.50 26.04 72.38
CA TYR B 495 2.44 27.21 71.46
C TYR B 495 2.14 28.51 72.21
N GLY B 496 1.27 28.48 73.22
CA GLY B 496 0.93 29.67 74.01
C GLY B 496 0.37 30.83 73.20
N PHE B 497 -0.63 30.58 72.33
CA PHE B 497 -1.23 31.63 71.48
C PHE B 497 -1.99 32.69 72.30
N GLN B 498 -1.86 33.96 71.92
CA GLN B 498 -2.51 35.06 72.68
C GLN B 498 -2.87 36.19 71.71
N PRO B 499 -4.00 36.91 71.91
CA PRO B 499 -4.35 38.03 71.04
C PRO B 499 -3.32 39.17 71.09
N THR B 500 -2.79 39.49 72.28
CA THR B 500 -1.86 40.63 72.44
C THR B 500 -0.48 40.32 71.85
N ASN B 501 -0.25 39.08 71.39
CA ASN B 501 1.10 38.69 70.87
C ASN B 501 1.40 39.28 69.50
N GLY B 502 2.66 39.20 69.06
CA GLY B 502 3.02 39.68 67.71
C GLY B 502 2.39 38.82 66.64
N VAL B 503 2.33 39.33 65.41
CA VAL B 503 1.68 38.59 64.29
C VAL B 503 2.39 37.25 64.13
N GLY B 504 3.70 37.22 64.39
CA GLY B 504 4.49 35.98 64.24
C GLY B 504 4.02 34.88 65.19
N TYR B 505 3.65 35.24 66.42
CA TYR B 505 3.32 34.20 67.43
C TYR B 505 1.80 34.09 67.55
N GLN B 506 1.12 33.90 66.42
CA GLN B 506 -0.36 33.80 66.43
C GLN B 506 -0.76 32.52 65.71
N PRO B 507 -1.90 31.88 66.05
CA PRO B 507 -2.28 30.61 65.44
C PRO B 507 -2.63 30.78 63.95
N TYR B 508 -1.86 30.16 63.06
CA TYR B 508 -2.16 30.20 61.61
C TYR B 508 -2.50 28.79 61.15
N ARG B 509 -3.81 28.49 61.01
CA ARG B 509 -4.21 27.15 60.50
C ARG B 509 -3.67 27.03 59.08
N VAL B 510 -3.05 25.90 58.74
CA VAL B 510 -2.41 25.76 57.40
C VAL B 510 -2.90 24.49 56.71
N VAL B 511 -3.64 24.64 55.62
CA VAL B 511 -4.07 23.50 54.83
C VAL B 511 -3.03 23.31 53.74
N VAL B 512 -2.51 22.09 53.62
CA VAL B 512 -1.58 21.75 52.56
C VAL B 512 -2.25 20.74 51.65
N LEU B 513 -2.43 21.11 50.40
CA LEU B 513 -2.96 20.19 49.43
C LEU B 513 -1.82 19.44 48.77
N SER B 514 -2.07 18.19 48.44
CA SER B 514 -1.15 17.43 47.60
C SER B 514 -1.94 16.77 46.49
N PHE B 515 -1.30 16.67 45.34
CA PHE B 515 -1.88 16.03 44.18
C PHE B 515 -0.92 14.93 43.75
N GLU B 516 -1.44 13.74 43.53
CA GLU B 516 -0.59 12.60 43.27
C GLU B 516 -1.09 11.85 42.04
N LEU B 517 -0.16 11.52 41.15
CA LEU B 517 -0.44 10.73 39.96
C LEU B 517 0.27 9.40 40.11
N LEU B 518 -0.48 8.30 39.88
CA LEU B 518 0.10 6.94 39.93
C LEU B 518 -0.42 6.14 38.74
N HIS B 519 -0.10 4.85 38.69
CA HIS B 519 -0.59 3.97 37.59
C HIS B 519 -2.12 3.88 37.66
N ALA B 520 -2.69 3.87 38.86
CA ALA B 520 -4.15 3.69 39.03
C ALA B 520 -4.92 4.82 38.33
N PRO B 521 -6.07 4.53 37.67
CA PRO B 521 -6.84 5.55 36.94
C PRO B 521 -7.24 6.76 37.79
N ALA B 522 -7.56 7.89 37.14
CA ALA B 522 -7.85 9.15 37.88
C ALA B 522 -9.19 9.11 38.60
N THR B 523 -9.21 9.44 39.89
CA THR B 523 -10.50 9.51 40.64
C THR B 523 -10.84 10.96 41.00
N VAL B 524 -9.91 11.91 40.92
CA VAL B 524 -10.32 13.31 41.31
C VAL B 524 -10.22 14.26 40.11
N CYS B 525 -11.22 14.23 39.22
CA CYS B 525 -11.26 15.15 38.05
C CYS B 525 -11.86 16.50 38.43
N GLY B 526 -11.72 17.50 37.55
CA GLY B 526 -12.28 18.85 37.82
C GLY B 526 -13.62 19.10 37.13
N PRO B 527 -14.39 20.18 37.42
CA PRO B 527 -15.73 20.35 36.83
C PRO B 527 -15.69 20.70 35.34
N LYS B 528 -16.77 20.37 34.60
CA LYS B 528 -16.80 20.60 33.13
C LYS B 528 -17.93 21.59 32.76
N LYS B 529 -17.75 22.35 31.68
CA LYS B 529 -18.75 23.32 31.22
C LYS B 529 -19.84 22.68 30.35
N SER B 530 -21.08 22.86 30.77
CA SER B 530 -22.29 22.41 30.09
C SER B 530 -23.28 23.55 29.89
N THR B 531 -22.77 24.71 29.49
CA THR B 531 -23.45 26.02 29.29
C THR B 531 -24.77 25.92 28.53
N ASN B 532 -24.79 25.49 27.26
CA ASN B 532 -26.04 25.48 26.49
C ASN B 532 -26.16 24.29 25.55
N LEU B 533 -27.41 24.00 25.19
CA LEU B 533 -27.79 22.95 24.26
C LEU B 533 -28.60 23.58 23.14
N VAL B 534 -28.18 23.37 21.89
CA VAL B 534 -28.89 23.91 20.75
C VAL B 534 -29.49 22.75 19.96
N LYS B 535 -30.58 23.04 19.25
CA LYS B 535 -31.29 22.04 18.46
C LYS B 535 -31.70 22.62 17.12
N ASN B 536 -32.16 21.71 16.24
CA ASN B 536 -32.69 21.98 14.90
C ASN B 536 -31.68 22.68 13.98
N LYS B 537 -30.38 22.45 14.16
CA LYS B 537 -29.37 23.06 13.30
C LYS B 537 -28.12 22.19 13.28
N CYS B 538 -27.35 22.35 12.21
CA CYS B 538 -26.11 21.59 12.05
C CYS B 538 -25.07 22.17 13.00
N VAL B 539 -24.74 21.42 14.05
CA VAL B 539 -23.80 21.88 15.07
C VAL B 539 -22.85 20.74 15.43
N ASN B 540 -21.59 21.10 15.70
CA ASN B 540 -20.57 20.15 16.10
C ASN B 540 -20.71 19.93 17.60
N PHE B 541 -20.93 18.69 18.01
CA PHE B 541 -21.13 18.37 19.41
C PHE B 541 -20.03 17.45 19.94
N ASN B 542 -19.97 17.37 21.26
CA ASN B 542 -19.00 16.51 21.96
C ASN B 542 -19.72 15.96 23.19
N PHE B 543 -20.07 14.67 23.14
CA PHE B 543 -20.78 14.00 24.22
C PHE B 543 -19.94 12.85 24.77
N ASN B 544 -19.34 13.08 25.95
CA ASN B 544 -18.51 12.12 26.68
C ASN B 544 -17.36 11.56 25.85
N GLY B 545 -16.65 12.45 25.16
CA GLY B 545 -15.53 12.01 24.30
C GLY B 545 -16.03 11.71 22.90
N LEU B 546 -17.20 11.08 22.77
CA LEU B 546 -17.79 10.86 21.43
C LEU B 546 -18.09 12.24 20.84
N THR B 547 -17.70 12.47 19.59
CA THR B 547 -17.91 13.80 18.96
C THR B 547 -18.81 13.60 17.74
N GLY B 548 -18.99 14.66 16.92
CA GLY B 548 -19.76 14.46 15.71
C GLY B 548 -20.44 15.76 15.31
N THR B 549 -20.71 15.86 14.01
CA THR B 549 -21.36 17.03 13.44
C THR B 549 -22.72 16.61 12.91
N GLY B 550 -23.78 17.11 13.52
CA GLY B 550 -25.11 16.74 13.07
C GLY B 550 -26.19 17.54 13.77
N VAL B 551 -27.39 17.45 13.22
CA VAL B 551 -28.56 18.15 13.75
C VAL B 551 -29.10 17.36 14.93
N LEU B 552 -29.36 18.05 16.04
CA LEU B 552 -29.90 17.44 17.25
C LEU B 552 -31.40 17.66 17.31
N THR B 553 -32.16 16.56 17.32
CA THR B 553 -33.62 16.61 17.37
C THR B 553 -34.13 15.65 18.43
N GLU B 554 -35.40 15.82 18.79
CA GLU B 554 -36.03 14.98 19.79
C GLU B 554 -36.44 13.64 19.19
N SER B 555 -36.51 12.61 20.05
CA SER B 555 -36.89 11.27 19.65
C SER B 555 -38.07 10.81 20.51
N ASN B 556 -38.99 10.07 19.88
CA ASN B 556 -40.18 9.58 20.56
C ASN B 556 -40.12 8.13 21.02
N LYS B 557 -39.18 7.34 20.54
CA LYS B 557 -39.09 5.95 20.96
C LYS B 557 -38.48 5.83 22.36
N LYS B 558 -38.77 4.71 23.01
CA LYS B 558 -38.30 4.45 24.37
C LYS B 558 -36.90 3.84 24.40
N PHE B 559 -36.10 4.27 25.37
CA PHE B 559 -34.73 3.80 25.56
C PHE B 559 -34.53 3.30 26.99
N LEU B 560 -33.53 2.42 27.15
CA LEU B 560 -33.19 1.86 28.44
C LEU B 560 -32.55 2.90 29.35
N PRO B 561 -32.64 2.73 30.67
CA PRO B 561 -32.03 3.73 31.57
C PRO B 561 -30.52 3.66 31.73
N PHE B 562 -29.94 2.46 31.67
CA PHE B 562 -28.50 2.33 31.84
C PHE B 562 -27.69 2.74 30.62
N GLN B 563 -28.26 2.66 29.42
CA GLN B 563 -27.52 3.02 28.21
C GLN B 563 -27.34 4.53 28.10
N GLN B 564 -26.31 4.92 27.35
CA GLN B 564 -26.02 6.33 27.11
C GLN B 564 -25.72 6.68 25.65
N PHE B 565 -25.44 5.70 24.79
CA PHE B 565 -25.13 5.92 23.38
C PHE B 565 -26.14 5.16 22.53
N GLY B 566 -26.15 5.47 21.24
CA GLY B 566 -27.04 4.81 20.30
C GLY B 566 -26.34 4.47 19.01
N ARG B 567 -26.63 3.28 18.49
CA ARG B 567 -26.02 2.80 17.25
C ARG B 567 -27.08 2.45 16.22
N ASP B 568 -26.82 2.81 14.97
CA ASP B 568 -27.70 2.52 13.85
C ASP B 568 -27.34 1.12 13.33
N ILE B 569 -28.12 0.62 12.35
CA ILE B 569 -27.87 -0.69 11.76
C ILE B 569 -26.56 -0.70 10.98
N ALA B 570 -26.17 0.45 10.41
CA ALA B 570 -24.94 0.64 9.64
C ALA B 570 -23.69 0.88 10.52
N ASP B 571 -23.80 0.60 11.83
CA ASP B 571 -22.73 0.75 12.82
C ASP B 571 -22.31 2.23 12.88
N THR B 572 -23.30 3.11 12.84
CA THR B 572 -23.10 4.55 12.92
C THR B 572 -23.92 5.10 14.09
N THR B 573 -23.56 6.28 14.55
CA THR B 573 -24.28 6.88 15.66
C THR B 573 -25.63 7.41 15.19
N ASP B 574 -26.70 6.98 15.85
CA ASP B 574 -28.06 7.40 15.50
C ASP B 574 -28.70 8.29 16.55
N ALA B 575 -28.55 7.97 17.83
CA ALA B 575 -29.12 8.77 18.89
C ALA B 575 -28.07 8.95 19.98
N VAL B 576 -28.12 10.11 20.65
CA VAL B 576 -27.18 10.43 21.71
C VAL B 576 -27.98 10.88 22.92
N ARG B 577 -27.86 10.15 24.03
CA ARG B 577 -28.56 10.50 25.25
C ARG B 577 -27.81 11.60 25.97
N ASP B 578 -28.54 12.61 26.42
CA ASP B 578 -27.93 13.71 27.15
C ASP B 578 -27.48 13.21 28.52
N PRO B 579 -26.27 13.55 28.96
CA PRO B 579 -25.82 13.04 30.27
C PRO B 579 -26.52 13.67 31.46
N GLN B 580 -26.74 14.98 31.47
CA GLN B 580 -27.40 15.63 32.59
C GLN B 580 -28.88 15.93 32.34
N THR B 581 -29.41 15.56 31.19
CA THR B 581 -30.81 15.79 30.88
C THR B 581 -31.43 14.44 30.49
N LEU B 582 -32.62 14.17 31.01
CA LEU B 582 -33.29 12.89 30.73
C LEU B 582 -33.77 12.79 29.29
N GLU B 583 -33.93 13.91 28.60
CA GLU B 583 -34.40 13.88 27.22
C GLU B 583 -33.37 13.26 26.28
N ILE B 584 -33.87 12.60 25.24
CA ILE B 584 -33.06 11.93 24.24
C ILE B 584 -32.87 12.86 23.04
N LEU B 585 -31.63 12.93 22.54
CA LEU B 585 -31.31 13.76 21.38
C LEU B 585 -31.03 12.85 20.19
N ASP B 586 -31.96 12.82 19.24
CA ASP B 586 -31.81 12.02 18.03
C ASP B 586 -30.95 12.79 17.04
N ILE B 587 -29.77 12.26 16.74
CA ILE B 587 -28.88 12.94 15.80
C ILE B 587 -29.16 12.47 14.38
N THR B 588 -28.97 13.38 13.44
CA THR B 588 -29.17 13.16 12.01
C THR B 588 -27.96 13.75 11.30
N PRO B 589 -27.57 13.19 10.15
CA PRO B 589 -26.43 13.74 9.41
C PRO B 589 -26.74 15.12 8.85
N CYS B 590 -25.69 15.93 8.71
CA CYS B 590 -25.84 17.28 8.20
C CYS B 590 -26.23 17.26 6.73
N SER B 591 -26.92 18.31 6.30
CA SER B 591 -27.41 18.42 4.92
C SER B 591 -26.25 18.54 3.93
N PHE B 592 -26.19 17.59 3.00
CA PHE B 592 -25.15 17.58 1.97
C PHE B 592 -25.76 16.98 0.71
N GLY B 593 -25.35 17.51 -0.43
CA GLY B 593 -25.87 17.02 -1.69
C GLY B 593 -25.06 17.55 -2.84
N GLY B 594 -25.51 17.26 -4.05
CA GLY B 594 -24.85 17.69 -5.27
C GLY B 594 -25.62 18.84 -5.91
N VAL B 595 -24.89 19.92 -6.20
CA VAL B 595 -25.50 21.08 -6.84
C VAL B 595 -25.72 20.76 -8.31
N SER B 596 -26.98 20.74 -8.74
CA SER B 596 -27.34 20.46 -10.11
C SER B 596 -27.92 21.72 -10.73
N VAL B 597 -27.39 22.11 -11.89
CA VAL B 597 -27.83 23.32 -12.58
C VAL B 597 -28.48 22.94 -13.90
N ILE B 598 -29.70 23.44 -14.12
CA ILE B 598 -30.44 23.21 -15.36
C ILE B 598 -30.17 24.39 -16.30
N THR B 599 -29.99 24.09 -17.58
CA THR B 599 -29.74 25.15 -18.53
C THR B 599 -30.32 24.87 -19.91
N PRO B 600 -30.93 25.89 -20.53
CA PRO B 600 -31.48 25.72 -21.88
C PRO B 600 -30.38 25.95 -22.90
N GLY B 601 -30.72 25.94 -24.18
CA GLY B 601 -29.72 26.17 -25.21
C GLY B 601 -29.20 27.59 -25.15
N THR B 602 -27.90 27.75 -25.46
CA THR B 602 -27.27 29.06 -25.43
C THR B 602 -27.84 30.00 -26.49
N ASN B 603 -28.32 29.44 -27.60
CA ASN B 603 -28.92 30.26 -28.65
C ASN B 603 -30.31 30.74 -28.27
N THR B 604 -30.94 30.13 -27.26
CA THR B 604 -32.28 30.52 -26.84
C THR B 604 -32.26 31.56 -25.72
N SER B 605 -31.63 31.23 -24.59
CA SER B 605 -31.56 32.14 -23.45
C SER B 605 -30.39 31.75 -22.56
N ASN B 606 -30.07 32.64 -21.63
CA ASN B 606 -28.99 32.43 -20.67
C ASN B 606 -29.48 32.28 -19.23
N GLN B 607 -30.78 32.33 -18.99
CA GLN B 607 -31.31 32.20 -17.65
C GLN B 607 -31.17 30.75 -17.17
N VAL B 608 -30.71 30.60 -15.92
CA VAL B 608 -30.50 29.28 -15.32
C VAL B 608 -31.15 29.21 -13.95
N ALA B 609 -31.38 27.98 -13.51
CA ALA B 609 -31.97 27.69 -12.20
C ALA B 609 -31.10 26.63 -11.53
N VAL B 610 -30.93 26.77 -10.22
CA VAL B 610 -30.09 25.87 -9.44
C VAL B 610 -30.98 24.89 -8.68
N LEU B 611 -30.67 23.61 -8.78
CA LEU B 611 -31.41 22.54 -8.11
C LEU B 611 -30.52 21.89 -7.07
N TYR B 612 -30.98 21.85 -5.83
CA TYR B 612 -30.25 21.24 -4.74
C TYR B 612 -30.92 19.90 -4.45
N GLN B 613 -30.12 18.82 -4.42
CA GLN B 613 -30.72 17.46 -4.32
C GLN B 613 -31.02 17.01 -2.89
N ASP B 614 -32.23 16.53 -2.64
CA ASP B 614 -32.61 15.99 -1.30
C ASP B 614 -32.21 16.96 -0.19
N VAL B 615 -32.65 18.22 -0.26
CA VAL B 615 -32.37 19.17 0.85
C VAL B 615 -33.66 19.95 1.14
N ASN B 616 -33.85 20.40 2.39
CA ASN B 616 -35.03 21.23 2.74
C ASN B 616 -34.68 22.69 2.44
N CYS B 617 -35.64 23.47 1.97
CA CYS B 617 -35.37 24.86 1.63
C CYS B 617 -35.29 25.77 2.86
N THR B 618 -34.45 25.41 3.83
CA THR B 618 -34.29 26.20 5.05
C THR B 618 -32.85 26.69 5.17
N GLU B 619 -31.89 25.77 4.97
CA GLU B 619 -30.48 26.11 5.07
C GLU B 619 -30.05 27.01 3.93
N VAL B 620 -30.48 26.71 2.70
CA VAL B 620 -30.11 27.50 1.55
C VAL B 620 -31.19 28.52 1.23
N ASN B 641 -38.17 33.40 -4.92
CA ASN B 641 -38.33 32.41 -5.97
C ASN B 641 -37.74 31.07 -5.56
N VAL B 642 -38.30 30.48 -4.50
CA VAL B 642 -37.86 29.21 -3.96
C VAL B 642 -39.05 28.25 -4.02
N PHE B 643 -38.85 27.10 -4.68
CA PHE B 643 -39.89 26.09 -4.82
C PHE B 643 -39.36 24.76 -4.31
N GLN B 644 -40.05 24.19 -3.32
CA GLN B 644 -39.65 22.92 -2.73
C GLN B 644 -40.33 21.79 -3.51
N THR B 645 -39.52 20.86 -4.03
CA THR B 645 -40.00 19.73 -4.80
C THR B 645 -39.68 18.43 -4.08
N ARG B 646 -40.16 17.32 -4.64
CA ARG B 646 -39.92 16.02 -4.05
C ARG B 646 -38.47 15.58 -4.21
N ALA B 647 -37.82 15.98 -5.30
CA ALA B 647 -36.43 15.62 -5.53
C ALA B 647 -35.46 16.53 -4.80
N GLY B 648 -35.92 17.66 -4.27
CA GLY B 648 -35.06 18.57 -3.55
C GLY B 648 -35.58 19.98 -3.63
N CYS B 649 -34.68 20.93 -3.36
CA CYS B 649 -35.00 22.35 -3.39
C CYS B 649 -34.55 22.94 -4.72
N LEU B 650 -35.51 23.48 -5.47
CA LEU B 650 -35.24 24.10 -6.77
C LEU B 650 -35.48 25.59 -6.66
N ILE B 651 -34.45 26.39 -6.95
CA ILE B 651 -34.55 27.83 -6.89
C ILE B 651 -34.29 28.41 -8.27
N GLY B 652 -34.99 29.51 -8.58
CA GLY B 652 -34.86 30.17 -9.85
C GLY B 652 -35.89 29.78 -10.90
N ALA B 653 -36.57 28.65 -10.72
CA ALA B 653 -37.55 28.18 -11.67
C ALA B 653 -38.97 28.40 -11.13
N GLU B 654 -39.86 28.83 -12.01
CA GLU B 654 -41.25 29.09 -11.68
C GLU B 654 -42.02 27.76 -11.64
N HIS B 655 -43.12 27.74 -10.90
CA HIS B 655 -43.96 26.55 -10.78
C HIS B 655 -45.27 26.79 -11.50
N VAL B 656 -45.65 25.84 -12.35
CA VAL B 656 -46.88 25.92 -13.13
C VAL B 656 -47.78 24.76 -12.72
N ASN B 657 -49.03 25.08 -12.38
CA ASN B 657 -49.99 24.05 -11.99
C ASN B 657 -50.41 23.18 -13.16
N ASN B 658 -50.47 23.76 -14.36
CA ASN B 658 -50.85 23.02 -15.55
C ASN B 658 -49.78 21.99 -15.93
N SER B 659 -50.22 20.80 -16.30
CA SER B 659 -49.32 19.72 -16.67
C SER B 659 -48.94 19.80 -18.14
N TYR B 660 -47.64 19.69 -18.41
CA TYR B 660 -47.10 19.72 -19.76
C TYR B 660 -46.19 18.52 -19.96
N GLU B 661 -45.81 18.28 -21.21
CA GLU B 661 -44.95 17.15 -21.52
C GLU B 661 -43.54 17.40 -21.00
N CYS B 662 -42.88 16.33 -20.58
CA CYS B 662 -41.53 16.45 -20.03
C CYS B 662 -40.49 16.75 -21.10
N ASP B 663 -39.64 17.73 -20.81
CA ASP B 663 -38.58 18.15 -21.71
C ASP B 663 -37.20 17.85 -21.12
N ILE B 664 -36.93 18.29 -19.89
CA ILE B 664 -35.67 18.06 -19.22
C ILE B 664 -35.97 17.28 -17.94
N PRO B 665 -35.36 16.11 -17.74
CA PRO B 665 -35.65 15.33 -16.52
C PRO B 665 -35.00 15.85 -15.24
N ILE B 666 -35.84 16.28 -14.29
CA ILE B 666 -35.35 16.76 -13.00
C ILE B 666 -35.19 15.60 -12.03
N GLY B 667 -36.23 14.80 -11.88
CA GLY B 667 -36.21 13.67 -10.98
C GLY B 667 -37.46 13.67 -10.11
N ALA B 668 -37.82 12.48 -9.62
CA ALA B 668 -38.99 12.22 -8.76
C ALA B 668 -40.31 12.66 -9.40
N GLY B 669 -40.43 12.44 -10.71
CA GLY B 669 -41.65 12.80 -11.41
C GLY B 669 -41.80 14.26 -11.76
N ILE B 670 -40.74 15.06 -11.67
CA ILE B 670 -40.79 16.47 -11.98
C ILE B 670 -39.95 16.72 -13.23
N CYS B 671 -40.45 17.59 -14.11
CA CYS B 671 -39.75 17.94 -15.33
C CYS B 671 -39.87 19.44 -15.54
N ALA B 672 -38.84 20.04 -16.13
CA ALA B 672 -38.80 21.46 -16.37
C ALA B 672 -38.53 21.76 -17.84
N SER B 673 -38.95 22.95 -18.27
CA SER B 673 -38.78 23.39 -19.64
C SER B 673 -38.76 24.90 -19.67
N TYR B 674 -38.38 25.45 -20.82
CA TYR B 674 -38.32 26.89 -21.04
C TYR B 674 -39.53 27.31 -21.86
N GLN B 675 -40.40 28.12 -21.28
CA GLN B 675 -41.60 28.61 -21.93
C GLN B 675 -41.56 30.13 -22.03
N THR B 676 -41.91 30.64 -23.20
CA THR B 676 -41.91 32.08 -23.43
C THR B 676 -43.27 32.69 -23.09
N GLN B 690 -41.02 33.62 -20.48
CA GLN B 690 -39.63 33.87 -20.83
C GLN B 690 -38.70 33.41 -19.72
N SER B 691 -39.21 32.53 -18.87
CA SER B 691 -38.45 31.99 -17.75
C SER B 691 -38.64 30.48 -17.68
N ILE B 692 -37.72 29.82 -16.97
CA ILE B 692 -37.79 28.37 -16.81
C ILE B 692 -38.94 28.02 -15.88
N ILE B 693 -39.80 27.10 -16.31
CA ILE B 693 -40.94 26.69 -15.51
C ILE B 693 -40.78 25.23 -15.12
N ALA B 694 -41.28 24.90 -13.93
CA ALA B 694 -41.22 23.55 -13.39
C ALA B 694 -42.65 23.04 -13.23
N TYR B 695 -42.89 21.81 -13.68
CA TYR B 695 -44.23 21.24 -13.60
C TYR B 695 -44.15 19.73 -13.37
N THR B 696 -45.30 19.15 -13.10
CA THR B 696 -45.42 17.71 -12.91
C THR B 696 -45.32 17.03 -14.26
N MET B 697 -44.58 15.92 -14.32
CA MET B 697 -44.39 15.18 -15.56
C MET B 697 -45.69 14.55 -16.05
N SER B 698 -46.06 14.88 -17.28
CA SER B 698 -47.25 14.32 -17.90
C SER B 698 -46.79 13.16 -18.77
N LEU B 699 -47.40 11.99 -18.56
CA LEU B 699 -47.01 10.82 -19.33
C LEU B 699 -47.44 10.90 -20.78
N GLY B 700 -48.59 11.50 -21.06
CA GLY B 700 -49.06 11.62 -22.42
C GLY B 700 -50.49 12.08 -22.46
N ALA B 701 -50.95 12.35 -23.67
CA ALA B 701 -52.32 12.79 -23.88
C ALA B 701 -53.26 11.61 -23.73
N GLU B 702 -54.38 11.84 -23.04
CA GLU B 702 -55.35 10.78 -22.83
C GLU B 702 -56.09 10.47 -24.13
N ASN B 703 -56.28 9.19 -24.40
CA ASN B 703 -56.95 8.74 -25.61
C ASN B 703 -57.84 7.55 -25.25
N SER B 704 -59.12 7.82 -25.04
CA SER B 704 -60.06 6.77 -24.70
C SER B 704 -60.42 5.98 -25.95
N VAL B 705 -60.75 4.71 -25.75
CA VAL B 705 -61.12 3.81 -26.83
C VAL B 705 -62.59 3.46 -26.66
N ALA B 706 -63.36 3.61 -27.73
CA ALA B 706 -64.80 3.32 -27.70
C ALA B 706 -65.01 1.80 -27.85
N TYR B 707 -64.66 1.09 -26.79
CA TYR B 707 -64.78 -0.36 -26.77
C TYR B 707 -66.21 -0.78 -26.45
N SER B 708 -66.69 -1.78 -27.18
CA SER B 708 -68.00 -2.34 -26.99
C SER B 708 -67.94 -3.79 -27.44
N ASN B 709 -69.03 -4.52 -27.24
CA ASN B 709 -69.04 -5.93 -27.62
C ASN B 709 -69.47 -6.19 -29.06
N ASN B 710 -69.96 -5.18 -29.79
CA ASN B 710 -70.39 -5.42 -31.16
C ASN B 710 -69.89 -4.33 -32.11
N SER B 711 -68.63 -3.91 -31.96
CA SER B 711 -68.09 -2.89 -32.85
C SER B 711 -66.61 -3.13 -33.05
N ILE B 712 -66.16 -3.09 -34.31
CA ILE B 712 -64.76 -3.30 -34.64
C ILE B 712 -64.28 -2.13 -35.49
N ALA B 713 -62.99 -1.85 -35.40
CA ALA B 713 -62.35 -0.77 -36.16
C ALA B 713 -61.32 -1.41 -37.08
N ILE B 714 -61.55 -1.31 -38.38
CA ILE B 714 -60.67 -1.90 -39.39
C ILE B 714 -60.17 -0.77 -40.29
N PRO B 715 -58.86 -0.64 -40.49
CA PRO B 715 -58.35 0.45 -41.32
C PRO B 715 -58.64 0.28 -42.81
N THR B 716 -58.74 1.43 -43.48
CA THR B 716 -58.99 1.49 -44.91
C THR B 716 -57.87 2.19 -45.68
N ASN B 717 -56.97 2.88 -45.00
CA ASN B 717 -55.82 3.55 -45.60
C ASN B 717 -54.58 3.08 -44.84
N PHE B 718 -53.44 3.16 -45.51
CA PHE B 718 -52.20 2.74 -44.88
C PHE B 718 -51.06 3.67 -45.31
N THR B 719 -49.99 3.66 -44.53
CA THR B 719 -48.81 4.46 -44.79
C THR B 719 -47.57 3.62 -44.57
N ILE B 720 -46.55 3.85 -45.39
CA ILE B 720 -45.29 3.14 -45.30
C ILE B 720 -44.28 4.09 -44.67
N SER B 721 -43.75 3.71 -43.52
CA SER B 721 -42.79 4.54 -42.81
C SER B 721 -41.45 3.83 -42.72
N VAL B 722 -40.38 4.62 -42.75
CA VAL B 722 -39.01 4.13 -42.67
C VAL B 722 -38.38 4.73 -41.42
N THR B 723 -37.97 3.87 -40.49
CA THR B 723 -37.34 4.28 -39.25
C THR B 723 -35.86 3.98 -39.30
N THR B 724 -35.09 4.71 -38.50
CA THR B 724 -33.65 4.56 -38.43
C THR B 724 -33.25 4.00 -37.07
N GLU B 725 -32.52 2.89 -37.07
CA GLU B 725 -32.05 2.25 -35.85
C GLU B 725 -30.53 2.30 -35.86
N ILE B 726 -29.94 2.82 -34.79
CA ILE B 726 -28.50 2.95 -34.64
C ILE B 726 -28.02 1.93 -33.61
N LEU B 727 -27.06 1.10 -34.00
CA LEU B 727 -26.53 0.07 -33.12
C LEU B 727 -25.01 -0.02 -33.27
N PRO B 728 -24.26 0.11 -32.18
CA PRO B 728 -22.80 0.00 -32.27
C PRO B 728 -22.38 -1.43 -32.55
N VAL B 729 -21.21 -1.57 -33.18
CA VAL B 729 -20.69 -2.90 -33.52
C VAL B 729 -19.39 -3.17 -32.79
N SER B 730 -18.39 -2.30 -32.98
CA SER B 730 -17.11 -2.47 -32.34
C SER B 730 -16.54 -1.12 -31.93
N MET B 731 -15.54 -1.15 -31.05
CA MET B 731 -14.88 0.03 -30.55
C MET B 731 -13.47 0.10 -31.14
N THR B 732 -12.71 1.12 -30.71
CA THR B 732 -11.35 1.31 -31.19
C THR B 732 -10.43 0.21 -30.66
N LYS B 733 -9.74 -0.47 -31.58
CA LYS B 733 -8.81 -1.55 -31.23
C LYS B 733 -7.52 -0.95 -30.71
N THR B 734 -7.46 -0.73 -29.40
CA THR B 734 -6.29 -0.16 -28.77
C THR B 734 -5.42 -1.26 -28.16
N SER B 735 -4.13 -0.96 -28.01
CA SER B 735 -3.17 -1.91 -27.44
C SER B 735 -2.13 -1.12 -26.65
N VAL B 736 -2.36 -1.03 -25.33
CA VAL B 736 -1.45 -0.31 -24.46
C VAL B 736 -0.30 -1.23 -24.04
N ASP B 737 0.92 -0.71 -24.10
CA ASP B 737 2.10 -1.47 -23.72
C ASP B 737 2.34 -1.26 -22.22
N CYS B 738 2.51 -2.37 -21.50
CA CYS B 738 2.69 -2.31 -20.05
C CYS B 738 4.04 -1.71 -19.66
N THR B 739 5.12 -2.12 -20.33
CA THR B 739 6.46 -1.64 -19.99
C THR B 739 6.66 -0.16 -20.28
N MET B 740 6.22 0.30 -21.47
CA MET B 740 6.40 1.71 -21.84
C MET B 740 5.58 2.67 -20.99
N TYR B 741 4.36 2.27 -20.59
CA TYR B 741 3.51 3.14 -19.80
C TYR B 741 4.05 3.29 -18.38
N ILE B 742 4.42 2.17 -17.74
CA ILE B 742 4.93 2.22 -16.37
C ILE B 742 6.32 2.84 -16.33
N CYS B 743 7.20 2.45 -17.25
CA CYS B 743 8.56 2.96 -17.30
C CYS B 743 8.86 3.63 -18.62
N GLY B 744 9.31 4.87 -18.55
CA GLY B 744 9.66 5.65 -19.73
C GLY B 744 11.05 5.30 -20.21
N ASP B 745 11.16 4.13 -20.87
CA ASP B 745 12.39 3.51 -21.42
C ASP B 745 13.52 3.48 -20.39
N SER B 746 13.17 3.12 -19.17
CA SER B 746 14.08 3.03 -18.03
C SER B 746 14.37 1.57 -17.72
N THR B 747 15.64 1.19 -17.77
CA THR B 747 16.05 -0.18 -17.50
C THR B 747 15.90 -0.53 -16.02
N GLU B 748 16.29 0.40 -15.14
CA GLU B 748 16.19 0.18 -13.71
C GLU B 748 14.74 0.09 -13.23
N CYS B 749 13.82 0.79 -13.91
CA CYS B 749 12.41 0.72 -13.57
C CYS B 749 11.85 -0.66 -13.92
N SER B 750 12.37 -1.26 -15.00
CA SER B 750 11.93 -2.59 -15.42
C SER B 750 12.31 -3.65 -14.39
N ASN B 751 13.45 -3.46 -13.71
CA ASN B 751 13.89 -4.41 -12.68
C ASN B 751 12.94 -4.42 -11.50
N LEU B 752 12.46 -3.22 -11.10
CA LEU B 752 11.52 -3.14 -9.98
C LEU B 752 10.14 -3.64 -10.41
N LEU B 753 9.82 -3.53 -11.69
CA LEU B 753 8.54 -4.00 -12.20
C LEU B 753 8.46 -5.53 -12.15
N LEU B 754 9.59 -6.19 -12.37
CA LEU B 754 9.62 -7.65 -12.32
C LEU B 754 9.52 -8.15 -10.88
N GLN B 755 9.90 -7.29 -9.93
CA GLN B 755 9.83 -7.65 -8.51
C GLN B 755 8.39 -7.82 -8.06
N TYR B 756 7.47 -7.01 -8.62
CA TYR B 756 6.05 -7.12 -8.28
C TYR B 756 5.48 -8.41 -8.81
N GLY B 757 5.85 -8.79 -10.02
CA GLY B 757 5.37 -10.00 -10.65
C GLY B 757 5.13 -9.74 -12.12
N SER B 758 4.25 -10.56 -12.69
CA SER B 758 3.87 -10.47 -14.09
C SER B 758 2.53 -9.76 -14.26
N PHE B 759 2.25 -8.77 -13.40
CA PHE B 759 0.97 -8.04 -13.42
C PHE B 759 0.70 -7.35 -14.76
N CYS B 760 1.72 -6.74 -15.37
CA CYS B 760 1.50 -6.05 -16.63
C CYS B 760 1.38 -7.02 -17.80
N THR B 761 1.79 -8.27 -17.60
CA THR B 761 1.70 -9.26 -18.68
C THR B 761 0.23 -9.63 -18.96
N GLN B 762 -0.58 -9.78 -17.91
CA GLN B 762 -1.98 -10.09 -18.12
C GLN B 762 -2.73 -8.87 -18.64
N LEU B 763 -2.27 -7.67 -18.27
CA LEU B 763 -2.89 -6.44 -18.75
C LEU B 763 -2.63 -6.27 -20.24
N ASN B 764 -1.45 -6.67 -20.70
CA ASN B 764 -1.12 -6.59 -22.11
C ASN B 764 -1.86 -7.68 -22.88
N ARG B 765 -1.98 -8.87 -22.29
CA ARG B 765 -2.68 -9.99 -22.93
C ARG B 765 -4.18 -9.72 -23.01
N ALA B 766 -4.73 -8.95 -22.07
CA ALA B 766 -6.15 -8.64 -22.10
C ALA B 766 -6.49 -7.73 -23.28
N LEU B 767 -5.61 -6.77 -23.59
CA LEU B 767 -5.84 -5.87 -24.72
C LEU B 767 -5.68 -6.59 -26.05
N THR B 768 -4.77 -7.58 -26.12
CA THR B 768 -4.60 -8.33 -27.35
C THR B 768 -5.77 -9.27 -27.56
N GLY B 769 -6.32 -9.82 -26.47
CA GLY B 769 -7.46 -10.70 -26.59
C GLY B 769 -8.73 -9.94 -26.89
N ILE B 770 -8.83 -8.70 -26.41
CA ILE B 770 -10.01 -7.89 -26.68
C ILE B 770 -9.96 -7.30 -28.08
N ALA B 771 -8.78 -7.24 -28.70
CA ALA B 771 -8.68 -6.71 -30.06
C ALA B 771 -9.24 -7.69 -31.07
N VAL B 772 -9.09 -8.99 -30.81
CA VAL B 772 -9.63 -10.02 -31.70
C VAL B 772 -11.16 -10.02 -31.60
N GLU B 773 -11.68 -9.66 -30.42
CA GLU B 773 -13.14 -9.61 -30.21
C GLU B 773 -13.79 -8.54 -31.07
N GLN B 774 -13.11 -7.41 -31.30
CA GLN B 774 -13.68 -6.36 -32.14
C GLN B 774 -13.71 -6.80 -33.60
N ASP B 775 -12.71 -7.59 -34.00
CA ASP B 775 -12.68 -8.11 -35.36
C ASP B 775 -13.73 -9.19 -35.54
N LYS B 776 -14.03 -9.93 -34.46
CA LYS B 776 -15.03 -10.98 -34.51
C LYS B 776 -16.43 -10.39 -34.63
N ASN B 777 -16.68 -9.26 -33.94
CA ASN B 777 -17.99 -8.61 -34.00
C ASN B 777 -18.23 -8.01 -35.37
N THR B 778 -17.20 -7.45 -35.99
CA THR B 778 -17.36 -6.84 -37.30
C THR B 778 -17.56 -7.93 -38.36
N GLN B 779 -16.89 -9.06 -38.19
CA GLN B 779 -17.02 -10.17 -39.15
C GLN B 779 -18.37 -10.88 -39.01
N GLU B 780 -18.83 -11.11 -37.78
CA GLU B 780 -20.10 -11.81 -37.59
C GLU B 780 -21.32 -10.97 -37.93
N VAL B 781 -21.18 -9.65 -38.07
CA VAL B 781 -22.31 -8.78 -38.39
C VAL B 781 -22.37 -8.50 -39.89
N PHE B 782 -21.29 -8.02 -40.48
CA PHE B 782 -21.30 -7.69 -41.90
C PHE B 782 -21.04 -8.86 -42.83
N ALA B 783 -20.07 -9.72 -42.52
CA ALA B 783 -19.74 -10.86 -43.38
C ALA B 783 -20.64 -12.06 -43.11
N GLN B 784 -21.89 -11.93 -43.56
CA GLN B 784 -22.89 -12.99 -43.43
C GLN B 784 -23.14 -13.70 -44.74
N VAL B 785 -22.47 -13.28 -45.81
CA VAL B 785 -22.61 -13.89 -47.13
C VAL B 785 -21.22 -14.01 -47.73
N LYS B 786 -20.97 -15.10 -48.45
CA LYS B 786 -19.68 -15.34 -49.07
C LYS B 786 -19.66 -14.96 -50.54
N GLN B 787 -20.74 -14.38 -51.05
CA GLN B 787 -20.83 -13.95 -52.43
C GLN B 787 -21.18 -12.47 -52.47
N ILE B 788 -20.50 -11.73 -53.35
CA ILE B 788 -20.71 -10.29 -53.49
C ILE B 788 -21.67 -10.09 -54.65
N TYR B 789 -22.91 -9.72 -54.33
CA TYR B 789 -23.93 -9.48 -55.34
C TYR B 789 -23.92 -8.02 -55.75
N LYS B 790 -24.28 -7.77 -57.00
CA LYS B 790 -24.32 -6.41 -57.53
C LYS B 790 -25.65 -6.18 -58.23
N THR B 791 -26.14 -4.95 -58.15
CA THR B 791 -27.40 -4.58 -58.77
C THR B 791 -27.22 -4.44 -60.28
N PRO B 792 -28.25 -4.74 -61.06
CA PRO B 792 -28.16 -4.60 -62.52
C PRO B 792 -28.13 -3.14 -62.92
N PRO B 793 -27.61 -2.81 -64.12
CA PRO B 793 -27.57 -1.41 -64.55
C PRO B 793 -28.94 -0.76 -64.76
N ILE B 794 -30.00 -1.54 -64.94
CA ILE B 794 -31.34 -1.00 -65.12
C ILE B 794 -32.05 -0.97 -63.77
N LYS B 795 -32.57 0.19 -63.40
CA LYS B 795 -33.28 0.37 -62.13
C LYS B 795 -34.79 0.20 -62.32
N ASP B 796 -35.17 -0.97 -62.80
CA ASP B 796 -36.58 -1.30 -63.02
C ASP B 796 -37.14 -2.04 -61.80
N PHE B 797 -37.20 -1.32 -60.69
CA PHE B 797 -37.68 -1.86 -59.42
C PHE B 797 -39.17 -1.62 -59.21
N GLY B 798 -39.93 -1.41 -60.28
CA GLY B 798 -41.35 -1.16 -60.15
C GLY B 798 -41.72 0.19 -59.57
N GLY B 799 -40.84 1.18 -59.70
CA GLY B 799 -41.09 2.51 -59.18
C GLY B 799 -40.39 2.82 -57.87
N PHE B 800 -39.82 1.81 -57.22
CA PHE B 800 -39.13 2.01 -55.95
C PHE B 800 -37.74 2.57 -56.22
N ASN B 801 -37.54 3.85 -55.92
CA ASN B 801 -36.25 4.49 -56.12
C ASN B 801 -35.28 3.99 -55.06
N PHE B 802 -34.16 3.42 -55.48
CA PHE B 802 -33.18 2.88 -54.55
C PHE B 802 -31.80 3.52 -54.69
N SER B 803 -31.66 4.57 -55.51
CA SER B 803 -30.36 5.22 -55.67
C SER B 803 -29.91 6.02 -54.45
N GLN B 804 -30.82 6.26 -53.50
CA GLN B 804 -30.44 7.00 -52.30
C GLN B 804 -29.62 6.15 -51.34
N ILE B 805 -29.86 4.84 -51.33
CA ILE B 805 -29.13 3.92 -50.45
C ILE B 805 -28.16 3.03 -51.19
N LEU B 806 -28.21 2.97 -52.52
CA LEU B 806 -27.27 2.16 -53.27
C LEU B 806 -25.97 2.94 -53.49
N PRO B 807 -24.83 2.26 -53.65
CA PRO B 807 -23.57 2.97 -53.85
C PRO B 807 -23.51 3.72 -55.18
N ASP B 808 -22.75 4.82 -55.18
CA ASP B 808 -22.59 5.67 -56.34
C ASP B 808 -21.28 5.35 -57.05
N PRO B 809 -21.31 4.93 -58.31
CA PRO B 809 -20.06 4.62 -59.02
C PRO B 809 -19.21 5.84 -59.35
N SER B 810 -19.80 7.05 -59.34
CA SER B 810 -19.04 8.26 -59.63
C SER B 810 -18.00 8.56 -58.55
N LYS B 811 -18.35 8.28 -57.30
CA LYS B 811 -17.44 8.50 -56.18
C LYS B 811 -16.32 7.46 -56.24
N PRO B 812 -15.09 7.85 -55.84
CA PRO B 812 -13.97 6.88 -55.84
C PRO B 812 -14.18 5.68 -54.92
N SER B 813 -14.89 5.87 -53.81
CA SER B 813 -15.19 4.79 -52.89
C SER B 813 -16.61 4.30 -53.17
N LYS B 814 -16.82 2.99 -53.00
CA LYS B 814 -18.12 2.38 -53.25
C LYS B 814 -19.00 2.57 -52.01
N ARG B 815 -19.45 3.81 -51.81
CA ARG B 815 -20.30 4.18 -50.68
C ARG B 815 -21.50 4.97 -51.19
N SER B 816 -22.62 4.80 -50.52
CA SER B 816 -23.85 5.48 -50.89
C SER B 816 -23.85 6.92 -50.39
N PHE B 817 -24.88 7.67 -50.81
CA PHE B 817 -25.00 9.07 -50.39
C PHE B 817 -25.40 9.17 -48.93
N ILE B 818 -26.28 8.29 -48.46
CA ILE B 818 -26.69 8.31 -47.06
C ILE B 818 -25.53 7.87 -46.17
N GLU B 819 -24.72 6.92 -46.63
CA GLU B 819 -23.54 6.47 -45.89
C GLU B 819 -22.50 7.58 -45.75
N ASP B 820 -22.50 8.55 -46.67
CA ASP B 820 -21.58 9.68 -46.58
C ASP B 820 -22.02 10.63 -45.46
N LEU B 821 -23.33 10.73 -45.24
CA LEU B 821 -23.85 11.59 -44.17
C LEU B 821 -23.51 11.03 -42.80
N LEU B 822 -23.49 9.70 -42.66
CA LEU B 822 -23.16 9.08 -41.38
C LEU B 822 -21.69 9.23 -41.06
N PHE B 823 -20.82 9.20 -42.08
CA PHE B 823 -19.39 9.35 -41.84
C PHE B 823 -19.03 10.78 -41.48
N ASN B 824 -19.75 11.76 -42.01
CA ASN B 824 -19.48 13.16 -41.73
C ASN B 824 -20.09 13.64 -40.42
N LYS B 825 -20.95 12.87 -39.80
CA LYS B 825 -21.57 13.26 -38.54
C LYS B 825 -20.82 12.77 -37.31
N VAL B 826 -19.70 12.07 -37.50
CA VAL B 826 -18.88 11.55 -36.41
C VAL B 826 -17.49 12.15 -36.54
N THR B 827 -17.03 12.80 -35.48
CA THR B 827 -15.71 13.42 -35.49
C THR B 827 -14.70 12.58 -34.71
N PHE B 855 1.18 7.41 -28.03
CA PHE B 855 2.15 8.49 -27.93
C PHE B 855 2.97 8.37 -26.65
N ASN B 856 2.37 7.76 -25.63
CA ASN B 856 3.02 7.56 -24.34
C ASN B 856 2.95 6.08 -23.93
N GLY B 857 3.18 5.19 -24.89
CA GLY B 857 3.14 3.77 -24.65
C GLY B 857 1.86 3.10 -25.10
N LEU B 858 0.89 3.87 -25.59
CA LEU B 858 -0.38 3.34 -26.07
C LEU B 858 -0.42 3.44 -27.59
N THR B 859 -0.91 2.39 -28.23
CA THR B 859 -1.01 2.34 -29.67
C THR B 859 -2.44 2.03 -30.08
N VAL B 860 -2.81 2.46 -31.28
CA VAL B 860 -4.13 2.24 -31.84
C VAL B 860 -3.97 1.30 -33.02
N LEU B 861 -4.49 0.10 -32.90
CA LEU B 861 -4.37 -0.85 -34.00
C LEU B 861 -5.48 -0.62 -35.03
N PRO B 862 -5.15 -0.69 -36.32
CA PRO B 862 -6.17 -0.48 -37.34
C PRO B 862 -7.12 -1.66 -37.39
N PRO B 863 -8.37 -1.45 -37.83
CA PRO B 863 -9.32 -2.56 -37.90
C PRO B 863 -8.97 -3.53 -39.03
N LEU B 864 -9.45 -4.76 -38.88
CA LEU B 864 -9.19 -5.80 -39.87
C LEU B 864 -9.88 -5.49 -41.19
N LEU B 865 -11.10 -4.99 -41.13
CA LEU B 865 -11.86 -4.61 -42.32
C LEU B 865 -11.87 -3.10 -42.43
N THR B 866 -11.41 -2.58 -43.56
CA THR B 866 -11.37 -1.14 -43.77
C THR B 866 -12.77 -0.61 -44.05
N ASP B 867 -12.87 0.73 -44.12
CA ASP B 867 -14.15 1.39 -44.38
C ASP B 867 -14.67 1.09 -45.78
N GLU B 868 -13.75 0.86 -46.74
CA GLU B 868 -14.19 0.55 -48.09
C GLU B 868 -14.71 -0.87 -48.19
N MET B 869 -14.15 -1.80 -47.41
CA MET B 869 -14.62 -3.18 -47.44
C MET B 869 -15.92 -3.34 -46.68
N ILE B 870 -16.17 -2.52 -45.67
CA ILE B 870 -17.40 -2.58 -44.91
C ILE B 870 -18.56 -2.11 -45.78
N ALA B 871 -18.32 -1.08 -46.58
CA ALA B 871 -19.34 -0.56 -47.49
C ALA B 871 -19.62 -1.57 -48.60
N GLN B 872 -18.63 -2.38 -48.96
CA GLN B 872 -18.82 -3.39 -49.99
C GLN B 872 -19.68 -4.54 -49.47
N TYR B 873 -19.57 -4.85 -48.17
CA TYR B 873 -20.40 -5.89 -47.57
C TYR B 873 -21.85 -5.44 -47.52
N THR B 874 -22.09 -4.17 -47.20
CA THR B 874 -23.45 -3.66 -47.16
C THR B 874 -24.01 -3.54 -48.57
N SER B 875 -23.17 -3.23 -49.56
CA SER B 875 -23.62 -3.12 -50.94
C SER B 875 -24.04 -4.48 -51.48
N ALA B 876 -23.42 -5.56 -51.00
CA ALA B 876 -23.81 -6.89 -51.43
C ALA B 876 -25.14 -7.29 -50.82
N LEU B 877 -25.42 -6.80 -49.60
CA LEU B 877 -26.68 -7.11 -48.93
C LEU B 877 -27.85 -6.39 -49.59
N LEU B 878 -27.64 -5.17 -50.09
CA LEU B 878 -28.72 -4.45 -50.77
C LEU B 878 -29.07 -5.09 -52.10
N ALA B 879 -28.07 -5.63 -52.79
CA ALA B 879 -28.33 -6.28 -54.08
C ALA B 879 -29.08 -7.59 -53.87
N GLY B 880 -28.76 -8.31 -52.79
CA GLY B 880 -29.45 -9.55 -52.51
C GLY B 880 -30.85 -9.37 -51.97
N THR B 881 -31.07 -8.32 -51.17
CA THR B 881 -32.40 -8.10 -50.61
C THR B 881 -33.37 -7.57 -51.65
N ILE B 882 -32.89 -6.74 -52.58
CA ILE B 882 -33.76 -6.17 -53.59
C ILE B 882 -34.02 -7.16 -54.73
N THR B 883 -32.97 -7.74 -55.31
CA THR B 883 -33.13 -8.65 -56.43
C THR B 883 -33.44 -10.10 -56.05
N SER B 884 -33.28 -10.51 -54.80
CA SER B 884 -33.58 -11.89 -54.44
C SER B 884 -34.42 -12.08 -53.20
N GLY B 885 -34.71 -11.03 -52.43
CA GLY B 885 -35.53 -11.18 -51.24
C GLY B 885 -34.78 -11.88 -50.12
N TRP B 886 -35.40 -12.92 -49.56
CA TRP B 886 -34.81 -13.69 -48.48
C TRP B 886 -34.13 -14.96 -48.95
N THR B 887 -34.12 -15.21 -50.26
CA THR B 887 -33.53 -16.44 -50.80
C THR B 887 -32.00 -16.47 -50.71
N PHE B 888 -31.33 -15.31 -50.71
CA PHE B 888 -29.88 -15.34 -50.65
C PHE B 888 -29.36 -15.72 -49.27
N GLY B 889 -30.16 -15.52 -48.23
CA GLY B 889 -29.73 -15.85 -46.88
C GLY B 889 -29.84 -17.34 -46.60
N ALA B 890 -30.99 -17.92 -46.96
CA ALA B 890 -31.20 -19.35 -46.73
C ALA B 890 -30.34 -20.20 -47.66
N GLY B 891 -30.37 -19.90 -48.96
CA GLY B 891 -29.59 -20.67 -49.91
C GLY B 891 -29.01 -19.81 -51.02
N ALA B 892 -29.15 -20.27 -52.26
CA ALA B 892 -28.65 -19.51 -53.39
C ALA B 892 -29.58 -18.34 -53.69
N ALA B 893 -29.01 -17.27 -54.25
CA ALA B 893 -29.77 -16.08 -54.57
C ALA B 893 -30.66 -16.36 -55.79
N LEU B 894 -31.96 -16.46 -55.56
CA LEU B 894 -32.93 -16.71 -56.62
C LEU B 894 -33.56 -15.39 -57.02
N GLN B 895 -33.47 -15.04 -58.31
CA GLN B 895 -34.04 -13.79 -58.79
C GLN B 895 -35.56 -13.79 -58.71
N ILE B 896 -36.10 -12.61 -58.43
CA ILE B 896 -37.54 -12.39 -58.28
C ILE B 896 -37.78 -10.90 -58.52
N PRO B 897 -38.85 -10.51 -59.23
CA PRO B 897 -39.10 -9.09 -59.46
C PRO B 897 -39.45 -8.36 -58.17
N PHE B 898 -39.05 -7.08 -58.09
CA PHE B 898 -39.33 -6.31 -56.89
C PHE B 898 -40.80 -5.96 -56.77
N ALA B 899 -41.51 -5.90 -57.89
CA ALA B 899 -42.94 -5.61 -57.86
C ALA B 899 -43.73 -6.79 -57.28
N MET B 900 -43.13 -7.97 -57.26
CA MET B 900 -43.74 -9.19 -56.75
C MET B 900 -43.26 -9.52 -55.34
N GLN B 901 -42.10 -8.99 -54.94
CA GLN B 901 -41.57 -9.24 -53.60
C GLN B 901 -42.44 -8.59 -52.53
N MET B 902 -42.92 -7.37 -52.80
CA MET B 902 -43.80 -6.67 -51.86
C MET B 902 -45.14 -7.36 -51.66
N ALA B 903 -45.56 -8.19 -52.62
CA ALA B 903 -46.81 -8.92 -52.48
C ALA B 903 -46.70 -9.98 -51.40
N TYR B 904 -45.51 -10.54 -51.23
CA TYR B 904 -45.29 -11.57 -50.22
C TYR B 904 -44.80 -11.01 -48.90
N ARG B 905 -44.32 -9.77 -48.89
CA ARG B 905 -43.96 -9.17 -47.61
C ARG B 905 -45.25 -8.76 -46.91
N PHE B 906 -46.26 -8.38 -47.70
CA PHE B 906 -47.57 -8.06 -47.18
C PHE B 906 -48.30 -9.33 -46.77
N ASN B 907 -47.99 -10.44 -47.44
CA ASN B 907 -48.62 -11.72 -47.10
C ASN B 907 -48.15 -12.23 -45.76
N GLY B 908 -46.94 -11.87 -45.34
CA GLY B 908 -46.41 -12.30 -44.07
C GLY B 908 -46.94 -11.53 -42.88
N ILE B 909 -47.58 -10.38 -43.12
CA ILE B 909 -48.12 -9.56 -42.05
C ILE B 909 -49.65 -9.60 -42.03
N GLY B 910 -50.26 -10.53 -42.76
CA GLY B 910 -51.70 -10.65 -42.79
C GLY B 910 -52.45 -9.79 -43.78
N VAL B 911 -51.78 -9.29 -44.81
CA VAL B 911 -52.42 -8.45 -45.82
C VAL B 911 -52.43 -9.21 -47.14
N THR B 912 -53.59 -9.25 -47.80
CA THR B 912 -53.73 -9.94 -49.07
C THR B 912 -52.93 -9.17 -50.13
N GLN B 913 -52.29 -9.92 -51.05
CA GLN B 913 -51.45 -9.36 -52.10
C GLN B 913 -52.18 -8.48 -53.12
N ASN B 914 -53.52 -8.49 -53.16
CA ASN B 914 -54.23 -7.66 -54.12
C ASN B 914 -54.16 -6.17 -53.77
N VAL B 915 -53.87 -5.84 -52.51
CA VAL B 915 -53.77 -4.46 -52.09
C VAL B 915 -52.54 -3.78 -52.70
N LEU B 916 -51.45 -4.54 -52.85
CA LEU B 916 -50.22 -4.01 -53.42
C LEU B 916 -50.39 -3.62 -54.89
N TYR B 917 -50.88 -4.56 -55.72
CA TYR B 917 -51.04 -4.29 -57.15
C TYR B 917 -52.11 -3.24 -57.43
N GLU B 918 -53.10 -3.09 -56.55
CA GLU B 918 -54.10 -2.07 -56.76
C GLU B 918 -53.60 -0.69 -56.41
N ASN B 919 -52.54 -0.59 -55.60
CA ASN B 919 -51.95 0.67 -55.15
C ASN B 919 -50.42 0.62 -55.29
N GLN B 920 -49.92 0.14 -56.43
CA GLN B 920 -48.48 0.04 -56.64
C GLN B 920 -47.81 1.41 -56.73
N LYS B 921 -48.44 2.37 -57.42
CA LYS B 921 -47.84 3.69 -57.56
C LYS B 921 -47.91 4.48 -56.26
N LEU B 922 -48.93 4.21 -55.43
CA LEU B 922 -49.06 4.92 -54.15
C LEU B 922 -48.00 4.47 -53.16
N ILE B 923 -47.69 3.17 -53.15
CA ILE B 923 -46.69 2.63 -52.24
C ILE B 923 -45.29 3.06 -52.66
N ALA B 924 -45.03 3.06 -53.97
CA ALA B 924 -43.73 3.49 -54.50
C ALA B 924 -43.47 4.96 -54.21
N ASN B 925 -44.51 5.80 -54.32
CA ASN B 925 -44.35 7.22 -54.03
C ASN B 925 -44.19 7.44 -52.53
N GLN B 926 -44.83 6.60 -51.71
CA GLN B 926 -44.71 6.74 -50.26
C GLN B 926 -43.35 6.29 -49.78
N PHE B 927 -42.79 5.24 -50.41
CA PHE B 927 -41.47 4.75 -50.01
C PHE B 927 -40.37 5.75 -50.38
N ASN B 928 -40.50 6.39 -51.54
CA ASN B 928 -39.50 7.38 -51.96
C ASN B 928 -39.58 8.63 -51.09
N SER B 929 -40.78 9.00 -50.65
CA SER B 929 -40.93 10.15 -49.79
C SER B 929 -40.45 9.86 -48.39
N ALA B 930 -40.64 8.61 -47.92
CA ALA B 930 -40.18 8.24 -46.58
C ALA B 930 -38.66 8.14 -46.53
N ILE B 931 -38.05 7.62 -47.60
CA ILE B 931 -36.59 7.51 -47.64
C ILE B 931 -35.95 8.88 -47.83
N GLY B 932 -36.68 9.86 -48.36
CA GLY B 932 -36.14 11.19 -48.55
C GLY B 932 -36.07 11.99 -47.27
N LYS B 933 -36.93 11.68 -46.30
CA LYS B 933 -36.94 12.39 -45.03
C LYS B 933 -35.78 11.98 -44.13
N ILE B 934 -35.14 10.85 -44.41
CA ILE B 934 -34.01 10.39 -43.61
C ILE B 934 -32.81 11.32 -43.80
N GLN B 935 -32.66 11.88 -45.00
CA GLN B 935 -31.55 12.81 -45.28
C GLN B 935 -31.71 14.11 -44.49
N ASP B 936 -32.94 14.64 -44.44
CA ASP B 936 -33.19 15.87 -43.70
C ASP B 936 -33.12 15.65 -42.20
N SER B 937 -33.50 14.47 -41.72
CA SER B 937 -33.47 14.19 -40.29
C SER B 937 -32.04 14.02 -39.77
N LEU B 938 -31.18 13.34 -40.53
CA LEU B 938 -29.81 13.13 -40.08
C LEU B 938 -28.95 14.38 -40.21
N SER B 939 -29.14 15.17 -41.27
CA SER B 939 -28.33 16.36 -41.47
C SER B 939 -28.71 17.49 -40.51
N SER B 940 -30.00 17.77 -40.36
CA SER B 940 -30.42 18.85 -39.47
C SER B 940 -30.31 18.48 -38.00
N THR B 941 -30.85 17.32 -37.61
CA THR B 941 -30.81 16.88 -36.22
C THR B 941 -29.61 15.97 -36.03
N ALA B 942 -28.55 16.52 -35.42
CA ALA B 942 -27.32 15.77 -35.17
C ALA B 942 -27.41 14.90 -33.92
N SER B 943 -28.48 15.04 -33.13
CA SER B 943 -28.65 14.26 -31.91
C SER B 943 -29.10 12.82 -32.18
N ALA B 944 -29.43 12.48 -33.42
CA ALA B 944 -29.86 11.12 -33.75
C ALA B 944 -28.73 10.10 -33.63
N LEU B 945 -27.47 10.53 -33.73
CA LEU B 945 -26.31 9.66 -33.63
C LEU B 945 -25.69 9.67 -32.24
N GLY B 946 -26.53 9.85 -31.21
CA GLY B 946 -26.04 9.89 -29.84
C GLY B 946 -25.45 8.56 -29.38
N LYS B 947 -25.94 7.45 -29.92
CA LYS B 947 -25.42 6.14 -29.52
C LYS B 947 -24.01 5.92 -30.08
N LEU B 948 -23.77 6.34 -31.32
CA LEU B 948 -22.45 6.16 -31.92
C LEU B 948 -21.45 7.18 -31.39
N GLN B 949 -21.92 8.40 -31.11
CA GLN B 949 -21.04 9.45 -30.60
C GLN B 949 -20.59 9.13 -29.18
N ASP B 950 -21.40 8.38 -28.42
CA ASP B 950 -21.06 8.00 -27.06
C ASP B 950 -19.86 7.06 -27.06
N VAL B 951 -19.81 6.13 -28.04
CA VAL B 951 -18.71 5.18 -28.15
C VAL B 951 -17.41 5.89 -28.48
N VAL B 952 -17.45 6.86 -29.40
CA VAL B 952 -16.27 7.62 -29.79
C VAL B 952 -15.82 8.52 -28.64
N ASN B 953 -16.76 8.99 -27.82
CA ASN B 953 -16.40 9.85 -26.69
C ASN B 953 -15.97 9.07 -25.44
N GLN B 954 -16.45 7.83 -25.28
CA GLN B 954 -16.07 7.06 -24.08
C GLN B 954 -14.63 6.58 -24.12
N ASN B 955 -14.18 6.05 -25.26
CA ASN B 955 -12.79 5.57 -25.32
C ASN B 955 -11.81 6.73 -25.41
N ALA B 956 -12.21 7.85 -26.01
CA ALA B 956 -11.33 9.01 -26.09
C ALA B 956 -11.13 9.64 -24.72
N GLN B 957 -12.17 9.63 -23.89
CA GLN B 957 -12.06 10.17 -22.55
C GLN B 957 -11.25 9.24 -21.66
N ALA B 958 -11.32 7.93 -21.92
CA ALA B 958 -10.54 6.96 -21.16
C ALA B 958 -9.07 7.09 -21.47
N LEU B 959 -8.74 7.33 -22.75
CA LEU B 959 -7.35 7.50 -23.14
C LEU B 959 -6.80 8.83 -22.66
N ASN B 960 -7.66 9.86 -22.59
CA ASN B 960 -7.22 11.17 -22.12
C ASN B 960 -6.95 11.14 -20.62
N THR B 961 -7.75 10.40 -19.87
CA THR B 961 -7.56 10.30 -18.43
C THR B 961 -6.38 9.41 -18.08
N LEU B 962 -6.03 8.47 -18.98
CA LEU B 962 -4.91 7.57 -18.72
C LEU B 962 -3.58 8.30 -18.81
N VAL B 963 -3.41 9.15 -19.83
CA VAL B 963 -2.16 9.89 -19.97
C VAL B 963 -2.07 11.04 -18.97
N LYS B 964 -3.20 11.52 -18.46
CA LYS B 964 -3.18 12.61 -17.47
C LYS B 964 -2.71 12.13 -16.11
N GLN B 965 -2.82 10.83 -15.82
CA GLN B 965 -2.39 10.29 -14.55
C GLN B 965 -0.88 10.17 -14.44
N LEU B 966 -0.15 10.30 -15.56
CA LEU B 966 1.31 10.22 -15.53
C LEU B 966 1.93 11.45 -14.87
N SER B 967 1.22 12.58 -14.86
CA SER B 967 1.71 13.79 -14.24
C SER B 967 1.43 13.84 -12.74
N SER B 968 0.75 12.84 -12.20
CA SER B 968 0.44 12.80 -10.78
C SER B 968 1.64 12.31 -10.00
N ASN B 969 1.89 12.94 -8.84
CA ASN B 969 3.03 12.56 -8.02
C ASN B 969 2.81 11.23 -7.31
N PHE B 970 1.54 10.88 -7.01
CA PHE B 970 1.13 9.66 -6.32
C PHE B 970 1.76 9.52 -4.95
N GLY B 971 2.01 10.65 -4.27
CA GLY B 971 2.64 10.65 -2.97
C GLY B 971 4.12 10.89 -2.99
N ALA B 972 4.76 10.77 -4.15
CA ALA B 972 6.20 11.00 -4.27
C ALA B 972 6.48 12.50 -4.38
N ILE B 973 7.76 12.84 -4.27
CA ILE B 973 8.16 14.24 -4.35
C ILE B 973 8.12 14.78 -5.79
N SER B 974 8.16 13.91 -6.80
CA SER B 974 8.13 14.35 -8.18
C SER B 974 7.51 13.26 -9.04
N SER B 975 6.76 13.69 -10.07
CA SER B 975 6.11 12.75 -10.97
C SER B 975 6.98 12.34 -12.14
N VAL B 976 8.15 12.96 -12.31
CA VAL B 976 9.06 12.64 -13.40
C VAL B 976 9.95 11.49 -12.94
N LEU B 977 9.99 10.42 -13.74
CA LEU B 977 10.79 9.24 -13.41
C LEU B 977 12.29 9.55 -13.47
N ASN B 978 12.71 10.34 -14.46
CA ASN B 978 14.13 10.67 -14.61
C ASN B 978 14.60 11.69 -13.59
N ASP B 979 13.72 12.52 -13.05
CA ASP B 979 14.12 13.54 -12.08
C ASP B 979 14.46 12.96 -10.71
N ILE B 980 13.93 11.77 -10.39
CA ILE B 980 14.20 11.17 -9.08
C ILE B 980 15.65 10.69 -8.98
N LEU B 981 16.13 9.98 -9.98
CA LEU B 981 17.50 9.48 -9.94
C LEU B 981 18.52 10.58 -10.24
N SER B 982 18.14 11.61 -10.98
CA SER B 982 19.06 12.69 -11.27
C SER B 982 19.32 13.57 -10.05
N ARG B 983 18.35 13.66 -9.15
CA ARG B 983 18.47 14.46 -7.93
C ARG B 983 18.81 13.63 -6.71
N LEU B 984 18.24 12.44 -6.57
CA LEU B 984 18.51 11.58 -5.43
C LEU B 984 19.33 10.36 -5.82
N ASP B 985 20.18 9.92 -4.89
CA ASP B 985 21.02 8.76 -5.10
C ASP B 985 20.17 7.48 -5.11
N PRO B 986 20.57 6.46 -5.89
CA PRO B 986 19.77 5.21 -5.97
C PRO B 986 19.58 4.37 -4.71
N PRO B 987 20.44 4.34 -3.65
CA PRO B 987 20.08 3.46 -2.52
C PRO B 987 18.88 3.90 -1.69
N GLU B 988 18.51 5.19 -1.69
CA GLU B 988 17.34 5.63 -0.93
C GLU B 988 16.20 6.10 -1.80
N ALA B 989 16.42 6.29 -3.10
CA ALA B 989 15.36 6.73 -4.00
C ALA B 989 14.46 5.59 -4.46
N GLU B 990 14.78 4.35 -4.09
CA GLU B 990 13.94 3.22 -4.48
C GLU B 990 12.61 3.20 -3.75
N VAL B 991 12.54 3.82 -2.56
CA VAL B 991 11.29 3.88 -1.81
C VAL B 991 10.35 4.89 -2.45
N GLN B 992 10.88 6.04 -2.88
CA GLN B 992 10.07 7.07 -3.52
C GLN B 992 9.59 6.63 -4.89
N ILE B 993 10.43 5.90 -5.63
CA ILE B 993 10.04 5.42 -6.95
C ILE B 993 9.08 4.25 -6.83
N ASP B 994 9.03 3.59 -5.67
CA ASP B 994 8.11 2.47 -5.47
C ASP B 994 6.67 2.94 -5.40
N ARG B 995 6.45 4.15 -4.90
CA ARG B 995 5.09 4.69 -4.80
C ARG B 995 4.56 5.08 -6.17
N LEU B 996 5.43 5.48 -7.08
CA LEU B 996 4.99 5.86 -8.43
C LEU B 996 4.58 4.65 -9.26
N ILE B 997 5.14 3.47 -8.99
CA ILE B 997 4.77 2.28 -9.74
C ILE B 997 3.36 1.84 -9.36
N THR B 998 3.05 1.87 -8.05
CA THR B 998 1.74 1.47 -7.55
C THR B 998 0.66 2.43 -8.04
N GLY B 999 0.97 3.72 -8.08
CA GLY B 999 0.00 4.71 -8.56
C GLY B 999 -0.25 4.59 -10.05
N ARG B 1000 0.79 4.30 -10.82
CA ARG B 1000 0.64 4.17 -12.27
C ARG B 1000 0.01 2.83 -12.65
N LEU B 1001 0.28 1.77 -11.89
CA LEU B 1001 -0.32 0.47 -12.19
C LEU B 1001 -1.79 0.45 -11.84
N GLN B 1002 -2.20 1.24 -10.84
CA GLN B 1002 -3.60 1.31 -10.44
C GLN B 1002 -4.41 2.00 -11.53
N SER B 1003 -3.82 3.01 -12.18
CA SER B 1003 -4.50 3.71 -13.26
C SER B 1003 -4.62 2.81 -14.50
N LEU B 1004 -3.62 1.97 -14.73
CA LEU B 1004 -3.67 1.07 -15.87
C LEU B 1004 -4.65 -0.08 -15.61
N GLN B 1005 -4.68 -0.59 -14.37
CA GLN B 1005 -5.59 -1.68 -14.03
C GLN B 1005 -7.04 -1.22 -14.07
N THR B 1006 -7.30 0.04 -13.69
CA THR B 1006 -8.65 0.58 -13.73
C THR B 1006 -9.09 0.78 -15.17
N TYR B 1007 -8.17 1.19 -16.04
CA TYR B 1007 -8.48 1.40 -17.45
C TYR B 1007 -8.75 0.07 -18.16
N VAL B 1008 -7.99 -0.97 -17.81
CA VAL B 1008 -8.19 -2.30 -18.41
C VAL B 1008 -9.52 -2.87 -17.98
N THR B 1009 -9.87 -2.73 -16.70
CA THR B 1009 -11.14 -3.22 -16.18
C THR B 1009 -12.31 -2.48 -16.80
N GLN B 1010 -12.14 -1.18 -17.04
CA GLN B 1010 -13.18 -0.37 -17.67
C GLN B 1010 -13.38 -0.77 -19.13
N GLN B 1011 -12.31 -1.24 -19.80
CA GLN B 1011 -12.42 -1.63 -21.20
C GLN B 1011 -13.24 -2.92 -21.36
N LEU B 1012 -13.04 -3.90 -20.47
CA LEU B 1012 -13.82 -5.15 -20.57
C LEU B 1012 -15.28 -4.92 -20.21
N ILE B 1013 -15.55 -4.00 -19.29
CA ILE B 1013 -16.93 -3.70 -18.92
C ILE B 1013 -17.61 -2.96 -20.07
N ARG B 1014 -16.88 -2.05 -20.72
CA ARG B 1014 -17.42 -1.31 -21.86
C ARG B 1014 -17.59 -2.23 -23.06
N ALA B 1015 -16.73 -3.22 -23.22
CA ALA B 1015 -16.85 -4.15 -24.34
C ALA B 1015 -17.99 -5.14 -24.13
N ALA B 1016 -18.45 -5.32 -22.89
CA ALA B 1016 -19.55 -6.24 -22.61
C ALA B 1016 -20.86 -5.74 -23.22
N GLU B 1017 -21.11 -4.43 -23.13
CA GLU B 1017 -22.33 -3.89 -23.73
C GLU B 1017 -22.17 -3.80 -25.24
N ILE B 1018 -20.94 -3.66 -25.72
CA ILE B 1018 -20.68 -3.60 -27.16
C ILE B 1018 -20.88 -5.00 -27.76
N ARG B 1019 -20.44 -6.03 -27.04
CA ARG B 1019 -20.62 -7.41 -27.48
C ARG B 1019 -22.10 -7.78 -27.53
N ALA B 1020 -22.86 -7.31 -26.55
CA ALA B 1020 -24.30 -7.55 -26.54
C ALA B 1020 -24.99 -6.78 -27.66
N SER B 1021 -24.48 -5.58 -27.98
CA SER B 1021 -25.03 -4.79 -29.07
C SER B 1021 -24.66 -5.41 -30.41
N ALA B 1022 -23.44 -5.95 -30.52
CA ALA B 1022 -23.01 -6.59 -31.75
C ALA B 1022 -23.76 -7.89 -31.98
N ASN B 1023 -24.05 -8.62 -30.90
CA ASN B 1023 -24.82 -9.85 -31.02
C ASN B 1023 -26.25 -9.54 -31.39
N LEU B 1024 -26.78 -8.41 -30.90
CA LEU B 1024 -28.13 -7.99 -31.24
C LEU B 1024 -28.16 -7.52 -32.69
N ALA B 1025 -27.09 -6.85 -33.14
CA ALA B 1025 -27.01 -6.40 -34.52
C ALA B 1025 -26.87 -7.57 -35.49
N ALA B 1026 -26.11 -8.60 -35.08
CA ALA B 1026 -25.95 -9.79 -35.91
C ALA B 1026 -27.26 -10.56 -36.00
N THR B 1027 -28.03 -10.58 -34.90
CA THR B 1027 -29.33 -11.23 -34.88
C THR B 1027 -30.32 -10.41 -35.69
N LYS B 1028 -30.20 -9.08 -35.65
CA LYS B 1028 -31.08 -8.22 -36.41
C LYS B 1028 -30.79 -8.31 -37.91
N MET B 1029 -29.52 -8.40 -38.28
CA MET B 1029 -29.17 -8.48 -39.69
C MET B 1029 -29.61 -9.81 -40.29
N SER B 1030 -29.60 -10.87 -39.49
CA SER B 1030 -30.01 -12.18 -39.95
C SER B 1030 -31.53 -12.33 -40.03
N GLU B 1031 -32.27 -11.60 -39.21
CA GLU B 1031 -33.73 -11.71 -39.18
C GLU B 1031 -34.48 -10.53 -39.79
N CYS B 1032 -34.07 -9.30 -39.52
CA CYS B 1032 -34.77 -8.14 -40.06
C CYS B 1032 -34.33 -7.76 -41.46
N VAL B 1033 -33.07 -8.02 -41.82
CA VAL B 1033 -32.58 -7.70 -43.16
C VAL B 1033 -32.69 -8.90 -44.09
N LEU B 1034 -32.05 -10.01 -43.70
CA LEU B 1034 -32.06 -11.22 -44.51
C LEU B 1034 -33.42 -11.91 -44.57
N GLY B 1035 -34.33 -11.59 -43.66
CA GLY B 1035 -35.63 -12.21 -43.66
C GLY B 1035 -36.75 -11.22 -43.35
N GLN B 1036 -37.87 -11.74 -42.86
CA GLN B 1036 -39.03 -10.93 -42.49
C GLN B 1036 -39.47 -11.43 -41.12
N SER B 1037 -38.96 -10.78 -40.08
CA SER B 1037 -39.29 -11.18 -38.71
C SER B 1037 -40.72 -10.79 -38.36
N LYS B 1038 -41.41 -11.69 -37.67
CA LYS B 1038 -42.78 -11.48 -37.23
C LYS B 1038 -42.86 -10.98 -35.79
N ARG B 1039 -41.71 -10.63 -35.20
CA ARG B 1039 -41.69 -10.13 -33.84
C ARG B 1039 -42.18 -8.69 -33.81
N VAL B 1040 -43.13 -8.41 -32.93
CA VAL B 1040 -43.69 -7.07 -32.82
C VAL B 1040 -42.68 -6.15 -32.15
N ASP B 1041 -42.54 -4.95 -32.73
CA ASP B 1041 -41.67 -3.85 -32.29
C ASP B 1041 -40.18 -4.20 -32.28
N PHE B 1042 -39.77 -5.29 -32.94
CA PHE B 1042 -38.36 -5.64 -32.99
C PHE B 1042 -37.60 -4.73 -33.93
N CYS B 1043 -38.26 -4.28 -35.00
CA CYS B 1043 -37.70 -3.39 -36.01
C CYS B 1043 -38.53 -2.12 -36.10
N GLY B 1044 -38.89 -1.56 -34.96
CA GLY B 1044 -39.68 -0.34 -34.93
C GLY B 1044 -41.17 -0.62 -34.90
N LYS B 1045 -41.93 0.47 -34.79
CA LYS B 1045 -43.38 0.38 -34.74
C LYS B 1045 -43.97 0.05 -36.10
N GLY B 1046 -45.00 -0.80 -36.10
CA GLY B 1046 -45.68 -1.20 -37.31
C GLY B 1046 -45.31 -2.60 -37.75
N TYR B 1047 -46.03 -3.06 -38.78
CA TYR B 1047 -45.81 -4.39 -39.35
C TYR B 1047 -44.57 -4.33 -40.23
N HIS B 1048 -43.54 -5.05 -39.82
CA HIS B 1048 -42.25 -5.08 -40.51
C HIS B 1048 -42.28 -5.72 -41.89
N LEU B 1049 -41.54 -5.10 -42.82
CA LEU B 1049 -41.40 -5.58 -44.20
C LEU B 1049 -39.98 -6.05 -44.48
N MET B 1050 -38.98 -5.19 -44.28
CA MET B 1050 -37.57 -5.56 -44.45
C MET B 1050 -36.75 -4.46 -43.78
N SER B 1051 -35.44 -4.54 -43.98
CA SER B 1051 -34.50 -3.55 -43.46
C SER B 1051 -33.32 -3.45 -44.42
N PHE B 1052 -32.64 -2.31 -44.39
CA PHE B 1052 -31.49 -2.11 -45.24
C PHE B 1052 -30.28 -1.72 -44.39
N PRO B 1053 -29.15 -2.39 -44.56
CA PRO B 1053 -27.97 -2.03 -43.79
C PRO B 1053 -27.23 -0.85 -44.40
N GLN B 1054 -26.70 0.00 -43.52
CA GLN B 1054 -25.95 1.17 -43.93
C GLN B 1054 -24.68 1.22 -43.11
N SER B 1055 -23.60 1.67 -43.72
CA SER B 1055 -22.33 1.77 -43.02
C SER B 1055 -22.35 2.93 -42.03
N ALA B 1056 -21.55 2.81 -40.98
CA ALA B 1056 -21.49 3.83 -39.94
C ALA B 1056 -20.14 3.71 -39.24
N PRO B 1057 -19.60 4.80 -38.69
CA PRO B 1057 -18.31 4.71 -37.99
C PRO B 1057 -18.48 4.00 -36.66
N HIS B 1058 -17.77 2.88 -36.49
CA HIS B 1058 -17.78 2.03 -35.30
C HIS B 1058 -19.19 1.52 -34.96
N GLY B 1059 -19.96 1.20 -36.00
CA GLY B 1059 -21.31 0.71 -35.78
C GLY B 1059 -22.02 0.49 -37.09
N VAL B 1060 -23.32 0.20 -36.98
CA VAL B 1060 -24.17 -0.05 -38.14
C VAL B 1060 -25.48 0.74 -37.95
N VAL B 1061 -26.10 1.08 -39.07
CA VAL B 1061 -27.36 1.84 -39.09
C VAL B 1061 -28.37 1.07 -39.94
N PHE B 1062 -29.55 0.84 -39.39
CA PHE B 1062 -30.62 0.12 -40.06
C PHE B 1062 -31.70 1.07 -40.56
N LEU B 1063 -32.36 0.68 -41.64
CA LEU B 1063 -33.45 1.43 -42.23
C LEU B 1063 -34.62 0.45 -42.30
N HIS B 1064 -35.39 0.38 -41.21
CA HIS B 1064 -36.51 -0.54 -41.14
C HIS B 1064 -37.73 0.00 -41.87
N VAL B 1065 -38.26 -0.79 -42.79
CA VAL B 1065 -39.45 -0.45 -43.54
C VAL B 1065 -40.63 -1.13 -42.86
N THR B 1066 -41.60 -0.34 -42.41
CA THR B 1066 -42.74 -0.88 -41.70
C THR B 1066 -44.06 -0.44 -42.33
N TYR B 1067 -45.08 -1.25 -42.10
CA TYR B 1067 -46.43 -1.03 -42.58
C TYR B 1067 -47.25 -0.52 -41.40
N VAL B 1068 -47.72 0.72 -41.48
CA VAL B 1068 -48.47 1.36 -40.41
C VAL B 1068 -49.81 1.85 -40.96
N PRO B 1069 -50.94 1.40 -40.43
CA PRO B 1069 -52.24 1.90 -40.91
C PRO B 1069 -52.47 3.31 -40.40
N ALA B 1070 -53.19 4.11 -41.20
CA ALA B 1070 -53.43 5.49 -40.81
C ALA B 1070 -54.90 5.84 -40.56
N GLN B 1071 -55.80 5.56 -41.50
CA GLN B 1071 -57.20 5.90 -41.35
C GLN B 1071 -58.04 4.64 -41.13
N GLU B 1072 -58.94 4.70 -40.16
CA GLU B 1072 -59.82 3.59 -39.82
C GLU B 1072 -61.25 4.10 -39.70
N LYS B 1073 -62.20 3.16 -39.76
CA LYS B 1073 -63.62 3.48 -39.67
C LYS B 1073 -64.28 2.60 -38.61
N ASN B 1074 -65.56 2.91 -38.35
CA ASN B 1074 -66.36 2.18 -37.37
C ASN B 1074 -67.21 1.15 -38.09
N PHE B 1075 -67.17 -0.10 -37.59
CA PHE B 1075 -67.94 -1.17 -38.21
C PHE B 1075 -68.52 -2.09 -37.15
N THR B 1076 -69.80 -2.44 -37.31
CA THR B 1076 -70.47 -3.35 -36.39
C THR B 1076 -70.09 -4.77 -36.78
N THR B 1077 -69.59 -5.55 -35.82
CA THR B 1077 -69.16 -6.91 -36.09
C THR B 1077 -70.01 -7.92 -35.33
N ALA B 1078 -69.80 -9.19 -35.68
CA ALA B 1078 -70.48 -10.35 -35.09
C ALA B 1078 -69.62 -11.56 -35.38
N PRO B 1079 -69.55 -12.54 -34.46
CA PRO B 1079 -68.70 -13.72 -34.73
C PRO B 1079 -69.22 -14.66 -35.79
N ALA B 1080 -70.53 -14.81 -35.97
CA ALA B 1080 -71.04 -15.73 -36.97
C ALA B 1080 -72.42 -15.30 -37.47
N ILE B 1081 -72.83 -15.93 -38.58
CA ILE B 1081 -74.12 -15.70 -39.23
C ILE B 1081 -74.82 -17.03 -39.46
N CYS B 1082 -76.10 -17.12 -39.08
CA CYS B 1082 -76.92 -18.30 -39.28
C CYS B 1082 -77.46 -18.27 -40.70
N HIS B 1083 -77.20 -19.34 -41.47
CA HIS B 1083 -77.70 -19.42 -42.83
C HIS B 1083 -78.96 -20.28 -42.88
N ASP B 1084 -78.86 -21.51 -42.38
CA ASP B 1084 -79.96 -22.45 -42.30
C ASP B 1084 -79.96 -23.13 -40.93
N GLY B 1085 -79.54 -22.41 -39.90
CA GLY B 1085 -79.44 -22.93 -38.56
C GLY B 1085 -78.03 -23.27 -38.13
N LYS B 1086 -77.08 -23.21 -39.06
CA LYS B 1086 -75.68 -23.52 -38.80
C LYS B 1086 -74.87 -22.23 -38.66
N ALA B 1087 -73.79 -22.30 -37.90
CA ALA B 1087 -72.92 -21.15 -37.67
C ALA B 1087 -71.80 -21.11 -38.70
N HIS B 1088 -71.60 -19.93 -39.30
CA HIS B 1088 -70.58 -19.74 -40.32
C HIS B 1088 -69.46 -18.84 -39.78
N PHE B 1089 -68.24 -19.35 -39.75
CA PHE B 1089 -67.06 -18.64 -39.29
C PHE B 1089 -66.11 -18.43 -40.46
N PRO B 1090 -65.47 -17.26 -40.57
CA PRO B 1090 -64.58 -17.01 -41.71
C PRO B 1090 -63.29 -17.80 -41.62
N ARG B 1091 -62.76 -18.18 -42.78
CA ARG B 1091 -61.51 -18.91 -42.86
C ARG B 1091 -60.41 -17.91 -42.50
N GLU B 1092 -60.35 -16.82 -43.25
CA GLU B 1092 -59.40 -15.74 -43.03
C GLU B 1092 -60.19 -14.44 -43.12
N GLY B 1093 -60.19 -13.67 -42.04
CA GLY B 1093 -60.92 -12.41 -41.99
C GLY B 1093 -61.97 -12.40 -40.90
N VAL B 1094 -62.67 -11.28 -40.80
CA VAL B 1094 -63.71 -11.09 -39.81
C VAL B 1094 -64.88 -10.36 -40.46
N PHE B 1095 -66.08 -10.60 -39.91
CA PHE B 1095 -67.31 -10.02 -40.42
C PHE B 1095 -67.43 -8.55 -40.01
N VAL B 1096 -67.90 -7.71 -40.93
CA VAL B 1096 -68.11 -6.29 -40.69
C VAL B 1096 -69.45 -5.89 -41.30
N SER B 1097 -70.00 -4.79 -40.80
CA SER B 1097 -71.27 -4.30 -41.32
C SER B 1097 -71.27 -2.77 -41.32
N ASN B 1098 -71.84 -2.20 -42.37
CA ASN B 1098 -71.93 -0.75 -42.49
C ASN B 1098 -73.29 -0.22 -42.04
N GLY B 1099 -74.12 -1.07 -41.45
CA GLY B 1099 -75.42 -0.70 -40.95
C GLY B 1099 -76.59 -1.34 -41.67
N THR B 1100 -76.42 -1.79 -42.91
CA THR B 1100 -77.52 -2.40 -43.64
C THR B 1100 -77.19 -3.79 -44.17
N HIS B 1101 -75.92 -4.03 -44.49
CA HIS B 1101 -75.50 -5.32 -45.02
C HIS B 1101 -74.20 -5.77 -44.35
N TRP B 1102 -74.06 -7.08 -44.20
CA TRP B 1102 -72.89 -7.68 -43.58
C TRP B 1102 -71.91 -8.12 -44.66
N PHE B 1103 -70.63 -7.84 -44.42
CA PHE B 1103 -69.57 -8.19 -45.36
C PHE B 1103 -68.38 -8.74 -44.60
N VAL B 1104 -67.47 -9.37 -45.34
CA VAL B 1104 -66.26 -9.94 -44.78
C VAL B 1104 -65.06 -9.26 -45.46
N THR B 1105 -64.07 -8.88 -44.66
CA THR B 1105 -62.87 -8.22 -45.14
C THR B 1105 -61.67 -8.89 -44.50
N GLN B 1106 -60.48 -8.45 -44.86
CA GLN B 1106 -59.25 -9.05 -44.33
C GLN B 1106 -58.92 -8.49 -42.94
N ARG B 1107 -57.72 -8.82 -42.45
CA ARG B 1107 -57.28 -8.43 -41.11
C ARG B 1107 -56.94 -6.94 -40.99
N ASN B 1108 -55.96 -6.46 -41.75
CA ASN B 1108 -55.50 -5.08 -41.63
C ASN B 1108 -55.88 -4.19 -42.81
N PHE B 1109 -56.98 -4.47 -43.49
CA PHE B 1109 -57.40 -3.64 -44.61
C PHE B 1109 -58.89 -3.80 -44.80
N TYR B 1110 -59.53 -2.73 -45.28
CA TYR B 1110 -60.97 -2.75 -45.51
C TYR B 1110 -61.22 -3.14 -46.95
N GLU B 1111 -61.81 -4.32 -47.15
CA GLU B 1111 -62.13 -4.83 -48.48
C GLU B 1111 -63.39 -5.68 -48.34
N PRO B 1112 -64.57 -5.05 -48.40
CA PRO B 1112 -65.83 -5.79 -48.22
C PRO B 1112 -66.10 -6.73 -49.38
N GLN B 1113 -66.41 -7.98 -49.02
CA GLN B 1113 -66.72 -9.03 -49.98
C GLN B 1113 -67.99 -9.74 -49.54
N ILE B 1114 -68.71 -10.30 -50.51
CA ILE B 1114 -69.94 -11.01 -50.23
C ILE B 1114 -69.61 -12.30 -49.49
N ILE B 1115 -70.31 -12.57 -48.39
CA ILE B 1115 -70.09 -13.77 -47.60
C ILE B 1115 -70.62 -14.96 -48.39
N THR B 1116 -69.71 -15.84 -48.79
CA THR B 1116 -70.05 -17.02 -49.56
C THR B 1116 -69.60 -18.29 -48.85
N THR B 1117 -70.02 -19.44 -49.40
CA THR B 1117 -69.68 -20.72 -48.82
C THR B 1117 -68.22 -21.12 -49.01
N ASP B 1118 -67.51 -20.55 -49.98
CA ASP B 1118 -66.12 -20.89 -50.19
C ASP B 1118 -65.18 -20.03 -49.36
N ASN B 1119 -65.71 -19.08 -48.60
CA ASN B 1119 -64.92 -18.20 -47.75
C ASN B 1119 -65.12 -18.49 -46.27
N THR B 1120 -66.25 -19.05 -45.88
CA THR B 1120 -66.57 -19.37 -44.50
C THR B 1120 -66.82 -20.88 -44.37
N PHE B 1121 -66.69 -21.38 -43.15
CA PHE B 1121 -66.91 -22.80 -42.88
C PHE B 1121 -68.03 -22.98 -41.87
N VAL B 1122 -68.67 -24.14 -41.92
CA VAL B 1122 -69.80 -24.49 -41.06
C VAL B 1122 -69.30 -25.29 -39.88
N SER B 1123 -69.66 -24.87 -38.66
CA SER B 1123 -69.25 -25.58 -37.45
C SER B 1123 -70.27 -25.29 -36.34
N GLY B 1124 -70.81 -26.36 -35.76
CA GLY B 1124 -71.76 -26.21 -34.67
C GLY B 1124 -73.12 -25.71 -35.13
N ASN B 1125 -73.82 -25.04 -34.20
CA ASN B 1125 -75.15 -24.49 -34.45
C ASN B 1125 -75.23 -23.08 -33.85
N CYS B 1126 -76.38 -22.44 -34.05
CA CYS B 1126 -76.62 -21.09 -33.57
C CYS B 1126 -76.97 -21.00 -32.09
N ASP B 1127 -77.22 -22.11 -31.42
CA ASP B 1127 -77.58 -22.08 -30.01
C ASP B 1127 -76.39 -22.03 -29.06
N VAL B 1128 -75.16 -22.09 -29.58
CA VAL B 1128 -73.98 -22.06 -28.73
C VAL B 1128 -73.15 -20.79 -28.88
N VAL B 1129 -73.07 -20.21 -30.09
CA VAL B 1129 -72.29 -19.00 -30.30
C VAL B 1129 -72.99 -17.80 -29.72
N ILE B 1130 -72.28 -17.03 -28.90
CA ILE B 1130 -72.81 -15.83 -28.26
C ILE B 1130 -72.68 -14.65 -29.22
N GLY B 1131 -73.78 -13.96 -29.46
CA GLY B 1131 -73.75 -12.80 -30.34
C GLY B 1131 -73.85 -13.12 -31.82
N ILE B 1132 -74.44 -14.25 -32.18
CA ILE B 1132 -74.58 -14.63 -33.58
C ILE B 1132 -75.75 -13.86 -34.18
N VAL B 1133 -75.72 -13.65 -35.49
CA VAL B 1133 -76.76 -12.88 -36.18
C VAL B 1133 -77.33 -13.71 -37.34
N ASN B 1134 -78.35 -13.14 -38.00
CA ASN B 1134 -79.04 -13.78 -39.11
C ASN B 1134 -78.87 -12.96 -40.38
N ASN B 1135 -78.40 -13.61 -41.45
CA ASN B 1135 -78.23 -12.97 -42.75
C ASN B 1135 -78.14 -14.08 -43.81
N THR B 1136 -78.48 -13.72 -45.04
CA THR B 1136 -78.43 -14.67 -46.15
C THR B 1136 -76.99 -14.86 -46.61
N VAL B 1137 -76.60 -16.11 -46.83
CA VAL B 1137 -75.26 -16.46 -47.29
C VAL B 1137 -75.37 -16.89 -48.74
N TYR B 1138 -74.65 -16.18 -49.62
CA TYR B 1138 -74.67 -16.46 -51.05
C TYR B 1138 -73.98 -17.79 -51.36
N ASP B 1139 -74.60 -18.58 -52.24
CA ASP B 1139 -74.05 -19.86 -52.65
C ASP B 1139 -73.72 -19.80 -54.14
N PRO B 1140 -72.45 -19.99 -54.53
CA PRO B 1140 -72.12 -19.93 -55.97
C PRO B 1140 -72.64 -21.09 -56.80
N LEU B 1141 -73.03 -22.20 -56.16
CA LEU B 1141 -73.53 -23.35 -56.91
C LEU B 1141 -74.96 -23.14 -57.41
N GLN B 1142 -75.74 -22.31 -56.70
CA GLN B 1142 -77.13 -22.05 -57.10
C GLN B 1142 -77.32 -21.38 -58.47
N PRO B 1143 -76.60 -20.31 -58.86
CA PRO B 1143 -76.86 -19.75 -60.20
C PRO B 1143 -76.35 -20.61 -61.34
N GLU B 1144 -75.40 -21.52 -61.08
CA GLU B 1144 -74.88 -22.35 -62.16
C GLU B 1144 -75.76 -23.56 -62.43
N LEU B 1145 -76.47 -24.07 -61.43
CA LEU B 1145 -77.34 -25.22 -61.65
C LEU B 1145 -78.60 -24.82 -62.42
N ASP B 1146 -79.14 -23.63 -62.15
CA ASP B 1146 -80.34 -23.18 -62.84
C ASP B 1146 -80.05 -22.74 -64.27
N SER B 1147 -78.84 -22.26 -64.53
CA SER B 1147 -78.47 -21.81 -65.87
C SER B 1147 -77.92 -22.97 -66.71
N LEU C 24 -15.50 -34.78 49.73
CA LEU C 24 -16.63 -34.77 48.80
C LEU C 24 -16.42 -33.72 47.72
N PRO C 25 -16.23 -34.17 46.47
CA PRO C 25 -16.04 -33.23 45.38
C PRO C 25 -17.33 -32.48 45.07
N PRO C 26 -17.24 -31.23 44.61
CA PRO C 26 -18.47 -30.48 44.30
C PRO C 26 -19.11 -30.97 43.01
N ALA C 27 -20.44 -31.05 43.05
CA ALA C 27 -21.21 -31.50 41.89
C ALA C 27 -21.19 -30.43 40.80
N TYR C 28 -21.48 -30.88 39.58
CA TYR C 28 -21.50 -30.00 38.41
C TYR C 28 -22.90 -30.02 37.79
N THR C 29 -23.38 -28.84 37.41
CA THR C 29 -24.69 -28.69 36.81
C THR C 29 -24.57 -27.94 35.49
N ASN C 30 -25.55 -28.15 34.62
CA ASN C 30 -25.58 -27.52 33.32
C ASN C 30 -26.29 -26.17 33.37
N SER C 31 -25.82 -25.24 32.53
CA SER C 31 -26.38 -23.90 32.42
C SER C 31 -27.11 -23.80 31.09
N PHE C 32 -28.38 -23.41 31.13
CA PHE C 32 -29.20 -23.29 29.93
C PHE C 32 -29.46 -21.82 29.64
N THR C 33 -28.68 -21.27 28.70
CA THR C 33 -28.74 -19.88 28.22
C THR C 33 -28.66 -18.87 29.37
N ARG C 34 -27.53 -18.91 30.08
CA ARG C 34 -27.28 -18.02 31.20
C ARG C 34 -25.96 -17.31 31.01
N GLY C 35 -25.79 -16.21 31.72
CA GLY C 35 -24.59 -15.41 31.65
C GLY C 35 -24.56 -14.36 30.56
N VAL C 36 -25.65 -14.20 29.82
CA VAL C 36 -25.69 -13.20 28.75
C VAL C 36 -25.88 -11.82 29.38
N TYR C 37 -24.96 -10.91 29.11
CA TYR C 37 -24.99 -9.55 29.64
C TYR C 37 -24.77 -8.57 28.50
N TYR C 38 -24.97 -7.30 28.81
CA TYR C 38 -24.77 -6.25 27.81
C TYR C 38 -23.28 -5.96 27.70
N PRO C 39 -22.66 -6.16 26.53
CA PRO C 39 -21.21 -5.88 26.42
C PRO C 39 -20.87 -4.41 26.46
N ASP C 40 -21.66 -3.58 25.78
CA ASP C 40 -21.44 -2.15 25.74
C ASP C 40 -22.74 -1.42 26.07
N LYS C 41 -22.59 -0.16 26.48
CA LYS C 41 -23.69 0.72 26.88
C LYS C 41 -24.39 1.38 25.70
N VAL C 42 -24.22 0.91 24.48
CA VAL C 42 -24.85 1.53 23.33
C VAL C 42 -26.25 0.92 23.16
N PHE C 43 -27.12 1.64 22.46
CA PHE C 43 -28.50 1.22 22.23
C PHE C 43 -28.67 0.66 20.82
N ARG C 44 -29.26 -0.52 20.72
CA ARG C 44 -29.55 -1.19 19.46
C ARG C 44 -31.00 -1.63 19.50
N SER C 45 -31.76 -1.34 18.45
CA SER C 45 -33.17 -1.69 18.40
C SER C 45 -33.52 -2.39 17.10
N SER C 46 -34.22 -3.54 17.23
CA SER C 46 -34.69 -4.38 16.13
C SER C 46 -33.59 -4.84 15.19
N VAL C 47 -32.37 -5.01 15.71
CA VAL C 47 -31.23 -5.45 14.91
C VAL C 47 -30.52 -6.58 15.65
N LEU C 48 -29.79 -7.37 14.87
CA LEU C 48 -29.01 -8.50 15.39
C LEU C 48 -27.54 -8.17 15.18
N HIS C 49 -26.80 -8.03 16.28
CA HIS C 49 -25.39 -7.68 16.22
C HIS C 49 -24.53 -8.77 16.86
N SER C 50 -23.44 -9.09 16.19
CA SER C 50 -22.48 -10.09 16.65
C SER C 50 -21.27 -9.39 17.24
N THR C 51 -20.91 -9.74 18.46
CA THR C 51 -19.77 -9.14 19.14
C THR C 51 -18.84 -10.22 19.67
N GLN C 52 -17.57 -9.86 19.80
CA GLN C 52 -16.53 -10.75 20.31
C GLN C 52 -16.12 -10.22 21.67
N ASP C 53 -16.82 -10.69 22.70
CA ASP C 53 -16.59 -10.29 24.07
C ASP C 53 -16.58 -11.57 24.91
N LEU C 54 -16.06 -11.48 26.12
CA LEU C 54 -16.00 -12.65 27.00
C LEU C 54 -17.39 -12.98 27.52
N PHE C 55 -17.87 -14.18 27.19
CA PHE C 55 -19.19 -14.64 27.62
C PHE C 55 -19.09 -16.07 28.12
N LEU C 56 -20.10 -16.46 28.88
CA LEU C 56 -20.17 -17.82 29.38
C LEU C 56 -20.67 -18.73 28.26
N PRO C 57 -19.97 -19.84 27.98
CA PRO C 57 -20.42 -20.72 26.90
C PRO C 57 -21.74 -21.41 27.21
N PHE C 58 -22.59 -21.49 26.19
CA PHE C 58 -23.90 -22.11 26.34
C PHE C 58 -23.77 -23.61 26.50
N PHE C 59 -24.64 -24.18 27.36
CA PHE C 59 -24.70 -25.61 27.68
C PHE C 59 -23.37 -26.14 28.20
N SER C 60 -22.74 -25.37 29.09
CA SER C 60 -21.46 -25.74 29.68
C SER C 60 -21.66 -26.06 31.16
N ASN C 61 -20.95 -27.09 31.63
CA ASN C 61 -21.06 -27.50 33.02
C ASN C 61 -20.38 -26.47 33.93
N VAL C 62 -21.07 -26.09 34.99
CA VAL C 62 -20.55 -25.13 35.96
C VAL C 62 -20.46 -25.82 37.31
N THR C 63 -19.46 -25.43 38.10
CA THR C 63 -19.26 -26.02 39.41
C THR C 63 -20.30 -25.47 40.38
N TRP C 64 -20.94 -26.36 41.14
CA TRP C 64 -21.96 -26.00 42.10
C TRP C 64 -21.50 -26.36 43.50
N PHE C 65 -21.60 -25.39 44.41
CA PHE C 65 -21.21 -25.57 45.81
C PHE C 65 -22.45 -25.46 46.68
N HIS C 66 -22.62 -26.43 47.58
CA HIS C 66 -23.76 -26.46 48.48
C HIS C 66 -23.26 -26.43 49.92
N ALA C 67 -23.76 -25.49 50.70
CA ALA C 67 -23.39 -25.33 52.10
C ALA C 67 -24.64 -25.41 52.96
N ILE C 68 -24.58 -26.22 54.00
CA ILE C 68 -25.72 -26.39 54.91
C ILE C 68 -25.61 -25.44 56.08
N PHE C 79 -20.54 -26.56 55.64
CA PHE C 79 -20.19 -25.29 55.00
C PHE C 79 -19.03 -25.47 54.04
N ASP C 80 -19.21 -24.99 52.80
CA ASP C 80 -18.18 -25.07 51.76
C ASP C 80 -17.70 -23.67 51.43
N ASN C 81 -16.39 -23.45 51.56
CA ASN C 81 -15.79 -22.13 51.27
C ASN C 81 -14.42 -22.29 50.65
N PRO C 82 -14.34 -22.72 49.39
CA PRO C 82 -13.04 -22.88 48.73
C PRO C 82 -12.61 -21.64 47.96
N VAL C 83 -11.37 -21.69 47.47
CA VAL C 83 -10.80 -20.61 46.67
C VAL C 83 -10.91 -20.99 45.19
N LEU C 84 -11.25 -20.01 44.36
CA LEU C 84 -11.40 -20.27 42.93
C LEU C 84 -10.62 -19.24 42.12
N PRO C 85 -10.06 -19.65 40.98
CA PRO C 85 -9.29 -18.71 40.16
C PRO C 85 -10.17 -17.67 39.46
N PHE C 86 -9.53 -16.56 39.10
CA PHE C 86 -10.11 -15.40 38.42
C PHE C 86 -9.23 -15.01 37.24
N ASN C 87 -8.86 -16.01 36.44
CA ASN C 87 -7.99 -15.80 35.28
C ASN C 87 -8.63 -14.87 34.22
N ASP C 88 -9.88 -15.12 33.85
CA ASP C 88 -10.54 -14.27 32.86
C ASP C 88 -11.97 -13.94 33.27
N GLY C 89 -12.19 -13.72 34.56
CA GLY C 89 -13.54 -13.40 35.01
C GLY C 89 -14.38 -14.63 35.26
N VAL C 90 -15.31 -14.51 36.21
CA VAL C 90 -16.18 -15.62 36.56
C VAL C 90 -17.63 -15.15 36.53
N TYR C 91 -18.52 -16.13 36.43
CA TYR C 91 -19.96 -15.90 36.43
C TYR C 91 -20.51 -16.46 37.74
N PHE C 92 -21.07 -15.60 38.57
CA PHE C 92 -21.59 -15.99 39.86
C PHE C 92 -23.11 -16.07 39.82
N ALA C 93 -23.65 -17.24 40.13
CA ALA C 93 -25.09 -17.48 40.17
C ALA C 93 -25.41 -17.99 41.56
N SER C 94 -26.34 -17.33 42.24
CA SER C 94 -26.68 -17.76 43.59
C SER C 94 -28.17 -17.65 43.85
N THR C 95 -28.72 -18.66 44.52
CA THR C 95 -30.12 -18.69 44.89
C THR C 95 -30.17 -18.39 46.39
N GLU C 96 -31.00 -17.42 46.78
CA GLU C 96 -31.07 -17.02 48.17
C GLU C 96 -32.49 -17.13 48.71
N LYS C 97 -32.58 -17.44 50.01
CA LYS C 97 -33.84 -17.58 50.73
C LYS C 97 -34.02 -16.49 51.78
N SER C 98 -33.04 -16.32 52.66
CA SER C 98 -33.10 -15.31 53.72
C SER C 98 -31.78 -14.57 53.83
N ASN C 99 -31.18 -14.24 52.68
CA ASN C 99 -29.91 -13.50 52.53
C ASN C 99 -28.76 -14.22 53.26
N ILE C 100 -28.50 -15.46 52.82
CA ILE C 100 -27.42 -16.25 53.41
C ILE C 100 -26.07 -15.70 53.01
N ILE C 101 -25.89 -15.36 51.73
CA ILE C 101 -24.63 -14.81 51.26
C ILE C 101 -24.48 -13.36 51.73
N ARG C 102 -23.24 -12.96 52.01
CA ARG C 102 -22.99 -11.60 52.47
C ARG C 102 -22.02 -10.82 51.59
N GLY C 103 -20.95 -11.44 51.10
CA GLY C 103 -20.03 -10.68 50.29
C GLY C 103 -19.03 -11.52 49.54
N TRP C 104 -18.17 -10.82 48.78
CA TRP C 104 -17.13 -11.43 47.97
C TRP C 104 -15.81 -10.70 48.19
N ILE C 105 -14.72 -11.45 48.27
CA ILE C 105 -13.38 -10.91 48.45
C ILE C 105 -12.57 -11.29 47.22
N PHE C 106 -11.93 -10.30 46.60
CA PHE C 106 -11.11 -10.49 45.41
C PHE C 106 -9.68 -10.12 45.74
N GLY C 107 -8.75 -11.06 45.54
CA GLY C 107 -7.35 -10.79 45.84
C GLY C 107 -6.35 -11.64 45.10
N THR C 108 -5.21 -11.04 44.77
CA THR C 108 -4.15 -11.75 44.05
C THR C 108 -3.40 -12.72 44.95
N THR C 109 -2.93 -12.23 46.10
CA THR C 109 -2.19 -13.07 47.04
C THR C 109 -3.01 -13.50 48.25
N LEU C 110 -3.97 -12.69 48.68
CA LEU C 110 -4.88 -12.92 49.81
C LEU C 110 -4.14 -13.11 51.13
N ASP C 111 -2.93 -12.56 51.27
CA ASP C 111 -2.14 -12.68 52.49
C ASP C 111 -1.54 -11.35 52.90
N SER C 112 -2.26 -10.26 52.62
CA SER C 112 -1.93 -8.85 52.91
C SER C 112 -0.67 -8.35 52.22
N LYS C 113 -0.12 -9.10 51.25
CA LYS C 113 1.08 -8.65 50.57
C LYS C 113 0.76 -7.58 49.52
N THR C 114 -0.38 -7.73 48.84
CA THR C 114 -0.83 -6.80 47.82
C THR C 114 -2.24 -6.33 48.16
N GLN C 115 -2.75 -5.40 47.36
CA GLN C 115 -4.09 -4.89 47.58
C GLN C 115 -5.14 -5.92 47.18
N SER C 116 -6.18 -6.03 48.00
CA SER C 116 -7.26 -6.99 47.76
C SER C 116 -8.61 -6.27 47.77
N LEU C 117 -9.42 -6.54 46.77
CA LEU C 117 -10.74 -5.93 46.64
C LEU C 117 -11.73 -6.69 47.53
N LEU C 118 -12.47 -5.95 48.37
CA LEU C 118 -13.43 -6.54 49.28
C LEU C 118 -14.77 -5.84 49.16
N ILE C 119 -15.84 -6.63 49.00
CA ILE C 119 -17.21 -6.15 48.87
C ILE C 119 -18.06 -6.90 49.89
N VAL C 120 -18.80 -6.17 50.72
CA VAL C 120 -19.69 -6.77 51.71
C VAL C 120 -21.07 -6.15 51.56
N ASN C 121 -22.04 -6.98 51.20
CA ASN C 121 -23.43 -6.53 51.03
C ASN C 121 -24.23 -6.83 52.29
N ASN C 122 -23.90 -6.12 53.36
CA ASN C 122 -24.60 -6.33 54.62
C ASN C 122 -25.98 -5.65 54.59
N ALA C 123 -26.75 -5.86 55.65
CA ALA C 123 -28.10 -5.31 55.77
C ALA C 123 -28.11 -3.79 55.94
N THR C 124 -27.10 -3.22 56.60
CA THR C 124 -27.08 -1.78 56.81
C THR C 124 -26.81 -1.01 55.52
N ASN C 125 -25.67 -1.28 54.88
CA ASN C 125 -25.32 -0.59 53.65
C ASN C 125 -24.39 -1.46 52.80
N VAL C 126 -24.25 -1.09 51.54
CA VAL C 126 -23.38 -1.82 50.61
C VAL C 126 -22.02 -1.12 50.65
N VAL C 127 -21.14 -1.62 51.52
CA VAL C 127 -19.81 -1.04 51.67
C VAL C 127 -18.83 -1.83 50.81
N ILE C 128 -17.90 -1.10 50.19
CA ILE C 128 -16.87 -1.66 49.33
C ILE C 128 -15.57 -1.00 49.74
N LYS C 129 -14.65 -1.77 50.31
CA LYS C 129 -13.35 -1.28 50.75
C LYS C 129 -12.26 -2.07 50.05
N VAL C 130 -11.35 -1.35 49.39
CA VAL C 130 -10.24 -1.98 48.67
C VAL C 130 -8.97 -1.50 49.36
N CYS C 131 -8.48 -2.30 50.32
CA CYS C 131 -7.27 -1.99 51.07
C CYS C 131 -6.52 -3.29 51.34
N GLU C 132 -5.36 -3.16 51.99
CA GLU C 132 -4.54 -4.31 52.34
C GLU C 132 -4.99 -4.80 53.71
N PHE C 133 -5.65 -5.95 53.75
CA PHE C 133 -6.18 -6.54 54.98
C PHE C 133 -5.51 -7.88 55.28
N GLN C 134 -5.40 -8.18 56.57
CA GLN C 134 -4.82 -9.44 57.05
C GLN C 134 -5.97 -10.44 57.10
N PHE C 135 -6.06 -11.26 56.05
CA PHE C 135 -7.14 -12.24 55.94
C PHE C 135 -6.94 -13.41 56.89
N CYS C 136 -8.06 -13.90 57.43
CA CYS C 136 -8.07 -15.02 58.34
C CYS C 136 -8.22 -16.31 57.55
N ASN C 137 -8.27 -17.44 58.28
CA ASN C 137 -8.42 -18.73 57.60
C ASN C 137 -9.84 -18.96 57.10
N ASP C 138 -10.84 -18.61 57.92
CA ASP C 138 -12.25 -18.79 57.56
C ASP C 138 -13.01 -17.49 57.79
N PRO C 139 -13.07 -16.60 56.79
CA PRO C 139 -13.81 -15.34 56.96
C PRO C 139 -15.30 -15.57 56.80
N PHE C 140 -16.07 -15.09 57.77
CA PHE C 140 -17.52 -15.24 57.75
C PHE C 140 -18.15 -14.11 58.56
N LEU C 141 -19.48 -14.05 58.53
CA LEU C 141 -20.25 -13.04 59.24
C LEU C 141 -21.10 -13.72 60.30
N GLY C 142 -21.03 -13.19 61.52
CA GLY C 142 -21.79 -13.73 62.64
C GLY C 142 -23.07 -12.97 62.86
N VAL C 143 -24.19 -13.67 62.75
CA VAL C 143 -25.50 -13.06 62.95
C VAL C 143 -26.09 -13.51 64.28
N GLU C 156 -20.85 -10.77 65.33
CA GLU C 156 -19.46 -11.18 65.14
C GLU C 156 -18.93 -10.75 63.77
N PHE C 157 -17.75 -10.17 63.77
CA PHE C 157 -17.09 -9.69 62.55
C PHE C 157 -15.66 -10.23 62.54
N ARG C 158 -15.41 -11.26 61.74
CA ARG C 158 -14.11 -11.88 61.62
C ARG C 158 -13.67 -11.94 60.17
N VAL C 159 -13.86 -10.83 59.45
CA VAL C 159 -13.49 -10.76 58.05
C VAL C 159 -12.02 -10.41 57.92
N TYR C 160 -11.61 -9.28 58.52
CA TYR C 160 -10.23 -8.84 58.46
C TYR C 160 -9.71 -8.52 59.84
N SER C 161 -8.38 -8.42 59.94
CA SER C 161 -7.70 -8.12 61.20
C SER C 161 -7.29 -6.65 61.31
N SER C 162 -6.54 -6.15 60.34
CA SER C 162 -6.09 -4.77 60.36
C SER C 162 -5.90 -4.26 58.93
N ALA C 163 -5.62 -2.98 58.82
CA ALA C 163 -5.42 -2.31 57.54
C ALA C 163 -4.07 -1.62 57.50
N ASN C 164 -3.43 -1.62 56.33
CA ASN C 164 -2.12 -1.00 56.15
C ASN C 164 -2.19 0.20 55.21
N ASN C 165 -2.71 0.02 54.00
CA ASN C 165 -2.82 1.10 53.02
C ASN C 165 -4.17 1.03 52.35
N CYS C 166 -4.87 2.16 52.28
CA CYS C 166 -6.19 2.25 51.65
C CYS C 166 -6.12 3.18 50.45
N THR C 167 -6.58 2.68 49.30
CA THR C 167 -6.58 3.44 48.06
C THR C 167 -7.98 3.84 47.60
N PHE C 168 -8.92 2.91 47.57
CA PHE C 168 -10.27 3.20 47.14
C PHE C 168 -11.29 2.69 48.16
N GLU C 169 -12.33 3.49 48.38
CA GLU C 169 -13.40 3.14 49.31
C GLU C 169 -14.70 3.71 48.77
N TYR C 170 -15.73 2.87 48.68
CA TYR C 170 -17.03 3.29 48.19
C TYR C 170 -18.13 2.67 49.03
N VAL C 171 -19.10 3.49 49.43
CA VAL C 171 -20.22 3.05 50.24
C VAL C 171 -21.51 3.37 49.48
N SER C 172 -22.36 2.36 49.30
CA SER C 172 -23.61 2.55 48.60
C SER C 172 -24.80 2.34 49.53
N PHE C 186 -35.93 -21.28 47.66
CA PHE C 186 -35.16 -20.34 46.84
C PHE C 186 -36.05 -19.67 45.80
N LYS C 187 -36.73 -18.60 46.21
CA LYS C 187 -37.62 -17.86 45.33
C LYS C 187 -36.93 -16.69 44.64
N ASN C 188 -35.65 -16.47 44.88
CA ASN C 188 -34.91 -15.37 44.27
C ASN C 188 -33.63 -15.91 43.65
N LEU C 189 -33.41 -15.58 42.37
CA LEU C 189 -32.22 -15.99 41.64
C LEU C 189 -31.41 -14.75 41.30
N ARG C 190 -30.17 -14.70 41.76
CA ARG C 190 -29.27 -13.58 41.53
C ARG C 190 -28.08 -14.06 40.72
N GLU C 191 -27.85 -13.44 39.57
CA GLU C 191 -26.75 -13.78 38.67
C GLU C 191 -25.79 -12.60 38.61
N PHE C 192 -24.49 -12.89 38.74
CA PHE C 192 -23.46 -11.86 38.73
C PHE C 192 -22.32 -12.26 37.80
N VAL C 193 -21.74 -11.26 37.14
CA VAL C 193 -20.60 -11.44 36.25
C VAL C 193 -19.58 -10.36 36.60
N PHE C 194 -18.35 -10.79 36.90
CA PHE C 194 -17.27 -9.88 37.25
C PHE C 194 -16.20 -9.94 36.17
N LYS C 195 -15.79 -8.77 35.69
CA LYS C 195 -14.77 -8.68 34.65
C LYS C 195 -13.65 -7.77 35.11
N ASN C 196 -12.41 -8.24 34.96
CA ASN C 196 -11.22 -7.47 35.33
C ASN C 196 -10.41 -7.29 34.06
N ILE C 197 -10.70 -6.23 33.32
CA ILE C 197 -9.99 -5.91 32.08
C ILE C 197 -9.54 -4.46 32.13
N ASP C 198 -8.29 -4.23 31.67
CA ASP C 198 -7.53 -2.98 31.58
C ASP C 198 -7.67 -2.07 32.81
N GLY C 199 -7.66 -2.66 34.00
CA GLY C 199 -7.78 -1.91 35.22
C GLY C 199 -9.19 -1.48 35.59
N TYR C 200 -10.20 -1.94 34.88
CA TYR C 200 -11.59 -1.58 35.15
C TYR C 200 -12.35 -2.82 35.63
N PHE C 201 -12.97 -2.70 36.79
CA PHE C 201 -13.76 -3.79 37.37
C PHE C 201 -15.23 -3.50 37.10
N LYS C 202 -15.87 -4.34 36.29
CA LYS C 202 -17.27 -4.19 35.94
C LYS C 202 -18.09 -5.31 36.57
N ILE C 203 -19.19 -4.93 37.21
CA ILE C 203 -20.09 -5.87 37.87
C ILE C 203 -21.46 -5.76 37.23
N TYR C 204 -22.01 -6.89 36.79
CA TYR C 204 -23.32 -6.96 36.16
C TYR C 204 -24.26 -7.68 37.11
N SER C 205 -25.40 -7.08 37.40
CA SER C 205 -26.35 -7.67 38.35
C SER C 205 -27.77 -7.66 37.80
N LYS C 206 -28.53 -8.67 38.22
CA LYS C 206 -29.93 -8.83 37.83
C LYS C 206 -30.58 -9.83 38.78
N HIS C 207 -31.77 -9.49 39.29
CA HIS C 207 -32.52 -10.34 40.20
C HIS C 207 -33.79 -10.80 39.50
N THR C 208 -34.00 -12.11 39.47
CA THR C 208 -35.18 -12.68 38.82
C THR C 208 -35.84 -13.70 39.73
N PRO C 209 -37.16 -13.59 39.96
CA PRO C 209 -37.84 -14.56 40.82
C PRO C 209 -38.02 -15.90 40.10
N ILE C 210 -37.69 -16.98 40.80
CA ILE C 210 -37.78 -18.33 40.24
C ILE C 210 -38.61 -19.21 41.17
N ASN C 211 -39.13 -20.30 40.60
CA ASN C 211 -39.94 -21.26 41.34
C ASN C 211 -39.24 -22.57 41.62
N LEU C 212 -38.50 -23.12 40.65
CA LEU C 212 -37.79 -24.37 40.86
C LEU C 212 -36.55 -24.10 41.71
N VAL C 213 -36.26 -25.02 42.63
CA VAL C 213 -35.14 -24.87 43.56
C VAL C 213 -34.11 -25.98 43.47
N ARG C 214 -34.36 -27.06 42.72
CA ARG C 214 -33.38 -28.14 42.66
C ARG C 214 -32.18 -27.79 41.79
N ASP C 215 -32.41 -27.50 40.53
CA ASP C 215 -31.38 -27.16 39.57
C ASP C 215 -31.58 -25.72 39.08
N LEU C 216 -30.71 -25.29 38.18
CA LEU C 216 -30.81 -23.95 37.62
C LEU C 216 -32.00 -23.89 36.67
N PRO C 217 -32.90 -22.93 36.82
CA PRO C 217 -34.08 -22.84 35.93
C PRO C 217 -33.70 -22.44 34.52
N GLN C 218 -34.35 -23.09 33.55
CA GLN C 218 -34.12 -22.82 32.15
C GLN C 218 -34.83 -21.52 31.78
N GLY C 219 -34.11 -20.63 31.11
CA GLY C 219 -34.67 -19.36 30.71
C GLY C 219 -33.57 -18.43 30.25
N PHE C 220 -34.00 -17.23 29.85
CA PHE C 220 -33.09 -16.21 29.37
C PHE C 220 -33.18 -14.96 30.22
N SER C 221 -32.02 -14.40 30.57
CA SER C 221 -31.94 -13.20 31.38
C SER C 221 -30.76 -12.36 30.90
N ALA C 222 -31.00 -11.07 30.68
CA ALA C 222 -29.96 -10.15 30.23
C ALA C 222 -29.48 -9.37 31.44
N LEU C 223 -28.24 -9.64 31.86
CA LEU C 223 -27.67 -8.97 33.02
C LEU C 223 -27.27 -7.55 32.67
N GLU C 224 -27.69 -6.59 33.51
CA GLU C 224 -27.45 -5.16 33.40
C GLU C 224 -26.28 -4.73 34.27
N PRO C 225 -25.47 -3.77 33.80
CA PRO C 225 -24.33 -3.30 34.60
C PRO C 225 -24.78 -2.51 35.82
N LEU C 226 -24.36 -2.95 37.00
CA LEU C 226 -24.74 -2.25 38.23
C LEU C 226 -23.86 -1.04 38.49
N VAL C 227 -22.55 -1.26 38.62
CA VAL C 227 -21.60 -0.18 38.89
C VAL C 227 -20.23 -0.59 38.37
N ASP C 228 -19.43 0.40 37.98
CA ASP C 228 -18.09 0.21 37.46
C ASP C 228 -17.09 0.79 38.44
N LEU C 229 -16.04 0.04 38.74
CA LEU C 229 -15.01 0.48 39.68
C LEU C 229 -13.63 0.48 39.03
N PRO C 230 -13.03 1.64 38.76
CA PRO C 230 -11.69 1.67 38.14
C PRO C 230 -10.58 1.62 39.19
N ILE C 231 -10.47 0.48 39.86
CA ILE C 231 -9.45 0.31 40.89
C ILE C 231 -8.06 0.18 40.28
N GLY C 232 -7.93 -0.52 39.16
CA GLY C 232 -6.63 -0.68 38.52
C GLY C 232 -5.70 -1.68 39.16
N ILE C 233 -6.22 -2.76 39.72
CA ILE C 233 -5.39 -3.79 40.35
C ILE C 233 -5.66 -5.13 39.68
N ASN C 234 -4.69 -6.04 39.83
CA ASN C 234 -4.80 -7.37 39.25
C ASN C 234 -5.47 -8.32 40.23
N ILE C 235 -6.39 -9.14 39.72
CA ILE C 235 -7.13 -10.11 40.51
C ILE C 235 -6.83 -11.50 39.97
N THR C 236 -6.49 -12.42 40.86
CA THR C 236 -6.17 -13.80 40.51
C THR C 236 -7.11 -14.81 41.11
N ARG C 237 -7.51 -14.63 42.37
CA ARG C 237 -8.42 -15.56 43.04
C ARG C 237 -9.50 -14.78 43.77
N PHE C 238 -10.64 -15.44 43.98
CA PHE C 238 -11.76 -14.82 44.69
C PHE C 238 -12.33 -15.82 45.68
N GLN C 239 -13.05 -15.30 46.67
CA GLN C 239 -13.63 -16.12 47.72
C GLN C 239 -15.06 -15.64 47.99
N THR C 240 -15.89 -16.54 48.49
CA THR C 240 -17.29 -16.30 48.81
C THR C 240 -17.50 -16.29 50.32
N LEU C 241 -18.32 -15.37 50.81
CA LEU C 241 -18.60 -15.23 52.24
C LEU C 241 -20.05 -15.59 52.51
N LEU C 242 -20.28 -16.37 53.57
CA LEU C 242 -21.61 -16.80 53.96
C LEU C 242 -21.87 -16.41 55.41
N ALA C 243 -23.11 -16.07 55.72
CA ALA C 243 -23.49 -15.68 57.07
C ALA C 243 -23.93 -16.88 57.89
N LEU C 244 -23.54 -16.90 59.16
CA LEU C 244 -23.89 -17.97 60.08
C LEU C 244 -24.77 -17.39 61.18
N HIS C 245 -25.95 -17.99 61.38
CA HIS C 245 -26.87 -17.54 62.40
C HIS C 245 -26.43 -17.98 63.79
N ALA C 264 -25.41 -22.48 48.66
CA ALA C 264 -26.04 -22.92 47.42
C ALA C 264 -25.84 -21.89 46.31
N TYR C 265 -24.60 -21.80 45.80
CA TYR C 265 -24.26 -20.86 44.75
C TYR C 265 -23.50 -21.59 43.64
N TYR C 266 -23.75 -21.17 42.41
CA TYR C 266 -23.13 -21.75 41.23
C TYR C 266 -22.02 -20.81 40.74
N VAL C 267 -20.91 -21.40 40.32
CA VAL C 267 -19.76 -20.64 39.83
C VAL C 267 -19.44 -21.11 38.41
N GLY C 268 -19.36 -20.15 37.48
CA GLY C 268 -19.05 -20.46 36.11
C GLY C 268 -17.85 -19.66 35.66
N TYR C 269 -17.22 -20.06 34.55
CA TYR C 269 -16.04 -19.37 34.04
C TYR C 269 -16.30 -18.89 32.62
N LEU C 270 -16.02 -17.62 32.37
CA LEU C 270 -16.22 -17.03 31.06
C LEU C 270 -15.05 -17.38 30.14
N GLN C 271 -15.31 -17.34 28.84
CA GLN C 271 -14.33 -17.63 27.82
C GLN C 271 -14.51 -16.68 26.66
N PRO C 272 -13.43 -16.32 25.95
CA PRO C 272 -13.58 -15.41 24.80
C PRO C 272 -14.23 -16.12 23.62
N ARG C 273 -15.49 -15.78 23.34
CA ARG C 273 -16.24 -16.39 22.25
C ARG C 273 -17.03 -15.33 21.52
N THR C 274 -17.65 -15.74 20.41
CA THR C 274 -18.47 -14.86 19.59
C THR C 274 -19.93 -15.14 19.93
N PHE C 275 -20.69 -14.09 20.17
CA PHE C 275 -22.10 -14.22 20.53
C PHE C 275 -22.96 -13.33 19.66
N LEU C 276 -24.08 -13.87 19.20
CA LEU C 276 -25.05 -13.14 18.39
C LEU C 276 -26.17 -12.72 19.34
N LEU C 277 -26.41 -11.41 19.44
CA LEU C 277 -27.42 -10.88 20.34
C LEU C 277 -28.59 -10.31 19.55
N LYS C 278 -29.80 -10.67 19.97
CA LYS C 278 -31.02 -10.21 19.33
C LYS C 278 -31.61 -9.09 20.19
N TYR C 279 -31.83 -7.93 19.58
CA TYR C 279 -32.38 -6.78 20.27
C TYR C 279 -33.81 -6.52 19.81
N ASN C 280 -34.69 -6.26 20.77
CA ASN C 280 -36.09 -5.97 20.47
C ASN C 280 -36.25 -4.48 20.21
N GLU C 281 -37.49 -4.01 20.11
CA GLU C 281 -37.73 -2.59 19.87
C GLU C 281 -37.39 -1.72 21.08
N ASN C 282 -37.42 -2.28 22.29
CA ASN C 282 -37.10 -1.53 23.50
C ASN C 282 -35.61 -1.54 23.82
N GLY C 283 -34.83 -2.41 23.19
CA GLY C 283 -33.40 -2.49 23.43
C GLY C 283 -32.95 -3.65 24.29
N THR C 284 -33.87 -4.46 24.80
CA THR C 284 -33.50 -5.59 25.64
C THR C 284 -33.07 -6.78 24.79
N ILE C 285 -32.21 -7.62 25.37
CA ILE C 285 -31.71 -8.82 24.68
C ILE C 285 -32.71 -9.94 24.95
N THR C 286 -33.50 -10.28 23.94
CA THR C 286 -34.49 -11.35 24.10
C THR C 286 -33.87 -12.73 24.03
N ASP C 287 -32.90 -12.95 23.15
CA ASP C 287 -32.27 -14.25 23.00
C ASP C 287 -30.86 -14.08 22.44
N ALA C 288 -30.02 -15.09 22.70
CA ALA C 288 -28.64 -15.10 22.25
C ALA C 288 -28.33 -16.45 21.63
N VAL C 289 -27.35 -16.47 20.73
CA VAL C 289 -26.93 -17.68 20.03
C VAL C 289 -25.41 -17.76 20.07
N ASP C 290 -24.88 -18.88 20.57
CA ASP C 290 -23.44 -19.10 20.64
C ASP C 290 -22.98 -19.62 19.29
N CYS C 291 -22.12 -18.85 18.61
CA CYS C 291 -21.62 -19.22 17.28
C CYS C 291 -20.81 -20.51 17.27
N ALA C 292 -19.91 -20.68 18.24
CA ALA C 292 -19.04 -21.86 18.28
C ALA C 292 -19.59 -23.01 19.12
N LEU C 293 -20.91 -23.11 19.31
CA LEU C 293 -21.47 -24.19 20.11
C LEU C 293 -21.90 -25.40 19.29
N ASP C 294 -22.80 -25.21 18.33
CA ASP C 294 -23.34 -26.26 17.49
C ASP C 294 -23.32 -25.83 16.04
N PRO C 295 -23.34 -26.79 15.09
CA PRO C 295 -23.39 -26.44 13.66
C PRO C 295 -24.64 -25.67 13.27
N LEU C 296 -25.77 -25.97 13.92
CA LEU C 296 -27.01 -25.24 13.65
C LEU C 296 -26.89 -23.80 14.11
N SER C 297 -26.32 -23.60 15.30
CA SER C 297 -26.13 -22.26 15.84
C SER C 297 -25.05 -21.50 15.07
N GLU C 298 -24.11 -22.23 14.45
CA GLU C 298 -23.06 -21.60 13.67
C GLU C 298 -23.62 -20.96 12.41
N THR C 299 -24.66 -21.58 11.83
CA THR C 299 -25.30 -21.03 10.63
C THR C 299 -26.05 -19.75 10.95
N LYS C 300 -26.66 -19.69 12.14
CA LYS C 300 -27.39 -18.49 12.56
C LYS C 300 -26.44 -17.32 12.78
N CYS C 301 -25.24 -17.60 13.28
CA CYS C 301 -24.26 -16.56 13.53
C CYS C 301 -23.63 -16.04 12.23
N THR C 302 -23.41 -16.94 11.26
CA THR C 302 -22.80 -16.53 10.00
C THR C 302 -23.77 -15.73 9.13
N LEU C 303 -25.01 -16.19 9.02
CA LEU C 303 -26.01 -15.49 8.21
C LEU C 303 -26.67 -14.32 8.93
N LYS C 304 -26.40 -14.16 10.24
CA LYS C 304 -26.97 -13.10 11.08
C LYS C 304 -28.49 -13.10 11.08
N SER C 305 -29.07 -14.31 11.10
CA SER C 305 -30.51 -14.50 11.09
C SER C 305 -30.85 -15.68 11.98
N PHE C 306 -31.95 -15.56 12.73
CA PHE C 306 -32.34 -16.64 13.63
C PHE C 306 -33.09 -17.77 12.95
N THR C 307 -33.53 -17.59 11.70
CA THR C 307 -34.25 -18.64 10.98
C THR C 307 -33.59 -18.92 9.65
N VAL C 308 -33.37 -20.21 9.36
CA VAL C 308 -32.78 -20.67 8.10
C VAL C 308 -33.69 -21.75 7.55
N GLU C 309 -33.87 -21.75 6.22
CA GLU C 309 -34.74 -22.74 5.60
C GLU C 309 -34.13 -23.31 4.31
N LYS C 310 -33.79 -24.60 4.38
CA LYS C 310 -33.21 -25.43 3.30
C LYS C 310 -32.03 -24.77 2.58
N GLY C 311 -31.02 -24.41 3.35
CA GLY C 311 -29.85 -23.76 2.80
C GLY C 311 -28.55 -24.41 3.23
N ILE C 312 -27.57 -24.36 2.33
CA ILE C 312 -26.24 -24.89 2.56
C ILE C 312 -25.30 -23.70 2.59
N TYR C 313 -24.58 -23.53 3.71
CA TYR C 313 -23.68 -22.36 3.86
C TYR C 313 -22.31 -22.85 4.32
N GLN C 314 -21.24 -22.25 3.79
CA GLN C 314 -19.87 -22.63 4.22
C GLN C 314 -19.55 -21.83 5.49
N THR C 315 -19.99 -22.33 6.65
CA THR C 315 -19.79 -21.60 7.92
C THR C 315 -18.30 -21.47 8.23
N SER C 316 -17.52 -22.52 8.00
CA SER C 316 -16.07 -22.50 8.37
C SER C 316 -15.27 -23.39 7.43
N ASN C 317 -13.95 -23.22 7.40
CA ASN C 317 -13.08 -24.06 6.55
C ASN C 317 -12.20 -24.93 7.46
N PHE C 318 -12.14 -26.25 7.21
CA PHE C 318 -11.37 -27.15 8.09
C PHE C 318 -10.00 -27.42 7.48
N ARG C 319 -8.94 -27.10 8.22
CA ARG C 319 -7.56 -27.38 7.74
C ARG C 319 -6.92 -28.34 8.73
N VAL C 320 -6.44 -29.50 8.26
CA VAL C 320 -5.78 -30.48 9.16
C VAL C 320 -4.51 -29.83 9.70
N GLN C 321 -4.19 -30.04 10.97
CA GLN C 321 -3.01 -29.39 11.59
C GLN C 321 -1.83 -30.36 11.52
N PRO C 322 -0.64 -29.91 11.05
CA PRO C 322 0.53 -30.78 10.98
C PRO C 322 0.92 -31.27 12.38
N THR C 323 1.25 -32.55 12.51
CA THR C 323 1.61 -33.14 13.83
C THR C 323 2.85 -34.02 13.66
N GLU C 324 3.58 -34.29 14.74
CA GLU C 324 4.77 -35.19 14.71
C GLU C 324 5.73 -34.76 13.58
N SER C 325 6.10 -33.47 13.52
CA SER C 325 6.96 -32.98 12.42
C SER C 325 8.27 -33.76 12.35
N ILE C 326 8.69 -34.14 11.14
CA ILE C 326 9.92 -34.98 10.98
C ILE C 326 10.95 -34.25 10.12
N VAL C 327 12.22 -34.24 10.55
CA VAL C 327 13.30 -33.64 9.73
C VAL C 327 14.23 -34.76 9.26
N ARG C 328 14.46 -34.86 7.95
CA ARG C 328 15.39 -35.89 7.40
C ARG C 328 16.56 -35.19 6.72
N PHE C 329 17.78 -35.59 7.05
CA PHE C 329 19.00 -34.95 6.48
C PHE C 329 19.89 -36.06 5.90
N PRO C 330 20.80 -35.75 4.95
CA PRO C 330 21.61 -36.78 4.29
C PRO C 330 22.63 -37.45 5.23
N ASN C 331 23.15 -38.61 4.84
CA ASN C 331 24.08 -39.37 5.71
C ASN C 331 25.29 -38.49 6.04
N ILE C 332 25.80 -38.60 7.27
CA ILE C 332 26.94 -37.72 7.70
C ILE C 332 28.16 -38.01 6.81
N THR C 333 28.94 -36.99 6.49
CA THR C 333 30.10 -37.16 5.58
C THR C 333 31.29 -37.75 6.32
N ASN C 334 32.43 -37.91 5.63
CA ASN C 334 33.65 -38.45 6.25
C ASN C 334 33.95 -37.49 7.41
N LEU C 335 33.87 -38.06 8.61
CA LEU C 335 34.11 -37.31 9.86
C LEU C 335 35.49 -36.67 9.86
N CYS C 336 35.63 -35.56 10.59
CA CYS C 336 36.93 -34.96 10.80
C CYS C 336 37.88 -35.85 11.62
N PRO C 337 39.20 -35.86 11.31
CA PRO C 337 40.11 -36.83 11.93
C PRO C 337 40.62 -36.40 13.32
N PHE C 338 39.70 -36.13 14.23
CA PHE C 338 40.10 -35.78 15.61
C PHE C 338 40.90 -36.94 16.21
N GLY C 339 40.52 -38.17 15.86
CA GLY C 339 41.23 -39.36 16.38
C GLY C 339 42.71 -39.32 16.06
N GLU C 340 43.06 -38.80 14.89
CA GLU C 340 44.49 -38.75 14.47
C GLU C 340 45.28 -37.98 15.52
N VAL C 341 44.91 -36.71 15.72
CA VAL C 341 45.65 -35.85 16.69
C VAL C 341 45.48 -36.47 18.07
N PHE C 342 44.31 -37.05 18.36
CA PHE C 342 44.06 -37.73 19.66
C PHE C 342 44.92 -38.98 19.84
N ASN C 343 45.15 -39.76 18.79
CA ASN C 343 45.89 -41.03 18.98
C ASN C 343 47.04 -41.09 17.98
N ALA C 344 47.91 -40.07 17.93
CA ALA C 344 48.97 -40.18 16.90
C ALA C 344 50.07 -41.09 17.42
N THR C 345 50.70 -41.90 16.55
CA THR C 345 51.73 -42.85 17.01
C THR C 345 52.89 -42.08 17.63
N ARG C 346 53.26 -40.95 17.02
CA ARG C 346 54.34 -40.08 17.58
C ARG C 346 53.83 -38.63 17.63
N PHE C 347 53.82 -38.02 18.82
CA PHE C 347 53.35 -36.63 18.96
C PHE C 347 54.58 -35.73 18.85
N ALA C 348 54.40 -34.41 18.94
CA ALA C 348 55.61 -33.55 18.94
C ALA C 348 55.86 -32.98 20.34
N SER C 349 57.09 -32.58 20.62
CA SER C 349 57.42 -31.92 21.90
C SER C 349 56.76 -30.55 21.92
N VAL C 350 56.52 -29.99 23.11
CA VAL C 350 55.82 -28.68 23.22
C VAL C 350 56.61 -27.55 22.56
N TYR C 351 57.94 -27.66 22.49
CA TYR C 351 58.75 -26.53 21.97
C TYR C 351 58.25 -26.23 20.56
N ALA C 352 57.91 -27.25 19.78
CA ALA C 352 57.31 -27.02 18.46
C ALA C 352 56.05 -27.86 18.40
N TRP C 353 55.03 -27.46 19.15
CA TRP C 353 53.80 -28.28 19.24
C TRP C 353 53.20 -28.44 17.84
N ASN C 354 52.71 -29.63 17.53
CA ASN C 354 52.08 -29.86 16.21
C ASN C 354 50.85 -28.97 16.09
N ARG C 355 50.63 -28.38 14.91
CA ARG C 355 49.42 -27.55 14.68
C ARG C 355 48.59 -28.21 13.58
N LYS C 356 47.28 -28.29 13.76
CA LYS C 356 46.42 -28.96 12.75
C LYS C 356 45.25 -28.05 12.40
N ARG C 357 44.82 -28.04 11.14
CA ARG C 357 43.64 -27.25 10.75
C ARG C 357 42.56 -28.23 10.27
N ILE C 358 41.34 -28.10 10.78
CA ILE C 358 40.23 -29.02 10.41
C ILE C 358 39.22 -28.22 9.56
N SER C 359 38.87 -28.71 8.36
CA SER C 359 38.02 -27.90 7.45
C SER C 359 37.12 -28.76 6.57
N ASN C 360 36.07 -28.16 5.98
CA ASN C 360 35.16 -28.88 5.03
C ASN C 360 34.87 -30.29 5.49
N CYS C 361 34.52 -30.46 6.77
CA CYS C 361 34.13 -31.76 7.26
C CYS C 361 33.17 -31.58 8.42
N VAL C 362 32.58 -32.68 8.86
CA VAL C 362 31.69 -32.71 10.01
C VAL C 362 32.42 -33.37 11.16
N ALA C 363 32.33 -32.78 12.33
CA ALA C 363 33.03 -33.26 13.50
C ALA C 363 32.05 -33.96 14.41
N ASP C 364 32.40 -35.18 14.82
CA ASP C 364 31.57 -35.88 15.82
C ASP C 364 32.30 -35.64 17.15
N TYR C 365 32.08 -34.47 17.76
CA TYR C 365 32.81 -34.12 19.00
C TYR C 365 32.48 -35.20 20.03
N SER C 366 31.24 -35.71 19.99
CA SER C 366 30.82 -36.78 20.92
C SER C 366 31.92 -37.84 21.12
N VAL C 367 32.59 -38.30 20.06
CA VAL C 367 33.52 -39.44 20.26
C VAL C 367 34.53 -39.03 21.32
N LEU C 368 35.02 -37.80 21.24
CA LEU C 368 36.03 -37.33 22.21
C LEU C 368 35.45 -37.29 23.63
N TYR C 369 34.20 -36.79 23.79
CA TYR C 369 33.62 -36.56 25.14
C TYR C 369 32.74 -37.72 25.62
N ASN C 370 32.45 -38.67 24.76
CA ASN C 370 31.69 -39.86 25.22
C ASN C 370 32.57 -40.73 26.11
N SER C 371 33.83 -40.92 25.71
CA SER C 371 34.74 -41.81 26.48
C SER C 371 35.15 -41.14 27.78
N ALA C 372 35.41 -41.93 28.82
CA ALA C 372 35.90 -41.36 30.10
C ALA C 372 37.40 -41.64 30.23
N SER C 373 38.02 -42.15 29.16
CA SER C 373 39.45 -42.53 29.23
C SER C 373 40.34 -41.31 29.50
N PHE C 374 40.01 -40.15 28.93
CA PHE C 374 40.89 -38.97 29.06
C PHE C 374 41.03 -38.54 30.52
N SER C 375 42.27 -38.30 30.97
CA SER C 375 42.52 -37.88 32.37
C SER C 375 41.91 -36.51 32.64
N THR C 376 42.06 -35.57 31.71
CA THR C 376 41.55 -34.19 31.95
C THR C 376 40.68 -33.74 30.78
N PHE C 377 39.41 -33.44 31.02
CA PHE C 377 38.54 -32.89 29.95
C PHE C 377 38.05 -31.53 30.42
N LYS C 378 38.72 -30.47 29.99
CA LYS C 378 38.41 -29.13 30.44
C LYS C 378 38.07 -28.31 29.21
N CYS C 379 36.88 -27.73 29.18
CA CYS C 379 36.47 -26.91 28.04
C CYS C 379 36.17 -25.52 28.54
N TYR C 380 36.78 -24.52 27.90
CA TYR C 380 36.65 -23.12 28.38
C TYR C 380 35.71 -22.32 27.48
N GLY C 381 34.61 -21.81 28.04
CA GLY C 381 33.71 -20.94 27.27
C GLY C 381 32.67 -21.71 26.48
N VAL C 382 33.05 -22.88 25.95
CA VAL C 382 32.11 -23.69 25.12
C VAL C 382 31.77 -24.98 25.86
N SER C 383 30.48 -25.25 26.05
CA SER C 383 30.05 -26.50 26.74
C SER C 383 30.31 -27.70 25.83
N PRO C 384 30.85 -28.83 26.34
CA PRO C 384 31.02 -30.03 25.53
C PRO C 384 29.63 -30.52 25.09
N THR C 385 28.65 -30.45 25.98
CA THR C 385 27.26 -30.82 25.59
C THR C 385 26.78 -29.79 24.56
N LYS C 386 26.13 -30.25 23.48
CA LYS C 386 25.58 -29.35 22.42
C LYS C 386 26.71 -28.71 21.63
N LEU C 387 27.93 -29.27 21.72
CA LEU C 387 29.07 -28.75 20.90
C LEU C 387 28.73 -28.98 19.43
N ASN C 388 28.12 -30.12 19.11
CA ASN C 388 27.71 -30.43 17.71
C ASN C 388 26.85 -29.27 17.18
N ASP C 389 25.92 -28.76 18.00
CA ASP C 389 25.02 -27.66 17.55
C ASP C 389 25.86 -26.41 17.30
N LEU C 390 26.90 -26.20 18.11
CA LEU C 390 27.70 -24.97 17.96
C LEU C 390 28.59 -25.20 16.75
N CYS C 391 28.23 -24.55 15.65
CA CYS C 391 28.90 -24.86 14.38
C CYS C 391 29.91 -23.74 14.17
N PHE C 392 31.20 -24.10 14.01
CA PHE C 392 32.26 -23.05 13.93
C PHE C 392 32.93 -23.04 12.56
N THR C 393 33.33 -21.85 12.10
CA THR C 393 33.97 -21.71 10.77
C THR C 393 35.34 -22.40 10.73
N ASN C 394 36.17 -22.21 11.76
CA ASN C 394 37.55 -22.77 11.73
C ASN C 394 37.82 -23.56 13.00
N VAL C 395 38.39 -24.77 12.87
CA VAL C 395 38.76 -25.56 14.06
C VAL C 395 40.28 -25.79 14.04
N TYR C 396 40.97 -25.47 15.13
CA TYR C 396 42.44 -25.68 15.21
C TYR C 396 42.74 -26.73 16.29
N ALA C 397 43.53 -27.74 15.94
CA ALA C 397 43.93 -28.76 16.96
C ALA C 397 45.43 -28.64 17.23
N ASP C 398 45.81 -28.45 18.48
CA ASP C 398 47.24 -28.30 18.84
C ASP C 398 47.64 -29.49 19.73
N SER C 399 48.68 -30.21 19.35
CA SER C 399 49.07 -31.42 20.12
C SER C 399 50.52 -31.31 20.61
N PHE C 400 50.76 -31.61 21.88
CA PHE C 400 52.13 -31.58 22.44
C PHE C 400 52.25 -32.57 23.59
N VAL C 401 53.47 -33.03 23.88
CA VAL C 401 53.67 -33.94 25.04
C VAL C 401 54.28 -33.12 26.18
N ILE C 402 53.60 -33.08 27.33
CA ILE C 402 54.16 -32.36 28.51
C ILE C 402 54.15 -33.33 29.69
N ARG C 403 54.77 -32.93 30.80
CA ARG C 403 54.77 -33.76 32.00
C ARG C 403 53.55 -33.46 32.85
N GLY C 404 53.13 -34.46 33.62
CA GLY C 404 51.85 -34.38 34.39
C GLY C 404 51.73 -33.22 35.34
N ASP C 405 52.84 -32.81 35.97
CA ASP C 405 52.75 -31.74 36.99
C ASP C 405 52.22 -30.49 36.27
N GLU C 406 52.43 -30.41 34.97
CA GLU C 406 52.11 -29.14 34.29
C GLU C 406 50.91 -29.28 33.39
N VAL C 407 50.15 -30.38 33.53
CA VAL C 407 48.89 -30.51 32.72
C VAL C 407 47.98 -29.30 32.95
N ARG C 408 47.86 -28.87 34.21
CA ARG C 408 46.97 -27.73 34.58
C ARG C 408 47.54 -26.44 33.99
N GLN C 409 48.83 -26.34 33.71
CA GLN C 409 49.40 -25.02 33.26
C GLN C 409 48.69 -24.57 31.97
N ILE C 410 48.42 -25.57 31.03
CA ILE C 410 47.73 -25.19 29.75
C ILE C 410 46.50 -24.29 29.96
N ALA C 411 45.88 -24.33 31.13
CA ALA C 411 44.72 -23.44 31.44
C ALA C 411 45.07 -22.01 31.01
N PRO C 412 44.12 -21.22 30.47
CA PRO C 412 44.38 -19.84 30.08
C PRO C 412 44.80 -18.95 31.25
N GLY C 413 45.72 -18.02 31.01
CA GLY C 413 46.18 -17.09 32.07
C GLY C 413 46.79 -17.77 33.27
N GLN C 414 47.60 -18.81 33.03
CA GLN C 414 48.30 -19.50 34.16
C GLN C 414 49.79 -19.20 34.06
N THR C 415 50.43 -18.86 35.19
CA THR C 415 51.91 -18.68 35.20
C THR C 415 52.58 -20.05 35.11
N GLY C 416 53.70 -20.15 34.40
CA GLY C 416 54.43 -21.44 34.36
C GLY C 416 55.56 -21.45 33.33
N LYS C 417 56.48 -22.40 33.46
CA LYS C 417 57.63 -22.49 32.52
C LYS C 417 57.13 -23.11 31.22
N ILE C 418 56.02 -23.84 31.27
CA ILE C 418 55.46 -24.38 30.02
C ILE C 418 54.38 -23.39 29.62
N ALA C 419 53.79 -22.76 30.62
CA ALA C 419 52.63 -21.89 30.28
C ALA C 419 53.05 -20.61 29.55
N ASP C 420 54.10 -19.93 29.98
CA ASP C 420 54.43 -18.62 29.36
C ASP C 420 55.59 -18.74 28.38
N TYR C 421 56.70 -19.35 28.81
CA TYR C 421 57.91 -19.47 27.95
C TYR C 421 57.62 -20.33 26.73
N ASN C 422 56.86 -21.43 26.90
CA ASN C 422 56.67 -22.37 25.76
C ASN C 422 55.32 -22.21 25.07
N TYR C 423 54.23 -22.70 25.66
CA TYR C 423 52.92 -22.67 24.94
C TYR C 423 51.89 -21.83 25.70
N LYS C 424 51.31 -20.81 25.08
CA LYS C 424 50.42 -19.90 25.85
C LYS C 424 49.05 -19.73 25.19
N LEU C 425 47.96 -20.16 25.85
CA LEU C 425 46.59 -19.93 25.31
C LEU C 425 46.17 -18.50 25.62
N PRO C 426 45.21 -17.91 24.88
CA PRO C 426 44.81 -16.52 25.09
C PRO C 426 43.82 -16.29 26.24
N ASP C 427 43.64 -15.04 26.69
CA ASP C 427 42.60 -14.79 27.72
C ASP C 427 41.26 -15.20 27.16
N ASP C 428 41.00 -14.86 25.89
CA ASP C 428 39.74 -15.33 25.25
C ASP C 428 40.05 -16.64 24.54
N PHE C 429 39.85 -17.78 25.20
CA PHE C 429 40.13 -19.10 24.60
C PHE C 429 38.83 -19.87 24.48
N THR C 430 38.24 -19.91 23.30
CA THR C 430 37.02 -20.71 23.12
C THR C 430 37.43 -22.13 22.76
N GLY C 431 37.97 -22.91 23.70
CA GLY C 431 38.43 -24.24 23.29
C GLY C 431 38.32 -25.29 24.35
N CYS C 432 38.93 -26.45 24.13
CA CYS C 432 38.92 -27.55 25.08
C CYS C 432 40.33 -28.10 25.26
N VAL C 433 40.64 -28.57 26.47
CA VAL C 433 41.98 -29.15 26.78
C VAL C 433 41.79 -30.63 27.14
N ILE C 434 42.39 -31.53 26.36
CA ILE C 434 42.23 -32.99 26.58
C ILE C 434 43.60 -33.60 26.87
N ALA C 435 43.70 -34.41 27.93
CA ALA C 435 45.02 -35.01 28.30
C ALA C 435 44.82 -36.45 28.79
N TRP C 436 45.81 -37.31 28.58
CA TRP C 436 45.75 -38.71 29.12
C TRP C 436 47.15 -39.14 29.54
N ASN C 437 47.24 -40.05 30.52
CA ASN C 437 48.57 -40.58 30.92
C ASN C 437 48.98 -41.66 29.92
N SER C 438 50.20 -41.58 29.39
CA SER C 438 50.67 -42.57 28.37
C SER C 438 52.08 -43.03 28.74
N ASN C 439 52.28 -43.46 29.98
CA ASN C 439 53.64 -43.84 30.46
C ASN C 439 54.19 -45.02 29.65
N ASN C 440 53.36 -46.01 29.36
CA ASN C 440 53.87 -47.24 28.66
C ASN C 440 54.08 -46.96 27.18
N LEU C 441 53.58 -45.83 26.66
CA LEU C 441 53.68 -45.51 25.21
C LEU C 441 54.90 -44.63 24.89
N ASP C 442 55.15 -43.59 25.67
CA ASP C 442 56.26 -42.65 25.31
C ASP C 442 57.56 -43.04 26.02
N SER C 443 57.48 -43.43 27.29
CA SER C 443 58.72 -43.73 28.08
C SER C 443 59.42 -44.98 27.56
N LYS C 444 60.75 -45.01 27.65
CA LYS C 444 61.54 -46.19 27.21
C LYS C 444 62.54 -46.50 28.35
N VAL C 445 63.09 -47.72 28.39
CA VAL C 445 64.14 -48.02 29.41
C VAL C 445 65.37 -47.16 29.09
N GLY C 446 66.11 -46.74 30.12
CA GLY C 446 67.28 -45.86 29.91
C GLY C 446 66.87 -44.40 29.74
N GLY C 447 65.64 -44.06 30.14
CA GLY C 447 65.18 -42.65 30.09
C GLY C 447 64.71 -42.24 28.70
N ASN C 448 63.91 -41.17 28.62
CA ASN C 448 63.46 -40.67 27.29
C ASN C 448 63.98 -39.25 27.08
N TYR C 449 64.86 -39.04 26.08
CA TYR C 449 65.33 -37.66 25.76
C TYR C 449 64.60 -37.20 24.51
N ASN C 450 63.64 -38.00 24.03
CA ASN C 450 62.93 -37.68 22.77
C ASN C 450 62.16 -36.36 22.90
N TYR C 451 61.53 -36.12 24.04
CA TYR C 451 60.69 -34.90 24.17
C TYR C 451 61.49 -33.79 24.87
N LEU C 452 61.46 -32.57 24.33
CA LEU C 452 62.28 -31.47 24.89
C LEU C 452 61.44 -30.22 25.11
N TYR C 453 61.86 -29.34 26.02
CA TYR C 453 61.10 -28.10 26.31
C TYR C 453 62.08 -26.97 26.62
N ARG C 454 61.88 -25.79 26.02
CA ARG C 454 62.75 -24.64 26.38
C ARG C 454 62.49 -24.30 27.85
N LEU C 455 63.55 -24.09 28.62
CA LEU C 455 63.39 -23.75 30.06
C LEU C 455 63.76 -22.27 30.23
N PHE C 456 64.77 -21.81 29.49
CA PHE C 456 65.20 -20.38 29.56
C PHE C 456 64.82 -19.62 28.29
N ARG C 457 64.09 -18.51 28.45
CA ARG C 457 63.74 -17.63 27.30
C ARG C 457 63.97 -16.19 27.78
N LYS C 458 64.37 -15.27 26.90
CA LYS C 458 64.70 -13.89 27.34
C LYS C 458 63.44 -13.22 27.91
N SER C 459 62.30 -13.38 27.23
CA SER C 459 61.03 -12.81 27.72
C SER C 459 59.90 -13.77 27.36
N ASN C 460 58.68 -13.55 27.89
CA ASN C 460 57.59 -14.52 27.65
C ASN C 460 57.13 -14.43 26.18
N LEU C 461 56.47 -15.47 25.68
CA LEU C 461 55.96 -15.47 24.29
C LEU C 461 54.48 -15.10 24.26
N LYS C 462 54.03 -14.44 23.19
CA LYS C 462 52.60 -14.03 23.07
C LYS C 462 51.73 -15.26 22.82
N PRO C 463 50.42 -15.24 23.14
CA PRO C 463 49.52 -16.37 22.87
C PRO C 463 49.67 -17.03 21.49
N PHE C 464 49.70 -18.36 21.44
CA PHE C 464 49.78 -19.12 20.17
C PHE C 464 51.07 -18.79 19.40
N GLU C 465 52.18 -18.61 20.11
CA GLU C 465 53.47 -18.33 19.41
C GLU C 465 54.50 -19.40 19.78
N ARG C 466 55.02 -20.13 18.79
CA ARG C 466 56.10 -21.11 19.06
C ARG C 466 57.39 -20.59 18.41
N ASP C 467 58.46 -20.49 19.19
CA ASP C 467 59.74 -19.94 18.66
C ASP C 467 60.85 -20.98 18.88
N ILE C 468 61.31 -21.60 17.80
CA ILE C 468 62.37 -22.64 17.91
C ILE C 468 63.72 -21.92 17.94
N SER C 469 64.24 -21.64 19.14
CA SER C 469 65.59 -21.01 19.23
C SER C 469 66.56 -21.96 19.91
N THR C 470 67.55 -22.48 19.17
CA THR C 470 68.57 -23.38 19.76
C THR C 470 69.92 -22.70 20.01
N GLU C 471 70.01 -21.41 19.66
CA GLU C 471 71.25 -20.65 19.96
C GLU C 471 71.39 -20.60 21.48
N ILE C 472 72.62 -20.51 21.99
CA ILE C 472 72.84 -20.54 23.47
C ILE C 472 72.14 -19.36 24.16
N TYR C 473 71.51 -19.60 25.31
CA TYR C 473 70.76 -18.54 26.02
C TYR C 473 71.71 -17.50 26.63
N GLN C 474 71.20 -16.29 26.89
CA GLN C 474 72.05 -15.20 27.43
C GLN C 474 71.54 -14.79 28.82
N ALA C 475 72.04 -15.46 29.87
CA ALA C 475 71.62 -15.11 31.26
C ALA C 475 72.09 -13.71 31.66
N GLY C 476 73.30 -13.31 31.28
CA GLY C 476 73.84 -12.02 31.74
C GLY C 476 74.08 -11.02 30.62
N SER C 477 75.17 -10.26 30.70
CA SER C 477 75.43 -9.20 29.70
C SER C 477 76.40 -9.69 28.62
N THR C 478 77.54 -10.29 28.98
CA THR C 478 78.56 -10.71 27.98
C THR C 478 78.06 -11.94 27.19
N PRO C 479 78.35 -12.06 25.87
CA PRO C 479 77.96 -13.22 25.06
C PRO C 479 79.05 -14.24 24.70
N CYS C 480 78.74 -15.54 24.79
CA CYS C 480 79.73 -16.63 24.52
C CYS C 480 79.62 -17.15 23.07
N ASN C 481 78.71 -16.58 22.26
CA ASN C 481 78.61 -16.90 20.81
C ASN C 481 78.38 -18.39 20.54
N GLY C 482 77.30 -18.97 21.09
CA GLY C 482 76.95 -20.35 20.71
C GLY C 482 77.81 -21.45 21.31
N VAL C 483 78.66 -21.13 22.28
CA VAL C 483 79.41 -22.22 22.97
C VAL C 483 78.82 -22.34 24.38
N GLU C 484 78.26 -23.51 24.73
CA GLU C 484 77.60 -23.65 26.06
C GLU C 484 78.62 -23.47 27.17
N GLY C 485 78.27 -22.78 28.26
CA GLY C 485 79.24 -22.48 29.34
C GLY C 485 78.58 -21.85 30.56
N PHE C 486 79.37 -21.29 31.48
CA PHE C 486 78.78 -20.60 32.65
C PHE C 486 77.96 -19.41 32.14
N ASN C 487 76.74 -19.23 32.66
CA ASN C 487 75.85 -18.13 32.20
C ASN C 487 75.62 -18.24 30.68
N CYS C 488 75.54 -19.47 30.16
CA CYS C 488 75.34 -19.72 28.71
C CYS C 488 74.83 -21.16 28.59
N TYR C 489 73.51 -21.37 28.58
CA TYR C 489 72.97 -22.76 28.64
C TYR C 489 72.16 -23.05 27.37
N PHE C 490 72.22 -24.29 26.88
CA PHE C 490 71.40 -24.67 25.69
C PHE C 490 69.93 -24.56 26.10
N PRO C 491 69.04 -23.95 25.26
CA PRO C 491 67.64 -23.73 25.65
C PRO C 491 66.86 -25.03 25.93
N LEU C 492 66.99 -26.03 25.06
CA LEU C 492 66.18 -27.27 25.22
C LEU C 492 66.60 -28.05 26.47
N GLN C 493 65.63 -28.55 27.24
CA GLN C 493 65.92 -29.35 28.46
C GLN C 493 65.23 -30.72 28.32
N SER C 494 65.94 -31.82 28.60
CA SER C 494 65.38 -33.18 28.39
C SER C 494 64.26 -33.51 29.39
N TYR C 495 63.15 -34.06 28.90
CA TYR C 495 62.03 -34.50 29.78
C TYR C 495 62.42 -35.72 30.64
N GLY C 496 63.19 -36.66 30.09
CA GLY C 496 63.64 -37.84 30.85
C GLY C 496 62.51 -38.69 31.43
N PHE C 497 61.51 -39.05 30.61
CA PHE C 497 60.35 -39.85 31.08
C PHE C 497 60.75 -41.28 31.48
N GLN C 498 60.18 -41.79 32.56
CA GLN C 498 60.54 -43.15 33.06
C GLN C 498 59.30 -43.78 33.71
N PRO C 499 59.09 -45.12 33.62
CA PRO C 499 57.97 -45.76 34.28
C PRO C 499 58.04 -45.65 35.81
N THR C 500 59.23 -45.78 36.40
CA THR C 500 59.38 -45.77 37.88
C THR C 500 59.20 -44.37 38.46
N ASN C 501 59.05 -43.34 37.61
CA ASN C 501 58.95 -41.93 38.10
C ASN C 501 57.59 -41.63 38.74
N GLY C 502 57.48 -40.49 39.42
CA GLY C 502 56.19 -40.09 40.01
C GLY C 502 55.19 -39.74 38.92
N VAL C 503 53.90 -39.71 39.27
CA VAL C 503 52.82 -39.44 38.27
C VAL C 503 53.10 -38.08 37.63
N GLY C 504 53.66 -37.16 38.40
CA GLY C 504 53.94 -35.81 37.89
C GLY C 504 54.94 -35.80 36.75
N TYR C 505 55.97 -36.66 36.84
CA TYR C 505 57.05 -36.64 35.82
C TYR C 505 56.84 -37.77 34.81
N GLN C 506 55.64 -37.83 34.24
CA GLN C 506 55.32 -38.90 33.26
C GLN C 506 54.79 -38.26 31.98
N PRO C 507 54.97 -38.87 30.79
CA PRO C 507 54.54 -38.24 29.54
C PRO C 507 53.01 -38.16 29.44
N TYR C 508 52.47 -36.94 29.41
CA TYR C 508 51.00 -36.76 29.24
C TYR C 508 50.75 -36.07 27.89
N ARG C 509 50.38 -36.85 26.88
CA ARG C 509 50.05 -36.24 25.56
C ARG C 509 48.85 -35.33 25.76
N VAL C 510 48.90 -34.11 25.23
CA VAL C 510 47.79 -33.14 25.50
C VAL C 510 47.26 -32.57 24.18
N VAL C 511 46.02 -32.90 23.83
CA VAL C 511 45.39 -32.33 22.65
C VAL C 511 44.63 -31.10 23.11
N VAL C 512 44.87 -29.97 22.46
CA VAL C 512 44.14 -28.74 22.73
C VAL C 512 43.32 -28.41 21.50
N LEU C 513 42.01 -28.38 21.67
CA LEU C 513 41.14 -27.96 20.60
C LEU C 513 40.92 -26.47 20.68
N SER C 514 40.79 -25.84 19.54
CA SER C 514 40.35 -24.45 19.48
C SER C 514 39.24 -24.33 18.46
N PHE C 515 38.30 -23.44 18.75
CA PHE C 515 37.19 -23.16 17.86
C PHE C 515 37.21 -21.68 17.57
N GLU C 516 37.11 -21.32 16.30
CA GLU C 516 37.28 -19.94 15.89
C GLU C 516 36.14 -19.53 14.99
N LEU C 517 35.57 -18.36 15.27
CA LEU C 517 34.53 -17.76 14.46
C LEU C 517 35.09 -16.50 13.82
N LEU C 518 34.90 -16.39 12.50
CA LEU C 518 35.35 -15.17 11.76
C LEU C 518 34.25 -14.75 10.80
N HIS C 519 34.52 -13.74 9.95
CA HIS C 519 33.53 -13.29 8.94
C HIS C 519 33.26 -14.42 7.95
N ALA C 520 34.28 -15.22 7.62
CA ALA C 520 34.14 -16.27 6.59
C ALA C 520 33.07 -17.29 7.03
N PRO C 521 32.24 -17.80 6.09
CA PRO C 521 31.16 -18.75 6.42
C PRO C 521 31.64 -20.02 7.15
N ALA C 522 30.72 -20.70 7.83
CA ALA C 522 31.10 -21.87 8.60
C ALA C 522 31.23 -23.09 7.71
N THR C 523 32.18 -23.96 8.05
CA THR C 523 32.31 -25.25 7.42
C THR C 523 31.97 -26.39 8.36
N VAL C 524 32.60 -26.40 9.55
CA VAL C 524 32.47 -27.55 10.49
C VAL C 524 31.22 -27.44 11.36
N CYS C 525 30.21 -28.29 11.12
CA CYS C 525 29.00 -28.34 11.96
C CYS C 525 28.92 -29.74 12.58
N GLY C 526 27.80 -30.09 13.23
CA GLY C 526 27.70 -31.39 13.92
C GLY C 526 26.95 -32.42 13.10
N PRO C 527 26.89 -33.70 13.54
CA PRO C 527 26.25 -34.75 12.75
C PRO C 527 24.77 -34.44 12.52
N LYS C 528 24.27 -34.70 11.32
CA LYS C 528 22.86 -34.36 10.99
C LYS C 528 21.92 -35.36 11.65
N LYS C 529 21.00 -34.88 12.49
CA LYS C 529 20.05 -35.74 13.18
C LYS C 529 18.84 -35.97 12.28
N SER C 530 18.52 -37.24 12.03
CA SER C 530 17.41 -37.61 11.18
C SER C 530 16.46 -38.54 11.93
N THR C 531 15.19 -38.16 11.99
CA THR C 531 14.18 -38.95 12.66
C THR C 531 13.51 -39.92 11.70
N ASN C 532 12.74 -40.85 12.27
CA ASN C 532 12.04 -41.86 11.47
C ASN C 532 10.91 -41.24 10.64
N LEU C 533 10.81 -41.67 9.39
CA LEU C 533 9.78 -41.19 8.47
C LEU C 533 8.39 -41.71 8.81
N VAL C 534 7.43 -40.79 8.85
CA VAL C 534 6.03 -41.13 9.08
C VAL C 534 5.29 -40.78 7.80
N LYS C 535 4.41 -41.68 7.35
CA LYS C 535 3.69 -41.48 6.10
C LYS C 535 2.19 -41.59 6.33
N ASN C 536 1.45 -41.37 5.24
CA ASN C 536 -0.02 -41.43 5.16
C ASN C 536 -0.72 -40.48 6.14
N LYS C 537 -0.10 -39.34 6.44
CA LYS C 537 -0.69 -38.37 7.36
C LYS C 537 -0.10 -37.01 7.08
N CYS C 538 -0.85 -35.97 7.48
CA CYS C 538 -0.43 -34.59 7.31
C CYS C 538 0.64 -34.30 8.35
N VAL C 539 1.89 -34.24 7.91
CA VAL C 539 3.03 -34.01 8.80
C VAL C 539 3.97 -32.97 8.19
N ASN C 540 4.47 -32.08 9.04
CA ASN C 540 5.39 -31.04 8.61
C ASN C 540 6.77 -31.68 8.41
N PHE C 541 7.48 -31.27 7.35
CA PHE C 541 8.76 -31.96 7.07
C PHE C 541 9.83 -30.99 6.57
N ASN C 542 11.09 -31.22 6.96
CA ASN C 542 12.20 -30.40 6.42
C ASN C 542 13.13 -31.35 5.66
N PHE C 543 13.30 -31.13 4.36
CA PHE C 543 14.20 -31.98 3.55
C PHE C 543 15.23 -31.10 2.83
N ASN C 544 16.52 -31.38 3.02
CA ASN C 544 17.59 -30.62 2.31
C ASN C 544 17.45 -29.12 2.57
N GLY C 545 17.08 -28.75 3.80
CA GLY C 545 16.95 -27.33 4.16
C GLY C 545 15.68 -26.71 3.58
N LEU C 546 14.88 -27.51 2.87
CA LEU C 546 13.59 -27.01 2.34
C LEU C 546 12.47 -27.57 3.22
N THR C 547 11.71 -26.68 3.87
CA THR C 547 10.62 -27.13 4.77
C THR C 547 9.38 -27.44 3.93
N GLY C 548 8.32 -28.00 4.51
CA GLY C 548 7.12 -28.23 3.70
C GLY C 548 6.07 -28.94 4.52
N THR C 549 4.81 -28.51 4.44
CA THR C 549 3.74 -29.19 5.17
C THR C 549 2.88 -29.94 4.16
N GLY C 550 2.84 -31.27 4.28
CA GLY C 550 2.03 -32.06 3.38
C GLY C 550 2.14 -33.53 3.72
N VAL C 551 1.23 -34.31 3.11
CA VAL C 551 1.18 -35.75 3.31
C VAL C 551 2.25 -36.39 2.44
N LEU C 552 3.07 -37.24 3.03
CA LEU C 552 4.13 -37.93 2.31
C LEU C 552 3.66 -39.34 1.97
N THR C 553 3.66 -39.66 0.68
CA THR C 553 3.23 -40.96 0.18
C THR C 553 4.29 -41.51 -0.76
N GLU C 554 4.06 -42.74 -1.22
CA GLU C 554 5.01 -43.38 -2.13
C GLU C 554 4.92 -42.75 -3.51
N SER C 555 6.04 -42.74 -4.22
CA SER C 555 6.14 -42.16 -5.56
C SER C 555 6.23 -43.25 -6.61
N ASN C 556 5.48 -43.09 -7.70
CA ASN C 556 5.50 -44.05 -8.79
C ASN C 556 6.41 -43.63 -9.93
N LYS C 557 6.69 -42.34 -10.06
CA LYS C 557 7.55 -41.83 -11.12
C LYS C 557 9.02 -42.02 -10.77
N LYS C 558 9.86 -42.10 -11.79
CA LYS C 558 11.29 -42.30 -11.62
C LYS C 558 12.01 -40.95 -11.62
N PHE C 559 13.07 -40.86 -10.82
CA PHE C 559 13.85 -39.64 -10.71
C PHE C 559 15.27 -39.86 -11.22
N LEU C 560 15.89 -38.76 -11.64
CA LEU C 560 17.26 -38.81 -12.13
C LEU C 560 18.20 -38.93 -10.92
N PRO C 561 19.38 -39.56 -11.10
CA PRO C 561 20.31 -39.69 -9.97
C PRO C 561 20.84 -38.37 -9.43
N PHE C 562 21.04 -37.37 -10.29
CA PHE C 562 21.54 -36.08 -9.82
C PHE C 562 20.41 -35.21 -9.29
N GLN C 563 19.19 -35.44 -9.76
CA GLN C 563 18.03 -34.66 -9.33
C GLN C 563 17.59 -35.04 -7.93
N GLN C 564 17.23 -34.04 -7.12
CA GLN C 564 16.78 -34.26 -5.76
C GLN C 564 15.43 -33.65 -5.43
N PHE C 565 14.92 -32.72 -6.25
CA PHE C 565 13.65 -32.05 -6.01
C PHE C 565 12.67 -32.39 -7.14
N GLY C 566 11.46 -31.85 -7.03
CA GLY C 566 10.43 -32.05 -8.03
C GLY C 566 9.56 -30.82 -8.17
N ARG C 567 9.16 -30.48 -9.40
CA ARG C 567 8.34 -29.32 -9.65
C ARG C 567 7.13 -29.71 -10.49
N ASP C 568 5.97 -29.18 -10.14
CA ASP C 568 4.72 -29.44 -10.84
C ASP C 568 4.43 -28.32 -11.85
N ILE C 569 3.22 -28.36 -12.43
CA ILE C 569 2.80 -27.37 -13.42
C ILE C 569 2.60 -25.99 -12.76
N ALA C 570 2.24 -25.95 -11.49
CA ALA C 570 2.01 -24.69 -10.78
C ALA C 570 3.28 -24.15 -10.11
N ASP C 571 4.45 -24.68 -10.50
CA ASP C 571 5.77 -24.30 -9.98
C ASP C 571 5.80 -24.52 -8.46
N THR C 572 5.27 -25.65 -8.02
CA THR C 572 5.20 -26.01 -6.62
C THR C 572 5.96 -27.32 -6.37
N THR C 573 6.30 -27.54 -5.10
CA THR C 573 7.03 -28.74 -4.71
C THR C 573 6.12 -29.96 -4.73
N ASP C 574 6.14 -30.71 -5.83
CA ASP C 574 5.28 -31.88 -5.95
C ASP C 574 5.89 -33.13 -5.33
N ALA C 575 7.19 -33.35 -5.49
CA ALA C 575 7.82 -34.54 -4.93
C ALA C 575 9.23 -34.25 -4.45
N VAL C 576 9.61 -34.87 -3.34
CA VAL C 576 10.93 -34.73 -2.74
C VAL C 576 11.41 -36.12 -2.31
N ARG C 577 12.60 -36.50 -2.76
CA ARG C 577 13.16 -37.79 -2.39
C ARG C 577 13.98 -37.62 -1.11
N ASP C 578 14.08 -38.70 -0.34
CA ASP C 578 14.82 -38.68 0.90
C ASP C 578 16.32 -38.55 0.62
N PRO C 579 17.03 -37.66 1.30
CA PRO C 579 18.47 -37.50 1.03
C PRO C 579 19.36 -38.57 1.67
N GLN C 580 18.99 -39.04 2.87
CA GLN C 580 19.82 -40.04 3.55
C GLN C 580 19.73 -41.41 2.86
N THR C 581 18.51 -41.86 2.55
CA THR C 581 18.30 -43.14 1.88
C THR C 581 17.67 -42.85 0.53
N LEU C 582 18.11 -43.57 -0.50
CA LEU C 582 17.60 -43.35 -1.85
C LEU C 582 16.19 -43.94 -1.95
N GLU C 583 15.23 -43.14 -1.50
CA GLU C 583 13.82 -43.50 -1.51
C GLU C 583 13.05 -42.33 -2.11
N ILE C 584 12.18 -42.64 -3.06
CA ILE C 584 11.37 -41.64 -3.73
C ILE C 584 10.03 -41.48 -3.01
N LEU C 585 9.65 -40.22 -2.78
CA LEU C 585 8.42 -39.90 -2.08
C LEU C 585 7.63 -38.85 -2.85
N ASP C 586 6.31 -38.89 -2.68
CA ASP C 586 5.39 -37.95 -3.32
C ASP C 586 4.75 -37.09 -2.25
N ILE C 587 4.76 -35.78 -2.45
CA ILE C 587 4.18 -34.85 -1.49
C ILE C 587 2.75 -34.51 -1.92
N THR C 588 1.80 -34.72 -1.00
CA THR C 588 0.40 -34.44 -1.21
C THR C 588 -0.02 -33.37 -0.21
N PRO C 589 -0.65 -32.28 -0.64
CA PRO C 589 -1.05 -31.22 0.30
C PRO C 589 -2.11 -31.68 1.29
N CYS C 590 -2.06 -31.10 2.49
CA CYS C 590 -2.98 -31.42 3.56
C CYS C 590 -4.40 -30.97 3.22
N SER C 591 -5.37 -31.63 3.84
CA SER C 591 -6.77 -31.34 3.61
C SER C 591 -7.16 -29.96 4.14
N PHE C 592 -7.73 -29.13 3.26
CA PHE C 592 -8.13 -27.78 3.61
C PHE C 592 -9.51 -27.42 3.05
N GLY C 593 -10.35 -28.42 2.75
CA GLY C 593 -11.66 -28.15 2.20
C GLY C 593 -12.60 -27.49 3.19
N GLY C 594 -13.51 -26.69 2.65
CA GLY C 594 -14.47 -25.99 3.48
C GLY C 594 -15.53 -26.91 4.07
N VAL C 595 -16.12 -26.44 5.17
CA VAL C 595 -17.15 -27.17 5.89
C VAL C 595 -18.48 -26.48 5.70
N SER C 596 -19.49 -27.24 5.28
CA SER C 596 -20.83 -26.73 5.05
C SER C 596 -21.80 -27.49 5.94
N VAL C 597 -22.88 -26.84 6.32
CA VAL C 597 -23.89 -27.43 7.19
C VAL C 597 -25.18 -27.64 6.40
N ILE C 598 -25.61 -28.90 6.33
CA ILE C 598 -26.85 -29.26 5.65
C ILE C 598 -27.97 -29.08 6.66
N THR C 599 -28.94 -28.23 6.33
CA THR C 599 -30.02 -28.01 7.27
C THR C 599 -31.40 -27.78 6.66
N PRO C 600 -32.44 -28.37 7.28
CA PRO C 600 -33.81 -28.15 6.80
C PRO C 600 -34.37 -26.88 7.41
N GLY C 601 -35.64 -26.60 7.20
CA GLY C 601 -36.24 -25.40 7.76
C GLY C 601 -36.32 -25.47 9.28
N THR C 602 -36.15 -24.31 9.91
CA THR C 602 -36.18 -24.22 11.37
C THR C 602 -37.57 -24.51 11.93
N ASN C 603 -38.62 -24.20 11.17
CA ASN C 603 -39.97 -24.48 11.62
C ASN C 603 -40.28 -25.97 11.61
N THR C 604 -39.60 -26.72 10.74
CA THR C 604 -39.83 -28.17 10.65
C THR C 604 -39.10 -28.92 11.76
N SER C 605 -37.78 -28.80 11.82
CA SER C 605 -36.99 -29.48 12.84
C SER C 605 -35.67 -28.74 13.02
N ASN C 606 -34.94 -29.12 14.08
CA ASN C 606 -33.65 -28.53 14.41
C ASN C 606 -32.48 -29.47 14.17
N GLN C 607 -32.74 -30.69 13.68
CA GLN C 607 -31.66 -31.63 13.41
C GLN C 607 -30.86 -31.17 12.19
N VAL C 608 -29.54 -31.20 12.31
CA VAL C 608 -28.66 -30.76 11.24
C VAL C 608 -27.60 -31.81 10.93
N ALA C 609 -27.03 -31.68 9.73
CA ALA C 609 -25.97 -32.55 9.23
C ALA C 609 -24.78 -31.69 8.84
N VAL C 610 -23.59 -32.22 9.01
CA VAL C 610 -22.35 -31.51 8.70
C VAL C 610 -21.74 -32.14 7.45
N LEU C 611 -21.42 -31.31 6.47
CA LEU C 611 -20.84 -31.76 5.21
C LEU C 611 -19.44 -31.19 5.03
N TYR C 612 -18.47 -32.06 4.86
CA TYR C 612 -17.10 -31.68 4.61
C TYR C 612 -16.84 -31.80 3.11
N GLN C 613 -16.06 -30.87 2.55
CA GLN C 613 -15.91 -30.86 1.06
C GLN C 613 -14.57 -31.46 0.62
N ASP C 614 -14.60 -32.40 -0.32
CA ASP C 614 -13.35 -32.98 -0.92
C ASP C 614 -12.36 -33.47 0.13
N VAL C 615 -12.82 -34.15 1.18
CA VAL C 615 -11.88 -34.75 2.17
C VAL C 615 -12.28 -36.21 2.38
N ASN C 616 -11.42 -37.00 3.02
CA ASN C 616 -11.77 -38.38 3.32
C ASN C 616 -12.34 -38.44 4.73
N CYS C 617 -13.06 -39.53 5.02
CA CYS C 617 -13.66 -39.70 6.34
C CYS C 617 -12.71 -40.41 7.31
N THR C 618 -11.50 -39.89 7.43
CA THR C 618 -10.49 -40.45 8.33
C THR C 618 -9.95 -39.36 9.25
N GLU C 619 -9.86 -38.14 8.73
CA GLU C 619 -9.35 -37.02 9.52
C GLU C 619 -10.36 -36.58 10.58
N VAL C 620 -11.65 -36.55 10.22
CA VAL C 620 -12.69 -36.14 11.16
C VAL C 620 -12.96 -37.25 12.17
N ASN C 641 -22.87 -43.62 11.29
CA ASN C 641 -23.55 -42.39 10.94
C ASN C 641 -22.68 -41.52 10.05
N VAL C 642 -21.71 -42.14 9.38
CA VAL C 642 -20.79 -41.45 8.49
C VAL C 642 -20.97 -42.03 7.09
N PHE C 643 -21.30 -41.17 6.13
CA PHE C 643 -21.51 -41.57 4.75
C PHE C 643 -20.54 -40.81 3.86
N GLN C 644 -19.62 -41.55 3.23
CA GLN C 644 -18.63 -40.94 2.34
C GLN C 644 -19.20 -40.89 0.93
N THR C 645 -19.34 -39.69 0.39
CA THR C 645 -19.89 -39.49 -0.94
C THR C 645 -18.83 -38.85 -1.84
N ARG C 646 -19.22 -38.63 -3.10
CA ARG C 646 -18.33 -38.02 -4.08
C ARG C 646 -18.01 -36.57 -3.74
N ALA C 647 -18.98 -35.84 -3.20
CA ALA C 647 -18.78 -34.44 -2.85
C ALA C 647 -17.90 -34.24 -1.62
N GLY C 648 -17.65 -35.28 -0.83
CA GLY C 648 -16.82 -35.15 0.35
C GLY C 648 -17.30 -36.09 1.44
N CYS C 649 -16.92 -35.75 2.67
CA CYS C 649 -17.29 -36.53 3.84
C CYS C 649 -18.54 -35.92 4.47
N LEU C 650 -19.63 -36.69 4.49
CA LEU C 650 -20.89 -36.26 5.04
C LEU C 650 -21.19 -37.05 6.31
N ILE C 651 -21.43 -36.34 7.41
CA ILE C 651 -21.72 -36.97 8.68
C ILE C 651 -23.06 -36.48 9.19
N GLY C 652 -23.75 -37.36 9.92
CA GLY C 652 -25.05 -37.05 10.48
C GLY C 652 -26.24 -37.38 9.60
N ALA C 653 -26.02 -37.64 8.31
CA ALA C 653 -27.10 -37.96 7.39
C ALA C 653 -27.11 -39.44 7.05
N GLU C 654 -28.31 -40.02 7.04
CA GLU C 654 -28.51 -41.43 6.73
C GLU C 654 -28.45 -41.63 5.21
N HIS C 655 -28.10 -42.84 4.79
CA HIS C 655 -28.01 -43.19 3.39
C HIS C 655 -29.19 -44.06 3.00
N VAL C 656 -29.87 -43.71 1.92
CA VAL C 656 -31.03 -44.42 1.42
C VAL C 656 -30.76 -44.85 -0.02
N ASN C 657 -30.94 -46.15 -0.29
CA ASN C 657 -30.72 -46.68 -1.64
C ASN C 657 -31.74 -46.14 -2.63
N ASN C 658 -32.98 -45.99 -2.21
CA ASN C 658 -34.04 -45.49 -3.08
C ASN C 658 -33.83 -44.01 -3.38
N SER C 659 -33.95 -43.65 -4.66
CA SER C 659 -33.77 -42.27 -5.09
C SER C 659 -35.11 -41.54 -5.08
N TYR C 660 -35.07 -40.27 -4.67
CA TYR C 660 -36.25 -39.42 -4.62
C TYR C 660 -35.94 -38.10 -5.30
N GLU C 661 -36.94 -37.22 -5.31
CA GLU C 661 -36.81 -35.90 -5.93
C GLU C 661 -35.85 -35.05 -5.09
N CYS C 662 -34.98 -34.31 -5.79
CA CYS C 662 -34.00 -33.48 -5.11
C CYS C 662 -34.64 -32.26 -4.46
N ASP C 663 -34.31 -32.05 -3.19
CA ASP C 663 -34.82 -30.92 -2.41
C ASP C 663 -33.70 -29.97 -2.00
N ILE C 664 -32.64 -30.50 -1.40
CA ILE C 664 -31.48 -29.73 -0.98
C ILE C 664 -30.31 -30.18 -1.85
N PRO C 665 -29.86 -29.38 -2.81
CA PRO C 665 -28.75 -29.81 -3.69
C PRO C 665 -27.38 -29.76 -3.02
N ILE C 666 -26.83 -30.92 -2.70
CA ILE C 666 -25.51 -30.98 -2.07
C ILE C 666 -24.40 -30.85 -3.12
N GLY C 667 -24.49 -31.62 -4.20
CA GLY C 667 -23.49 -31.58 -5.24
C GLY C 667 -23.10 -32.97 -5.70
N ALA C 668 -22.57 -33.04 -6.93
CA ALA C 668 -22.13 -34.28 -7.60
C ALA C 668 -23.26 -35.30 -7.70
N GLY C 669 -24.47 -34.82 -7.97
CA GLY C 669 -25.61 -35.71 -8.11
C GLY C 669 -26.16 -36.25 -6.81
N ILE C 670 -25.84 -35.62 -5.68
CA ILE C 670 -26.31 -36.06 -4.37
C ILE C 670 -27.23 -34.97 -3.80
N CYS C 671 -28.39 -35.39 -3.31
CA CYS C 671 -29.36 -34.46 -2.73
C CYS C 671 -29.89 -35.03 -1.42
N ALA C 672 -30.29 -34.13 -0.52
CA ALA C 672 -30.79 -34.52 0.78
C ALA C 672 -32.19 -33.97 1.00
N SER C 673 -32.92 -34.63 1.90
CA SER C 673 -34.28 -34.25 2.23
C SER C 673 -34.58 -34.72 3.65
N TYR C 674 -35.69 -34.24 4.20
CA TYR C 674 -36.13 -34.60 5.54
C TYR C 674 -37.30 -35.56 5.42
N GLN C 675 -37.12 -36.78 5.92
CA GLN C 675 -38.14 -37.81 5.90
C GLN C 675 -38.44 -38.27 7.31
N THR C 676 -39.72 -38.39 7.64
CA THR C 676 -40.14 -38.82 8.96
C THR C 676 -40.99 -40.09 8.89
N GLN C 690 -37.32 -39.48 10.83
CA GLN C 690 -37.21 -38.16 11.43
C GLN C 690 -35.77 -37.66 11.41
N SER C 691 -35.02 -38.10 10.41
CA SER C 691 -33.62 -37.72 10.27
C SER C 691 -33.33 -37.36 8.82
N ILE C 692 -32.23 -36.63 8.62
CA ILE C 692 -31.82 -36.20 7.29
C ILE C 692 -31.30 -37.42 6.54
N ILE C 693 -31.82 -37.64 5.33
CA ILE C 693 -31.41 -38.77 4.50
C ILE C 693 -30.67 -38.25 3.28
N ALA C 694 -29.59 -38.94 2.92
CA ALA C 694 -28.76 -38.61 1.78
C ALA C 694 -28.94 -39.67 0.71
N TYR C 695 -29.19 -39.25 -0.53
CA TYR C 695 -29.40 -40.20 -1.62
C TYR C 695 -29.02 -39.54 -2.94
N THR C 696 -28.95 -40.37 -3.97
CA THR C 696 -28.63 -39.90 -5.30
C THR C 696 -29.89 -39.25 -5.87
N MET C 697 -29.72 -38.11 -6.54
CA MET C 697 -30.86 -37.39 -7.10
C MET C 697 -31.49 -38.17 -8.25
N SER C 698 -32.82 -38.04 -8.35
CA SER C 698 -33.58 -38.72 -9.39
C SER C 698 -33.73 -37.84 -10.62
N LEU C 699 -33.86 -38.49 -11.77
CA LEU C 699 -34.02 -37.77 -13.03
C LEU C 699 -35.40 -37.12 -13.12
N GLY C 700 -36.44 -37.85 -12.75
CA GLY C 700 -37.78 -37.33 -12.79
C GLY C 700 -38.76 -38.47 -12.99
N ALA C 701 -40.00 -38.10 -13.27
CA ALA C 701 -41.05 -39.09 -13.50
C ALA C 701 -40.85 -39.71 -14.87
N GLU C 702 -40.56 -41.01 -14.90
CA GLU C 702 -40.35 -41.71 -16.16
C GLU C 702 -41.68 -41.90 -16.87
N ASN C 703 -41.72 -41.56 -18.15
CA ASN C 703 -42.93 -41.68 -18.95
C ASN C 703 -42.55 -42.08 -20.37
N SER C 704 -42.72 -43.37 -20.67
CA SER C 704 -42.39 -43.85 -22.01
C SER C 704 -43.51 -43.44 -22.97
N VAL C 705 -43.16 -43.36 -24.25
CA VAL C 705 -44.09 -42.97 -25.31
C VAL C 705 -44.34 -44.18 -26.19
N ALA C 706 -45.62 -44.49 -26.44
CA ALA C 706 -46.01 -45.62 -27.28
C ALA C 706 -45.93 -45.21 -28.75
N TYR C 707 -44.69 -45.04 -29.21
CA TYR C 707 -44.43 -44.63 -30.58
C TYR C 707 -44.55 -45.82 -31.54
N SER C 708 -45.19 -45.57 -32.67
CA SER C 708 -45.37 -46.56 -33.72
C SER C 708 -45.61 -45.81 -35.01
N ASN C 709 -45.60 -46.53 -36.12
CA ASN C 709 -45.80 -45.90 -37.42
C ASN C 709 -47.26 -45.58 -37.72
N ASN C 710 -48.22 -46.10 -36.96
CA ASN C 710 -49.63 -45.83 -37.21
C ASN C 710 -50.38 -45.46 -35.94
N SER C 711 -49.81 -44.57 -35.13
CA SER C 711 -50.49 -44.16 -33.90
C SER C 711 -50.21 -42.69 -33.64
N ILE C 712 -51.27 -41.93 -33.39
CA ILE C 712 -51.15 -40.50 -33.11
C ILE C 712 -52.02 -40.17 -31.89
N ALA C 713 -51.61 -39.14 -31.16
CA ALA C 713 -52.31 -38.67 -29.98
C ALA C 713 -52.74 -37.24 -30.24
N ILE C 714 -54.05 -36.99 -30.22
CA ILE C 714 -54.62 -35.68 -30.47
C ILE C 714 -55.46 -35.29 -29.26
N PRO C 715 -55.25 -34.10 -28.69
CA PRO C 715 -56.03 -33.70 -27.50
C PRO C 715 -57.48 -33.43 -27.79
N THR C 716 -58.32 -33.73 -26.79
CA THR C 716 -59.75 -33.52 -26.87
C THR C 716 -60.22 -32.40 -25.94
N ASN C 717 -59.43 -32.04 -24.94
CA ASN C 717 -59.76 -30.98 -24.01
C ASN C 717 -58.50 -30.15 -23.78
N PHE C 718 -58.70 -28.91 -23.32
CA PHE C 718 -57.58 -28.02 -23.08
C PHE C 718 -57.79 -27.28 -21.76
N THR C 719 -56.73 -26.63 -21.29
CA THR C 719 -56.75 -25.85 -20.06
C THR C 719 -56.01 -24.55 -20.32
N ILE C 720 -56.45 -23.49 -19.65
CA ILE C 720 -55.84 -22.17 -19.77
C ILE C 720 -55.10 -21.93 -18.46
N SER C 721 -53.78 -21.80 -18.55
CA SER C 721 -52.95 -21.57 -17.38
C SER C 721 -52.27 -20.22 -17.46
N VAL C 722 -52.07 -19.61 -16.31
CA VAL C 722 -51.43 -18.30 -16.18
C VAL C 722 -50.19 -18.48 -15.32
N THR C 723 -49.03 -18.16 -15.87
CA THR C 723 -47.77 -18.26 -15.17
C THR C 723 -47.27 -16.88 -14.81
N THR C 724 -46.42 -16.81 -13.79
CA THR C 724 -45.86 -15.55 -13.32
C THR C 724 -44.38 -15.52 -13.60
N GLU C 725 -43.93 -14.49 -14.31
CA GLU C 725 -42.53 -14.30 -14.65
C GLU C 725 -42.07 -13.00 -14.03
N ILE C 726 -40.95 -13.05 -13.29
CA ILE C 726 -40.39 -11.90 -12.61
C ILE C 726 -39.07 -11.54 -13.29
N LEU C 727 -38.93 -10.29 -13.70
CA LEU C 727 -37.72 -9.82 -14.35
C LEU C 727 -37.31 -8.47 -13.75
N PRO C 728 -36.07 -8.32 -13.30
CA PRO C 728 -35.63 -7.03 -12.76
C PRO C 728 -35.48 -6.01 -13.88
N VAL C 729 -35.84 -4.76 -13.58
CA VAL C 729 -35.76 -3.72 -14.59
C VAL C 729 -34.81 -2.61 -14.15
N SER C 730 -35.04 -2.04 -12.97
CA SER C 730 -34.21 -0.96 -12.49
C SER C 730 -33.44 -1.36 -11.23
N MET C 731 -32.50 -0.50 -10.88
CA MET C 731 -31.64 -0.65 -9.72
C MET C 731 -31.60 0.71 -9.03
N THR C 732 -31.37 0.71 -7.71
CA THR C 732 -31.33 1.95 -6.95
C THR C 732 -30.16 2.83 -7.39
N LYS C 733 -30.47 4.04 -7.82
CA LYS C 733 -29.48 5.01 -8.29
C LYS C 733 -28.68 5.54 -7.12
N THR C 734 -27.40 5.21 -7.07
CA THR C 734 -26.51 5.66 -6.01
C THR C 734 -25.45 6.62 -6.55
N SER C 735 -25.01 7.52 -5.68
CA SER C 735 -23.99 8.51 -6.01
C SER C 735 -23.17 8.75 -4.75
N VAL C 736 -21.85 8.75 -4.90
CA VAL C 736 -20.95 8.95 -3.76
C VAL C 736 -19.99 10.11 -4.04
N ASP C 737 -19.85 10.99 -3.07
CA ASP C 737 -18.94 12.12 -3.15
C ASP C 737 -17.57 11.63 -2.70
N CYS C 738 -16.55 11.77 -3.55
CA CYS C 738 -15.22 11.31 -3.16
C CYS C 738 -14.57 12.23 -2.14
N THR C 739 -15.00 13.49 -2.07
CA THR C 739 -14.41 14.43 -1.13
C THR C 739 -14.76 14.07 0.31
N MET C 740 -16.05 13.83 0.58
CA MET C 740 -16.46 13.51 1.95
C MET C 740 -16.16 12.07 2.34
N TYR C 741 -16.19 11.14 1.37
CA TYR C 741 -15.94 9.74 1.69
C TYR C 741 -14.48 9.48 2.02
N ILE C 742 -13.55 10.03 1.23
CA ILE C 742 -12.14 9.79 1.49
C ILE C 742 -11.64 10.61 2.67
N CYS C 743 -11.82 11.94 2.63
CA CYS C 743 -11.38 12.83 3.70
C CYS C 743 -12.54 13.73 4.12
N GLY C 744 -13.34 13.25 5.06
CA GLY C 744 -14.48 14.00 5.54
C GLY C 744 -14.09 15.21 6.38
N ASP C 745 -14.54 16.40 5.97
CA ASP C 745 -14.33 17.73 6.59
C ASP C 745 -12.89 18.02 7.01
N SER C 746 -11.92 17.53 6.23
CA SER C 746 -10.51 17.76 6.51
C SER C 746 -9.86 18.40 5.29
N THR C 747 -9.48 19.67 5.42
CA THR C 747 -8.86 20.36 4.29
C THR C 747 -7.43 19.89 4.06
N GLU C 748 -6.74 19.39 5.09
CA GLU C 748 -5.38 18.91 4.91
C GLU C 748 -5.38 17.58 4.16
N CYS C 749 -6.36 16.73 4.46
CA CYS C 749 -6.48 15.43 3.80
C CYS C 749 -6.91 15.59 2.35
N SER C 750 -7.70 16.63 2.05
CA SER C 750 -8.17 16.88 0.69
C SER C 750 -7.02 17.25 -0.23
N ASN C 751 -5.99 17.93 0.31
CA ASN C 751 -4.82 18.31 -0.48
C ASN C 751 -4.02 17.08 -0.89
N LEU C 752 -3.91 16.10 0.02
CA LEU C 752 -3.19 14.86 -0.29
C LEU C 752 -3.97 14.01 -1.29
N LEU C 753 -5.30 14.13 -1.28
CA LEU C 753 -6.14 13.38 -2.21
C LEU C 753 -5.91 13.85 -3.64
N LEU C 754 -5.65 15.16 -3.81
CA LEU C 754 -5.40 15.73 -5.13
C LEU C 754 -4.09 15.23 -5.73
N GLN C 755 -3.15 14.78 -4.90
CA GLN C 755 -1.88 14.26 -5.38
C GLN C 755 -2.05 12.95 -6.13
N TYR C 756 -3.12 12.21 -5.85
CA TYR C 756 -3.40 10.94 -6.51
C TYR C 756 -3.94 11.11 -7.93
N GLY C 757 -4.29 12.33 -8.33
CA GLY C 757 -4.80 12.57 -9.65
C GLY C 757 -6.31 12.69 -9.74
N SER C 758 -6.89 12.09 -10.77
CA SER C 758 -8.33 12.11 -11.02
C SER C 758 -8.95 10.73 -10.81
N PHE C 759 -8.49 10.02 -9.77
CA PHE C 759 -9.01 8.68 -9.49
C PHE C 759 -10.46 8.72 -9.03
N CYS C 760 -10.82 9.66 -8.16
CA CYS C 760 -12.21 9.68 -7.73
C CYS C 760 -13.11 10.41 -8.70
N THR C 761 -12.52 11.21 -9.61
CA THR C 761 -13.32 11.90 -10.61
C THR C 761 -13.89 10.91 -11.62
N GLN C 762 -13.12 9.86 -11.93
CA GLN C 762 -13.59 8.81 -12.82
C GLN C 762 -14.64 7.97 -12.15
N LEU C 763 -14.57 7.82 -10.82
CA LEU C 763 -15.54 7.03 -10.07
C LEU C 763 -16.90 7.73 -10.06
N ASN C 764 -16.90 9.05 -9.91
CA ASN C 764 -18.15 9.80 -9.90
C ASN C 764 -18.80 9.80 -11.28
N ARG C 765 -17.98 9.86 -12.33
CA ARG C 765 -18.50 9.84 -13.69
C ARG C 765 -18.99 8.45 -14.07
N ALA C 766 -18.37 7.40 -13.50
CA ALA C 766 -18.81 6.04 -13.78
C ALA C 766 -20.16 5.75 -13.15
N LEU C 767 -20.37 6.22 -11.91
CA LEU C 767 -21.65 6.01 -11.25
C LEU C 767 -22.73 6.89 -11.83
N THR C 768 -22.36 8.00 -12.47
CA THR C 768 -23.34 8.88 -13.10
C THR C 768 -23.96 8.18 -14.30
N GLY C 769 -23.15 7.42 -15.03
CA GLY C 769 -23.66 6.67 -16.18
C GLY C 769 -24.57 5.54 -15.75
N ILE C 770 -24.31 4.94 -14.57
CA ILE C 770 -25.15 3.87 -14.06
C ILE C 770 -26.50 4.44 -13.61
N ALA C 771 -26.48 5.60 -12.95
CA ALA C 771 -27.70 6.25 -12.49
C ALA C 771 -28.60 6.67 -13.64
N VAL C 772 -28.01 7.21 -14.71
CA VAL C 772 -28.81 7.61 -15.87
C VAL C 772 -29.27 6.39 -16.66
N GLU C 773 -28.58 5.25 -16.51
CA GLU C 773 -28.97 4.04 -17.21
C GLU C 773 -30.25 3.46 -16.63
N GLN C 774 -30.47 3.63 -15.31
CA GLN C 774 -31.68 3.12 -14.68
C GLN C 774 -32.91 3.88 -15.16
N ASP C 775 -32.76 5.17 -15.45
CA ASP C 775 -33.87 5.93 -15.99
C ASP C 775 -34.12 5.55 -17.43
N LYS C 776 -33.05 5.18 -18.15
CA LYS C 776 -33.17 4.76 -19.54
C LYS C 776 -33.74 3.36 -19.63
N ASN C 777 -33.35 2.48 -18.71
CA ASN C 777 -33.84 1.09 -18.70
C ASN C 777 -35.33 1.04 -18.41
N THR C 778 -35.79 1.83 -17.45
CA THR C 778 -37.21 1.86 -17.09
C THR C 778 -38.05 2.46 -18.21
N GLN C 779 -37.54 3.51 -18.85
CA GLN C 779 -38.28 4.16 -19.94
C GLN C 779 -38.30 3.30 -21.20
N GLU C 780 -37.29 2.44 -21.37
CA GLU C 780 -37.22 1.58 -22.55
C GLU C 780 -38.32 0.50 -22.55
N VAL C 781 -38.61 -0.07 -21.39
CA VAL C 781 -39.60 -1.14 -21.29
C VAL C 781 -40.99 -0.60 -20.91
N PHE C 782 -41.10 0.33 -19.98
CA PHE C 782 -42.42 0.81 -19.58
C PHE C 782 -42.98 1.86 -20.52
N ALA C 783 -42.18 2.87 -20.88
CA ALA C 783 -42.65 3.94 -21.76
C ALA C 783 -42.50 3.52 -23.23
N GLN C 784 -43.36 2.58 -23.63
CA GLN C 784 -43.38 2.08 -24.99
C GLN C 784 -44.56 2.64 -25.80
N VAL C 785 -45.48 3.31 -25.10
CA VAL C 785 -46.68 3.90 -25.78
C VAL C 785 -47.10 5.20 -25.07
N LYS C 786 -46.98 6.34 -25.75
CA LYS C 786 -47.30 7.65 -25.13
C LYS C 786 -48.79 7.74 -24.79
N GLN C 787 -49.68 7.25 -25.66
CA GLN C 787 -51.14 7.43 -25.43
C GLN C 787 -51.60 6.69 -24.17
N ILE C 788 -52.20 7.42 -23.22
CA ILE C 788 -52.70 6.81 -22.00
C ILE C 788 -54.11 6.31 -22.29
N TYR C 789 -54.26 4.99 -22.36
CA TYR C 789 -55.55 4.37 -22.63
C TYR C 789 -56.27 4.08 -21.32
N LYS C 790 -57.60 4.13 -21.37
CA LYS C 790 -58.43 3.87 -20.20
C LYS C 790 -59.53 2.88 -20.55
N THR C 791 -59.86 2.03 -19.59
CA THR C 791 -60.90 1.04 -19.77
C THR C 791 -62.28 1.67 -19.64
N PRO C 792 -63.27 1.18 -20.39
CA PRO C 792 -64.62 1.75 -20.30
C PRO C 792 -65.28 1.36 -18.98
N PRO C 793 -66.30 2.10 -18.54
CA PRO C 793 -66.97 1.75 -17.27
C PRO C 793 -67.72 0.43 -17.29
N ILE C 794 -68.07 -0.10 -18.47
CA ILE C 794 -68.78 -1.37 -18.58
C ILE C 794 -67.74 -2.45 -18.85
N LYS C 795 -67.65 -3.42 -17.95
CA LYS C 795 -66.70 -4.52 -18.07
C LYS C 795 -67.32 -5.71 -18.80
N ASP C 796 -67.74 -5.45 -20.04
CA ASP C 796 -68.35 -6.48 -20.87
C ASP C 796 -67.30 -7.13 -21.77
N PHE C 797 -66.44 -7.94 -21.14
CA PHE C 797 -65.37 -8.65 -21.83
C PHE C 797 -65.74 -10.08 -22.17
N GLY C 798 -67.02 -10.38 -22.31
CA GLY C 798 -67.45 -11.73 -22.65
C GLY C 798 -67.28 -12.74 -21.53
N GLY C 799 -67.31 -12.29 -20.28
CA GLY C 799 -67.16 -13.18 -19.14
C GLY C 799 -65.76 -13.21 -18.55
N PHE C 800 -64.79 -12.59 -19.21
CA PHE C 800 -63.40 -12.56 -18.74
C PHE C 800 -63.29 -11.50 -17.66
N ASN C 801 -63.20 -11.93 -16.40
CA ASN C 801 -63.06 -10.99 -15.29
C ASN C 801 -61.66 -10.40 -15.29
N PHE C 802 -61.58 -9.07 -15.19
CA PHE C 802 -60.30 -8.38 -15.19
C PHE C 802 -60.11 -7.44 -14.00
N SER C 803 -60.99 -7.51 -12.99
CA SER C 803 -60.87 -6.63 -11.83
C SER C 803 -59.65 -6.94 -10.98
N GLN C 804 -59.08 -8.15 -11.09
CA GLN C 804 -57.90 -8.50 -10.31
C GLN C 804 -56.63 -7.83 -10.83
N ILE C 805 -56.59 -7.45 -12.11
CA ILE C 805 -55.41 -6.82 -12.69
C ILE C 805 -55.65 -5.37 -13.07
N LEU C 806 -56.89 -4.89 -13.05
CA LEU C 806 -57.19 -3.50 -13.37
C LEU C 806 -57.02 -2.62 -12.13
N PRO C 807 -56.67 -1.34 -12.30
CA PRO C 807 -56.50 -0.45 -11.14
C PRO C 807 -57.80 -0.17 -10.41
N ASP C 808 -57.67 0.06 -9.10
CA ASP C 808 -58.80 0.33 -8.23
C ASP C 808 -59.05 1.83 -8.17
N PRO C 809 -60.23 2.33 -8.58
CA PRO C 809 -60.48 3.77 -8.54
C PRO C 809 -60.70 4.34 -7.13
N SER C 810 -61.03 3.51 -6.14
CA SER C 810 -61.24 4.03 -4.79
C SER C 810 -59.92 4.25 -4.05
N LYS C 811 -58.97 3.34 -4.20
CA LYS C 811 -57.65 3.41 -3.59
C LYS C 811 -56.72 4.11 -4.58
N SER C 813 -55.41 4.02 -4.36
CA SER C 813 -54.40 4.59 -5.25
C SER C 813 -54.49 3.90 -6.60
N LYS C 814 -54.03 4.56 -7.67
CA LYS C 814 -54.14 4.00 -9.02
C LYS C 814 -53.12 2.88 -9.23
N ARG C 815 -53.40 1.74 -8.58
CA ARG C 815 -52.62 0.52 -8.64
C ARG C 815 -53.59 -0.64 -8.55
N SER C 816 -53.21 -1.78 -9.12
CA SER C 816 -54.08 -2.94 -9.08
C SER C 816 -53.96 -3.68 -7.75
N PHE C 817 -54.84 -4.67 -7.58
CA PHE C 817 -54.82 -5.49 -6.37
C PHE C 817 -53.63 -6.43 -6.37
N ILE C 818 -53.28 -6.97 -7.55
CA ILE C 818 -52.14 -7.88 -7.67
C ILE C 818 -50.84 -7.11 -7.46
N GLU C 819 -50.78 -5.88 -8.00
CA GLU C 819 -49.59 -5.03 -7.84
C GLU C 819 -49.39 -4.58 -6.39
N ASP C 820 -50.48 -4.52 -5.60
CA ASP C 820 -50.35 -4.12 -4.20
C ASP C 820 -49.68 -5.20 -3.38
N LEU C 821 -49.87 -6.47 -3.74
CA LEU C 821 -49.24 -7.58 -3.01
C LEU C 821 -47.74 -7.60 -3.26
N LEU C 822 -47.30 -7.13 -4.43
CA LEU C 822 -45.88 -7.12 -4.75
C LEU C 822 -45.14 -6.05 -3.97
N PHE C 823 -45.79 -4.90 -3.69
CA PHE C 823 -45.15 -3.85 -2.92
C PHE C 823 -45.02 -4.23 -1.45
N ASN C 824 -45.98 -4.98 -0.92
CA ASN C 824 -45.94 -5.39 0.48
C ASN C 824 -45.01 -6.56 0.73
N LYS C 825 -44.50 -7.21 -0.31
CA LYS C 825 -43.62 -8.36 -0.17
C LYS C 825 -42.16 -8.02 -0.41
N VAL C 826 -41.84 -6.76 -0.69
CA VAL C 826 -40.46 -6.33 -0.94
C VAL C 826 -40.11 -5.29 0.11
N THR C 827 -39.00 -5.53 0.81
CA THR C 827 -38.54 -4.61 1.85
C THR C 827 -37.47 -3.67 1.32
N PHE C 855 -25.58 10.02 4.12
CA PHE C 855 -25.36 10.03 5.56
C PHE C 855 -23.88 10.12 5.92
N ASN C 856 -23.03 9.36 5.21
CA ASN C 856 -21.59 9.37 5.43
C ASN C 856 -20.87 9.54 4.11
N GLY C 857 -21.42 10.39 3.23
CA GLY C 857 -20.86 10.63 1.93
C GLY C 857 -21.57 9.88 0.82
N LEU C 858 -22.58 9.09 1.16
CA LEU C 858 -23.34 8.31 0.21
C LEU C 858 -24.72 8.95 0.04
N THR C 859 -25.15 9.07 -1.21
CA THR C 859 -26.44 9.66 -1.54
C THR C 859 -27.22 8.69 -2.42
N VAL C 860 -28.54 8.68 -2.23
CA VAL C 860 -29.44 7.82 -2.99
C VAL C 860 -30.31 8.74 -3.83
N LEU C 861 -30.22 8.59 -5.14
CA LEU C 861 -31.05 9.47 -5.96
C LEU C 861 -32.38 8.82 -6.27
N PRO C 862 -33.48 9.58 -6.22
CA PRO C 862 -34.77 8.99 -6.53
C PRO C 862 -34.91 8.79 -8.03
N PRO C 863 -35.69 7.80 -8.46
CA PRO C 863 -35.87 7.57 -9.90
C PRO C 863 -36.70 8.67 -10.54
N LEU C 864 -36.51 8.82 -11.85
CA LEU C 864 -37.25 9.83 -12.61
C LEU C 864 -38.73 9.49 -12.67
N LEU C 865 -39.06 8.21 -12.87
CA LEU C 865 -40.44 7.77 -12.95
C LEU C 865 -40.86 7.27 -11.57
N THR C 866 -41.87 7.91 -10.99
CA THR C 866 -42.36 7.52 -9.68
C THR C 866 -43.18 6.23 -9.77
N ASP C 867 -43.53 5.69 -8.61
CA ASP C 867 -44.32 4.47 -8.54
C ASP C 867 -45.73 4.66 -9.10
N GLU C 868 -46.27 5.87 -8.98
CA GLU C 868 -47.61 6.13 -9.52
C GLU C 868 -47.57 6.22 -11.04
N MET C 869 -46.46 6.70 -11.61
CA MET C 869 -46.35 6.80 -13.06
C MET C 869 -46.10 5.45 -13.71
N ILE C 870 -45.39 4.55 -13.00
CA ILE C 870 -45.13 3.22 -13.54
C ILE C 870 -46.43 2.42 -13.59
N ALA C 871 -47.28 2.60 -12.58
CA ALA C 871 -48.57 1.92 -12.55
C ALA C 871 -49.51 2.46 -13.62
N GLN C 872 -49.32 3.71 -14.03
CA GLN C 872 -50.16 4.27 -15.08
C GLN C 872 -49.75 3.71 -16.44
N TYR C 873 -48.45 3.44 -16.62
CA TYR C 873 -47.97 2.84 -17.86
C TYR C 873 -48.49 1.42 -18.01
N THR C 874 -48.50 0.66 -16.92
CA THR C 874 -49.01 -0.70 -16.96
C THR C 874 -50.52 -0.69 -17.18
N SER C 875 -51.21 0.30 -16.61
CA SER C 875 -52.66 0.42 -16.79
C SER C 875 -52.98 0.83 -18.22
N ALA C 876 -52.13 1.65 -18.84
CA ALA C 876 -52.34 2.06 -20.22
C ALA C 876 -52.10 0.89 -21.17
N LEU C 877 -51.10 0.06 -20.86
CA LEU C 877 -50.83 -1.11 -21.69
C LEU C 877 -51.89 -2.17 -21.49
N LEU C 878 -52.48 -2.25 -20.29
CA LEU C 878 -53.53 -3.23 -20.03
C LEU C 878 -54.82 -2.85 -20.76
N ALA C 879 -55.12 -1.56 -20.83
CA ALA C 879 -56.32 -1.13 -21.53
C ALA C 879 -56.17 -1.30 -23.04
N GLY C 880 -54.96 -1.12 -23.56
CA GLY C 880 -54.73 -1.29 -24.98
C GLY C 880 -54.67 -2.73 -25.41
N THR C 881 -54.19 -3.61 -24.53
CA THR C 881 -54.09 -5.02 -24.88
C THR C 881 -55.47 -5.68 -24.87
N ILE C 882 -56.34 -5.26 -23.96
CA ILE C 882 -57.68 -5.85 -23.86
C ILE C 882 -58.61 -5.26 -24.90
N THR C 883 -58.68 -3.93 -25.01
CA THR C 883 -59.60 -3.31 -25.95
C THR C 883 -59.08 -3.19 -27.38
N SER C 884 -57.79 -3.39 -27.64
CA SER C 884 -57.30 -3.27 -29.01
C SER C 884 -56.38 -4.39 -29.48
N GLY C 885 -55.95 -5.29 -28.60
CA GLY C 885 -55.07 -6.37 -29.02
C GLY C 885 -53.68 -5.87 -29.35
N TRP C 886 -53.19 -6.17 -30.55
CA TRP C 886 -51.88 -5.74 -30.98
C TRP C 886 -51.92 -4.53 -31.90
N THR C 887 -53.11 -3.97 -32.13
CA THR C 887 -53.22 -2.83 -33.04
C THR C 887 -52.65 -1.55 -32.43
N PHE C 888 -52.71 -1.42 -31.10
CA PHE C 888 -52.17 -0.22 -30.46
C PHE C 888 -50.65 -0.22 -30.45
N GLY C 889 -50.02 -1.38 -30.58
CA GLY C 889 -48.57 -1.46 -30.59
C GLY C 889 -48.00 -1.10 -31.95
N ALA C 890 -48.55 -1.70 -33.00
CA ALA C 890 -48.08 -1.43 -34.35
C ALA C 890 -48.48 -0.03 -34.82
N GLY C 891 -49.75 0.32 -34.65
CA GLY C 891 -50.22 1.63 -35.07
C GLY C 891 -51.26 2.23 -34.15
N ALA C 892 -52.34 2.74 -34.72
CA ALA C 892 -53.40 3.34 -33.92
C ALA C 892 -54.22 2.27 -33.22
N ALA C 893 -54.73 2.61 -32.04
CA ALA C 893 -55.54 1.69 -31.26
C ALA C 893 -56.92 1.53 -31.90
N LEU C 894 -57.20 0.31 -32.38
CA LEU C 894 -58.48 -0.01 -33.02
C LEU C 894 -59.35 -0.79 -32.06
N GLN C 895 -60.57 -0.31 -31.84
CA GLN C 895 -61.50 -0.98 -30.94
C GLN C 895 -61.93 -2.31 -31.54
N ILE C 896 -62.01 -3.33 -30.68
CA ILE C 896 -62.36 -4.69 -31.08
C ILE C 896 -62.87 -5.44 -29.85
N PRO C 897 -63.90 -6.28 -29.96
CA PRO C 897 -64.39 -7.02 -28.80
C PRO C 897 -63.36 -8.02 -28.27
N PHE C 898 -63.34 -8.19 -26.95
CA PHE C 898 -62.38 -9.11 -26.35
C PHE C 898 -62.78 -10.56 -26.57
N ALA C 899 -64.08 -10.84 -26.70
CA ALA C 899 -64.53 -12.20 -26.93
C ALA C 899 -64.15 -12.66 -28.34
N MET C 900 -64.00 -11.71 -29.26
CA MET C 900 -63.62 -11.98 -30.63
C MET C 900 -62.10 -11.92 -30.80
N GLN C 901 -61.42 -11.23 -29.88
CA GLN C 901 -59.97 -11.13 -29.91
C GLN C 901 -59.29 -12.47 -29.67
N MET C 902 -59.94 -13.35 -28.91
CA MET C 902 -59.41 -14.68 -28.62
C MET C 902 -59.38 -15.58 -29.85
N ALA C 903 -60.20 -15.27 -30.88
CA ALA C 903 -60.23 -16.07 -32.09
C ALA C 903 -58.93 -15.94 -32.87
N TYR C 904 -58.31 -14.75 -32.85
CA TYR C 904 -57.04 -14.58 -33.55
C TYR C 904 -55.90 -15.18 -32.77
N ARG C 905 -55.98 -15.16 -31.43
CA ARG C 905 -54.94 -15.76 -30.61
C ARG C 905 -54.98 -17.27 -30.75
N PHE C 906 -56.17 -17.84 -30.93
CA PHE C 906 -56.30 -19.27 -31.14
C PHE C 906 -55.83 -19.64 -32.54
N ASN C 907 -56.06 -18.76 -33.52
CA ASN C 907 -55.64 -19.01 -34.90
C ASN C 907 -54.13 -18.96 -35.03
N GLY C 908 -53.44 -18.24 -34.14
CA GLY C 908 -52.00 -18.15 -34.21
C GLY C 908 -51.27 -19.38 -33.71
N ILE C 909 -51.95 -20.24 -32.96
CA ILE C 909 -51.35 -21.46 -32.43
C ILE C 909 -51.86 -22.70 -33.15
N GLY C 910 -52.54 -22.53 -34.29
CA GLY C 910 -53.04 -23.66 -35.05
C GLY C 910 -54.39 -24.21 -34.63
N VAL C 911 -55.19 -23.45 -33.90
CA VAL C 911 -56.51 -23.89 -33.45
C VAL C 911 -57.56 -23.04 -34.18
N THR C 912 -58.56 -23.71 -34.75
CA THR C 912 -59.62 -22.98 -35.44
C THR C 912 -60.47 -22.23 -34.42
N GLN C 913 -61.00 -21.09 -34.85
CA GLN C 913 -61.81 -20.21 -34.01
C GLN C 913 -63.15 -20.79 -33.58
N ASN C 914 -63.61 -21.89 -34.19
CA ASN C 914 -64.88 -22.47 -33.79
C ASN C 914 -64.85 -23.10 -32.40
N VAL C 915 -63.66 -23.47 -31.92
CA VAL C 915 -63.52 -24.06 -30.59
C VAL C 915 -63.79 -23.01 -29.53
N LEU C 916 -63.39 -21.76 -29.80
CA LEU C 916 -63.58 -20.66 -28.86
C LEU C 916 -65.05 -20.34 -28.62
N TYR C 917 -65.81 -20.11 -29.69
CA TYR C 917 -67.21 -19.75 -29.54
C TYR C 917 -68.06 -20.90 -29.03
N GLU C 918 -67.66 -22.14 -29.30
CA GLU C 918 -68.40 -23.27 -28.79
C GLU C 918 -68.14 -23.53 -27.31
N ASN C 919 -67.03 -23.00 -26.78
CA ASN C 919 -66.64 -23.17 -25.38
C ASN C 919 -66.21 -21.83 -24.77
N GLN C 920 -67.01 -20.78 -25.01
CA GLN C 920 -66.68 -19.46 -24.49
C GLN C 920 -66.82 -19.39 -22.97
N LYS C 921 -67.83 -20.03 -22.40
CA LYS C 921 -68.03 -20.00 -20.96
C LYS C 921 -66.98 -20.84 -20.24
N LEU C 922 -66.50 -21.92 -20.87
CA LEU C 922 -65.49 -22.77 -20.24
C LEU C 922 -64.16 -22.06 -20.15
N ILE C 923 -63.78 -21.31 -21.19
CA ILE C 923 -62.51 -20.59 -21.20
C ILE C 923 -62.55 -19.42 -20.22
N ALA C 924 -63.70 -18.74 -20.15
CA ALA C 924 -63.87 -17.61 -19.24
C ALA C 924 -63.80 -18.04 -17.78
N ASN C 925 -64.39 -19.20 -17.46
CA ASN C 925 -64.33 -19.70 -16.09
C ASN C 925 -62.94 -20.23 -15.76
N GLN C 926 -62.23 -20.77 -16.77
CA GLN C 926 -60.89 -21.29 -16.54
C GLN C 926 -59.89 -20.15 -16.33
N PHE C 927 -60.05 -19.05 -17.06
CA PHE C 927 -59.14 -17.93 -16.93
C PHE C 927 -59.34 -17.20 -15.60
N ASN C 928 -60.59 -17.10 -15.14
CA ASN C 928 -60.86 -16.43 -13.87
C ASN C 928 -60.34 -17.24 -12.70
N SER C 929 -60.38 -18.57 -12.80
CA SER C 929 -59.86 -19.42 -11.74
C SER C 929 -58.35 -19.42 -11.75
N ALA C 930 -57.74 -19.32 -12.94
CA ALA C 930 -56.28 -19.31 -13.05
C ALA C 930 -55.70 -18.00 -12.52
N ILE C 931 -56.36 -16.88 -12.80
CA ILE C 931 -55.87 -15.59 -12.32
C ILE C 931 -56.12 -15.44 -10.81
N GLY C 932 -57.07 -16.18 -10.25
CA GLY C 932 -57.33 -16.10 -8.82
C GLY C 932 -56.28 -16.82 -8.02
N LYS C 933 -55.64 -17.84 -8.62
CA LYS C 933 -54.60 -18.61 -7.95
C LYS C 933 -53.29 -17.84 -7.84
N ILE C 934 -53.10 -16.79 -8.65
CA ILE C 934 -51.87 -16.00 -8.60
C ILE C 934 -51.79 -15.22 -7.30
N GLN C 935 -52.94 -14.72 -6.83
CA GLN C 935 -52.97 -13.97 -5.57
C GLN C 935 -52.71 -14.89 -4.38
N ASP C 936 -53.25 -16.11 -4.42
CA ASP C 936 -53.04 -17.06 -3.34
C ASP C 936 -51.62 -17.61 -3.33
N SER C 937 -51.01 -17.76 -4.51
CA SER C 937 -49.65 -18.27 -4.59
C SER C 937 -48.63 -17.26 -4.08
N LEU C 938 -48.83 -15.98 -4.41
CA LEU C 938 -47.89 -14.95 -3.96
C LEU C 938 -48.02 -14.69 -2.46
N SER C 939 -49.24 -14.74 -1.93
CA SER C 939 -49.45 -14.48 -0.50
C SER C 939 -48.96 -15.64 0.36
N SER C 940 -49.20 -16.88 -0.06
CA SER C 940 -48.78 -18.02 0.75
C SER C 940 -47.29 -18.29 0.63
N THR C 941 -46.75 -18.28 -0.60
CA THR C 941 -45.34 -18.53 -0.85
C THR C 941 -44.60 -17.20 -0.96
N ALA C 942 -43.81 -16.88 0.06
CA ALA C 942 -43.05 -15.63 0.06
C ALA C 942 -41.78 -15.71 -0.78
N SER C 943 -41.36 -16.91 -1.17
CA SER C 943 -40.16 -17.10 -1.98
C SER C 943 -40.42 -16.96 -3.47
N ALA C 944 -41.66 -16.63 -3.88
CA ALA C 944 -41.97 -16.49 -5.29
C ALA C 944 -41.32 -15.25 -5.90
N LEU C 945 -41.05 -14.23 -5.08
CA LEU C 945 -40.43 -12.99 -5.53
C LEU C 945 -38.94 -12.95 -5.21
N GLY C 946 -38.27 -14.11 -5.26
CA GLY C 946 -36.85 -14.17 -4.97
C GLY C 946 -35.98 -13.50 -6.02
N LYS C 947 -36.49 -13.33 -7.24
CA LYS C 947 -35.72 -12.67 -8.29
C LYS C 947 -35.62 -11.17 -8.07
N LEU C 948 -36.48 -10.60 -7.23
CA LEU C 948 -36.48 -9.18 -6.92
C LEU C 948 -35.94 -8.87 -5.53
N GLN C 949 -36.11 -9.80 -4.58
CA GLN C 949 -35.63 -9.59 -3.23
C GLN C 949 -34.11 -9.61 -3.17
N ASP C 950 -33.47 -10.41 -4.02
CA ASP C 950 -32.01 -10.47 -4.03
C ASP C 950 -31.37 -9.22 -4.63
N VAL C 951 -32.10 -8.49 -5.49
CA VAL C 951 -31.59 -7.26 -6.08
C VAL C 951 -31.43 -6.19 -5.01
N VAL C 952 -32.42 -6.07 -4.13
CA VAL C 952 -32.36 -5.09 -3.04
C VAL C 952 -31.33 -5.53 -2.00
N ASN C 953 -31.24 -6.85 -1.76
CA ASN C 953 -30.29 -7.39 -0.80
C ASN C 953 -28.85 -7.21 -1.26
N GLN C 954 -28.60 -7.39 -2.57
CA GLN C 954 -27.25 -7.21 -3.10
C GLN C 954 -26.83 -5.75 -3.07
N ASN C 955 -27.79 -4.83 -3.25
CA ASN C 955 -27.47 -3.41 -3.21
C ASN C 955 -27.25 -2.96 -1.78
N ALA C 956 -28.04 -3.47 -0.84
CA ALA C 956 -27.89 -3.11 0.57
C ALA C 956 -26.60 -3.67 1.15
N GLN C 957 -26.19 -4.86 0.71
CA GLN C 957 -24.94 -5.46 1.21
C GLN C 957 -23.74 -4.72 0.65
N ALA C 958 -23.85 -4.18 -0.56
CA ALA C 958 -22.75 -3.44 -1.17
C ALA C 958 -22.53 -2.10 -0.47
N LEU C 959 -23.62 -1.42 -0.13
CA LEU C 959 -23.51 -0.14 0.57
C LEU C 959 -23.07 -0.33 2.02
N ASN C 960 -23.50 -1.43 2.65
CA ASN C 960 -23.11 -1.69 4.03
C ASN C 960 -21.64 -2.06 4.14
N THR C 961 -21.10 -2.71 3.10
CA THR C 961 -19.69 -3.08 3.10
C THR C 961 -18.80 -1.86 2.98
N LEU C 962 -19.28 -0.84 2.27
CA LEU C 962 -18.54 0.41 2.09
C LEU C 962 -18.40 1.18 3.39
N VAL C 963 -19.46 1.18 4.21
CA VAL C 963 -19.42 1.88 5.49
C VAL C 963 -18.53 1.15 6.49
N LYS C 964 -18.56 -0.19 6.45
CA LYS C 964 -17.75 -0.99 7.36
C LYS C 964 -16.25 -0.85 7.08
N GLN C 965 -15.87 -0.53 5.84
CA GLN C 965 -14.46 -0.37 5.51
C GLN C 965 -13.86 0.91 6.07
N LEU C 966 -14.69 1.87 6.49
CA LEU C 966 -14.19 3.12 7.04
C LEU C 966 -13.63 2.95 8.45
N SER C 967 -14.05 1.91 9.17
CA SER C 967 -13.59 1.64 10.52
C SER C 967 -12.28 0.86 10.57
N SER C 968 -11.71 0.49 9.43
CA SER C 968 -10.47 -0.26 9.42
C SER C 968 -9.29 0.65 9.68
N ASN C 969 -8.29 0.12 10.40
CA ASN C 969 -7.11 0.89 10.72
C ASN C 969 -6.21 1.10 9.52
N PHE C 970 -6.20 0.13 8.59
CA PHE C 970 -5.39 0.13 7.36
C PHE C 970 -3.89 0.27 7.64
N GLY C 971 -3.44 -0.32 8.75
CA GLY C 971 -2.04 -0.25 9.14
C GLY C 971 -1.69 0.92 10.04
N ALA C 972 -2.56 1.91 10.14
CA ALA C 972 -2.30 3.08 10.97
C ALA C 972 -2.66 2.79 12.43
N ILE C 973 -2.23 3.68 13.32
CA ILE C 973 -2.51 3.54 14.74
C ILE C 973 -3.96 3.88 15.10
N SER C 974 -4.68 4.57 14.22
CA SER C 974 -6.07 4.93 14.51
C SER C 974 -6.85 4.98 13.20
N SER C 975 -8.09 4.52 13.26
CA SER C 975 -8.97 4.51 12.09
C SER C 975 -9.76 5.80 11.94
N VAL C 976 -9.67 6.71 12.91
CA VAL C 976 -10.38 7.99 12.85
C VAL C 976 -9.47 9.01 12.19
N LEU C 977 -10.01 9.72 11.19
CA LEU C 977 -9.22 10.72 10.48
C LEU C 977 -8.88 11.92 11.36
N ASN C 978 -9.82 12.35 12.21
CA ASN C 978 -9.57 13.48 13.09
C ASN C 978 -8.66 13.15 14.26
N ASP C 979 -8.59 11.88 14.67
CA ASP C 979 -7.74 11.51 15.79
C ASP C 979 -6.26 11.53 15.43
N ILE C 980 -5.93 11.23 14.17
CA ILE C 980 -4.54 11.23 13.74
C ILE C 980 -4.01 12.66 13.65
N LEU C 981 -4.81 13.57 13.10
CA LEU C 981 -4.40 14.96 12.95
C LEU C 981 -4.31 15.69 14.29
N SER C 982 -5.20 15.36 15.23
CA SER C 982 -5.19 16.03 16.53
C SER C 982 -4.07 15.52 17.44
N ARG C 983 -3.67 14.26 17.29
CA ARG C 983 -2.62 13.70 18.15
C ARG C 983 -1.23 13.83 17.54
N LEU C 984 -1.08 13.57 16.24
CA LEU C 984 0.21 13.67 15.58
C LEU C 984 0.33 14.99 14.84
N ASP C 985 1.53 15.56 14.88
CA ASP C 985 1.78 16.83 14.20
C ASP C 985 1.84 16.63 12.67
N PRO C 986 1.48 17.65 11.90
CA PRO C 986 1.50 17.55 10.40
C PRO C 986 2.85 17.20 9.76
N PRO C 987 4.04 17.54 10.32
CA PRO C 987 5.28 17.12 9.61
C PRO C 987 5.52 15.61 9.46
N GLU C 988 4.92 14.76 10.30
CA GLU C 988 5.14 13.33 10.14
C GLU C 988 3.85 12.51 10.11
N ALA C 989 2.68 13.14 10.18
CA ALA C 989 1.43 12.40 10.16
C ALA C 989 0.97 12.07 8.74
N GLU C 990 1.64 12.60 7.71
CA GLU C 990 1.25 12.33 6.33
C GLU C 990 1.47 10.88 5.91
N VAL C 991 2.34 10.15 6.60
CA VAL C 991 2.55 8.75 6.26
C VAL C 991 1.37 7.90 6.73
N GLN C 992 0.78 8.24 7.88
CA GLN C 992 -0.37 7.50 8.39
C GLN C 992 -1.65 7.90 7.67
N ILE C 993 -1.75 9.16 7.25
CA ILE C 993 -2.93 9.65 6.54
C ILE C 993 -3.01 9.03 5.15
N ASP C 994 -1.85 8.83 4.50
CA ASP C 994 -1.78 8.25 3.17
C ASP C 994 -2.28 6.81 3.15
N ARG C 995 -2.15 6.08 4.27
CA ARG C 995 -2.63 4.71 4.33
C ARG C 995 -4.17 4.68 4.31
N LEU C 996 -4.79 5.67 4.96
CA LEU C 996 -6.25 5.73 4.97
C LEU C 996 -6.79 6.18 3.62
N ILE C 997 -6.07 7.07 2.94
CA ILE C 997 -6.50 7.56 1.63
C ILE C 997 -6.42 6.44 0.60
N THR C 998 -5.31 5.70 0.58
CA THR C 998 -5.13 4.60 -0.35
C THR C 998 -6.06 3.44 -0.01
N GLY C 999 -6.27 3.20 1.28
CA GLY C 999 -7.16 2.12 1.70
C GLY C 999 -8.61 2.38 1.38
N ARG C 1000 -9.08 3.61 1.58
CA ARG C 1000 -10.47 3.94 1.29
C ARG C 1000 -10.71 4.05 -0.21
N LEU C 1001 -9.70 4.50 -0.95
CA LEU C 1001 -9.84 4.67 -2.42
C LEU C 1001 -10.05 3.28 -3.05
N GLN C 1002 -9.25 2.30 -2.64
CA GLN C 1002 -9.35 0.94 -3.20
C GLN C 1002 -10.73 0.37 -2.88
N SER C 1003 -11.19 0.56 -1.64
CA SER C 1003 -12.54 0.07 -1.24
C SER C 1003 -13.59 0.71 -2.15
N LEU C 1004 -13.40 1.99 -2.47
CA LEU C 1004 -14.35 2.70 -3.32
C LEU C 1004 -14.24 2.25 -4.77
N GLN C 1005 -13.00 1.97 -5.22
CA GLN C 1005 -12.77 1.49 -6.58
C GLN C 1005 -13.36 0.11 -6.76
N THR C 1006 -13.24 -0.74 -5.73
CA THR C 1006 -13.79 -2.09 -5.78
C THR C 1006 -15.31 -2.05 -5.80
N TYR C 1007 -15.90 -1.12 -5.03
CA TYR C 1007 -17.35 -1.00 -4.97
C TYR C 1007 -17.93 -0.52 -6.30
N VAL C 1008 -17.25 0.41 -6.97
CA VAL C 1008 -17.72 0.93 -8.26
C VAL C 1008 -17.65 -0.15 -9.33
N THR C 1009 -16.58 -0.96 -9.33
CA THR C 1009 -16.45 -2.05 -10.29
C THR C 1009 -17.49 -3.13 -10.04
N GLN C 1010 -17.87 -3.35 -8.78
CA GLN C 1010 -18.90 -4.33 -8.46
C GLN C 1010 -20.26 -3.87 -8.97
N GLN C 1011 -20.51 -2.56 -8.89
CA GLN C 1011 -21.78 -2.02 -9.37
C GLN C 1011 -21.82 -2.02 -10.90
N LEU C 1012 -20.68 -1.83 -11.55
CA LEU C 1012 -20.61 -1.81 -13.01
C LEU C 1012 -20.94 -3.18 -13.58
N ILE C 1013 -20.42 -4.24 -12.96
CA ILE C 1013 -20.71 -5.60 -13.41
C ILE C 1013 -22.18 -5.93 -13.12
N ARG C 1014 -22.68 -5.47 -11.98
CA ARG C 1014 -24.07 -5.68 -11.61
C ARG C 1014 -25.01 -4.89 -12.51
N ALA C 1015 -24.56 -3.72 -13.00
CA ALA C 1015 -25.38 -2.92 -13.90
C ALA C 1015 -25.56 -3.60 -15.24
N ALA C 1016 -24.55 -4.36 -15.68
CA ALA C 1016 -24.65 -5.09 -16.94
C ALA C 1016 -25.66 -6.21 -16.85
N GLU C 1017 -25.76 -6.84 -15.67
CA GLU C 1017 -26.74 -7.90 -15.45
C GLU C 1017 -28.16 -7.33 -15.49
N ILE C 1018 -28.33 -6.14 -14.89
CA ILE C 1018 -29.62 -5.47 -14.89
C ILE C 1018 -29.96 -4.99 -16.30
N ARG C 1019 -28.92 -4.53 -17.03
CA ARG C 1019 -29.09 -4.07 -18.42
C ARG C 1019 -29.55 -5.20 -19.31
N ALA C 1020 -28.99 -6.41 -19.10
CA ALA C 1020 -29.41 -7.58 -19.88
C ALA C 1020 -30.82 -7.98 -19.49
N SER C 1021 -31.18 -7.81 -18.22
CA SER C 1021 -32.53 -8.14 -17.77
C SER C 1021 -33.53 -7.10 -18.27
N ALA C 1022 -33.11 -5.83 -18.31
CA ALA C 1022 -33.99 -4.77 -18.81
C ALA C 1022 -34.19 -4.90 -20.30
N ASN C 1023 -33.15 -5.29 -21.03
CA ASN C 1023 -33.27 -5.49 -22.47
C ASN C 1023 -34.13 -6.70 -22.77
N LEU C 1024 -34.05 -7.72 -21.92
CA LEU C 1024 -34.88 -8.92 -22.10
C LEU C 1024 -36.33 -8.58 -21.79
N ALA C 1025 -36.56 -7.75 -20.76
CA ALA C 1025 -37.91 -7.34 -20.40
C ALA C 1025 -38.50 -6.43 -21.47
N ALA C 1026 -37.67 -5.58 -22.07
CA ALA C 1026 -38.14 -4.70 -23.13
C ALA C 1026 -38.47 -5.51 -24.38
N THR C 1027 -37.70 -6.55 -24.64
CA THR C 1027 -37.96 -7.43 -25.78
C THR C 1027 -39.20 -8.27 -25.51
N LYS C 1028 -39.40 -8.65 -24.24
CA LYS C 1028 -40.57 -9.45 -23.87
C LYS C 1028 -41.84 -8.61 -23.93
N MET C 1029 -41.79 -7.38 -23.43
CA MET C 1029 -42.97 -6.52 -23.44
C MET C 1029 -43.34 -6.10 -24.85
N SER C 1030 -42.36 -5.97 -25.73
CA SER C 1030 -42.63 -5.57 -27.10
C SER C 1030 -43.22 -6.70 -27.94
N GLU C 1031 -42.95 -7.96 -27.58
CA GLU C 1031 -43.43 -9.10 -28.36
C GLU C 1031 -44.47 -9.95 -27.64
N CYS C 1032 -44.23 -10.31 -26.38
CA CYS C 1032 -45.15 -11.18 -25.66
C CYS C 1032 -46.37 -10.41 -25.16
N VAL C 1033 -46.21 -9.14 -24.80
CA VAL C 1033 -47.31 -8.32 -24.30
C VAL C 1033 -48.02 -7.61 -25.45
N LEU C 1034 -47.25 -6.84 -26.22
CA LEU C 1034 -47.79 -6.06 -27.34
C LEU C 1034 -48.21 -6.92 -28.53
N GLY C 1035 -47.91 -8.21 -28.54
CA GLY C 1035 -48.29 -9.07 -29.65
C GLY C 1035 -48.46 -10.51 -29.21
N GLN C 1036 -48.32 -11.44 -30.15
CA GLN C 1036 -48.45 -12.87 -29.87
C GLN C 1036 -47.21 -13.54 -30.49
N SER C 1037 -46.20 -13.77 -29.66
CA SER C 1037 -44.97 -14.39 -30.13
C SER C 1037 -45.17 -15.87 -30.41
N LYS C 1038 -44.55 -16.35 -31.49
CA LYS C 1038 -44.64 -17.74 -31.89
C LYS C 1038 -43.45 -18.56 -31.39
N ARG C 1039 -42.60 -17.97 -30.56
CA ARG C 1039 -41.44 -18.68 -30.03
C ARG C 1039 -41.87 -19.62 -28.92
N VAL C 1040 -41.44 -20.88 -29.03
CA VAL C 1040 -41.80 -21.90 -28.05
C VAL C 1040 -41.08 -21.64 -26.74
N ASP C 1041 -41.83 -21.71 -25.63
CA ASP C 1041 -41.41 -21.53 -24.23
C ASP C 1041 -40.87 -20.13 -23.93
N PHE C 1042 -41.08 -19.15 -24.81
CA PHE C 1042 -40.61 -17.80 -24.54
C PHE C 1042 -41.53 -17.10 -23.56
N CYS C 1043 -42.81 -17.44 -23.57
CA CYS C 1043 -43.82 -16.87 -22.70
C CYS C 1043 -44.39 -17.94 -21.79
N GLY C 1044 -43.53 -18.79 -21.25
CA GLY C 1044 -43.95 -19.86 -20.38
C GLY C 1044 -44.28 -21.13 -21.15
N LYS C 1045 -44.58 -22.18 -20.38
CA LYS C 1045 -44.90 -23.47 -20.97
C LYS C 1045 -46.27 -23.45 -21.65
N GLY C 1046 -46.36 -24.07 -22.81
CA GLY C 1046 -47.58 -24.16 -23.57
C GLY C 1046 -47.62 -23.18 -24.74
N TYR C 1047 -48.74 -23.23 -25.45
CA TYR C 1047 -48.96 -22.36 -26.59
C TYR C 1047 -49.32 -20.98 -26.09
N HIS C 1048 -48.47 -20.00 -26.41
CA HIS C 1048 -48.67 -18.62 -25.97
C HIS C 1048 -49.86 -17.96 -26.65
N LEU C 1049 -50.66 -17.26 -25.83
CA LEU C 1049 -51.83 -16.53 -26.34
C LEU C 1049 -51.66 -15.03 -26.19
N MET C 1050 -51.43 -14.54 -24.97
CA MET C 1050 -51.24 -13.12 -24.65
C MET C 1050 -50.71 -13.04 -23.23
N SER C 1051 -50.33 -11.84 -22.82
CA SER C 1051 -49.80 -11.66 -21.47
C SER C 1051 -50.17 -10.30 -20.92
N PHE C 1052 -50.02 -10.16 -19.61
CA PHE C 1052 -50.38 -8.97 -18.85
C PHE C 1052 -49.21 -8.38 -18.08
N PRO C 1053 -49.05 -7.06 -18.10
CA PRO C 1053 -47.98 -6.41 -17.34
C PRO C 1053 -48.43 -5.98 -15.96
N GLN C 1054 -47.48 -6.04 -15.02
CA GLN C 1054 -47.74 -5.64 -13.65
C GLN C 1054 -46.53 -4.88 -13.11
N SER C 1055 -46.79 -3.80 -12.37
CA SER C 1055 -45.71 -3.04 -11.79
C SER C 1055 -45.12 -3.79 -10.60
N ALA C 1056 -43.84 -3.54 -10.33
CA ALA C 1056 -43.15 -4.20 -9.24
C ALA C 1056 -42.00 -3.30 -8.79
N PRO C 1057 -41.56 -3.42 -7.53
CA PRO C 1057 -40.43 -2.59 -7.06
C PRO C 1057 -39.14 -3.04 -7.72
N HIS C 1058 -38.52 -2.13 -8.48
CA HIS C 1058 -37.27 -2.35 -9.22
C HIS C 1058 -37.35 -3.51 -10.20
N GLY C 1059 -38.53 -3.70 -10.80
CA GLY C 1059 -38.71 -4.78 -11.74
C GLY C 1059 -40.11 -4.78 -12.31
N VAL C 1060 -40.41 -5.82 -13.08
CA VAL C 1060 -41.72 -5.99 -13.71
C VAL C 1060 -42.15 -7.44 -13.52
N VAL C 1061 -43.47 -7.66 -13.47
CA VAL C 1061 -44.06 -8.97 -13.30
C VAL C 1061 -44.97 -9.23 -14.49
N PHE C 1062 -44.77 -10.38 -15.16
CA PHE C 1062 -45.55 -10.76 -16.33
C PHE C 1062 -46.51 -11.88 -15.98
N LEU C 1063 -47.74 -11.79 -16.50
CA LEU C 1063 -48.76 -12.80 -16.30
C LEU C 1063 -49.03 -13.40 -17.68
N HIS C 1064 -48.25 -14.41 -18.05
CA HIS C 1064 -48.38 -15.05 -19.35
C HIS C 1064 -49.56 -16.00 -19.39
N VAL C 1065 -50.50 -15.77 -20.30
CA VAL C 1065 -51.67 -16.63 -20.48
C VAL C 1065 -51.31 -17.61 -21.59
N THR C 1066 -51.31 -18.90 -21.28
CA THR C 1066 -50.95 -19.93 -22.24
C THR C 1066 -52.05 -20.97 -22.41
N TYR C 1067 -52.01 -21.63 -23.57
CA TYR C 1067 -52.94 -22.68 -23.96
C TYR C 1067 -52.22 -24.01 -23.77
N VAL C 1068 -52.67 -24.82 -22.80
CA VAL C 1068 -52.05 -26.10 -22.51
C VAL C 1068 -53.09 -27.21 -22.57
N PRO C 1069 -52.92 -28.23 -23.42
CA PRO C 1069 -53.89 -29.33 -23.46
C PRO C 1069 -53.74 -30.23 -22.24
N ALA C 1070 -54.85 -30.85 -21.85
CA ALA C 1070 -54.83 -31.70 -20.66
C ALA C 1070 -55.14 -33.17 -20.94
N GLN C 1071 -56.21 -33.45 -21.68
CA GLN C 1071 -56.59 -34.83 -21.98
C GLN C 1071 -56.22 -35.17 -23.41
N GLU C 1072 -55.90 -36.45 -23.65
CA GLU C 1072 -55.51 -36.92 -24.96
C GLU C 1072 -56.10 -38.31 -25.18
N LYS C 1073 -56.14 -38.72 -26.45
CA LYS C 1073 -56.67 -40.03 -26.83
C LYS C 1073 -55.82 -40.63 -27.94
N ASN C 1074 -55.75 -41.96 -27.95
CA ASN C 1074 -55.00 -42.69 -28.96
C ASN C 1074 -55.78 -42.72 -30.27
N PHE C 1075 -55.09 -42.55 -31.39
CA PHE C 1075 -55.75 -42.57 -32.69
C PHE C 1075 -54.83 -43.14 -33.74
N THR C 1076 -55.38 -44.00 -34.60
CA THR C 1076 -54.62 -44.58 -35.70
C THR C 1076 -54.60 -43.56 -36.83
N THR C 1077 -53.41 -43.26 -37.34
CA THR C 1077 -53.27 -42.27 -38.40
C THR C 1077 -52.69 -42.90 -39.66
N ALA C 1078 -52.61 -42.08 -40.72
CA ALA C 1078 -52.09 -42.45 -42.03
C ALA C 1078 -51.68 -41.16 -42.71
N PRO C 1079 -50.58 -41.15 -43.48
CA PRO C 1079 -50.16 -39.90 -44.12
C PRO C 1079 -51.06 -39.45 -45.25
N ALA C 1080 -51.68 -40.38 -45.98
CA ALA C 1080 -52.55 -40.02 -47.09
C ALA C 1080 -53.53 -41.16 -47.33
N ILE C 1081 -54.53 -40.89 -48.15
CA ILE C 1081 -55.57 -41.85 -48.49
C ILE C 1081 -55.71 -41.94 -50.02
N CYS C 1082 -56.23 -43.08 -50.48
CA CYS C 1082 -56.45 -43.32 -51.90
C CYS C 1082 -57.95 -43.34 -52.16
N HIS C 1083 -58.42 -42.48 -53.06
CA HIS C 1083 -59.84 -42.43 -53.39
C HIS C 1083 -60.14 -43.19 -54.68
N ASP C 1084 -59.46 -42.82 -55.77
CA ASP C 1084 -59.63 -43.46 -57.07
C ASP C 1084 -58.27 -43.69 -57.69
N GLY C 1085 -57.28 -44.00 -56.85
CA GLY C 1085 -55.92 -44.22 -57.27
C GLY C 1085 -55.00 -43.06 -57.02
N LYS C 1086 -55.55 -41.91 -56.65
CA LYS C 1086 -54.77 -40.71 -56.37
C LYS C 1086 -54.57 -40.54 -54.88
N ALA C 1087 -53.44 -39.93 -54.50
CA ALA C 1087 -53.09 -39.71 -53.11
C ALA C 1087 -53.67 -38.38 -52.65
N HIS C 1088 -54.47 -38.41 -51.60
CA HIS C 1088 -55.11 -37.22 -51.04
C HIS C 1088 -54.42 -36.83 -49.74
N PHE C 1089 -53.93 -35.60 -49.67
CA PHE C 1089 -53.27 -35.08 -48.49
C PHE C 1089 -54.13 -33.98 -47.87
N PRO C 1090 -54.18 -33.87 -46.55
CA PRO C 1090 -55.01 -32.82 -45.92
C PRO C 1090 -54.39 -31.44 -46.08
N ARG C 1091 -55.24 -30.47 -46.44
CA ARG C 1091 -54.75 -29.07 -46.55
C ARG C 1091 -54.34 -28.64 -45.15
N GLU C 1092 -55.27 -28.68 -44.20
CA GLU C 1092 -54.90 -28.39 -42.79
C GLU C 1092 -55.31 -29.59 -41.93
N GLY C 1093 -54.39 -30.13 -41.15
CA GLY C 1093 -54.77 -31.21 -40.22
C GLY C 1093 -54.13 -32.55 -40.53
N VAL C 1094 -54.59 -33.62 -39.89
CA VAL C 1094 -54.05 -34.96 -40.06
C VAL C 1094 -55.21 -35.96 -39.99
N PHE C 1095 -55.06 -37.04 -40.75
CA PHE C 1095 -56.08 -38.09 -40.81
C PHE C 1095 -56.02 -38.94 -39.55
N VAL C 1096 -57.18 -39.25 -38.97
CA VAL C 1096 -57.28 -40.07 -37.77
C VAL C 1096 -58.39 -41.08 -38.00
N SER C 1097 -58.34 -42.17 -37.23
CA SER C 1097 -59.34 -43.22 -37.35
C SER C 1097 -59.80 -43.65 -35.97
N ASN C 1098 -61.11 -43.83 -35.82
CA ASN C 1098 -61.69 -44.26 -34.55
C ASN C 1098 -61.95 -45.77 -34.52
N GLY C 1099 -61.33 -46.51 -35.45
CA GLY C 1099 -61.46 -47.96 -35.53
C GLY C 1099 -62.35 -48.45 -36.65
N THR C 1100 -63.30 -47.64 -37.11
CA THR C 1100 -64.19 -48.08 -38.19
C THR C 1100 -64.22 -47.10 -39.36
N HIS C 1101 -64.01 -45.82 -39.08
CA HIS C 1101 -64.02 -44.81 -40.13
C HIS C 1101 -62.85 -43.87 -39.93
N TRP C 1102 -62.46 -43.21 -41.02
CA TRP C 1102 -61.35 -42.26 -41.01
C TRP C 1102 -61.88 -40.84 -41.12
N PHE C 1103 -61.34 -39.95 -40.29
CA PHE C 1103 -61.73 -38.55 -40.27
C PHE C 1103 -60.48 -37.69 -40.27
N VAL C 1104 -60.67 -36.41 -40.59
CA VAL C 1104 -59.58 -35.43 -40.61
C VAL C 1104 -59.90 -34.38 -39.55
N THR C 1105 -58.90 -34.01 -38.76
CA THR C 1105 -59.08 -33.03 -37.71
C THR C 1105 -57.79 -32.23 -37.52
N GLN C 1106 -57.93 -31.10 -36.81
CA GLN C 1106 -56.76 -30.22 -36.55
C GLN C 1106 -55.80 -30.90 -35.56
N ARG C 1107 -54.53 -30.50 -35.58
CA ARG C 1107 -53.51 -31.13 -34.70
C ARG C 1107 -53.76 -30.85 -33.22
N ASN C 1108 -54.17 -29.62 -32.85
CA ASN C 1108 -54.25 -29.26 -31.41
C ASN C 1108 -55.58 -29.64 -30.75
N PHE C 1109 -56.63 -29.91 -31.51
CA PHE C 1109 -57.94 -30.21 -30.94
C PHE C 1109 -58.59 -31.32 -31.74
N TYR C 1110 -59.42 -32.11 -31.07
CA TYR C 1110 -60.10 -33.22 -31.71
C TYR C 1110 -61.48 -32.77 -32.19
N GLU C 1111 -61.57 -32.49 -33.48
CA GLU C 1111 -62.83 -32.08 -34.12
C GLU C 1111 -62.91 -32.90 -35.40
N PRO C 1112 -63.37 -34.16 -35.30
CA PRO C 1112 -63.45 -35.01 -36.51
C PRO C 1112 -64.48 -34.54 -37.51
N GLN C 1113 -64.07 -34.49 -38.78
CA GLN C 1113 -64.91 -34.07 -39.88
C GLN C 1113 -64.81 -35.10 -41.00
N ILE C 1114 -65.87 -35.16 -41.81
CA ILE C 1114 -65.90 -36.10 -42.93
C ILE C 1114 -64.94 -35.58 -43.99
N ILE C 1115 -64.06 -36.48 -44.46
CA ILE C 1115 -63.07 -36.11 -45.47
C ILE C 1115 -63.76 -35.84 -46.80
N THR C 1116 -63.52 -34.66 -47.36
CA THR C 1116 -64.10 -34.22 -48.62
C THR C 1116 -63.00 -33.64 -49.51
N THR C 1117 -63.40 -33.28 -50.73
CA THR C 1117 -62.44 -32.70 -51.68
C THR C 1117 -62.10 -31.26 -51.32
N ASP C 1118 -62.93 -30.61 -50.50
CA ASP C 1118 -62.65 -29.23 -50.11
C ASP C 1118 -61.54 -29.16 -49.06
N ASN C 1119 -61.42 -30.20 -48.23
CA ASN C 1119 -60.42 -30.24 -47.17
C ASN C 1119 -59.14 -30.97 -47.56
N THR C 1120 -59.07 -31.57 -48.76
CA THR C 1120 -57.87 -32.28 -49.18
C THR C 1120 -57.50 -31.89 -50.61
N PHE C 1121 -56.20 -31.94 -50.90
CA PHE C 1121 -55.70 -31.61 -52.23
C PHE C 1121 -55.12 -32.87 -52.88
N VAL C 1122 -55.43 -33.05 -54.16
CA VAL C 1122 -54.96 -34.22 -54.91
C VAL C 1122 -53.56 -33.95 -55.44
N SER C 1123 -52.63 -34.86 -55.14
CA SER C 1123 -51.26 -34.73 -55.59
C SER C 1123 -50.58 -36.09 -55.62
N GLY C 1124 -49.68 -36.25 -56.58
CA GLY C 1124 -48.89 -37.46 -56.77
C GLY C 1124 -49.70 -38.70 -57.11
N ASN C 1125 -49.18 -39.84 -56.67
CA ASN C 1125 -49.79 -41.14 -56.88
C ASN C 1125 -49.73 -41.93 -55.59
N CYS C 1126 -50.51 -43.02 -55.52
CA CYS C 1126 -50.55 -43.85 -54.33
C CYS C 1126 -49.35 -44.77 -54.19
N ASP C 1127 -48.59 -44.99 -55.27
CA ASP C 1127 -47.44 -45.89 -55.21
C ASP C 1127 -46.26 -45.28 -54.45
N VAL C 1128 -45.96 -44.00 -54.69
CA VAL C 1128 -44.80 -43.37 -54.05
C VAL C 1128 -45.01 -43.13 -52.55
N VAL C 1129 -46.24 -42.96 -52.09
CA VAL C 1129 -46.50 -42.71 -50.68
C VAL C 1129 -46.37 -44.02 -49.90
N ILE C 1130 -45.69 -43.96 -48.76
CA ILE C 1130 -45.47 -45.11 -47.89
C ILE C 1130 -46.47 -45.03 -46.74
N GLY C 1131 -47.15 -46.14 -46.48
CA GLY C 1131 -48.13 -46.17 -45.41
C GLY C 1131 -49.50 -45.63 -45.79
N ILE C 1132 -49.76 -45.48 -47.09
CA ILE C 1132 -51.04 -44.96 -47.56
C ILE C 1132 -52.15 -46.01 -47.35
N VAL C 1133 -53.36 -45.53 -47.08
CA VAL C 1133 -54.51 -46.39 -46.87
C VAL C 1133 -55.58 -46.09 -47.91
N ASN C 1134 -56.68 -46.83 -47.87
CA ASN C 1134 -57.79 -46.66 -48.81
C ASN C 1134 -59.01 -46.11 -48.10
N ASN C 1135 -59.62 -45.08 -48.67
CA ASN C 1135 -60.82 -44.46 -48.10
C ASN C 1135 -61.58 -43.76 -49.20
N THR C 1136 -62.90 -43.75 -49.07
CA THR C 1136 -63.77 -43.08 -50.02
C THR C 1136 -63.90 -41.61 -49.63
N VAL C 1137 -63.67 -40.71 -50.58
CA VAL C 1137 -63.75 -39.28 -50.34
C VAL C 1137 -65.13 -38.79 -50.77
N TYR C 1138 -65.86 -38.21 -49.82
CA TYR C 1138 -67.19 -37.68 -50.10
C TYR C 1138 -67.08 -36.44 -50.99
N ASP C 1139 -67.96 -36.36 -52.00
CA ASP C 1139 -67.95 -35.23 -52.90
C ASP C 1139 -69.20 -34.38 -52.66
N PRO C 1140 -69.07 -33.13 -52.23
CA PRO C 1140 -70.27 -32.31 -52.00
C PRO C 1140 -70.96 -31.86 -53.29
N LEU C 1141 -70.27 -31.90 -54.42
CA LEU C 1141 -70.85 -31.49 -55.69
C LEU C 1141 -71.83 -32.54 -56.23
N GLN C 1142 -71.60 -33.81 -55.91
CA GLN C 1142 -72.46 -34.90 -56.39
C GLN C 1142 -73.93 -34.82 -55.96
N PRO C 1143 -74.31 -34.56 -54.69
CA PRO C 1143 -75.75 -34.49 -54.38
C PRO C 1143 -76.45 -33.26 -54.92
N GLU C 1144 -75.70 -32.19 -55.21
CA GLU C 1144 -76.32 -30.97 -55.74
C GLU C 1144 -76.77 -31.15 -57.18
N LEU C 1145 -75.95 -31.83 -57.99
CA LEU C 1145 -76.30 -32.04 -59.40
C LEU C 1145 -77.44 -33.05 -59.54
N ASP C 1146 -77.49 -34.04 -58.64
CA ASP C 1146 -78.55 -35.04 -58.71
C ASP C 1146 -79.89 -34.50 -58.23
N SER C 1147 -79.89 -33.58 -57.27
CA SER C 1147 -81.13 -33.01 -56.75
C SER C 1147 -81.56 -31.81 -57.58
N GLN D 1 46.94 34.91 14.92
CA GLN D 1 45.86 35.38 15.83
C GLN D 1 44.94 34.21 16.16
N VAL D 2 44.88 33.20 15.28
CA VAL D 2 44.07 31.99 15.57
C VAL D 2 44.92 31.05 16.43
N GLN D 3 45.15 31.42 17.69
CA GLN D 3 46.01 30.61 18.58
C GLN D 3 45.28 29.31 18.96
N LEU D 4 46.03 28.21 19.09
CA LEU D 4 45.42 26.93 19.53
C LEU D 4 46.02 26.55 20.89
N GLN D 5 45.18 26.23 21.87
CA GLN D 5 45.69 25.94 23.24
C GLN D 5 45.44 24.48 23.59
N GLU D 6 46.51 23.68 23.66
CA GLU D 6 46.37 22.24 24.02
C GLU D 6 45.90 22.09 25.46
N SER D 7 45.04 21.11 25.73
CA SER D 7 44.62 20.84 27.13
C SER D 7 44.54 19.32 27.30
N GLY D 8 45.49 18.72 28.03
CA GLY D 8 45.55 17.25 28.13
C GLY D 8 46.15 16.78 29.44
N PRO D 9 45.96 15.51 29.86
CA PRO D 9 46.60 15.00 31.07
C PRO D 9 48.12 14.97 30.90
N GLY D 10 48.86 15.46 31.91
CA GLY D 10 50.33 15.44 31.85
C GLY D 10 50.87 14.03 31.84
N LEU D 11 50.36 13.17 32.72
CA LEU D 11 50.82 11.76 32.81
C LEU D 11 49.61 10.83 32.71
N VAL D 12 49.67 9.84 31.81
CA VAL D 12 48.52 8.91 31.62
C VAL D 12 48.98 7.49 31.95
N LYS D 13 48.25 6.77 32.79
CA LYS D 13 48.60 5.35 33.06
C LYS D 13 48.26 4.53 31.81
N PRO D 14 48.91 3.38 31.54
CA PRO D 14 48.66 2.64 30.31
C PRO D 14 47.22 2.09 30.18
N SER D 15 46.87 1.58 29.00
CA SER D 15 45.51 0.99 28.76
C SER D 15 44.42 2.05 28.95
N GLU D 16 44.81 3.32 28.88
CA GLU D 16 43.81 4.42 29.03
C GLU D 16 43.80 5.25 27.74
N THR D 17 42.61 5.51 27.20
CA THR D 17 42.50 6.34 25.97
C THR D 17 43.04 7.74 26.26
N LEU D 18 43.78 8.31 25.32
CA LEU D 18 44.40 9.64 25.57
C LEU D 18 43.49 10.71 24.97
N SER D 19 43.05 11.66 25.80
CA SER D 19 42.14 12.73 25.32
C SER D 19 42.86 14.08 25.38
N LEU D 20 42.92 14.78 24.23
CA LEU D 20 43.59 16.10 24.17
C LEU D 20 42.63 17.06 23.44
N THR D 21 42.44 18.27 23.97
CA THR D 21 41.45 19.20 23.36
C THR D 21 42.17 20.49 22.94
N CYS D 22 41.95 20.95 21.70
CA CYS D 22 42.56 22.23 21.24
C CYS D 22 41.54 23.36 21.44
N THR D 23 41.81 24.25 22.40
CA THR D 23 40.92 25.43 22.61
C THR D 23 41.20 26.46 21.52
N VAL D 24 40.49 26.40 20.41
CA VAL D 24 40.76 27.34 19.27
C VAL D 24 40.46 28.75 19.72
N SER D 25 41.03 29.76 19.07
CA SER D 25 40.61 31.13 19.40
C SER D 25 40.32 31.91 18.12
N GLY D 26 39.10 32.39 17.93
CA GLY D 26 38.82 33.29 16.79
C GLY D 26 38.53 32.63 15.46
N GLY D 27 38.44 31.30 15.41
CA GLY D 27 38.05 30.68 14.13
C GLY D 27 36.88 29.75 14.32
N SER D 28 35.81 29.93 13.55
CA SER D 28 34.71 28.95 13.66
C SER D 28 35.26 27.64 13.13
N VAL D 29 35.15 26.56 13.89
CA VAL D 29 35.82 25.32 13.41
C VAL D 29 35.20 24.94 12.09
N SER D 30 33.90 25.08 11.99
CA SER D 30 33.25 24.60 10.76
C SER D 30 33.34 25.70 9.71
N SER D 31 34.54 25.89 9.17
CA SER D 31 34.70 26.99 8.21
C SER D 31 34.83 26.44 6.80
N SER D 32 34.85 25.13 6.65
CA SER D 32 35.04 24.49 5.33
C SER D 32 36.49 24.69 4.89
N ASN D 33 36.92 25.93 4.77
CA ASN D 33 38.28 26.19 4.27
C ASN D 33 39.33 25.64 5.23
N TYR D 34 39.19 25.84 6.54
CA TYR D 34 40.27 25.35 7.43
C TYR D 34 40.13 23.83 7.52
N TYR D 35 41.21 23.07 7.68
CA TYR D 35 41.16 21.60 7.91
C TYR D 35 42.10 21.26 9.06
N TRP D 36 41.74 21.49 10.32
CA TRP D 36 42.69 21.34 11.46
C TRP D 36 43.27 19.91 11.57
N SER D 37 44.41 19.70 12.24
CA SER D 37 45.06 18.37 12.23
C SER D 37 45.80 18.09 13.54
N TRP D 38 46.29 16.86 13.71
CA TRP D 38 47.06 16.49 14.93
C TRP D 38 48.45 15.99 14.53
N ILE D 39 49.49 16.49 15.18
CA ILE D 39 50.90 16.04 14.90
C ILE D 39 51.55 15.71 16.25
N ARG D 40 52.43 14.70 16.29
CA ARG D 40 53.16 14.38 17.55
C ARG D 40 54.65 14.23 17.24
N GLN D 41 55.49 14.47 18.23
CA GLN D 41 56.96 14.38 18.03
C GLN D 41 57.57 13.43 19.08
N PRO D 42 57.90 12.15 18.78
CA PRO D 42 58.55 11.33 19.80
C PRO D 42 59.97 11.89 20.02
N PRO D 43 60.50 11.91 21.26
CA PRO D 43 61.82 12.52 21.52
C PRO D 43 62.93 11.91 20.66
N GLY D 44 63.69 12.75 19.95
CA GLY D 44 64.82 12.26 19.13
C GLY D 44 64.36 11.60 17.85
N LYS D 45 63.16 11.94 17.38
CA LYS D 45 62.57 11.32 16.15
C LYS D 45 61.77 12.37 15.38
N GLY D 46 61.57 12.15 14.08
CA GLY D 46 60.87 13.14 13.24
C GLY D 46 59.40 13.29 13.58
N LEU D 47 58.79 14.41 13.16
CA LEU D 47 57.35 14.67 13.42
C LEU D 47 56.50 13.61 12.72
N GLU D 48 55.41 13.16 13.36
CA GLU D 48 54.51 12.15 12.75
C GLU D 48 53.09 12.71 12.72
N TRP D 49 52.41 12.58 11.58
CA TRP D 49 51.01 13.09 11.45
C TRP D 49 50.02 12.04 11.97
N ILE D 50 49.03 12.46 12.76
CA ILE D 50 48.02 11.54 13.26
C ILE D 50 46.75 11.58 12.42
N GLY D 51 46.26 12.79 12.13
CA GLY D 51 44.99 12.89 11.37
C GLY D 51 44.48 14.31 11.28
N TYR D 52 43.69 14.62 10.23
CA TYR D 52 43.08 15.96 10.11
C TYR D 52 41.56 15.83 10.19
N MET D 53 40.85 16.96 10.24
CA MET D 53 39.37 16.89 10.22
C MET D 53 38.86 17.50 8.91
N TYR D 54 38.03 16.75 8.17
CA TYR D 54 37.40 17.29 6.94
C TYR D 54 36.30 18.23 7.40
N TYR D 55 35.83 19.13 6.53
CA TYR D 55 34.82 20.13 6.99
C TYR D 55 33.51 19.46 7.42
N SER D 56 32.76 20.09 8.33
CA SER D 56 31.48 19.54 8.84
C SER D 56 31.71 18.47 9.91
N GLY D 57 32.95 18.35 10.41
CA GLY D 57 33.23 17.42 11.51
C GLY D 57 33.58 16.01 11.04
N SER D 58 33.53 15.77 9.73
CA SER D 58 33.97 14.44 9.20
C SER D 58 35.48 14.36 9.40
N THR D 59 36.05 13.16 9.61
CA THR D 59 37.50 13.11 9.94
C THR D 59 38.27 12.08 9.11
N LYS D 60 39.56 12.34 8.84
CA LYS D 60 40.42 11.34 8.14
C LYS D 60 41.63 11.08 9.03
N TYR D 61 42.14 9.84 9.05
CA TYR D 61 43.24 9.51 10.00
C TYR D 61 44.42 8.86 9.28
N ASN D 62 45.62 8.95 9.86
CA ASN D 62 46.79 8.27 9.28
C ASN D 62 46.47 6.76 9.25
N PRO D 63 46.51 6.02 8.12
CA PRO D 63 46.10 4.61 8.11
C PRO D 63 46.83 3.78 9.18
N SER D 64 48.08 4.16 9.50
CA SER D 64 48.87 3.37 10.49
C SER D 64 48.19 3.39 11.86
N LEU D 65 47.68 4.57 12.28
CA LEU D 65 47.05 4.70 13.61
C LEU D 65 45.53 4.75 13.45
N LYS D 66 45.00 4.49 12.25
CA LYS D 66 43.55 4.66 11.98
C LYS D 66 42.71 3.77 12.91
N SER D 67 43.17 2.53 13.14
CA SER D 67 42.36 1.58 13.96
C SER D 67 42.20 2.11 15.39
N ARG D 68 43.23 2.76 15.94
CA ARG D 68 43.16 3.17 17.38
C ARG D 68 42.90 4.67 17.53
N VAL D 69 42.61 5.40 16.45
CA VAL D 69 42.49 6.89 16.63
C VAL D 69 41.13 7.43 16.16
N THR D 70 40.53 8.33 16.96
CA THR D 70 39.26 8.99 16.57
C THR D 70 39.43 10.49 16.82
N ILE D 71 38.96 11.33 15.90
CA ILE D 71 39.03 12.82 16.12
C ILE D 71 37.60 13.35 16.32
N SER D 72 37.39 14.16 17.35
CA SER D 72 36.04 14.71 17.65
C SER D 72 36.12 16.23 17.67
N VAL D 73 35.00 16.91 17.42
CA VAL D 73 34.98 18.40 17.45
C VAL D 73 33.84 18.87 18.37
N ASP D 74 34.03 20.02 19.02
CA ASP D 74 32.96 20.61 19.87
C ASP D 74 32.84 22.07 19.46
N THR D 75 32.16 22.34 18.34
CA THR D 75 32.01 23.73 17.85
C THR D 75 31.26 24.51 18.92
N SER D 76 30.27 23.88 19.55
CA SER D 76 29.54 24.55 20.66
C SER D 76 30.54 25.03 21.70
N LYS D 77 31.66 24.31 21.86
CA LYS D 77 32.67 24.68 22.89
C LYS D 77 33.84 25.43 22.24
N ASN D 78 33.80 25.63 20.91
CA ASN D 78 34.89 26.34 20.16
C ASN D 78 36.21 25.59 20.33
N GLN D 79 36.16 24.26 20.40
CA GLN D 79 37.40 23.44 20.52
C GLN D 79 37.22 22.11 19.80
N PHE D 80 38.31 21.46 19.40
CA PHE D 80 38.22 20.11 18.78
C PHE D 80 39.11 19.16 19.60
N SER D 81 38.89 17.84 19.52
CA SER D 81 39.64 16.92 20.43
C SER D 81 40.19 15.68 19.70
N LEU D 82 41.22 15.06 20.26
CA LEU D 82 41.78 13.80 19.69
C LEU D 82 41.64 12.70 20.73
N LYS D 83 41.11 11.54 20.36
CA LYS D 83 41.06 10.40 21.31
C LYS D 83 41.88 9.26 20.71
N LEU D 84 42.89 8.77 21.45
CA LEU D 84 43.70 7.63 20.98
C LEU D 84 43.46 6.44 21.91
N SER D 85 42.97 5.32 21.38
CA SER D 85 42.67 4.13 22.22
C SER D 85 43.89 3.24 22.38
N SER D 86 43.99 2.51 23.50
CA SER D 86 45.10 1.54 23.71
C SER D 86 46.48 2.18 23.48
N VAL D 87 46.72 3.35 24.07
CA VAL D 87 48.05 4.02 23.95
C VAL D 87 49.11 3.16 24.64
N THR D 88 50.34 3.16 24.10
CA THR D 88 51.47 2.46 24.77
C THR D 88 52.52 3.53 25.07
N ALA D 89 53.64 3.16 25.70
CA ALA D 89 54.70 4.14 26.03
C ALA D 89 55.28 4.72 24.73
N ALA D 90 55.47 3.88 23.70
CA ALA D 90 56.04 4.34 22.42
C ALA D 90 55.12 5.34 21.74
N ASP D 91 53.80 5.12 21.83
CA ASP D 91 52.82 5.99 21.11
C ASP D 91 52.89 7.45 21.61
N THR D 92 53.07 7.63 22.92
CA THR D 92 53.00 8.98 23.53
C THR D 92 54.11 9.90 23.00
N ALA D 93 53.79 11.20 22.86
CA ALA D 93 54.76 12.19 22.36
C ALA D 93 54.26 13.60 22.67
N VAL D 94 55.07 14.63 22.42
CA VAL D 94 54.56 16.02 22.58
C VAL D 94 53.52 16.24 21.48
N TYR D 95 52.24 16.38 21.83
CA TYR D 95 51.19 16.47 20.78
C TYR D 95 50.99 17.94 20.38
N TYR D 96 50.84 18.20 19.08
CA TYR D 96 50.68 19.61 18.61
C TYR D 96 49.41 19.81 17.80
N CYS D 97 48.57 20.79 18.19
CA CYS D 97 47.40 21.13 17.37
C CYS D 97 47.93 21.80 16.10
N ALA D 98 47.20 21.78 14.99
CA ALA D 98 47.68 22.54 13.82
C ALA D 98 46.55 22.96 12.91
N ARG D 99 46.79 23.97 12.08
CA ARG D 99 45.73 24.45 11.16
C ARG D 99 46.18 24.19 9.73
N GLU D 100 45.25 23.96 8.82
CA GLU D 100 45.62 23.83 7.40
C GLU D 100 44.56 24.58 6.61
N VAL D 101 44.91 25.13 5.45
CA VAL D 101 43.86 25.78 4.62
C VAL D 101 43.90 25.13 3.23
N TYR D 102 42.77 24.61 2.77
CA TYR D 102 42.74 23.90 1.46
C TYR D 102 42.10 24.82 0.41
N TYR D 103 42.86 25.15 -0.64
CA TYR D 103 42.33 26.01 -1.72
C TYR D 103 42.35 25.26 -3.05
N TYR D 104 41.25 25.32 -3.80
CA TYR D 104 41.21 24.69 -5.14
C TYR D 104 42.08 25.50 -6.10
N ASP D 105 42.55 24.89 -7.17
CA ASP D 105 43.45 25.57 -8.14
C ASP D 105 42.97 25.22 -9.56
N ARG D 106 43.44 25.95 -10.56
CA ARG D 106 43.11 25.60 -11.97
C ARG D 106 43.60 24.16 -12.16
N SER D 107 44.77 23.83 -11.60
CA SER D 107 45.33 22.46 -11.70
C SER D 107 44.32 21.48 -11.09
N GLY D 108 43.61 21.88 -10.03
CA GLY D 108 42.58 21.01 -9.43
C GLY D 108 43.06 20.29 -8.19
N TYR D 109 44.20 20.62 -7.62
CA TYR D 109 44.55 19.93 -6.36
C TYR D 109 43.91 20.66 -5.18
N TYR D 110 42.89 20.10 -4.56
CA TYR D 110 42.19 20.76 -3.44
C TYR D 110 43.22 20.99 -2.35
N ALA D 111 44.14 20.06 -2.20
CA ALA D 111 45.17 20.15 -1.14
C ALA D 111 45.97 21.44 -1.24
N SER D 112 46.57 21.89 -0.14
CA SER D 112 47.20 23.23 -0.22
C SER D 112 48.15 23.46 0.95
N ASP D 113 48.74 24.66 1.04
CA ASP D 113 49.75 24.94 2.09
C ASP D 113 49.15 24.61 3.45
N GLY D 114 49.92 23.93 4.31
CA GLY D 114 49.36 23.47 5.59
C GLY D 114 50.30 23.66 6.77
N PHE D 115 49.79 23.45 7.99
CA PHE D 115 50.62 23.56 9.22
C PHE D 115 51.13 24.99 9.32
N ASP D 116 50.26 25.97 9.02
CA ASP D 116 50.62 27.40 9.18
C ASP D 116 50.70 27.79 10.65
N ILE D 117 49.74 27.34 11.48
CA ILE D 117 49.72 27.75 12.92
C ILE D 117 49.73 26.50 13.81
N TRP D 118 50.66 26.46 14.77
CA TRP D 118 50.80 25.28 15.65
C TRP D 118 50.44 25.69 17.07
N GLY D 119 49.88 24.78 17.87
CA GLY D 119 49.63 25.08 19.28
C GLY D 119 50.92 25.00 20.07
N GLN D 120 50.93 25.54 21.29
CA GLN D 120 52.16 25.55 22.13
C GLN D 120 52.70 24.13 22.29
N GLY D 121 51.82 23.13 22.31
CA GLY D 121 52.24 21.72 22.49
C GLY D 121 52.16 21.31 23.96
N THR D 122 52.08 20.00 24.23
CA THR D 122 52.01 19.48 25.62
C THR D 122 52.73 18.13 25.68
N MET D 123 53.75 18.00 26.53
CA MET D 123 54.53 16.74 26.59
C MET D 123 53.74 15.71 27.40
N VAL D 124 53.29 14.63 26.75
CA VAL D 124 52.47 13.60 27.44
C VAL D 124 53.34 12.34 27.54
N THR D 125 53.37 11.71 28.72
CA THR D 125 54.13 10.45 28.88
C THR D 125 53.20 9.35 29.40
N VAL D 126 53.24 8.16 28.79
CA VAL D 126 52.41 7.02 29.30
C VAL D 126 53.35 5.99 29.92
N SER D 127 53.17 5.70 31.21
CA SER D 127 54.00 4.70 31.92
C SER D 127 53.22 4.15 33.12
N SER D 128 53.59 2.96 33.61
CA SER D 128 52.90 2.35 34.77
C SER D 128 52.70 3.40 35.87
N GLU E 1 54.21 4.56 3.14
CA GLU E 1 54.23 6.04 3.12
C GLU E 1 55.52 6.53 2.46
N ILE E 2 55.50 7.72 1.86
CA ILE E 2 56.72 8.29 1.20
C ILE E 2 57.74 8.60 2.30
N VAL E 3 59.02 8.35 2.04
CA VAL E 3 60.07 8.59 3.07
C VAL E 3 60.96 9.74 2.60
N LEU E 4 61.16 10.74 3.48
CA LEU E 4 61.98 11.92 3.14
C LEU E 4 63.32 11.81 3.88
N THR E 5 64.44 11.88 3.16
CA THR E 5 65.79 11.77 3.79
C THR E 5 66.45 13.15 3.78
N GLN E 6 66.98 13.57 4.93
CA GLN E 6 67.63 14.89 5.02
C GLN E 6 69.15 14.70 5.14
N SER E 7 69.92 15.29 4.23
CA SER E 7 71.39 15.14 4.24
C SER E 7 72.05 16.52 4.37
N PRO E 8 73.14 16.75 5.16
CA PRO E 8 73.51 15.90 6.29
C PRO E 8 72.59 16.11 7.51
N GLY E 9 72.50 15.10 8.39
CA GLY E 9 71.67 15.22 9.59
C GLY E 9 72.15 16.33 10.51
N THR E 10 73.48 16.49 10.64
CA THR E 10 74.04 17.50 11.58
C THR E 10 75.00 18.43 10.83
N LEU E 11 75.02 19.72 11.20
CA LEU E 11 75.93 20.70 10.54
C LEU E 11 76.57 21.58 11.61
N SER E 12 77.82 22.01 11.41
CA SER E 12 78.51 22.92 12.35
C SER E 12 79.11 24.03 11.51
N LEU E 13 78.34 25.09 11.25
CA LEU E 13 78.82 26.17 10.35
C LEU E 13 78.86 27.50 11.11
N SER E 14 79.90 28.31 10.88
CA SER E 14 80.04 29.62 11.56
C SER E 14 78.92 30.55 11.09
N PRO E 15 78.47 31.53 11.88
CA PRO E 15 77.46 32.49 11.41
C PRO E 15 78.01 33.23 10.19
N GLY E 16 77.15 33.51 9.19
CA GLY E 16 77.62 34.14 7.94
C GLY E 16 78.06 33.12 6.92
N GLU E 17 77.79 31.83 7.16
CA GLU E 17 78.22 30.75 6.23
C GLU E 17 76.99 30.13 5.55
N ARG E 18 77.07 29.84 4.25
CA ARG E 18 75.91 29.33 3.46
C ARG E 18 75.67 27.85 3.67
N ALA E 19 74.42 27.47 3.89
CA ALA E 19 74.09 26.04 4.20
C ALA E 19 73.10 25.50 3.16
N THR E 20 73.09 24.18 2.93
CA THR E 20 72.16 23.56 1.95
C THR E 20 71.65 22.24 2.52
N LEU E 21 70.33 22.11 2.67
CA LEU E 21 69.73 20.85 3.19
C LEU E 21 69.13 20.10 2.01
N SER E 22 69.65 18.91 1.72
CA SER E 22 69.10 18.11 0.59
C SER E 22 68.00 17.19 1.12
N CYS E 23 66.73 17.58 0.90
CA CYS E 23 65.60 16.71 1.31
C CYS E 23 65.15 15.99 0.05
N ARG E 24 65.45 14.69 -0.06
CA ARG E 24 65.12 13.94 -1.31
C ARG E 24 64.00 12.95 -1.03
N ALA E 25 62.82 13.19 -1.60
CA ALA E 25 61.67 12.26 -1.43
C ALA E 25 61.92 10.95 -2.18
N SER E 26 61.49 9.82 -1.61
CA SER E 26 61.62 8.52 -2.31
C SER E 26 60.79 8.54 -3.60
N GLN E 27 59.58 9.11 -3.54
CA GLN E 27 58.72 9.22 -4.75
C GLN E 27 58.67 10.70 -5.15
N SER E 28 58.87 11.01 -6.42
CA SER E 28 58.95 12.43 -6.87
C SER E 28 57.64 13.17 -6.60
N VAL E 29 57.74 14.42 -6.11
CA VAL E 29 56.50 15.25 -5.92
C VAL E 29 56.53 16.34 -7.00
N SER E 30 55.70 16.20 -8.04
CA SER E 30 55.63 17.20 -9.13
C SER E 30 55.09 18.53 -8.59
N SER E 31 54.05 18.48 -7.74
CA SER E 31 53.39 19.73 -7.28
C SER E 31 54.34 20.61 -6.49
N SER E 32 55.56 20.13 -6.19
CA SER E 32 56.50 20.91 -5.35
C SER E 32 55.76 21.28 -4.06
N TYR E 33 55.02 20.34 -3.49
CA TYR E 33 54.21 20.59 -2.27
C TYR E 33 55.10 20.38 -1.04
N LEU E 34 56.37 20.04 -1.26
CA LEU E 34 57.31 19.91 -0.13
C LEU E 34 57.36 21.27 0.57
N ALA E 35 57.25 21.29 1.90
CA ALA E 35 57.24 22.56 2.65
C ALA E 35 58.25 22.45 3.79
N TRP E 36 59.07 23.48 4.00
CA TRP E 36 60.11 23.43 5.05
C TRP E 36 59.55 23.99 6.37
N TYR E 37 59.80 23.31 7.49
CA TYR E 37 59.34 23.79 8.82
C TYR E 37 60.54 23.92 9.75
N GLN E 38 60.68 25.09 10.37
CA GLN E 38 61.79 25.32 11.35
C GLN E 38 61.26 25.10 12.76
N GLN E 39 61.83 24.14 13.50
CA GLN E 39 61.40 23.96 14.91
C GLN E 39 62.52 24.49 15.82
N LYS E 40 62.22 25.46 16.69
CA LYS E 40 63.26 25.96 17.62
C LYS E 40 63.34 24.98 18.80
N PRO E 41 64.50 24.77 19.47
CA PRO E 41 64.61 23.73 20.49
C PRO E 41 63.59 23.97 21.60
N GLY E 42 62.91 22.90 22.05
CA GLY E 42 61.91 23.03 23.12
C GLY E 42 60.82 24.03 22.77
N GLN E 43 60.38 24.05 21.50
CA GLN E 43 59.35 25.01 21.05
C GLN E 43 58.52 24.38 19.93
N ALA E 44 57.31 24.89 19.68
CA ALA E 44 56.46 24.38 18.58
C ALA E 44 57.10 24.74 17.23
N PRO E 45 57.07 23.86 16.18
CA PRO E 45 57.61 24.24 14.87
C PRO E 45 56.86 25.39 14.20
N ARG E 46 57.51 26.11 13.28
CA ARG E 46 56.78 27.18 12.55
C ARG E 46 56.89 26.89 11.05
N LEU E 47 56.02 27.48 10.24
CA LEU E 47 56.18 27.30 8.77
C LEU E 47 57.34 28.19 8.36
N LEU E 48 58.43 27.58 7.90
CA LEU E 48 59.63 28.37 7.49
C LEU E 48 59.45 28.69 6.01
N ILE E 49 59.15 27.70 5.15
CA ILE E 49 59.06 27.94 3.68
C ILE E 49 58.06 26.98 3.05
N TYR E 50 57.23 27.44 2.11
CA TYR E 50 56.17 26.56 1.54
C TYR E 50 56.18 26.66 0.02
N GLY E 51 55.41 25.80 -0.66
CA GLY E 51 55.29 25.88 -2.13
C GLY E 51 56.66 25.86 -2.80
N ALA E 52 57.58 25.02 -2.31
CA ALA E 52 58.96 24.94 -2.85
C ALA E 52 59.77 26.18 -2.45
N SER E 53 59.36 27.37 -2.90
CA SER E 53 60.05 28.62 -2.50
C SER E 53 59.04 29.65 -1.99
N SER E 54 59.22 30.16 -0.77
CA SER E 54 58.32 31.20 -0.21
C SER E 54 59.04 31.90 0.95
N ARG E 55 58.44 32.95 1.49
CA ARG E 55 59.09 33.69 2.59
C ARG E 55 58.15 33.66 3.81
N ALA E 56 57.27 32.65 3.88
CA ALA E 56 56.31 32.54 5.01
C ALA E 56 55.56 33.85 5.08
N THR E 57 55.45 34.41 6.28
CA THR E 57 54.86 35.76 6.33
C THR E 57 56.06 36.65 6.53
N GLY E 58 56.81 36.41 7.61
CA GLY E 58 57.95 37.29 7.93
C GLY E 58 59.23 36.51 8.07
N ILE E 59 59.29 35.32 7.48
CA ILE E 59 60.59 34.56 7.49
C ILE E 59 61.58 35.40 6.69
N PRO E 60 62.85 35.52 7.12
CA PRO E 60 63.81 36.39 6.45
C PRO E 60 64.01 35.97 4.99
N ASP E 61 64.23 36.95 4.11
CA ASP E 61 64.48 36.64 2.68
C ASP E 61 65.75 35.79 2.63
N ARG E 62 66.57 35.93 3.68
CA ARG E 62 67.84 35.20 3.75
C ARG E 62 67.56 33.72 3.47
N PHE E 63 66.48 33.17 4.04
CA PHE E 63 66.18 31.75 3.70
C PHE E 63 65.45 31.70 2.37
N SER E 64 65.72 30.69 1.56
CA SER E 64 65.10 30.62 0.21
C SER E 64 64.94 29.16 -0.22
N GLY E 65 63.71 28.74 -0.52
CA GLY E 65 63.46 27.36 -0.98
C GLY E 65 63.96 27.12 -2.40
N SER E 66 64.28 25.87 -2.73
CA SER E 66 64.73 25.52 -4.11
C SER E 66 64.39 24.06 -4.40
N GLY E 67 64.71 23.58 -5.61
CA GLY E 67 64.48 22.18 -5.97
C GLY E 67 63.09 21.92 -6.52
N SER E 68 62.85 20.71 -7.05
CA SER E 68 61.54 20.34 -7.62
C SER E 68 61.52 18.83 -7.89
N GLY E 69 60.33 18.21 -7.88
CA GLY E 69 60.22 16.76 -8.16
C GLY E 69 60.86 15.86 -7.13
N THR E 70 61.77 14.98 -7.54
CA THR E 70 62.36 13.97 -6.61
C THR E 70 63.15 14.64 -5.48
N ASP E 71 63.93 15.69 -5.78
CA ASP E 71 64.82 16.28 -4.73
C ASP E 71 64.46 17.73 -4.44
N PHE E 72 64.79 18.22 -3.24
CA PHE E 72 64.53 19.64 -2.87
C PHE E 72 65.75 20.15 -2.08
N THR E 73 66.00 21.46 -2.11
CA THR E 73 67.19 22.02 -1.42
C THR E 73 66.80 23.33 -0.71
N LEU E 74 67.28 23.54 0.52
CA LEU E 74 67.00 24.81 1.24
C LEU E 74 68.33 25.56 1.40
N THR E 75 68.37 26.85 1.03
CA THR E 75 69.65 27.61 1.09
C THR E 75 69.54 28.76 2.09
N ILE E 76 70.56 28.92 2.94
CA ILE E 76 70.58 30.03 3.93
C ILE E 76 71.73 30.96 3.57
N SER E 77 71.58 32.27 3.78
CA SER E 77 72.68 33.24 3.52
C SER E 77 72.84 34.12 4.75
N ARG E 78 74.05 34.64 4.98
CA ARG E 78 74.28 35.58 6.13
C ARG E 78 73.70 34.93 7.39
N LEU E 79 74.12 33.70 7.71
CA LEU E 79 73.59 32.95 8.88
C LEU E 79 73.63 33.81 10.13
N GLU E 80 72.59 33.75 10.96
CA GLU E 80 72.52 34.57 12.20
C GLU E 80 72.42 33.62 13.40
N PRO E 81 72.89 34.01 14.61
CA PRO E 81 72.77 33.16 15.80
C PRO E 81 71.31 32.71 16.03
N GLU E 82 70.35 33.48 15.51
CA GLU E 82 68.91 33.16 15.73
C GLU E 82 68.47 32.04 14.80
N ASP E 83 69.35 31.59 13.90
CA ASP E 83 68.95 30.56 12.91
C ASP E 83 69.58 29.21 13.26
N PHE E 84 69.89 28.97 14.54
CA PHE E 84 70.44 27.66 14.96
C PHE E 84 69.31 26.79 15.51
N ALA E 85 68.62 26.03 14.66
CA ALA E 85 67.47 25.20 15.08
C ALA E 85 67.27 24.03 14.11
N VAL E 86 66.49 23.02 14.50
CA VAL E 86 66.26 21.83 13.62
C VAL E 86 65.32 22.21 12.47
N TYR E 87 65.64 21.76 11.24
CA TYR E 87 64.80 22.08 10.06
C TYR E 87 64.14 20.78 9.57
N TYR E 88 62.91 20.88 9.04
CA TYR E 88 62.18 19.66 8.61
C TYR E 88 61.59 19.89 7.22
N CYS E 89 61.34 18.82 6.47
CA CYS E 89 60.65 18.97 5.16
C CYS E 89 59.41 18.06 5.17
N GLN E 90 58.25 18.57 4.72
CA GLN E 90 57.00 17.78 4.78
C GLN E 90 56.32 17.77 3.41
N GLN E 91 55.81 16.61 2.98
CA GLN E 91 55.05 16.56 1.69
C GLN E 91 53.55 16.45 1.99
N TYR E 92 52.75 17.42 1.53
CA TYR E 92 51.27 17.30 1.70
C TYR E 92 50.64 16.90 0.37
N GLY E 93 51.47 16.69 -0.66
CA GLY E 93 50.95 16.31 -1.98
C GLY E 93 50.26 14.96 -1.95
N SER E 94 50.81 14.00 -1.20
CA SER E 94 50.17 12.67 -1.04
C SER E 94 49.90 12.41 0.44
N SER E 95 48.80 11.73 0.76
CA SER E 95 48.46 11.39 2.17
C SER E 95 48.58 9.87 2.35
N PRO E 96 49.24 9.35 3.40
CA PRO E 96 49.62 10.14 4.59
C PRO E 96 50.76 11.15 4.43
N GLN E 97 50.68 12.28 5.12
CA GLN E 97 51.74 13.30 5.08
C GLN E 97 52.86 12.86 6.02
N THR E 98 54.12 12.99 5.62
CA THR E 98 55.25 12.49 6.45
C THR E 98 56.25 13.62 6.68
N PHE E 99 57.09 13.51 7.71
CA PHE E 99 58.14 14.54 7.94
C PHE E 99 59.52 13.87 7.89
N GLY E 100 60.57 14.66 7.64
CA GLY E 100 61.94 14.11 7.64
C GLY E 100 62.46 13.94 9.06
N GLN E 101 63.64 13.34 9.21
CA GLN E 101 64.24 13.16 10.57
C GLN E 101 64.51 14.52 11.19
N GLY E 102 64.99 15.49 10.41
CA GLY E 102 65.32 16.82 10.94
C GLY E 102 66.82 17.09 10.89
N THR E 103 67.22 18.29 10.48
CA THR E 103 68.66 18.65 10.44
C THR E 103 68.94 19.77 11.45
N LYS E 104 69.90 19.56 12.35
CA LYS E 104 70.21 20.58 13.38
C LYS E 104 71.50 21.32 12.97
N VAL E 105 71.44 22.64 12.86
CA VAL E 105 72.68 23.41 12.55
C VAL E 105 73.28 23.92 13.87
N GLU E 106 74.59 23.72 14.08
CA GLU E 106 75.22 24.14 15.36
C GLU E 106 76.28 25.19 15.05
N ILE E 107 76.86 25.79 16.10
CA ILE E 107 77.90 26.83 15.92
C ILE E 107 79.11 26.22 15.22
N GLN F 1 20.39 23.60 54.92
CA GLN F 1 20.89 22.20 54.89
C GLN F 1 21.28 21.82 53.46
N VAL F 2 20.69 22.50 52.47
CA VAL F 2 21.07 22.24 51.05
C VAL F 2 22.30 23.10 50.74
N GLN F 3 23.45 22.74 51.31
CA GLN F 3 24.69 23.53 51.12
C GLN F 3 25.19 23.37 49.68
N LEU F 4 25.76 24.43 49.11
CA LEU F 4 26.33 24.35 47.74
C LEU F 4 27.85 24.59 47.85
N GLN F 5 28.67 23.70 47.28
CA GLN F 5 30.14 23.82 47.43
C GLN F 5 30.76 24.15 46.07
N GLU F 6 31.27 25.37 45.90
CA GLU F 6 31.93 25.77 44.63
C GLU F 6 33.22 24.99 44.43
N SER F 7 33.52 24.60 43.18
CA SER F 7 34.81 23.92 42.89
C SER F 7 35.32 24.47 41.55
N GLY F 8 36.37 25.30 41.58
CA GLY F 8 36.83 25.96 40.33
C GLY F 8 38.32 26.25 40.37
N PRO F 9 38.98 26.51 39.21
CA PRO F 9 40.40 26.89 39.21
C PRO F 9 40.59 28.24 39.92
N GLY F 10 41.58 28.33 40.80
CA GLY F 10 41.87 29.60 41.51
C GLY F 10 42.33 30.67 40.54
N LEU F 11 43.25 30.34 39.64
CA LEU F 11 43.79 31.33 38.66
C LEU F 11 43.64 30.73 37.25
N VAL F 12 43.05 31.49 36.33
CA VAL F 12 42.84 30.99 34.93
C VAL F 12 43.60 31.90 33.98
N LYS F 13 44.40 31.33 33.08
CA LYS F 13 45.09 32.15 32.05
C LYS F 13 44.03 32.62 31.03
N PRO F 14 44.20 33.75 30.33
CA PRO F 14 43.15 34.26 29.42
C PRO F 14 42.85 33.33 28.24
N SER F 15 41.77 33.62 27.50
CA SER F 15 41.39 32.80 26.31
C SER F 15 41.05 31.37 26.71
N GLU F 16 40.77 31.16 28.00
CA GLU F 16 40.42 29.80 28.48
C GLU F 16 39.00 29.84 29.05
N THR F 17 38.16 28.89 28.65
CA THR F 17 36.77 28.83 29.17
C THR F 17 36.83 28.59 30.67
N LEU F 18 35.97 29.25 31.44
CA LEU F 18 36.01 29.12 32.91
C LEU F 18 34.99 28.06 33.34
N SER F 19 35.44 27.02 34.03
CA SER F 19 34.52 25.94 34.47
C SER F 19 34.40 25.94 35.99
N LEU F 20 33.17 26.06 36.51
CA LEU F 20 32.94 26.05 37.97
C LEU F 20 31.81 25.06 38.25
N THR F 21 31.96 24.21 39.27
CA THR F 21 30.94 23.16 39.53
C THR F 21 30.38 23.33 40.94
N CYS F 22 29.05 23.34 41.10
CA CYS F 22 28.46 23.43 42.46
C CYS F 22 28.14 22.03 42.97
N THR F 23 28.88 21.55 43.98
CA THR F 23 28.60 20.23 44.57
C THR F 23 27.37 20.36 45.49
N VAL F 24 26.17 20.14 44.98
CA VAL F 24 24.94 20.32 45.80
C VAL F 24 24.95 19.31 46.93
N SER F 25 24.22 19.55 48.01
CA SER F 25 24.10 18.50 49.03
C SER F 25 22.64 18.32 49.43
N GLY F 26 22.06 17.14 49.23
CA GLY F 26 20.71 16.87 49.75
C GLY F 26 19.55 17.34 48.89
N GLY F 27 19.81 17.85 47.69
CA GLY F 27 18.67 18.20 46.83
C GLY F 27 18.80 17.56 45.47
N SER F 28 17.79 16.82 45.03
CA SER F 28 17.89 16.28 43.65
C SER F 28 17.81 17.49 42.73
N VAL F 29 18.77 17.63 41.81
CA VAL F 29 18.79 18.87 41.02
C VAL F 29 17.49 18.94 40.25
N SER F 30 17.07 17.81 39.72
CA SER F 30 15.87 17.87 38.85
C SER F 30 14.64 17.81 39.74
N SER F 31 14.35 18.89 40.44
CA SER F 31 13.22 18.85 41.37
C SER F 31 12.04 19.64 40.81
N SER F 32 12.24 20.28 39.66
CA SER F 32 11.18 21.14 39.06
C SER F 32 11.05 22.41 39.89
N ASN F 33 10.75 22.26 41.17
CA ASN F 33 10.50 23.46 42.00
C ASN F 33 11.79 24.29 42.13
N TYR F 34 12.95 23.66 42.38
CA TYR F 34 14.14 24.51 42.57
C TYR F 34 14.57 25.02 41.20
N TYR F 35 15.16 26.22 41.08
CA TYR F 35 15.72 26.75 39.80
C TYR F 35 17.10 27.32 40.11
N TRP F 36 18.15 26.51 40.26
CA TRP F 36 19.48 27.03 40.71
C TRP F 36 20.05 28.10 39.77
N SER F 37 21.00 28.95 40.22
CA SER F 37 21.47 30.08 39.38
C SER F 37 22.94 30.40 39.65
N TRP F 38 23.51 31.30 38.83
CA TRP F 38 24.92 31.73 39.02
C TRP F 38 24.97 33.25 39.21
N ILE F 39 25.72 33.71 40.23
CA ILE F 39 25.88 35.17 40.50
C ILE F 39 27.38 35.43 40.67
N ARG F 40 27.86 36.60 40.23
CA ARG F 40 29.29 36.96 40.43
C ARG F 40 29.37 38.37 41.01
N GLN F 41 30.44 38.67 41.73
CA GLN F 41 30.60 40.01 42.34
C GLN F 41 31.96 40.61 41.93
N PRO F 42 32.07 41.54 40.95
CA PRO F 42 33.38 42.13 40.67
C PRO F 42 33.77 43.01 41.88
N PRO F 43 35.06 43.05 42.28
CA PRO F 43 35.45 43.82 43.47
C PRO F 43 35.04 45.29 43.40
N GLY F 44 34.34 45.79 44.43
CA GLY F 44 33.95 47.21 44.47
C GLY F 44 32.79 47.51 43.53
N LYS F 45 31.99 46.50 43.19
CA LYS F 45 30.85 46.67 42.24
C LYS F 45 29.69 45.78 42.67
N GLY F 46 28.47 46.12 42.25
CA GLY F 46 27.27 45.36 42.67
C GLY F 46 27.23 43.94 42.13
N LEU F 47 26.41 43.08 42.74
CA LEU F 47 26.28 41.67 42.30
C LEU F 47 25.68 41.64 40.89
N GLU F 48 26.15 40.71 40.04
CA GLU F 48 25.62 40.58 38.66
C GLU F 48 25.12 39.15 38.45
N TRP F 49 23.93 38.99 37.88
CA TRP F 49 23.36 37.63 37.63
C TRP F 49 23.88 37.10 36.29
N ILE F 50 24.30 35.82 36.25
CA ILE F 50 24.77 35.21 35.01
C ILE F 50 23.67 34.40 34.35
N GLY F 51 23.00 33.55 35.12
CA GLY F 51 21.98 32.68 34.51
C GLY F 51 21.42 31.65 35.47
N TYR F 52 20.18 31.19 35.25
CA TYR F 52 19.59 30.13 36.10
C TYR F 52 19.37 28.87 35.25
N MET F 53 18.98 27.77 35.89
CA MET F 53 18.64 26.56 35.10
C MET F 53 17.14 26.27 35.24
N TYR F 54 16.43 26.14 34.12
CA TYR F 54 14.99 25.76 34.15
C TYR F 54 14.94 24.27 34.47
N TYR F 55 13.80 23.76 34.92
CA TYR F 55 13.77 22.33 35.35
C TYR F 55 14.03 21.39 34.18
N SER F 56 14.57 20.20 34.45
CA SER F 56 14.90 19.18 33.40
C SER F 56 16.23 19.51 32.71
N GLY F 57 17.00 20.45 33.26
CA GLY F 57 18.34 20.75 32.71
C GLY F 57 18.30 21.80 31.61
N SER F 58 17.12 22.28 31.23
CA SER F 58 17.05 23.40 30.24
C SER F 58 17.59 24.65 30.93
N THR F 59 18.21 25.58 30.20
CA THR F 59 18.87 26.72 30.89
C THR F 59 18.51 28.08 30.29
N LYS F 60 18.48 29.14 31.11
CA LYS F 60 18.26 30.52 30.59
C LYS F 60 19.44 31.38 31.05
N TYR F 61 19.88 32.34 30.23
CA TYR F 61 21.11 33.11 30.58
C TYR F 61 20.86 34.60 30.52
N ASN F 62 21.65 35.39 31.24
CA ASN F 62 21.54 36.87 31.15
C ASN F 62 21.81 37.27 29.70
N PRO F 63 20.92 37.98 28.95
CA PRO F 63 21.17 38.25 27.53
C PRO F 63 22.54 38.89 27.28
N SER F 64 23.04 39.67 28.24
CA SER F 64 24.34 40.37 28.06
C SER F 64 25.47 39.36 27.90
N LEU F 65 25.47 38.29 28.71
CA LEU F 65 26.54 37.27 28.66
C LEU F 65 26.04 36.02 27.94
N LYS F 66 24.85 36.07 27.33
CA LYS F 66 24.23 34.85 26.74
C LYS F 66 25.14 34.25 25.66
N SER F 67 25.75 35.09 24.83
CA SER F 67 26.58 34.58 23.70
C SER F 67 27.75 33.76 24.23
N ARG F 68 28.36 34.16 25.36
CA ARG F 68 29.59 33.46 25.83
C ARG F 68 29.31 32.55 27.02
N VAL F 69 28.05 32.33 27.40
CA VAL F 69 27.83 31.52 28.64
C VAL F 69 26.95 30.28 28.40
N THR F 70 27.34 29.14 28.97
CA THR F 70 26.52 27.91 28.88
C THR F 70 26.43 27.32 30.29
N ILE F 71 25.26 26.83 30.69
CA ILE F 71 25.12 26.18 32.04
C ILE F 71 24.85 24.69 31.82
N SER F 72 25.58 23.83 32.53
CA SER F 72 25.41 22.36 32.38
C SER F 72 25.08 21.76 33.75
N VAL F 73 24.43 20.59 33.76
CA VAL F 73 24.09 19.91 35.04
C VAL F 73 24.59 18.47 34.99
N ASP F 74 24.96 17.91 36.15
CA ASP F 74 25.37 16.49 36.22
C ASP F 74 24.60 15.88 37.40
N THR F 75 23.33 15.55 37.18
CA THR F 75 22.49 14.96 38.26
C THR F 75 23.14 13.65 38.68
N SER F 76 23.67 12.90 37.72
CA SER F 76 24.38 11.63 38.05
C SER F 76 25.48 11.94 39.07
N LYS F 77 26.05 13.15 39.01
CA LYS F 77 27.16 13.51 39.93
C LYS F 77 26.63 14.37 41.09
N ASN F 78 25.32 14.68 41.11
CA ASN F 78 24.69 15.53 42.17
C ASN F 78 25.33 16.91 42.18
N GLN F 79 25.71 17.43 41.00
CA GLN F 79 26.31 18.78 40.92
C GLN F 79 25.90 19.44 39.59
N PHE F 80 25.94 20.78 39.53
CA PHE F 80 25.67 21.49 38.25
C PHE F 80 26.87 22.39 37.95
N SER F 81 27.07 22.80 36.69
CA SER F 81 28.30 23.55 36.35
C SER F 81 28.05 24.78 35.47
N LEU F 82 28.97 25.75 35.49
CA LEU F 82 28.86 26.94 34.61
C LEU F 82 30.09 26.98 33.70
N LYS F 83 29.89 27.16 32.40
CA LYS F 83 31.05 27.31 31.49
C LYS F 83 30.96 28.69 30.84
N LEU F 84 32.00 29.52 30.99
CA LEU F 84 32.02 30.85 30.34
C LEU F 84 33.14 30.86 29.30
N SER F 85 32.80 31.12 28.03
CA SER F 85 33.81 31.11 26.94
C SER F 85 34.46 32.49 26.79
N SER F 86 35.72 32.53 26.32
CA SER F 86 36.40 33.82 26.04
C SER F 86 36.34 34.78 27.24
N VAL F 87 36.66 34.28 28.44
CA VAL F 87 36.69 35.15 29.65
C VAL F 87 37.79 36.20 29.50
N THR F 88 37.57 37.41 30.04
CA THR F 88 38.62 38.46 30.06
C THR F 88 38.88 38.77 31.54
N ALA F 89 39.82 39.68 31.83
CA ALA F 89 40.13 40.06 33.23
C ALA F 89 38.90 40.69 33.87
N ALA F 90 38.18 41.55 33.13
CA ALA F 90 36.98 42.23 33.66
C ALA F 90 35.89 41.22 34.00
N ASP F 91 35.71 40.19 33.18
CA ASP F 91 34.61 39.20 33.39
C ASP F 91 34.74 38.47 34.72
N THR F 92 35.97 38.13 35.12
CA THR F 92 36.21 37.30 36.33
C THR F 92 35.73 37.98 37.61
N ALA F 93 35.22 37.19 38.55
CA ALA F 93 34.71 37.74 39.84
C ALA F 93 34.56 36.61 40.85
N VAL F 94 34.25 36.92 42.11
CA VAL F 94 33.95 35.84 43.09
C VAL F 94 32.62 35.22 42.64
N TYR F 95 32.63 33.96 42.18
CA TYR F 95 31.38 33.37 41.63
C TYR F 95 30.60 32.68 42.76
N TYR F 96 29.27 32.84 42.78
CA TYR F 96 28.46 32.26 43.87
C TYR F 96 27.36 31.35 43.34
N CYS F 97 27.29 30.11 43.82
CA CYS F 97 26.16 29.21 43.46
C CYS F 97 24.93 29.77 44.17
N ALA F 98 23.72 29.51 43.68
CA ALA F 98 22.54 29.97 44.45
C ALA F 98 21.31 29.11 44.16
N ARG F 99 20.35 29.14 45.05
CA ARG F 99 19.13 28.33 44.86
C ARG F 99 17.94 29.27 44.70
N GLU F 100 16.93 28.88 43.95
CA GLU F 100 15.70 29.70 43.87
C GLU F 100 14.53 28.72 43.92
N VAL F 101 13.39 29.14 44.44
CA VAL F 101 12.21 28.24 44.40
C VAL F 101 11.07 29.00 43.72
N TYR F 102 10.50 28.42 42.66
CA TYR F 102 9.43 29.11 41.90
C TYR F 102 8.08 28.50 42.27
N TYR F 103 7.17 29.32 42.81
CA TYR F 103 5.82 28.84 43.18
C TYR F 103 4.76 29.62 42.40
N TYR F 104 3.79 28.89 41.83
CA TYR F 104 2.67 29.55 41.12
C TYR F 104 1.77 30.23 42.16
N ASP F 105 1.01 31.24 41.73
CA ASP F 105 0.13 32.00 42.67
C ASP F 105 -1.22 32.20 41.97
N ARG F 106 -2.24 32.60 42.73
CA ARG F 106 -3.55 32.92 42.11
C ARG F 106 -3.28 34.02 41.10
N SER F 107 -2.41 34.97 41.43
CA SER F 107 -2.04 36.07 40.51
C SER F 107 -1.45 35.46 39.23
N GLY F 108 -0.71 34.35 39.34
CA GLY F 108 -0.17 33.68 38.15
C GLY F 108 1.29 34.00 37.89
N TYR F 109 2.00 34.63 38.80
CA TYR F 109 3.44 34.84 38.50
C TYR F 109 4.23 33.60 38.95
N TYR F 110 4.71 32.79 38.02
CA TYR F 110 5.45 31.55 38.38
C TYR F 110 6.66 31.98 39.20
N ALA F 111 7.23 33.12 38.86
CA ALA F 111 8.45 33.61 39.55
C ALA F 111 8.21 33.75 41.04
N SER F 112 9.28 33.72 41.85
CA SER F 112 9.02 33.70 43.31
C SER F 112 10.29 34.02 44.10
N ASP F 113 10.21 33.97 45.43
CA ASP F 113 11.36 34.37 46.29
C ASP F 113 12.60 33.58 45.85
N GLY F 114 13.75 34.25 45.73
CA GLY F 114 14.94 33.57 45.19
C GLY F 114 16.21 33.91 45.93
N PHE F 115 17.30 33.19 45.63
CA PHE F 115 18.61 33.45 46.27
C PHE F 115 18.49 33.22 47.77
N ASP F 116 17.77 32.15 48.16
CA ASP F 116 17.64 31.79 49.60
C ASP F 116 18.96 31.22 50.12
N ILE F 117 19.63 30.36 49.36
CA ILE F 117 20.89 29.69 49.85
C ILE F 117 22.03 29.97 48.87
N TRP F 118 23.15 30.47 49.39
CA TRP F 118 24.31 30.82 48.53
C TRP F 118 25.47 29.89 48.87
N GLY F 119 26.30 29.57 47.88
CA GLY F 119 27.51 28.77 48.17
C GLY F 119 28.57 29.65 48.82
N GLN F 120 29.59 29.04 49.42
CA GLN F 120 30.66 29.81 50.12
C GLN F 120 31.28 30.83 49.17
N GLY F 121 31.34 30.52 47.87
CA GLY F 121 31.96 31.42 46.88
C GLY F 121 33.41 31.07 46.64
N THR F 122 33.97 31.50 45.49
CA THR F 122 35.39 31.23 45.16
C THR F 122 35.94 32.40 44.34
N MET F 123 37.02 33.03 44.82
CA MET F 123 37.55 34.23 44.12
C MET F 123 38.39 33.76 42.92
N VAL F 124 37.92 34.06 41.71
CA VAL F 124 38.64 33.61 40.49
C VAL F 124 39.25 34.84 39.83
N THR F 125 40.52 34.78 39.42
CA THR F 125 41.15 35.92 38.72
C THR F 125 41.70 35.44 37.37
N VAL F 126 41.43 36.18 36.29
CA VAL F 126 41.98 35.83 34.96
C VAL F 126 43.04 36.87 34.58
N SER F 127 44.30 36.44 34.39
CA SER F 127 45.39 37.36 34.00
C SER F 127 46.48 36.55 33.27
N SER F 128 47.31 37.24 32.48
CA SER F 128 48.40 36.55 31.73
C SER F 128 49.13 35.57 32.65
N GLU G 1 18.33 46.69 30.91
CA GLU G 1 17.96 46.05 32.21
C GLU G 1 17.52 47.14 33.18
N ILE G 2 16.65 46.79 34.14
CA ILE G 2 16.17 47.78 35.16
C ILE G 2 17.36 48.15 36.05
N VAL G 3 17.46 49.43 36.42
CA VAL G 3 18.61 49.88 37.26
C VAL G 3 18.10 50.27 38.65
N LEU G 4 18.73 49.73 39.69
CA LEU G 4 18.30 50.02 41.09
C LEU G 4 19.34 50.96 41.72
N THR G 5 18.89 52.10 42.25
CA THR G 5 19.82 53.08 42.88
C THR G 5 19.63 53.04 44.39
N GLN G 6 20.73 52.95 45.14
CA GLN G 6 20.64 52.89 46.62
C GLN G 6 21.15 54.22 47.19
N SER G 7 20.31 54.90 47.99
CA SER G 7 20.70 56.19 48.58
C SER G 7 20.62 56.11 50.11
N PRO G 8 21.57 56.68 50.92
CA PRO G 8 22.93 57.00 50.49
C PRO G 8 23.81 55.75 50.35
N GLY G 9 24.86 55.84 49.53
CA GLY G 9 25.79 54.71 49.35
C GLY G 9 26.49 54.35 50.65
N THR G 10 26.87 55.35 51.45
CA THR G 10 27.64 55.08 52.69
C THR G 10 26.93 55.73 53.89
N LEU G 11 26.95 55.07 55.05
CA LEU G 11 26.31 55.61 56.28
C LEU G 11 27.25 55.42 57.47
N SER G 12 27.23 56.35 58.43
CA SER G 12 28.06 56.25 59.66
C SER G 12 27.13 56.53 60.83
N LEU G 13 26.46 55.50 61.33
CA LEU G 13 25.45 55.71 62.41
C LEU G 13 25.86 54.94 63.67
N SER G 14 25.68 55.54 64.84
CA SER G 14 26.03 54.87 66.12
C SER G 14 25.10 53.67 66.33
N PRO G 15 25.52 52.60 67.04
CA PRO G 15 24.61 51.49 67.33
C PRO G 15 23.39 52.01 68.12
N GLY G 16 22.20 51.48 67.83
CA GLY G 16 20.98 51.99 68.47
C GLY G 16 20.34 53.14 67.69
N GLU G 17 20.83 53.39 66.48
CA GLU G 17 20.32 54.52 65.65
C GLU G 17 19.55 53.97 64.43
N ARG G 18 18.41 54.57 64.09
CA ARG G 18 17.52 54.06 63.00
C ARG G 18 18.04 54.45 61.62
N ALA G 19 18.05 53.49 60.70
CA ALA G 19 18.61 53.73 59.33
C ALA G 19 17.53 53.47 58.27
N THR G 20 17.64 54.11 57.10
CA THR G 20 16.65 53.90 56.00
C THR G 20 17.40 53.86 54.67
N LEU G 21 17.28 52.76 53.92
CA LEU G 21 17.94 52.65 52.60
C LEU G 21 16.87 52.82 51.53
N SER G 22 17.00 53.88 50.72
CA SER G 22 16.01 54.13 49.64
C SER G 22 16.48 53.43 48.36
N CYS G 23 15.90 52.26 48.06
CA CYS G 23 16.23 51.56 46.80
C CYS G 23 15.12 51.89 45.83
N ARG G 24 15.40 52.74 44.83
CA ARG G 24 14.33 53.19 43.89
C ARG G 24 14.58 52.59 42.50
N ALA G 25 13.71 51.66 42.07
CA ALA G 25 13.84 51.05 40.73
C ALA G 25 13.52 52.07 39.64
N SER G 26 14.22 52.02 38.52
CA SER G 26 13.91 52.92 37.38
C SER G 26 12.50 52.61 36.84
N GLN G 27 12.15 51.33 36.76
CA GLN G 27 10.78 50.93 36.31
C GLN G 27 10.04 50.37 37.53
N SER G 28 8.80 50.81 37.75
CA SER G 28 8.05 50.39 38.97
C SER G 28 7.84 48.89 39.01
N VAL G 29 8.01 48.27 40.18
CA VAL G 29 7.71 46.81 40.31
C VAL G 29 6.43 46.69 41.17
N SER G 30 5.29 46.39 40.53
CA SER G 30 4.01 46.23 41.25
C SER G 30 4.06 45.03 42.19
N SER G 31 4.65 43.91 41.73
CA SER G 31 4.63 42.66 42.54
C SER G 31 5.38 42.83 43.86
N SER G 32 6.05 43.97 44.06
CA SER G 32 6.87 44.16 45.28
C SER G 32 7.82 42.96 45.39
N TYR G 33 8.41 42.57 44.27
CA TYR G 33 9.33 41.39 44.23
C TYR G 33 10.74 41.85 44.60
N LEU G 34 10.90 43.14 44.91
CA LEU G 34 12.22 43.63 45.38
C LEU G 34 12.54 42.85 46.65
N ALA G 35 13.77 42.34 46.76
CA ALA G 35 14.17 41.54 47.94
C ALA G 35 15.50 42.08 48.45
N TRP G 36 15.63 42.25 49.76
CA TRP G 36 16.87 42.82 50.35
C TRP G 36 17.85 41.69 50.70
N TYR G 37 19.13 41.85 50.35
CA TYR G 37 20.16 40.83 50.67
C TYR G 37 21.28 41.48 51.48
N GLN G 38 21.63 40.89 52.63
CA GLN G 38 22.73 41.43 53.47
C GLN G 38 24.00 40.62 53.16
N GLN G 39 25.06 41.29 52.69
CA GLN G 39 26.34 40.57 52.48
C GLN G 39 27.31 40.98 53.58
N LYS G 40 27.83 40.04 54.37
CA LYS G 40 28.83 40.41 55.40
C LYS G 40 30.20 40.52 54.73
N PRO G 41 31.15 41.38 55.19
CA PRO G 41 32.38 41.61 54.45
C PRO G 41 33.15 40.29 54.27
N GLY G 42 33.67 40.04 53.06
CA GLY G 42 34.43 38.80 52.80
C GLY G 42 33.60 37.56 53.10
N GLN G 43 32.30 37.59 52.75
CA GLN G 43 31.41 36.43 53.04
C GLN G 43 30.32 36.37 51.97
N ALA G 44 29.68 35.21 51.80
CA ALA G 44 28.58 35.06 50.83
C ALA G 44 27.36 35.86 51.30
N PRO G 45 26.58 36.55 50.42
CA PRO G 45 25.37 37.26 50.87
C PRO G 45 24.28 36.34 51.43
N ARG G 46 23.39 36.85 52.27
CA ARG G 46 22.28 36.01 52.76
C ARG G 46 20.95 36.70 52.41
N LEU G 47 19.85 35.97 52.41
CA LEU G 47 18.55 36.64 52.17
C LEU G 47 18.21 37.37 53.47
N LEU G 48 18.17 38.70 53.43
CA LEU G 48 17.86 39.49 54.64
C LEU G 48 16.35 39.66 54.68
N ILE G 49 15.73 40.12 53.59
CA ILE G 49 14.25 40.40 53.60
C ILE G 49 13.66 40.18 52.21
N TYR G 50 12.48 39.56 52.10
CA TYR G 50 11.91 39.24 50.76
C TYR G 50 10.45 39.68 50.69
N GLY G 51 9.85 39.63 49.49
CA GLY G 51 8.42 39.97 49.35
C GLY G 51 8.10 41.32 49.93
N ALA G 52 8.97 42.32 49.71
CA ALA G 52 8.80 43.69 50.24
C ALA G 52 9.05 43.71 51.76
N SER G 53 8.25 42.99 52.54
CA SER G 53 8.47 42.89 54.01
C SER G 53 8.47 41.42 54.46
N SER G 54 9.54 40.97 55.12
CA SER G 54 9.63 39.59 55.63
C SER G 54 10.70 39.52 56.72
N ARG G 55 10.82 38.39 57.40
CA ARG G 55 11.83 38.26 58.48
C ARG G 55 12.76 37.10 58.12
N ALA G 56 12.84 36.73 56.83
CA ALA G 56 13.61 35.54 56.40
C ALA G 56 13.27 34.36 57.33
N THR G 57 14.26 33.55 57.69
CA THR G 57 13.98 32.46 58.67
C THR G 57 14.38 32.94 60.07
N GLY G 58 15.60 33.47 60.21
CA GLY G 58 16.07 33.94 61.53
C GLY G 58 16.38 35.42 61.56
N ILE G 59 16.08 36.15 60.48
CA ILE G 59 16.46 37.59 60.42
C ILE G 59 15.81 38.35 61.58
N PRO G 60 16.51 39.20 62.37
CA PRO G 60 15.88 39.84 63.53
C PRO G 60 14.65 40.66 63.11
N ASP G 61 13.63 40.69 63.96
CA ASP G 61 12.41 41.49 63.67
C ASP G 61 12.87 42.95 63.54
N ARG G 62 14.00 43.25 64.18
CA ARG G 62 14.53 44.61 64.16
C ARG G 62 14.56 45.11 62.72
N PHE G 63 14.98 44.26 61.77
CA PHE G 63 14.96 44.73 60.37
C PHE G 63 13.54 44.56 59.83
N SER G 64 13.08 45.48 58.99
CA SER G 64 11.68 45.43 58.50
C SER G 64 11.61 46.05 57.10
N GLY G 65 11.14 45.30 56.11
CA GLY G 65 10.99 45.84 54.74
C GLY G 65 9.83 46.80 54.63
N SER G 66 9.89 47.73 53.67
CA SER G 66 8.78 48.69 53.44
C SER G 66 8.78 49.14 51.97
N GLY G 67 7.83 49.98 51.58
CA GLY G 67 7.78 50.53 50.21
C GLY G 67 7.01 49.64 49.25
N SER G 68 6.75 50.14 48.03
CA SER G 68 6.01 49.37 47.00
C SER G 68 6.11 50.09 45.66
N GLY G 69 6.01 49.36 44.55
CA GLY G 69 6.06 49.99 43.22
C GLY G 69 7.41 50.60 42.86
N THR G 70 7.44 51.88 42.48
CA THR G 70 8.70 52.52 42.00
C THR G 70 9.78 52.54 43.09
N ASP G 71 9.42 52.83 44.35
CA ASP G 71 10.46 52.99 45.40
C ASP G 71 10.30 51.97 46.52
N PHE G 72 11.39 51.65 47.23
CA PHE G 72 11.34 50.70 48.37
C PHE G 72 12.23 51.25 49.49
N THR G 73 11.94 50.90 50.75
CA THR G 73 12.72 51.44 51.89
C THR G 73 12.98 50.31 52.91
N LEU G 74 14.20 50.24 53.45
CA LEU G 74 14.51 49.23 54.50
C LEU G 74 14.78 49.97 55.81
N THR G 75 14.13 49.56 56.90
CA THR G 75 14.29 50.28 58.20
C THR G 75 14.93 49.38 59.24
N ILE G 76 15.92 49.90 59.97
CA ILE G 76 16.60 49.11 61.05
C ILE G 76 16.29 49.80 62.38
N SER G 77 16.13 49.03 63.46
CA SER G 77 15.90 49.62 64.80
C SER G 77 16.87 48.98 65.79
N ARG G 78 17.24 49.70 66.86
CA ARG G 78 18.15 49.13 67.89
C ARG G 78 19.36 48.53 67.18
N LEU G 79 20.05 49.31 66.37
CA LEU G 79 21.22 48.82 65.57
C LEU G 79 22.21 48.08 66.48
N GLU G 80 22.76 46.97 66.01
CA GLU G 80 23.73 46.17 66.81
C GLU G 80 25.06 46.12 66.06
N PRO G 81 26.21 45.97 66.76
CA PRO G 81 27.51 45.85 66.10
C PRO G 81 27.50 44.75 65.02
N GLU G 82 26.61 43.77 65.16
CA GLU G 82 26.58 42.62 64.21
C GLU G 82 25.87 43.03 62.92
N ASP G 83 25.34 44.26 62.86
CA ASP G 83 24.55 44.68 61.67
C ASP G 83 25.36 45.69 60.85
N PHE G 84 26.70 45.65 60.93
CA PHE G 84 27.53 46.56 60.10
C PHE G 84 28.01 45.80 58.85
N ALA G 85 27.23 45.83 57.76
CA ALA G 85 27.58 45.08 56.54
C ALA G 85 26.90 45.74 55.33
N VAL G 86 27.33 45.39 54.10
CA VAL G 86 26.74 45.99 52.87
C VAL G 86 25.34 45.40 52.62
N TYR G 87 24.37 46.24 52.26
CA TYR G 87 22.99 45.78 51.99
C TYR G 87 22.69 45.95 50.49
N TYR G 88 21.90 45.04 49.92
CA TYR G 88 21.62 45.08 48.47
C TYR G 88 20.12 44.93 48.23
N CYS G 89 19.62 45.41 47.10
CA CYS G 89 18.19 45.18 46.76
C CYS G 89 18.14 44.53 45.36
N GLN G 90 17.33 43.47 45.19
CA GLN G 90 17.29 42.75 43.90
C GLN G 90 15.85 42.60 43.42
N GLN G 91 15.61 42.81 42.12
CA GLN G 91 14.23 42.61 41.56
C GLN G 91 14.20 41.30 40.77
N TYR G 92 13.36 40.35 41.17
CA TYR G 92 13.21 39.11 40.36
C TYR G 92 11.91 39.16 39.56
N GLY G 93 11.17 40.27 39.68
CA GLY G 93 9.90 40.43 38.95
C GLY G 93 10.10 40.42 37.44
N SER G 94 11.17 41.07 36.97
CA SER G 94 11.50 41.05 35.52
C SER G 94 12.90 40.47 35.32
N SER G 95 13.11 39.74 34.23
CA SER G 95 14.45 39.16 33.93
C SER G 95 15.02 39.87 32.69
N PRO G 96 16.29 40.32 32.67
CA PRO G 96 17.30 39.92 33.66
C PRO G 96 17.15 40.50 35.07
N GLN G 97 17.52 39.70 36.09
CA GLN G 97 17.47 40.18 37.49
C GLN G 97 18.73 41.01 37.76
N THR G 98 18.60 42.15 38.43
CA THR G 98 19.77 43.04 38.64
C THR G 98 19.93 43.33 40.14
N PHE G 99 21.13 43.76 40.56
CA PHE G 99 21.32 44.12 41.99
C PHE G 99 21.75 45.59 42.08
N GLY G 100 21.56 46.22 43.24
CA GLY G 100 22.00 47.60 43.43
C GLY G 100 23.50 47.68 43.69
N GLN G 101 24.06 48.88 43.78
CA GLN G 101 25.52 49.04 44.05
C GLN G 101 25.84 48.47 45.43
N GLY G 102 24.97 48.70 46.42
CA GLY G 102 25.22 48.23 47.79
C GLY G 102 25.45 49.40 48.74
N THR G 103 24.86 49.34 49.94
CA THR G 103 25.07 50.41 50.95
C THR G 103 25.80 49.83 52.16
N LYS G 104 26.92 50.45 52.55
CA LYS G 104 27.71 49.95 53.70
C LYS G 104 27.45 50.84 54.91
N VAL G 105 27.01 50.25 56.02
CA VAL G 105 26.81 51.05 57.27
C VAL G 105 28.07 50.91 58.13
N GLU G 106 28.60 52.04 58.62
CA GLU G 106 29.86 51.99 59.42
C GLU G 106 29.55 52.52 60.83
N ILE G 107 30.51 52.41 61.74
CA ILE G 107 30.33 52.90 63.13
C ILE G 107 30.10 54.41 63.11
N GLN H 1 51.13 -13.77 37.51
CA GLN H 1 51.49 -12.58 36.69
C GLN H 1 50.29 -11.64 36.61
N VAL H 2 49.07 -12.18 36.78
CA VAL H 2 47.86 -11.32 36.79
C VAL H 2 47.68 -10.77 38.21
N GLN H 3 48.57 -9.86 38.63
CA GLN H 3 48.52 -9.31 40.01
C GLN H 3 47.29 -8.40 40.16
N LEU H 4 46.68 -8.41 41.34
CA LEU H 4 45.52 -7.50 41.60
C LEU H 4 45.94 -6.52 42.71
N GLN H 5 45.75 -5.22 42.49
CA GLN H 5 46.21 -4.21 43.48
C GLN H 5 45.00 -3.51 44.09
N GLU H 6 44.73 -3.77 45.37
CA GLU H 6 43.58 -3.12 46.07
C GLU H 6 43.84 -1.62 46.23
N SER H 7 42.81 -0.80 46.09
CA SER H 7 42.94 0.66 46.31
C SER H 7 41.69 1.14 47.04
N GLY H 8 41.80 1.46 48.34
CA GLY H 8 40.60 1.81 49.12
C GLY H 8 40.91 2.77 50.26
N PRO H 9 39.91 3.46 50.84
CA PRO H 9 40.17 4.32 52.01
C PRO H 9 40.63 3.49 53.21
N GLY H 10 41.68 3.93 53.89
CA GLY H 10 42.17 3.21 55.08
C GLY H 10 41.16 3.22 56.21
N LEU H 11 40.57 4.40 56.49
CA LEU H 11 39.57 4.54 57.57
C LEU H 11 38.31 5.20 57.00
N VAL H 12 37.14 4.59 57.23
CA VAL H 12 35.87 5.13 56.68
C VAL H 12 34.95 5.47 57.85
N LYS H 13 34.40 6.68 57.88
CA LYS H 13 33.41 7.05 58.93
C LYS H 13 32.11 6.28 58.64
N PRO H 14 31.26 5.97 59.64
CA PRO H 14 30.06 5.17 59.40
C PRO H 14 29.03 5.81 58.45
N SER H 15 28.02 5.06 58.03
CA SER H 15 26.95 5.59 57.13
C SER H 15 27.54 6.03 55.78
N GLU H 16 28.74 5.55 55.47
CA GLU H 16 29.38 5.91 54.18
C GLU H 16 29.58 4.63 53.36
N THR H 17 29.19 4.67 52.09
CA THR H 17 29.38 3.49 51.21
C THR H 17 30.88 3.21 51.07
N LEU H 18 31.28 1.94 51.09
CA LEU H 18 32.72 1.60 51.03
C LEU H 18 33.09 1.30 49.58
N SER H 19 34.06 2.04 49.03
CA SER H 19 34.46 1.83 47.62
C SER H 19 35.89 1.27 47.57
N LEU H 20 36.08 0.12 46.93
CA LEU H 20 37.42 -0.50 46.81
C LEU H 20 37.61 -0.88 45.34
N THR H 21 38.78 -0.58 44.76
CA THR H 21 38.99 -0.84 43.31
C THR H 21 40.19 -1.79 43.14
N CYS H 22 40.03 -2.86 42.35
CA CYS H 22 41.16 -3.78 42.07
C CYS H 22 41.84 -3.36 40.78
N THR H 23 43.07 -2.83 40.85
CA THR H 23 43.83 -2.47 39.63
C THR H 23 44.40 -3.75 39.02
N VAL H 24 43.67 -4.38 38.10
CA VAL H 24 44.12 -5.67 37.52
C VAL H 24 45.41 -5.43 36.74
N SER H 25 46.22 -6.45 36.50
CA SER H 25 47.37 -6.25 35.61
C SER H 25 47.44 -7.37 34.59
N GLY H 26 47.35 -7.08 33.29
CA GLY H 26 47.58 -8.11 32.27
C GLY H 26 46.40 -9.01 31.93
N GLY H 27 45.22 -8.74 32.48
CA GLY H 27 44.06 -9.55 32.05
C GLY H 27 42.92 -8.68 31.60
N SER H 28 42.41 -8.88 30.39
CA SER H 28 41.22 -8.09 30.01
C SER H 28 40.09 -8.56 30.92
N VAL H 29 39.42 -7.64 31.59
CA VAL H 29 38.42 -8.09 32.59
C VAL H 29 37.37 -8.89 31.84
N SER H 30 36.98 -8.40 30.68
CA SER H 30 35.88 -9.08 29.99
C SER H 30 36.45 -10.25 29.20
N SER H 31 36.83 -11.30 29.91
CA SER H 31 37.47 -12.43 29.20
C SER H 31 36.51 -13.61 29.12
N SER H 32 35.34 -13.48 29.73
CA SER H 32 34.36 -14.60 29.76
C SER H 32 34.87 -15.68 30.71
N ASN H 33 36.04 -16.21 30.43
CA ASN H 33 36.54 -17.33 31.25
C ASN H 33 36.82 -16.86 32.69
N TYR H 34 37.44 -15.70 32.88
CA TYR H 34 37.74 -15.33 34.28
C TYR H 34 36.43 -14.89 34.93
N TYR H 35 36.22 -15.09 36.24
CA TYR H 35 35.03 -14.58 36.97
C TYR H 35 35.53 -13.94 38.27
N TRP H 36 36.07 -12.72 38.27
CA TRP H 36 36.71 -12.15 39.49
C TRP H 36 35.75 -12.03 40.68
N SER H 37 36.23 -11.94 41.93
CA SER H 37 35.32 -11.98 43.10
C SER H 37 35.85 -11.12 44.25
N TRP H 38 35.03 -10.95 45.30
CA TRP H 38 35.45 -10.17 46.50
C TRP H 38 35.36 -11.06 47.74
N ILE H 39 36.41 -11.08 48.56
CA ILE H 39 36.42 -11.86 49.84
C ILE H 39 36.88 -10.93 50.96
N ARG H 40 36.35 -11.10 52.17
CA ARG H 40 36.81 -10.27 53.32
C ARG H 40 37.10 -11.20 54.51
N GLN H 41 37.99 -10.77 55.41
CA GLN H 41 38.34 -11.60 56.58
C GLN H 41 38.15 -10.78 57.86
N PRO H 42 37.06 -10.93 58.67
CA PRO H 42 36.99 -10.18 59.92
C PRO H 42 38.05 -10.75 60.88
N PRO H 43 38.74 -9.93 61.69
CA PRO H 43 39.81 -10.42 62.55
C PRO H 43 39.36 -11.56 63.49
N GLY H 44 40.09 -12.69 63.47
CA GLY H 44 39.75 -13.82 64.37
C GLY H 44 38.54 -14.59 63.89
N LYS H 45 38.21 -14.51 62.60
CA LYS H 45 37.02 -15.19 62.04
C LYS H 45 37.33 -15.70 60.62
N GLY H 46 36.57 -16.70 60.15
CA GLY H 46 36.84 -17.30 58.83
C GLY H 46 36.59 -16.36 57.66
N LEU H 47 37.16 -16.66 56.50
CA LEU H 47 36.97 -15.83 55.28
C LEU H 47 35.50 -15.84 54.88
N GLU H 48 34.98 -14.70 54.41
CA GLU H 48 33.56 -14.62 53.98
C GLU H 48 33.53 -14.11 52.53
N TRP H 49 32.74 -14.76 51.67
CA TRP H 49 32.63 -14.33 50.24
C TRP H 49 31.58 -13.22 50.11
N ILE H 50 31.88 -12.16 49.35
CA ILE H 50 30.93 -11.08 49.13
C ILE H 50 30.20 -11.25 47.81
N GLY H 51 30.94 -11.51 46.73
CA GLY H 51 30.29 -11.60 45.41
C GLY H 51 31.28 -11.73 44.27
N TYR H 52 30.86 -12.34 43.16
CA TYR H 52 31.75 -12.44 41.97
C TYR H 52 31.13 -11.64 40.81
N MET H 53 31.86 -11.49 39.71
CA MET H 53 31.26 -10.83 38.53
C MET H 53 31.11 -11.84 37.40
N TYR H 54 29.90 -11.97 36.85
CA TYR H 54 29.66 -12.86 35.68
C TYR H 54 30.24 -12.14 34.46
N TYR H 55 30.51 -12.85 33.37
CA TYR H 55 31.19 -12.20 32.21
C TYR H 55 30.31 -11.10 31.61
N SER H 56 30.93 -10.08 31.00
CA SER H 56 30.20 -8.94 30.37
C SER H 56 29.78 -7.90 31.43
N GLY H 57 30.31 -8.02 32.64
CA GLY H 57 30.03 -7.00 33.69
C GLY H 57 28.77 -7.29 34.48
N SER H 58 28.05 -8.37 34.15
CA SER H 58 26.88 -8.76 34.97
C SER H 58 27.42 -9.27 36.32
N THR H 59 26.67 -9.11 37.42
CA THR H 59 27.28 -9.47 38.74
C THR H 59 26.35 -10.34 39.60
N LYS H 60 26.92 -11.21 40.44
CA LYS H 60 26.10 -12.02 41.39
C LYS H 60 26.65 -11.74 42.79
N TYR H 61 25.80 -11.71 43.82
CA TYR H 61 26.26 -11.33 45.17
C TYR H 61 25.85 -12.37 46.21
N ASN H 62 26.58 -12.42 47.33
CA ASN H 62 26.18 -13.34 48.44
C ASN H 62 24.77 -12.91 48.90
N PRO H 63 23.72 -13.77 48.92
CA PRO H 63 22.37 -13.31 49.26
C PRO H 63 22.33 -12.55 50.59
N SER H 64 23.21 -12.91 51.54
CA SER H 64 23.20 -12.27 52.87
C SER H 64 23.51 -10.77 52.75
N LEU H 65 24.49 -10.41 51.91
CA LEU H 65 24.88 -8.99 51.75
C LEU H 65 24.33 -8.44 50.44
N LYS H 66 23.46 -9.20 49.75
CA LYS H 66 22.98 -8.79 48.39
C LYS H 66 22.28 -7.43 48.45
N SER H 67 21.47 -7.20 49.48
CA SER H 67 20.69 -5.93 49.55
C SER H 67 21.63 -4.73 49.61
N ARG H 68 22.76 -4.83 50.32
CA ARG H 68 23.63 -3.64 50.52
C ARG H 68 24.89 -3.68 49.63
N VAL H 69 24.99 -4.63 48.70
CA VAL H 69 26.29 -4.72 47.94
C VAL H 69 26.08 -4.61 46.42
N THR H 70 26.94 -3.81 45.76
CA THR H 70 26.90 -3.70 44.28
C THR H 70 28.34 -3.87 43.78
N ILE H 71 28.54 -4.61 42.69
CA ILE H 71 29.92 -4.74 42.10
C ILE H 71 29.94 -4.03 40.75
N SER H 72 30.96 -3.20 40.51
CA SER H 72 31.06 -2.44 39.24
C SER H 72 32.40 -2.75 38.58
N VAL H 73 32.48 -2.58 37.26
CA VAL H 73 33.75 -2.84 36.52
C VAL H 73 34.10 -1.62 35.68
N ASP H 74 35.39 -1.37 35.48
CA ASP H 74 35.85 -0.26 34.59
C ASP H 74 36.90 -0.85 33.66
N THR H 75 36.46 -1.57 32.62
CA THR H 75 37.40 -2.20 31.67
C THR H 75 38.21 -1.08 31.01
N SER H 76 37.57 0.05 30.72
CA SER H 76 38.29 1.21 30.15
C SER H 76 39.46 1.56 31.08
N LYS H 77 39.31 1.33 32.38
CA LYS H 77 40.37 1.69 33.36
C LYS H 77 41.17 0.44 33.74
N ASN H 78 40.83 -0.74 33.19
CA ASN H 78 41.53 -2.02 33.49
C ASN H 78 41.43 -2.34 34.99
N GLN H 79 40.30 -1.99 35.61
CA GLN H 79 40.09 -2.28 37.06
C GLN H 79 38.61 -2.57 37.32
N PHE H 80 38.29 -3.28 38.40
CA PHE H 80 36.87 -3.51 38.78
C PHE H 80 36.70 -3.02 40.21
N SER H 81 35.47 -2.73 40.65
CA SER H 81 35.28 -2.11 41.99
C SER H 81 34.14 -2.74 42.80
N LEU H 82 34.19 -2.61 44.13
CA LEU H 82 33.10 -3.10 45.00
C LEU H 82 32.51 -1.92 45.76
N LYS H 83 31.18 -1.77 45.77
CA LYS H 83 30.55 -0.70 46.57
C LYS H 83 29.64 -1.36 47.62
N LEU H 84 29.88 -1.09 48.90
CA LEU H 84 29.01 -1.65 49.97
C LEU H 84 28.26 -0.50 50.64
N SER H 85 26.93 -0.51 50.62
CA SER H 85 26.13 0.60 51.20
C SER H 85 25.86 0.35 52.69
N SER H 86 25.71 1.41 53.48
CA SER H 86 25.35 1.27 54.92
C SER H 86 26.29 0.33 55.66
N VAL H 87 27.61 0.50 55.47
CA VAL H 87 28.60 -0.35 56.20
C VAL H 87 28.51 -0.06 57.71
N THR H 88 28.74 -1.09 58.54
CA THR H 88 28.79 -0.90 60.02
C THR H 88 30.20 -1.33 60.45
N ALA H 89 30.52 -1.21 61.73
CA ALA H 89 31.85 -1.61 62.23
C ALA H 89 32.06 -3.11 62.01
N ALA H 90 31.02 -3.92 62.25
CA ALA H 90 31.12 -5.39 62.08
C ALA H 90 31.39 -5.75 60.62
N ASP H 91 30.77 -5.04 59.68
CA ASP H 91 30.90 -5.38 58.24
C ASP H 91 32.34 -5.27 57.75
N THR H 92 33.06 -4.24 58.23
CA THR H 92 34.44 -3.95 57.72
C THR H 92 35.41 -5.10 58.00
N ALA H 93 36.35 -5.32 57.07
CA ALA H 93 37.35 -6.42 57.22
C ALA H 93 38.50 -6.18 56.24
N VAL H 94 39.56 -6.98 56.32
CA VAL H 94 40.64 -6.88 55.29
C VAL H 94 40.03 -7.41 53.99
N TYR H 95 39.82 -6.54 52.98
CA TYR H 95 39.13 -6.99 51.75
C TYR H 95 40.16 -7.53 50.74
N TYR H 96 39.84 -8.64 50.08
CA TYR H 96 40.80 -9.25 49.13
C TYR H 96 40.22 -9.41 47.72
N CYS H 97 40.90 -8.89 46.71
CA CYS H 97 40.47 -9.14 45.31
C CYS H 97 40.75 -10.61 45.02
N ALA H 98 40.04 -11.23 44.08
CA ALA H 98 40.42 -12.63 43.74
C ALA H 98 40.03 -12.97 42.31
N ARG H 99 40.65 -14.00 41.76
CA ARG H 99 40.34 -14.42 40.37
C ARG H 99 39.73 -15.80 40.40
N GLU H 100 38.85 -16.13 39.46
CA GLU H 100 38.33 -17.50 39.38
C GLU H 100 38.30 -17.85 37.89
N VAL H 101 38.44 -19.12 37.54
CA VAL H 101 38.31 -19.49 36.11
C VAL H 101 37.25 -20.58 36.01
N TYR H 102 36.22 -20.37 35.19
CA TYR H 102 35.11 -21.35 35.08
C TYR H 102 35.26 -22.15 33.79
N TYR H 103 35.42 -23.47 33.92
CA TYR H 103 35.55 -24.34 32.72
C TYR H 103 34.41 -25.35 32.68
N TYR H 104 33.78 -25.51 31.51
CA TYR H 104 32.71 -26.53 31.34
C TYR H 104 33.35 -27.91 31.36
N ASP H 105 32.59 -28.95 31.70
CA ASP H 105 33.12 -30.33 31.79
C ASP H 105 32.12 -31.27 31.11
N ARG H 106 32.53 -32.50 30.82
CA ARG H 106 31.57 -33.49 30.28
C ARG H 106 30.44 -33.61 31.30
N SER H 107 30.79 -33.60 32.59
CA SER H 107 29.78 -33.66 33.68
C SER H 107 28.82 -32.47 33.53
N GLY H 108 29.31 -31.31 33.09
CA GLY H 108 28.42 -30.15 32.87
C GLY H 108 28.46 -29.15 34.01
N TYR H 109 29.36 -29.25 34.96
CA TYR H 109 29.38 -28.17 35.99
C TYR H 109 30.23 -27.00 35.48
N TYR H 110 29.61 -25.88 35.12
CA TYR H 110 30.36 -24.71 34.59
C TYR H 110 31.34 -24.29 35.66
N ALA H 111 30.93 -24.41 36.92
CA ALA H 111 31.77 -23.97 38.05
C ALA H 111 33.11 -24.68 38.04
N SER H 112 34.13 -24.09 38.67
CA SER H 112 35.47 -24.72 38.52
C SER H 112 36.46 -24.18 39.56
N ASP H 113 37.73 -24.60 39.48
CA ASP H 113 38.72 -24.22 40.51
C ASP H 113 38.75 -22.69 40.61
N GLY H 114 38.77 -22.16 41.84
CA GLY H 114 38.66 -20.71 42.02
C GLY H 114 39.60 -20.15 43.07
N PHE H 115 39.70 -18.83 43.15
CA PHE H 115 40.57 -18.16 44.15
C PHE H 115 42.02 -18.57 43.92
N ASP H 116 42.42 -18.63 42.65
CA ASP H 116 43.83 -18.96 42.30
C ASP H 116 44.76 -17.78 42.66
N ILE H 117 44.35 -16.55 42.35
CA ILE H 117 45.24 -15.36 42.59
C ILE H 117 44.52 -14.35 43.49
N TRP H 118 45.17 -13.93 44.58
CA TRP H 118 44.56 -12.99 45.54
C TRP H 118 45.32 -11.68 45.50
N GLY H 119 44.65 -10.56 45.74
CA GLY H 119 45.35 -9.28 45.84
C GLY H 119 46.05 -9.16 47.19
N GLN H 120 46.98 -8.22 47.33
CA GLN H 120 47.75 -8.05 48.59
C GLN H 120 46.78 -7.88 49.77
N GLY H 121 45.62 -7.27 49.54
CA GLY H 121 44.65 -7.01 50.62
C GLY H 121 44.82 -5.63 51.22
N THR H 122 43.77 -5.11 51.87
CA THR H 122 43.84 -3.77 52.52
C THR H 122 42.96 -3.78 53.77
N MET H 123 43.54 -3.47 54.93
CA MET H 123 42.77 -3.52 56.20
C MET H 123 41.91 -2.26 56.31
N VAL H 124 40.58 -2.42 56.26
CA VAL H 124 39.67 -1.23 56.31
C VAL H 124 38.95 -1.28 57.65
N THR H 125 38.87 -0.16 58.36
CA THR H 125 38.13 -0.13 59.64
C THR H 125 37.06 0.98 59.58
N VAL H 126 35.83 0.67 59.99
CA VAL H 126 34.76 1.71 60.03
C VAL H 126 34.44 2.03 61.49
N SER H 127 34.62 3.29 61.89
CA SER H 127 34.34 3.71 63.29
C SER H 127 34.04 5.22 63.30
N SER H 128 33.35 5.71 64.32
CA SER H 128 33.03 7.15 64.43
C SER H 128 34.27 7.99 64.10
N GLU I 1 23.31 -21.32 54.32
CA GLU I 1 24.57 -21.63 53.60
C GLU I 1 25.19 -22.89 54.21
N ILE I 2 25.97 -23.64 53.42
CA ILE I 2 26.64 -24.87 53.94
C ILE I 2 27.70 -24.45 54.96
N VAL I 3 27.83 -25.21 56.06
CA VAL I 3 28.81 -24.85 57.12
C VAL I 3 29.94 -25.88 57.14
N LEU I 4 31.19 -25.42 57.11
CA LEU I 4 32.36 -26.32 57.10
C LEU I 4 33.02 -26.27 58.48
N THR I 5 33.20 -27.42 59.12
CA THR I 5 33.81 -27.46 60.48
C THR I 5 35.23 -28.04 60.35
N GLN I 6 36.21 -27.37 60.95
CA GLN I 6 37.62 -27.86 60.88
C GLN I 6 38.02 -28.41 62.25
N SER I 7 38.46 -29.67 62.29
CA SER I 7 38.86 -30.30 63.57
C SER I 7 40.33 -30.77 63.48
N PRO I 8 41.21 -30.62 64.52
CA PRO I 8 41.04 -29.63 65.59
C PRO I 8 41.35 -28.21 65.13
N GLY I 9 40.80 -27.20 65.82
CA GLY I 9 41.07 -25.80 65.47
C GLY I 9 42.54 -25.45 65.62
N THR I 10 43.19 -25.97 66.67
CA THR I 10 44.61 -25.61 66.93
C THR I 10 45.46 -26.89 67.05
N LEU I 11 46.70 -26.83 66.55
CA LEU I 11 47.62 -28.00 66.60
C LEU I 11 49.01 -27.55 67.05
N SER I 12 49.74 -28.38 67.78
CA SER I 12 51.12 -28.06 68.22
C SER I 12 51.97 -29.28 67.90
N LEU I 13 52.49 -29.36 66.68
CA LEU I 13 53.24 -30.57 66.26
C LEU I 13 54.68 -30.19 65.90
N SER I 14 55.65 -31.03 66.29
CA SER I 14 57.08 -30.76 65.99
C SER I 14 57.30 -30.86 64.47
N PRO I 15 58.29 -30.14 63.88
CA PRO I 15 58.55 -30.29 62.45
C PRO I 15 58.92 -31.75 62.14
N GLY I 16 58.47 -32.27 60.99
CA GLY I 16 58.70 -33.69 60.68
C GLY I 16 57.59 -34.58 61.19
N GLU I 17 56.49 -33.99 61.68
CA GLU I 17 55.37 -34.78 62.25
C GLU I 17 54.14 -34.68 61.33
N ARG I 18 53.43 -35.79 61.12
CA ARG I 18 52.28 -35.85 60.16
C ARG I 18 51.02 -35.26 60.75
N ALA I 19 50.32 -34.42 59.99
CA ALA I 19 49.10 -33.72 60.50
C ALA I 19 47.90 -34.06 59.62
N THR I 20 46.68 -34.01 60.18
CA THR I 20 45.44 -34.31 59.40
C THR I 20 44.35 -33.31 59.81
N LEU I 21 43.83 -32.55 58.84
CA LEU I 21 42.74 -31.58 59.13
C LEU I 21 41.44 -32.18 58.62
N SER I 22 40.49 -32.43 59.52
CA SER I 22 39.19 -33.00 59.10
C SER I 22 38.21 -31.86 58.81
N CYS I 23 38.02 -31.54 57.53
CA CYS I 23 37.03 -30.51 57.15
C CYS I 23 35.77 -31.26 56.73
N ARG I 24 34.72 -31.22 57.56
CA ARG I 24 33.50 -32.01 57.26
C ARG I 24 32.34 -31.07 56.91
N ALA I 25 31.91 -31.06 55.64
CA ALA I 25 30.79 -30.21 55.22
C ALA I 25 29.48 -30.72 55.81
N SER I 26 28.57 -29.80 56.18
CA SER I 26 27.24 -30.22 56.70
C SER I 26 26.47 -30.96 55.60
N GLN I 27 26.55 -30.46 54.36
CA GLN I 27 25.88 -31.14 53.21
C GLN I 27 26.97 -31.75 52.34
N SER I 28 26.82 -33.01 51.93
CA SER I 28 27.89 -33.72 51.17
C SER I 28 28.17 -33.03 49.83
N VAL I 29 29.45 -32.89 49.47
CA VAL I 29 29.79 -32.33 48.13
C VAL I 29 30.32 -33.49 47.27
N SER I 30 29.51 -33.99 46.34
CA SER I 30 29.92 -35.10 45.44
C SER I 30 31.07 -34.65 44.53
N SER I 31 30.98 -33.44 43.98
CA SER I 31 31.98 -32.97 42.99
C SER I 31 33.39 -32.89 43.60
N SER I 32 33.51 -33.10 44.91
CA SER I 32 34.85 -32.95 45.58
C SER I 32 35.39 -31.57 45.20
N TYR I 33 34.53 -30.55 45.23
CA TYR I 33 34.93 -29.18 44.85
C TYR I 33 35.54 -28.48 46.07
N LEU I 34 35.60 -29.18 47.20
CA LEU I 34 36.27 -28.60 48.39
C LEU I 34 37.71 -28.29 47.99
N ALA I 35 38.20 -27.09 48.32
CA ALA I 35 39.56 -26.69 47.95
C ALA I 35 40.26 -26.13 49.19
N TRP I 36 41.51 -26.53 49.42
CA TRP I 36 42.25 -26.08 50.63
C TRP I 36 43.02 -24.79 50.32
N TYR I 37 42.96 -23.80 51.22
CA TYR I 37 43.70 -22.54 51.04
C TYR I 37 44.61 -22.30 52.25
N GLN I 38 45.90 -22.05 52.01
CA GLN I 38 46.84 -21.76 53.10
C GLN I 38 47.00 -20.25 53.23
N GLN I 39 46.68 -19.68 54.39
CA GLN I 39 46.92 -18.23 54.59
C GLN I 39 48.11 -18.06 55.52
N LYS I 40 49.16 -17.36 55.10
CA LYS I 40 50.31 -17.12 56.01
C LYS I 40 49.96 -15.94 56.92
N PRO I 41 50.45 -15.85 58.18
CA PRO I 41 49.98 -14.81 59.09
C PRO I 41 50.25 -13.42 58.51
N GLY I 42 49.28 -12.52 58.61
CA GLY I 42 49.43 -11.15 58.07
C GLY I 42 49.76 -11.16 56.59
N GLN I 43 49.13 -12.05 55.82
CA GLN I 43 49.42 -12.16 54.37
C GLN I 43 48.16 -12.64 53.64
N ALA I 44 48.07 -12.41 52.33
CA ALA I 44 46.92 -12.86 51.53
C ALA I 44 46.93 -14.40 51.44
N PRO I 45 45.78 -15.13 51.51
CA PRO I 45 45.79 -16.58 51.35
C PRO I 45 46.25 -17.04 49.96
N ARG I 46 46.74 -18.28 49.85
CA ARG I 46 47.11 -18.80 48.51
C ARG I 46 46.34 -20.08 48.26
N LEU I 47 46.23 -20.51 47.00
CA LEU I 47 45.56 -21.81 46.75
C LEU I 47 46.59 -22.88 47.14
N LEU I 48 46.28 -23.66 48.18
CA LEU I 48 47.21 -24.72 48.64
C LEU I 48 46.85 -25.98 47.86
N ILE I 49 45.59 -26.39 47.83
CA ILE I 49 45.20 -27.68 47.17
C ILE I 49 43.79 -27.58 46.61
N TYR I 50 43.53 -28.11 45.41
CA TYR I 50 42.18 -27.94 44.79
C TYR I 50 41.69 -29.29 44.25
N GLY I 51 40.41 -29.35 43.83
CA GLY I 51 39.88 -30.59 43.23
C GLY I 51 40.10 -31.79 44.13
N ALA I 52 39.89 -31.62 45.45
CA ALA I 52 40.10 -32.70 46.44
C ALA I 52 41.60 -32.98 46.63
N SER I 53 42.30 -33.41 45.57
CA SER I 53 43.77 -33.63 45.66
C SER I 53 44.48 -32.92 44.50
N SER I 54 45.44 -32.05 44.80
CA SER I 54 46.23 -31.35 43.75
C SER I 54 47.53 -30.82 44.36
N ARG I 55 48.42 -30.28 43.54
CA ARG I 55 49.70 -29.77 44.07
C ARG I 55 49.80 -28.29 43.70
N ALA I 56 48.66 -27.63 43.42
CA ALA I 56 48.66 -26.23 42.94
C ALA I 56 49.70 -26.06 41.83
N THR I 57 50.43 -24.93 41.81
CA THR I 57 51.51 -24.78 40.79
C THR I 57 52.85 -25.14 41.45
N GLY I 58 53.15 -24.57 42.61
CA GLY I 58 54.43 -24.83 43.29
C GLY I 58 54.24 -25.49 44.65
N ILE I 59 53.02 -25.87 45.00
CA ILE I 59 52.76 -26.43 46.37
C ILE I 59 53.58 -27.72 46.58
N PRO I 60 54.32 -27.92 47.71
CA PRO I 60 55.15 -29.11 47.84
C PRO I 60 54.31 -30.39 47.75
N ASP I 61 54.88 -31.44 47.17
CA ASP I 61 54.16 -32.75 47.07
C ASP I 61 53.87 -33.19 48.50
N ARG I 62 54.68 -32.70 49.43
CA ARG I 62 54.53 -33.07 50.84
C ARG I 62 53.06 -32.89 51.24
N PHE I 63 52.42 -31.80 50.80
CA PHE I 63 50.98 -31.67 51.14
C PHE I 63 50.18 -32.48 50.14
N SER I 64 49.09 -33.11 50.59
CA SER I 64 48.31 -33.98 49.68
C SER I 64 46.84 -34.00 50.12
N GLY I 65 45.92 -33.62 49.22
CA GLY I 65 44.48 -33.62 49.54
C GLY I 65 43.92 -35.03 49.61
N SER I 66 42.83 -35.21 50.37
CA SER I 66 42.18 -36.54 50.46
C SER I 66 40.70 -36.36 50.79
N GLY I 67 39.94 -37.46 50.89
CA GLY I 67 38.52 -37.38 51.28
C GLY I 67 37.59 -37.18 50.09
N SER I 68 36.28 -37.29 50.32
CA SER I 68 35.27 -37.10 49.23
C SER I 68 33.88 -37.04 49.86
N GLY I 69 32.93 -36.36 49.19
CA GLY I 69 31.54 -36.28 49.71
C GLY I 69 31.40 -35.49 51.00
N THR I 70 30.81 -36.09 52.03
CA THR I 70 30.52 -35.36 53.30
C THR I 70 31.81 -34.87 53.98
N ASP I 71 32.86 -35.70 54.02
CA ASP I 71 34.08 -35.30 54.79
C ASP I 71 35.30 -35.18 53.88
N PHE I 72 36.30 -34.38 54.30
CA PHE I 72 37.56 -34.22 53.54
C PHE I 72 38.71 -34.20 54.53
N THR I 73 39.92 -34.59 54.10
CA THR I 73 41.09 -34.65 55.01
C THR I 73 42.33 -34.11 54.29
N LEU I 74 43.15 -33.32 54.97
CA LEU I 74 44.41 -32.81 54.37
C LEU I 74 45.59 -33.42 55.14
N THR I 75 46.56 -34.02 54.42
CA THR I 75 47.68 -34.70 55.13
C THR I 75 49.01 -34.00 54.80
N ILE I 76 49.83 -33.78 55.83
CA ILE I 76 51.16 -33.13 55.62
C ILE I 76 52.23 -34.16 56.01
N SER I 77 53.38 -34.17 55.31
CA SER I 77 54.49 -35.09 55.67
C SER I 77 55.77 -34.27 55.76
N ARG I 78 56.74 -34.72 56.57
CA ARG I 78 58.05 -34.02 56.67
C ARG I 78 57.78 -32.53 56.91
N LEU I 79 57.00 -32.22 57.96
CA LEU I 79 56.60 -30.81 58.26
C LEU I 79 57.85 -29.90 58.28
N GLU I 80 57.74 -28.70 57.72
CA GLU I 80 58.88 -27.75 57.68
C GLU I 80 58.50 -26.48 58.43
N PRO I 81 59.45 -25.72 59.02
CA PRO I 81 59.14 -24.47 59.70
C PRO I 81 58.33 -23.52 58.80
N GLU I 82 58.44 -23.67 57.48
CA GLU I 82 57.75 -22.76 56.54
C GLU I 82 56.27 -23.15 56.42
N ASP I 83 55.86 -24.23 57.07
CA ASP I 83 54.46 -24.71 56.91
C ASP I 83 53.67 -24.43 58.19
N PHE I 84 54.07 -23.42 58.98
CA PHE I 84 53.29 -23.05 60.18
C PHE I 84 52.36 -21.87 59.86
N ALA I 85 51.15 -22.15 59.39
CA ALA I 85 50.19 -21.08 58.99
C ALA I 85 48.75 -21.62 59.08
N VAL I 86 47.76 -20.72 59.05
CA VAL I 86 46.33 -21.14 59.15
C VAL I 86 45.87 -21.80 57.85
N TYR I 87 45.14 -22.90 57.92
CA TYR I 87 44.66 -23.61 56.71
C TYR I 87 43.14 -23.49 56.64
N TYR I 88 42.57 -23.40 55.43
CA TYR I 88 41.12 -23.20 55.27
C TYR I 88 40.58 -24.18 54.24
N CYS I 89 39.28 -24.50 54.31
CA CYS I 89 38.67 -25.35 53.26
C CYS I 89 37.46 -24.60 52.69
N GLN I 90 37.31 -24.56 51.36
CA GLN I 90 36.21 -23.78 50.74
C GLN I 90 35.44 -24.65 49.74
N GLN I 91 34.10 -24.57 49.75
CA GLN I 91 33.30 -25.32 48.75
C GLN I 91 32.78 -24.36 47.67
N TYR I 92 33.15 -24.57 46.40
CA TYR I 92 32.59 -23.74 45.31
C TYR I 92 31.51 -24.52 44.56
N GLY I 93 31.24 -25.75 45.01
CA GLY I 93 30.22 -26.59 44.35
C GLY I 93 28.84 -25.98 44.45
N SER I 94 28.51 -25.39 45.60
CA SER I 94 27.21 -24.69 45.76
C SER I 94 27.46 -23.23 46.15
N SER I 95 26.60 -22.32 45.67
CA SER I 95 26.73 -20.88 46.02
C SER I 95 25.54 -20.48 46.89
N PRO I 96 25.74 -19.77 48.03
CA PRO I 96 26.99 -19.06 48.34
C PRO I 96 28.20 -19.92 48.73
N GLN I 97 29.40 -19.50 48.34
CA GLN I 97 30.64 -20.23 48.70
C GLN I 97 31.02 -19.83 50.13
N THR I 98 31.41 -20.79 50.97
CA THR I 98 31.71 -20.48 52.38
C THR I 98 33.12 -20.96 52.74
N PHE I 99 33.72 -20.44 53.81
CA PHE I 99 35.05 -20.92 54.24
C PHE I 99 34.96 -21.46 55.67
N GLY I 100 35.90 -22.32 56.07
CA GLY I 100 35.92 -22.83 57.45
C GLY I 100 36.51 -21.80 58.41
N GLN I 101 36.48 -22.10 59.71
CA GLN I 101 37.04 -21.16 60.73
C GLN I 101 38.55 -21.00 60.48
N GLY I 102 39.23 -22.09 60.15
CA GLY I 102 40.70 -22.05 59.95
C GLY I 102 41.43 -22.83 61.04
N THR I 103 42.45 -23.61 60.65
CA THR I 103 43.25 -24.37 61.63
C THR I 103 44.69 -23.84 61.64
N LYS I 104 45.20 -23.47 62.81
CA LYS I 104 46.58 -22.91 62.91
C LYS I 104 47.50 -24.00 63.47
N VAL I 105 48.57 -24.33 62.75
CA VAL I 105 49.56 -25.32 63.29
C VAL I 105 50.70 -24.53 63.95
N GLU I 106 51.07 -24.92 65.18
CA GLU I 106 52.14 -24.18 65.91
C GLU I 106 53.30 -25.14 66.18
N ILE I 107 54.42 -24.62 66.68
CA ILE I 107 55.61 -25.46 66.98
C ILE I 107 55.24 -26.50 68.04
#